data_7LSY
#
_entry.id   7LSY
#
_cell.length_a   1.00
_cell.length_b   1.00
_cell.length_c   1.00
_cell.angle_alpha   90.00
_cell.angle_beta   90.00
_cell.angle_gamma   90.00
#
_symmetry.space_group_name_H-M   'P 1'
#
loop_
_entity.id
_entity.type
_entity.pdbx_description
1 polymer 'X-ray repair cross-complementing protein 6'
2 polymer 'X-ray repair cross-complementing protein 5'
3 polymer 'DNA (26-MER)'
4 polymer "DNA (5'-D(P*GP*TP*TP*CP*TP*TP*AP*GP*TP*AP*TP*AP*TP*A)-3')"
5 polymer 'DNA repair protein XRCC4'
6 polymer 'Non-homologous end-joining factor 1'
7 polymer "DNA (5'-D(P*TP*AP*TP*AP*TP*AP*CP*TP*AP*AP*GP*AP*AP*C)-3')"
8 polymer 'DNA (26-MER)'
9 polymer "DNA (5'-D(P*CP*AP*AP*TP*GP*AP*AP*AP*CP*GP*GP*AP*AP*CP*AP*GP*TP*CP*AP*G)-3')"
10 polymer 'DNA ligase 4'
#
loop_
_entity_poly.entity_id
_entity_poly.type
_entity_poly.pdbx_seq_one_letter_code
_entity_poly.pdbx_strand_id
1 'polypeptide(L)'
;MSGWESYYKTEGDEEAEEEQEENLEASGDYKYSGRDSLIFLVDASKAMFESQSEDELTPFDMSIQCIQSVYISKIISSDR
DLLAVVFYGTEKDKNSVNFKNIYVLQELDNPGAKRILELDQFKGQQGQKRFQDMMGHGSDYSLSEVLWVCANLFSDVQFK
MSHKRIMLFTNEDNPHGNDSAKASRARTKAGDLRDTGIFLDLMHLKKPGGFDISLFYRDIISIAEDEDLRVHFEESSKLE
DLLRKVRAKETRKRALSRLKLKLNKDIVISVGIYNLVQKALKPPPIKLYRETNEPVKTKTRTFNTSTGGLLLPSDTKRSQ
IYGSRQIILEKEETEELKRFDDPGLMLMGFKPLVLLKKHHYLRPSLFVYPEESLVIGSSTLFSALLIKCLEKEVAALCRY
TPRRNIPPYFVALVPQEEELDDQKIQVTPPGFQLVFLPFADDKRKMPFTEKIMATPEQVGKMKAIVEKLRFTYRSDSFEN
PVLQQHFRNLEALALDLMEPEQAVDLTLPKVEAMNKRLGSLVDEFKELVYPPDYNPEGKVTKRKHDNEGSGSKRPKVEYS
EEELKTHISKGTLGKFTVPMLKEACRAYGLKSGLKKQELL
;
A,J
2 'polypeptide(L)'
;MVRSGNKAAVVLCMDVGFTMSNSIPGIESPFEQAKKVITMFVQRQVFAENKDEIALVLFGTDGTDNPLSGGDQYQNITVH
RHLMLPDFDLLEDIESKIQPGSQQADFLDALIVSMDVIQHETIGKKFEKRHIEIFTDLSSRFSKSQLDIIIHSLKKCDIS
LQFFLPFSLGKEDGSGDRGDGPFRLGGHGPSFPLKGITEQQKEGLEIVKMVMISLEGEDGLDEIYSFSESLRKLCVFKKI
ERHSIHWPCRLTIGSNLSIRIAAYKSILQERVKKTWTVVDAKTLKKEDIQKETVYCLNDDDETEVLKEDIIQGFRYGSDI
VPFSKVDEEQMKYKSEGKCFSVLGFCKSSQVQRRFFMGNQVLKVFAARDDEAAAVALSSLIHALDDLDMVAIVRYAYDKR
ANPQVGVAFPHIKHNYECLVYVQLPFMEDLRQYMFSSLKNSKKYAPTEAQLNAVDALIDSMSLAKKDEKTDTLEDLFPTT
KIPNPRFQRLFQCLLHRALHPREPLPPIQQHIWNMLNPPAEVTTKSQIPLSKIKTLFPLIEAKKKDQVTAQEIFQDNHED
GPTAKKLKTEQGGAHFSVSSLAEGSVTSVGSVNPAENFRVLVKQKKASFEEASNQLINHIEQFLDTNETPYFMKSIDCIR
AFREEAIKFSEEQRFNNFLKALQEKVEIKQLNHFWEIVVQDGITLITKEEASGSSVTAEEAKKFLAPKDKPSGDTAAVFE
EGGDVDDLLDMI
;
B,K
3 'polydeoxyribonucleotide'
;(DT)(DA)(DT)(DA)(DT)(DA)(DC)(DT)(DA)(DA)(DG)(DA)(DA)(DC)(DT)(DT)(DC)(DT)(DG)(DA)
(DC)(DT)(DG)(DT)(DT)(DC)
;
D
4 'polydeoxyribonucleotide' (DG)(DT)(DT)(DC)(DT)(DT)(DA)(DG)(DT)(DA)(DT)(DA)(DT)(DA) E
5 'polypeptide(L)'
;MERKISRIHLVSEPSITHFLQVSWEKTLESGFVITLTDGHSAWTGTVSESEISQEADDMAMEKGKYVGELRKALLSGAGP
ADVYTFNFSKESCYFFFEKNLKDVSFRLGSFNLEKVENPAEVIRELICYCLDTIAENQAKNEHLQKENERLLRDWNDVQG
RFEKCVSAKEALETDLYKRFILVLNEKKTKIRSLHNKLLNAAQEREKDIKQEGETAICSEMTADRDPVYDESTDEESENQ
TDLSGLASAAVSKDDSIISSLDVTDIAPSRKRRQRMQRNLGTEPKMAPQENQLQEKENSRPDSSLPETSKKEHISAENMS
LETLRNSSPEDLFDEI
;
F,G,O,P
6 'polypeptide(L)'
;MEELEQGLLMQPWAWLQLAENSLLAKVFITKQGYALLVSDLQQVWHEQVDTSVVSQRAKELNKRLTAPPAAFLCHLDNLL
RPLLKDAAHPSEATFSCDCVADALILRVRSELSGLPFYWNFHCMLASPSLVSQHLIRPLMGMSLALQCQVRELATLLHMK
DLEIQDYQESGATLIRDRLKTEPFEENSFLEQFMIEKLPEACSIGDGKPFVMNLQDLYMAVTTQEVQVGQKHQGAGDPHT
SNSASLQGIDSQCVNQPEQLVSSAPTLSAPEKESTGTSGPLQRPQLSKVKRKKPRGLFS
;
H,I
7 'polydeoxyribonucleotide' (DT)(DA)(DT)(DA)(DT)(DA)(DC)(DT)(DA)(DA)(DG)(DA)(DA)(DC) M
8 'polydeoxyribonucleotide'
;(DC)(DG)(DT)(DT)(DT)(DC)(DA)(DT)(DT)(DG)(DT)(DT)(DG)(DT)(DT)(DC)(DT)(DT)(DA)(DG)
(DT)(DA)(DT)(DA)(DT)(DA)
;
N
9 'polydeoxyribonucleotide' (DC)(DA)(DA)(DT)(DG)(DA)(DA)(DA)(DC)(DG)(DG)(DA)(DA)(DC)(DA)(DG)(DT)(DC)(DA)(DG) V
10 'polypeptide(L)'
;MAASQTSQTVASHVPFADLCSTLERIQKSKGRAEKIRHFREFLDSWRKFHDALHKNHKDVTDSFYPAMRLILPQLERERM
AYGIKETMLAKLYIELLNLPRDGKDALKLLNYRTPTGTHGDAGDFAMIAYFVLKPRCLQKGSLTIQQVNDLLDSIASNNS
AKRKDLIKKSLLQLITQSSALEQKWLIRMIIKDLKLGVSQQTIFSVFHNDAAELHNVTTDLEKVCRQLHDPSVGLSDISI
TLFSAFKPMLAAIADIEHIEKDMKHQSFYIETKLDGERMQMHKDGDVYKYFSRNGYNYTDQFGASPTEGSLTPFIHNAFK
ADIQICILDGEMMAYNPNTQTFMQKGTKFDIKRMVEDSDLQTCYCVFDVLMVNNKKLGHETLRKRYEILSSIFTPIPGRI
EIVQKTQAHTKNEVIDALNEAIDKREEGIMVKQPLSIYKPDKRGEGWLKIKPEYVSGLMDELDILIVGGYWGKGSRGGMM
SHFLCAVAEKPPPGEKPSVFHTLSRVGSGCTMKELYDLGLKLAKYWKPFHRKAPPSSILCGTEKPEVYIEPCNSVIVQIK
AAEIVPSDMYKTGCTLRFPRIEKIRDDKEWHECMTLDDLEQLRGKASGKLASKHLYIGGDDEPQEKKRKAAPKMKKVIGI
IEHLKAPNLTNVNKISNIFEDVEFCVMSGTDSQPKPDLENRIAEFGGYIVQNPGPDTYCVIAGSENIRVKNIILSNKHDV
VKPAWLLECFKTKSFVPWQPRFMIHMCPSTKEHFAREYDCYGDSYFIDTDLNQLKEVFSGIKNSNEQTPEEMASLIADLE
YRYSWDCSPLSMFRRHTVYLDSYAVINDLSTKNEGTRLAIKALELRFHGAKVVSCLAEGVSHVIIGEDHSRVADFKAFRR
TFKRKFKILKESWVTDSIDKCELQEENQYLI
;
X,Y
#
# COMPACT_ATOMS: atom_id res chain seq x y z
N TYR A 30 -20.62 32.78 -15.67
CA TYR A 30 -20.89 32.31 -14.32
C TYR A 30 -21.87 33.23 -13.64
N LYS A 31 -22.26 32.89 -12.42
CA LYS A 31 -23.25 33.66 -11.69
C LYS A 31 -22.79 35.10 -11.51
N TYR A 32 -23.58 36.03 -12.03
CA TYR A 32 -23.13 37.42 -12.17
C TYR A 32 -22.82 38.03 -10.81
N SER A 33 -23.73 37.87 -9.86
CA SER A 33 -23.50 38.45 -8.54
C SER A 33 -22.24 37.92 -7.88
N GLY A 34 -21.78 36.73 -8.27
CA GLY A 34 -20.49 36.26 -7.82
C GLY A 34 -19.38 37.19 -8.25
N ARG A 35 -18.24 37.08 -7.58
CA ARG A 35 -17.15 38.00 -7.82
C ARG A 35 -15.81 37.28 -7.77
N ASP A 36 -14.85 37.85 -8.49
CA ASP A 36 -13.52 37.27 -8.57
C ASP A 36 -12.75 37.53 -7.30
N SER A 37 -11.94 36.55 -6.90
CA SER A 37 -11.23 36.62 -5.65
C SER A 37 -9.82 36.12 -5.86
N LEU A 38 -8.85 36.97 -5.54
CA LEU A 38 -7.45 36.64 -5.73
C LEU A 38 -6.72 36.90 -4.43
N ILE A 39 -6.02 35.88 -3.93
CA ILE A 39 -5.31 35.96 -2.66
C ILE A 39 -3.83 35.96 -2.96
N PHE A 40 -3.07 36.72 -2.20
CA PHE A 40 -1.65 36.84 -2.44
C PHE A 40 -0.84 36.25 -1.29
N LEU A 41 0.21 35.55 -1.67
CA LEU A 41 0.93 34.66 -0.76
C LEU A 41 2.38 34.62 -1.19
N VAL A 42 3.27 35.16 -0.35
CA VAL A 42 4.67 35.37 -0.70
C VAL A 42 5.53 34.60 0.28
N ASP A 43 6.59 33.96 -0.25
CA ASP A 43 7.60 33.31 0.58
C ASP A 43 8.31 34.34 1.45
N ALA A 44 8.09 34.27 2.76
CA ALA A 44 8.67 35.24 3.67
C ALA A 44 9.96 34.76 4.32
N SER A 45 10.52 33.65 3.84
CA SER A 45 11.76 33.13 4.41
C SER A 45 12.92 34.08 4.14
N LYS A 46 14.04 33.82 4.80
CA LYS A 46 15.28 34.53 4.50
C LYS A 46 15.78 34.21 3.10
N ALA A 47 15.20 33.21 2.44
CA ALA A 47 15.61 32.83 1.10
C ALA A 47 15.63 34.04 0.16
N MET A 48 14.46 34.60 -0.13
CA MET A 48 14.38 35.70 -1.08
C MET A 48 14.20 37.05 -0.43
N PHE A 49 14.17 37.12 0.90
CA PHE A 49 14.07 38.42 1.55
C PHE A 49 15.26 39.30 1.21
N GLU A 50 16.45 38.71 1.15
CA GLU A 50 17.68 39.42 0.79
C GLU A 50 18.53 38.59 -0.15
N SER A 51 17.91 37.99 -1.16
CA SER A 51 18.71 37.24 -2.13
C SER A 51 19.67 38.19 -2.84
N GLN A 52 19.11 39.14 -3.59
CA GLN A 52 19.83 40.24 -4.23
C GLN A 52 21.22 39.87 -4.74
N SER A 53 21.28 38.89 -5.65
CA SER A 53 22.56 38.49 -6.23
C SER A 53 23.30 39.70 -6.80
N GLU A 54 22.61 40.51 -7.58
CA GLU A 54 23.11 41.79 -8.05
C GLU A 54 22.46 42.90 -7.21
N ASP A 55 22.65 44.14 -7.62
CA ASP A 55 22.07 45.27 -6.93
C ASP A 55 21.05 46.03 -7.78
N GLU A 56 20.34 45.35 -8.67
CA GLU A 56 19.37 45.99 -9.55
C GLU A 56 17.92 45.58 -9.27
N LEU A 57 17.70 44.51 -8.51
CA LEU A 57 16.35 44.05 -8.20
C LEU A 57 16.38 43.36 -6.85
N THR A 58 15.21 42.89 -6.42
CA THR A 58 15.08 42.12 -5.20
C THR A 58 13.76 41.38 -5.27
N PRO A 59 13.75 40.06 -5.07
CA PRO A 59 12.50 39.30 -5.25
C PRO A 59 11.37 39.79 -4.37
N PHE A 60 11.64 40.11 -3.11
CA PHE A 60 10.59 40.70 -2.29
C PHE A 60 10.22 42.07 -2.82
N ASP A 61 11.20 42.88 -3.17
CA ASP A 61 10.92 44.15 -3.82
C ASP A 61 10.30 43.96 -5.19
N MET A 62 10.36 42.74 -5.72
CA MET A 62 9.72 42.37 -6.97
C MET A 62 8.31 41.84 -6.75
N SER A 63 8.16 40.94 -5.78
CA SER A 63 6.84 40.41 -5.49
C SER A 63 5.91 41.48 -4.94
N ILE A 64 6.41 42.31 -4.02
CA ILE A 64 5.58 43.37 -3.48
C ILE A 64 5.24 44.38 -4.55
N GLN A 65 6.18 44.67 -5.45
CA GLN A 65 5.87 45.55 -6.56
C GLN A 65 4.76 44.97 -7.42
N CYS A 66 4.83 43.67 -7.70
CA CYS A 66 3.79 43.04 -8.49
C CYS A 66 2.45 43.12 -7.79
N ILE A 67 2.44 42.86 -6.48
CA ILE A 67 1.19 42.89 -5.72
C ILE A 67 0.60 44.30 -5.74
N GLN A 68 1.45 45.30 -5.47
CA GLN A 68 0.96 46.67 -5.46
C GLN A 68 0.39 47.06 -6.82
N SER A 69 1.10 46.70 -7.89
CA SER A 69 0.63 47.07 -9.23
C SER A 69 -0.69 46.41 -9.55
N VAL A 70 -0.79 45.09 -9.34
CA VAL A 70 -2.03 44.42 -9.70
C VAL A 70 -3.15 44.91 -8.83
N TYR A 71 -2.87 45.24 -7.58
CA TYR A 71 -3.95 45.57 -6.66
C TYR A 71 -4.46 46.98 -6.94
N ILE A 72 -3.55 47.91 -7.28
CA ILE A 72 -3.99 49.24 -7.68
C ILE A 72 -4.75 49.17 -8.99
N SER A 73 -4.33 48.30 -9.91
CA SER A 73 -5.10 48.17 -11.14
C SER A 73 -6.49 47.63 -10.87
N LYS A 74 -6.58 46.65 -9.97
CA LYS A 74 -7.88 46.07 -9.66
C LYS A 74 -8.78 47.07 -8.97
N ILE A 75 -8.18 48.08 -8.31
CA ILE A 75 -8.98 49.12 -7.69
C ILE A 75 -9.93 49.70 -8.71
N ILE A 76 -9.38 50.30 -9.75
CA ILE A 76 -10.18 50.92 -10.79
C ILE A 76 -10.93 49.89 -11.62
N SER A 77 -10.30 48.75 -11.91
CA SER A 77 -10.88 47.84 -12.90
C SER A 77 -12.17 47.22 -12.39
N SER A 78 -12.09 46.48 -11.30
CA SER A 78 -13.20 45.64 -10.87
C SER A 78 -13.45 45.83 -9.38
N ASP A 79 -13.64 47.09 -8.97
CA ASP A 79 -13.66 47.46 -7.56
C ASP A 79 -14.59 46.60 -6.74
N ARG A 80 -15.45 45.86 -7.41
CA ARG A 80 -16.39 44.99 -6.72
C ARG A 80 -15.75 43.70 -6.23
N ASP A 81 -14.55 43.38 -6.68
CA ASP A 81 -13.95 42.07 -6.43
C ASP A 81 -13.25 42.02 -5.07
N LEU A 82 -12.55 40.93 -4.81
CA LEU A 82 -11.91 40.66 -3.53
C LEU A 82 -10.45 40.30 -3.71
N LEU A 83 -9.61 40.86 -2.84
CA LEU A 83 -8.18 40.58 -2.82
C LEU A 83 -7.74 40.36 -1.38
N ALA A 84 -6.62 39.66 -1.21
CA ALA A 84 -6.05 39.45 0.12
C ALA A 84 -4.58 39.10 -0.01
N VAL A 85 -3.80 39.54 0.97
CA VAL A 85 -2.36 39.28 1.01
C VAL A 85 -1.99 38.63 2.34
N VAL A 86 -1.26 37.54 2.25
CA VAL A 86 -0.94 36.69 3.40
C VAL A 86 0.41 36.03 3.20
N PHE A 87 1.34 36.30 4.10
CA PHE A 87 2.71 35.85 3.99
C PHE A 87 2.90 34.59 4.81
N TYR A 88 3.83 33.74 4.40
CA TYR A 88 4.06 32.47 5.08
C TYR A 88 5.54 32.30 5.37
N GLY A 89 5.84 31.61 6.47
CA GLY A 89 7.21 31.41 6.90
C GLY A 89 7.71 32.46 7.85
N THR A 90 6.87 33.42 8.21
CA THR A 90 7.26 34.52 9.08
C THR A 90 7.48 34.02 10.50
N GLU A 91 7.94 34.90 11.37
CA GLU A 91 8.21 34.55 12.76
C GLU A 91 7.14 35.04 13.71
N LYS A 92 6.65 36.26 13.54
CA LYS A 92 5.44 36.64 14.24
C LYS A 92 4.27 35.84 13.66
N ASP A 93 3.19 35.75 14.41
CA ASP A 93 2.08 34.93 13.96
C ASP A 93 0.75 35.61 14.23
N LYS A 94 -0.13 35.55 13.24
CA LYS A 94 -1.58 35.59 13.47
C LYS A 94 -2.27 35.08 12.22
N ASN A 95 -3.36 34.37 12.43
CA ASN A 95 -4.23 33.89 11.38
C ASN A 95 -5.56 33.49 12.02
N SER A 96 -6.43 32.85 11.26
CA SER A 96 -7.71 32.46 11.82
C SER A 96 -7.55 31.35 12.83
N VAL A 97 -6.58 30.46 12.62
CA VAL A 97 -6.45 29.26 13.44
C VAL A 97 -5.23 29.28 14.35
N ASN A 98 -4.54 30.42 14.46
CA ASN A 98 -3.37 30.56 15.33
C ASN A 98 -2.34 29.47 15.03
N PHE A 99 -1.91 29.41 13.77
CA PHE A 99 -0.90 28.44 13.41
C PHE A 99 0.50 29.03 13.48
N LYS A 100 1.47 28.32 12.91
CA LYS A 100 2.87 28.68 13.03
C LYS A 100 3.37 29.25 11.71
N ASN A 101 4.00 30.42 11.79
CA ASN A 101 4.75 31.00 10.68
C ASN A 101 3.85 31.44 9.53
N ILE A 102 2.64 31.88 9.83
CA ILE A 102 1.71 32.37 8.83
C ILE A 102 1.18 33.73 9.26
N TYR A 103 1.18 34.69 8.33
CA TYR A 103 0.73 36.05 8.60
C TYR A 103 -0.26 36.49 7.54
N VAL A 104 -1.50 36.74 7.96
CA VAL A 104 -2.53 37.28 7.07
C VAL A 104 -2.43 38.80 7.16
N LEU A 105 -1.76 39.41 6.18
CA LEU A 105 -1.47 40.83 6.26
C LEU A 105 -2.75 41.65 6.16
N GLN A 106 -3.50 41.46 5.09
CA GLN A 106 -4.83 42.05 4.98
C GLN A 106 -5.79 40.98 4.49
N GLU A 107 -6.93 40.86 5.16
CA GLU A 107 -7.87 39.78 4.89
C GLU A 107 -8.53 39.97 3.52
N LEU A 108 -9.39 39.02 3.18
CA LEU A 108 -10.21 39.17 1.98
C LEU A 108 -11.26 40.23 2.19
N ASP A 109 -11.18 41.30 1.42
CA ASP A 109 -12.25 42.29 1.41
C ASP A 109 -12.18 43.12 0.13
N ASN A 110 -13.19 43.94 -0.10
CA ASN A 110 -13.18 44.79 -1.27
C ASN A 110 -11.95 45.69 -1.23
N PRO A 111 -11.29 45.91 -2.36
CA PRO A 111 -10.04 46.67 -2.34
C PRO A 111 -10.24 48.12 -1.96
N GLY A 112 -9.18 48.70 -1.42
CA GLY A 112 -9.25 50.07 -0.93
C GLY A 112 -7.86 50.63 -0.66
N ALA A 113 -7.84 51.96 -0.51
CA ALA A 113 -6.57 52.66 -0.30
C ALA A 113 -5.95 52.32 1.04
N LYS A 114 -6.77 52.12 2.07
CA LYS A 114 -6.25 51.78 3.39
C LYS A 114 -5.33 50.58 3.36
N ARG A 115 -5.30 49.86 2.25
CA ARG A 115 -4.41 48.73 2.06
C ARG A 115 -3.37 49.00 1.01
N ILE A 116 -3.65 49.90 0.08
CA ILE A 116 -2.59 50.40 -0.79
C ILE A 116 -1.47 50.91 0.09
N LEU A 117 -1.80 51.68 1.11
CA LEU A 117 -0.78 52.22 2.01
C LEU A 117 -0.07 51.11 2.77
N GLU A 118 -0.83 50.11 3.24
CA GLU A 118 -0.19 49.05 4.02
C GLU A 118 0.84 48.31 3.17
N LEU A 119 0.50 48.01 1.92
CA LEU A 119 1.48 47.40 1.04
C LEU A 119 2.64 48.35 0.78
N ASP A 120 2.36 49.63 0.55
CA ASP A 120 3.42 50.58 0.22
C ASP A 120 4.39 50.73 1.37
N GLN A 121 3.92 50.50 2.60
CA GLN A 121 4.77 50.63 3.77
C GLN A 121 5.97 49.70 3.70
N PHE A 122 5.88 48.64 2.91
CA PHE A 122 6.95 47.66 2.84
C PHE A 122 7.87 47.86 1.65
N LYS A 123 7.49 48.68 0.69
CA LYS A 123 8.31 48.94 -0.49
C LYS A 123 9.52 49.77 -0.07
N GLY A 124 10.68 49.15 -0.03
CA GLY A 124 11.92 49.87 0.22
C GLY A 124 12.89 49.09 1.09
N GLN A 125 14.17 49.44 0.97
CA GLN A 125 15.19 48.84 1.84
C GLN A 125 14.90 49.17 3.29
N GLN A 126 14.56 50.42 3.58
CA GLN A 126 14.02 50.73 4.90
C GLN A 126 12.73 49.94 5.12
N GLY A 127 11.91 49.81 4.08
CA GLY A 127 10.68 49.04 4.21
C GLY A 127 10.93 47.59 4.50
N GLN A 128 11.95 46.99 3.87
CA GLN A 128 12.24 45.60 4.17
C GLN A 128 12.81 45.46 5.58
N LYS A 129 13.56 46.47 6.03
CA LYS A 129 13.97 46.46 7.42
C LYS A 129 12.76 46.46 8.36
N ARG A 130 11.77 47.29 8.06
CA ARG A 130 10.55 47.30 8.87
C ARG A 130 9.87 45.93 8.83
N PHE A 131 9.78 45.34 7.63
CA PHE A 131 9.08 44.07 7.50
C PHE A 131 9.76 42.99 8.33
N GLN A 132 11.09 42.93 8.23
CA GLN A 132 11.80 41.88 8.96
C GLN A 132 11.73 42.10 10.46
N ASP A 133 11.87 43.35 10.91
CA ASP A 133 11.84 43.50 12.35
C ASP A 133 10.44 43.59 12.92
N MET A 134 9.40 43.55 12.08
CA MET A 134 8.04 43.47 12.59
C MET A 134 7.42 42.07 12.52
N MET A 135 7.66 41.32 11.45
CA MET A 135 7.22 39.93 11.34
C MET A 135 8.34 38.90 11.39
N GLY A 136 9.52 39.16 10.81
CA GLY A 136 10.56 38.16 10.98
C GLY A 136 11.51 37.95 9.83
N HIS A 137 12.65 37.32 10.13
CA HIS A 137 13.64 36.99 9.12
C HIS A 137 13.10 35.96 8.14
N GLY A 138 12.18 35.12 8.60
CA GLY A 138 11.73 33.97 7.83
C GLY A 138 12.12 32.66 8.51
N SER A 139 11.16 32.04 9.17
CA SER A 139 11.39 30.82 9.93
C SER A 139 11.07 29.61 9.07
N ASP A 140 10.96 28.44 9.71
CA ASP A 140 10.55 27.22 9.02
C ASP A 140 9.07 27.31 8.65
N TYR A 141 8.63 26.48 7.70
CA TYR A 141 7.29 26.62 7.15
C TYR A 141 6.86 25.27 6.59
N SER A 142 5.64 25.25 6.05
CA SER A 142 5.10 24.04 5.43
C SER A 142 3.93 24.45 4.52
N LEU A 143 4.11 24.30 3.21
CA LEU A 143 3.09 24.79 2.29
C LEU A 143 1.79 24.03 2.45
N SER A 144 1.83 22.84 3.05
CA SER A 144 0.58 22.18 3.42
C SER A 144 -0.26 23.10 4.29
N GLU A 145 0.35 23.59 5.37
CA GLU A 145 -0.35 24.45 6.29
C GLU A 145 -0.66 25.80 5.64
N VAL A 146 0.19 26.22 4.71
CA VAL A 146 -0.03 27.48 4.03
C VAL A 146 -1.30 27.41 3.18
N LEU A 147 -1.44 26.33 2.41
CA LEU A 147 -2.65 26.14 1.64
C LEU A 147 -3.86 25.98 2.55
N TRP A 148 -3.67 25.29 3.67
CA TRP A 148 -4.69 25.27 4.71
C TRP A 148 -5.20 26.68 4.99
N VAL A 149 -4.28 27.61 5.26
CA VAL A 149 -4.68 28.95 5.66
C VAL A 149 -5.43 29.63 4.53
N CYS A 150 -4.91 29.56 3.31
CA CYS A 150 -5.57 30.28 2.23
C CYS A 150 -6.96 29.70 1.98
N ALA A 151 -7.09 28.38 2.14
CA ALA A 151 -8.40 27.76 1.99
C ALA A 151 -9.37 28.31 3.02
N ASN A 152 -8.92 28.44 4.27
CA ASN A 152 -9.81 29.00 5.27
C ASN A 152 -10.20 30.42 4.92
N LEU A 153 -9.25 31.21 4.40
CA LEU A 153 -9.59 32.57 3.99
C LEU A 153 -10.70 32.59 2.96
N PHE A 154 -10.58 31.79 1.89
CA PHE A 154 -11.69 31.73 0.93
C PHE A 154 -12.98 31.31 1.59
N SER A 155 -12.91 30.33 2.50
CA SER A 155 -14.14 29.85 3.12
C SER A 155 -14.82 30.96 3.91
N ASP A 156 -14.04 31.87 4.49
CA ASP A 156 -14.59 32.78 5.49
C ASP A 156 -15.64 33.73 4.90
N VAL A 157 -15.31 34.40 3.81
CA VAL A 157 -16.14 35.53 3.39
C VAL A 157 -17.43 35.02 2.76
N GLN A 158 -18.48 35.83 2.85
CA GLN A 158 -19.83 35.38 2.60
C GLN A 158 -20.31 35.59 1.17
N PHE A 159 -19.86 36.65 0.49
CA PHE A 159 -20.31 36.89 -0.85
C PHE A 159 -19.94 35.72 -1.76
N LYS A 160 -20.81 35.41 -2.70
CA LYS A 160 -20.53 34.33 -3.63
C LYS A 160 -19.35 34.71 -4.52
N MET A 161 -18.54 33.73 -4.87
CA MET A 161 -17.32 33.94 -5.63
C MET A 161 -17.46 33.38 -7.03
N SER A 162 -17.14 34.22 -8.02
CA SER A 162 -17.18 33.75 -9.41
C SER A 162 -15.97 32.89 -9.74
N HIS A 163 -14.78 33.45 -9.55
CA HIS A 163 -13.55 32.71 -9.75
C HIS A 163 -12.69 32.84 -8.49
N LYS A 164 -11.90 31.81 -8.23
CA LYS A 164 -11.09 31.75 -7.01
C LYS A 164 -9.67 31.36 -7.41
N ARG A 165 -8.72 32.29 -7.29
CA ARG A 165 -7.36 32.05 -7.71
C ARG A 165 -6.39 32.38 -6.58
N ILE A 166 -5.35 31.56 -6.45
CA ILE A 166 -4.32 31.72 -5.43
C ILE A 166 -3.02 31.98 -6.16
N MET A 167 -2.31 33.04 -5.77
CA MET A 167 -1.02 33.33 -6.35
C MET A 167 0.07 33.14 -5.29
N LEU A 168 0.94 32.15 -5.51
CA LEU A 168 2.14 31.96 -4.73
C LEU A 168 3.20 32.94 -5.20
N PHE A 169 4.14 33.24 -4.32
CA PHE A 169 5.31 34.03 -4.69
C PHE A 169 6.51 33.44 -3.95
N THR A 170 7.28 32.63 -4.66
CA THR A 170 8.34 31.82 -4.09
C THR A 170 9.25 31.42 -5.24
N ASN A 171 10.46 31.00 -4.92
CA ASN A 171 11.32 30.41 -5.93
C ASN A 171 12.07 29.20 -5.38
N GLU A 172 11.62 28.68 -4.25
CA GLU A 172 12.25 27.50 -3.66
C GLU A 172 11.55 26.33 -4.33
N ASP A 173 11.98 26.02 -5.55
CA ASP A 173 11.20 25.16 -6.42
C ASP A 173 10.92 23.81 -5.80
N ASN A 174 11.77 23.36 -4.88
CA ASN A 174 11.44 22.24 -4.02
C ASN A 174 11.13 22.82 -2.65
N PRO A 175 9.89 22.80 -2.20
CA PRO A 175 9.59 23.41 -0.89
C PRO A 175 10.35 22.77 0.24
N HIS A 176 10.56 21.44 0.18
CA HIS A 176 11.37 20.76 1.16
C HIS A 176 11.75 19.39 0.59
N GLY A 177 13.04 19.21 0.32
CA GLY A 177 13.54 17.88 0.01
C GLY A 177 13.93 17.09 1.23
N ASN A 178 13.66 17.62 2.42
CA ASN A 178 14.11 17.01 3.66
C ASN A 178 13.06 16.15 4.33
N ASP A 179 11.83 16.62 4.45
CA ASP A 179 10.76 15.89 5.14
C ASP A 179 9.74 15.49 4.08
N SER A 180 9.80 14.23 3.64
CA SER A 180 8.92 13.78 2.58
C SER A 180 7.46 13.77 3.01
N ALA A 181 7.21 13.57 4.31
CA ALA A 181 5.83 13.51 4.79
C ALA A 181 5.12 14.85 4.59
N LYS A 182 5.83 15.94 4.87
CA LYS A 182 5.31 17.26 4.58
C LYS A 182 4.91 17.39 3.12
N ALA A 183 5.73 16.85 2.22
CA ALA A 183 5.46 16.98 0.79
C ALA A 183 4.29 16.10 0.35
N SER A 184 4.17 14.91 0.95
CA SER A 184 3.01 14.07 0.68
C SER A 184 1.73 14.76 1.11
N ARG A 185 1.73 15.37 2.30
CA ARG A 185 0.60 16.13 2.83
C ARG A 185 0.33 17.34 1.94
N ALA A 186 1.37 17.79 1.29
CA ALA A 186 1.22 18.92 0.39
C ALA A 186 0.46 18.52 -0.86
N ARG A 187 0.87 17.42 -1.53
CA ARG A 187 0.07 16.97 -2.66
C ARG A 187 -1.36 16.71 -2.23
N THR A 188 -1.57 16.09 -1.08
CA THR A 188 -2.93 15.75 -0.70
C THR A 188 -3.79 17.00 -0.58
N LYS A 189 -3.32 17.96 0.22
CA LYS A 189 -4.14 19.14 0.47
C LYS A 189 -4.32 19.95 -0.80
N ALA A 190 -3.27 20.03 -1.63
CA ALA A 190 -3.38 20.82 -2.86
C ALA A 190 -4.38 20.19 -3.81
N GLY A 191 -4.35 18.86 -3.94
CA GLY A 191 -5.35 18.20 -4.74
C GLY A 191 -6.75 18.44 -4.22
N ASP A 192 -6.88 18.49 -2.89
CA ASP A 192 -8.18 18.83 -2.31
C ASP A 192 -8.63 20.21 -2.76
N LEU A 193 -7.77 21.21 -2.59
CA LEU A 193 -8.10 22.56 -3.05
C LEU A 193 -8.45 22.57 -4.53
N ARG A 194 -7.77 21.76 -5.33
CA ARG A 194 -8.14 21.68 -6.74
C ARG A 194 -9.53 21.14 -6.92
N ASP A 195 -10.07 20.46 -5.91
CA ASP A 195 -11.39 19.84 -6.01
C ASP A 195 -12.41 20.52 -5.11
N THR A 196 -12.02 21.55 -4.39
CA THR A 196 -12.97 22.36 -3.67
C THR A 196 -13.42 23.57 -4.48
N GLY A 197 -12.99 23.67 -5.72
CA GLY A 197 -13.33 24.78 -6.56
C GLY A 197 -12.29 25.87 -6.66
N ILE A 198 -11.09 25.66 -6.12
CA ILE A 198 -10.08 26.69 -6.05
C ILE A 198 -8.90 26.32 -6.93
N PHE A 199 -8.47 27.25 -7.77
CA PHE A 199 -7.27 27.12 -8.57
C PHE A 199 -6.08 27.70 -7.82
N LEU A 200 -4.89 27.30 -8.25
CA LEU A 200 -3.66 27.77 -7.63
C LEU A 200 -2.65 28.06 -8.73
N ASP A 201 -1.79 29.05 -8.48
CA ASP A 201 -0.85 29.45 -9.51
C ASP A 201 0.40 30.03 -8.86
N LEU A 202 1.56 29.65 -9.41
CA LEU A 202 2.85 30.24 -9.11
C LEU A 202 3.47 30.78 -10.37
N MET A 203 4.09 31.94 -10.24
CA MET A 203 5.05 32.43 -11.22
C MET A 203 6.45 32.26 -10.63
N HIS A 204 7.30 31.54 -11.36
CA HIS A 204 8.68 31.32 -10.92
C HIS A 204 9.40 32.66 -11.05
N LEU A 205 9.62 33.29 -9.88
CA LEU A 205 10.11 34.65 -9.89
C LEU A 205 11.56 34.74 -10.37
N LYS A 206 12.49 34.18 -9.60
CA LYS A 206 13.92 34.24 -9.93
C LYS A 206 14.74 33.42 -8.95
N LYS A 207 15.70 32.65 -9.43
CA LYS A 207 16.59 31.94 -8.54
C LYS A 207 17.88 31.57 -9.26
N PRO A 208 19.04 31.62 -8.59
CA PRO A 208 20.26 31.11 -9.21
C PRO A 208 20.15 29.60 -9.35
N GLY A 209 19.97 29.11 -10.56
CA GLY A 209 19.54 27.74 -10.74
C GLY A 209 18.17 27.58 -10.11
N GLY A 210 17.73 26.33 -9.91
CA GLY A 210 16.47 26.10 -9.23
C GLY A 210 15.30 26.86 -9.85
N PHE A 211 15.16 26.75 -11.16
CA PHE A 211 14.15 27.50 -11.89
C PHE A 211 13.27 26.57 -12.70
N ASP A 212 12.82 25.48 -12.08
CA ASP A 212 12.07 24.42 -12.72
C ASP A 212 10.73 24.22 -12.03
N ILE A 213 9.78 23.69 -12.78
CA ILE A 213 8.43 23.44 -12.25
C ILE A 213 8.10 21.96 -12.17
N SER A 214 8.78 21.08 -12.87
CA SER A 214 8.56 19.65 -12.71
C SER A 214 9.02 19.14 -11.34
N LEU A 215 9.83 19.92 -10.64
CA LEU A 215 10.23 19.60 -9.27
C LEU A 215 9.10 20.02 -8.33
N PHE A 216 8.21 19.06 -8.06
CA PHE A 216 7.15 19.11 -7.06
C PHE A 216 5.95 19.98 -7.47
N TYR A 217 6.03 20.75 -8.54
CA TYR A 217 4.93 21.64 -8.89
C TYR A 217 4.21 21.27 -10.17
N ARG A 218 4.72 20.30 -10.93
CA ARG A 218 3.99 19.89 -12.13
C ARG A 218 2.62 19.34 -11.78
N ASP A 219 2.45 18.81 -10.58
CA ASP A 219 1.16 18.29 -10.14
C ASP A 219 0.32 19.32 -9.41
N ILE A 220 0.79 20.56 -9.26
CA ILE A 220 0.09 21.53 -8.45
C ILE A 220 -0.61 22.55 -9.34
N ILE A 221 0.17 23.31 -10.10
CA ILE A 221 -0.39 24.38 -10.92
C ILE A 221 -1.19 23.79 -12.05
N SER A 222 -1.95 24.63 -12.74
CA SER A 222 -2.72 24.19 -13.88
C SER A 222 -1.84 24.07 -15.11
N VAL A 231 9.18 25.66 -21.81
CA VAL A 231 9.48 24.71 -20.76
C VAL A 231 9.61 25.41 -19.42
N HIS A 232 10.70 26.15 -19.24
CA HIS A 232 11.03 26.77 -17.96
C HIS A 232 12.23 27.69 -18.16
N PHE A 233 12.41 28.60 -17.21
CA PHE A 233 13.51 29.55 -17.20
C PHE A 233 13.58 30.16 -15.80
N GLU A 234 14.47 31.14 -15.61
CA GLU A 234 14.67 31.78 -14.31
C GLU A 234 13.69 32.91 -14.01
N GLU A 235 12.94 33.41 -14.99
CA GLU A 235 11.94 34.42 -14.71
C GLU A 235 10.67 34.10 -15.48
N SER A 236 9.54 34.54 -14.92
CA SER A 236 8.22 34.21 -15.45
C SER A 236 7.71 35.35 -16.32
N SER A 237 7.38 35.05 -17.56
CA SER A 237 6.63 36.02 -18.36
C SER A 237 5.26 36.27 -17.76
N LYS A 238 4.73 35.28 -17.06
CA LYS A 238 3.41 35.39 -16.47
C LYS A 238 3.34 36.48 -15.41
N LEU A 239 4.46 36.90 -14.84
CA LEU A 239 4.44 38.00 -13.89
C LEU A 239 4.66 39.35 -14.54
N GLU A 240 5.25 39.37 -15.74
CA GLU A 240 5.49 40.64 -16.41
C GLU A 240 4.19 41.34 -16.75
N ASP A 241 3.20 40.58 -17.27
CA ASP A 241 1.94 41.20 -17.63
C ASP A 241 1.18 41.71 -16.41
N LEU A 242 1.43 41.13 -15.24
CA LEU A 242 0.81 41.67 -14.03
C LEU A 242 1.40 43.02 -13.63
N LEU A 243 2.29 43.57 -14.45
CA LEU A 243 2.77 44.93 -14.30
C LEU A 243 2.25 45.85 -15.40
N ARG A 244 1.38 45.35 -16.27
CA ARG A 244 0.94 46.15 -17.42
C ARG A 244 0.10 47.35 -17.00
N LYS A 245 -0.40 47.35 -15.76
CA LYS A 245 -0.71 48.60 -15.06
C LYS A 245 -1.90 49.32 -15.72
N VAL A 246 -2.96 48.57 -16.00
CA VAL A 246 -4.07 49.07 -16.80
C VAL A 246 -5.16 49.63 -15.88
N ARG A 247 -5.94 50.59 -16.41
CA ARG A 247 -7.10 51.13 -15.72
C ARG A 247 -8.41 50.91 -16.45
N ALA A 248 -8.56 49.80 -17.18
CA ALA A 248 -9.84 49.55 -17.79
C ALA A 248 -10.88 49.24 -16.71
N LYS A 249 -12.14 49.10 -17.11
CA LYS A 249 -13.13 48.52 -16.24
C LYS A 249 -14.06 47.65 -17.06
N GLU A 250 -14.71 46.70 -16.40
CA GLU A 250 -15.49 45.71 -17.12
C GLU A 250 -16.83 45.47 -16.47
N THR A 251 -17.79 44.97 -17.24
CA THR A 251 -19.03 44.44 -16.71
C THR A 251 -19.26 43.10 -17.37
N ARG A 252 -19.69 42.08 -16.61
CA ARG A 252 -19.72 40.69 -17.12
C ARG A 252 -20.95 40.42 -17.99
N LYS A 253 -21.04 39.21 -18.57
CA LYS A 253 -22.12 38.77 -19.47
C LYS A 253 -23.49 39.08 -18.86
N ARG A 254 -24.20 39.99 -19.51
CA ARG A 254 -25.37 40.74 -19.01
C ARG A 254 -26.17 41.24 -20.21
N ALA A 255 -27.49 41.15 -20.14
CA ALA A 255 -28.35 41.83 -21.10
C ALA A 255 -28.43 43.34 -20.82
N LEU A 256 -28.53 44.16 -21.87
CA LEU A 256 -29.08 45.50 -21.72
C LEU A 256 -30.60 45.39 -21.52
N SER A 257 -31.26 44.50 -22.27
CA SER A 257 -32.70 44.31 -22.23
C SER A 257 -33.09 43.13 -23.08
N ARG A 258 -33.89 42.21 -22.53
CA ARG A 258 -34.42 41.10 -23.30
C ARG A 258 -35.77 41.49 -23.89
N LEU A 259 -35.88 41.38 -25.20
CA LEU A 259 -37.10 41.70 -25.92
C LEU A 259 -37.44 40.54 -26.83
N LYS A 260 -38.72 40.31 -27.03
CA LYS A 260 -39.17 39.16 -27.81
C LYS A 260 -39.35 39.58 -29.27
N LEU A 261 -38.36 39.24 -30.10
CA LEU A 261 -38.49 39.44 -31.53
C LEU A 261 -39.60 38.57 -32.07
N LYS A 262 -40.58 39.19 -32.73
CA LYS A 262 -41.69 38.47 -33.32
C LYS A 262 -41.66 38.66 -34.82
N LEU A 263 -41.57 37.54 -35.55
CA LEU A 263 -41.54 37.62 -37.01
C LEU A 263 -42.82 38.23 -37.54
N ASN A 264 -43.95 37.81 -36.99
CA ASN A 264 -45.26 38.37 -37.31
C ASN A 264 -46.05 38.49 -36.02
N LYS A 265 -47.37 38.56 -36.17
CA LYS A 265 -48.24 38.62 -35.00
C LYS A 265 -48.31 37.30 -34.25
N ASP A 266 -47.76 36.22 -34.79
CA ASP A 266 -47.87 34.92 -34.13
C ASP A 266 -46.52 34.31 -33.78
N ILE A 267 -45.55 34.35 -34.68
CA ILE A 267 -44.23 33.80 -34.40
C ILE A 267 -43.44 34.81 -33.59
N VAL A 268 -42.94 34.38 -32.44
CA VAL A 268 -42.18 35.24 -31.53
C VAL A 268 -40.94 34.47 -31.10
N ILE A 269 -39.78 35.12 -31.10
CA ILE A 269 -38.55 34.52 -30.62
C ILE A 269 -37.93 35.41 -29.57
N SER A 270 -37.08 34.82 -28.74
CA SER A 270 -36.52 35.50 -27.58
C SER A 270 -35.10 35.99 -27.88
N VAL A 271 -34.93 37.30 -27.86
CA VAL A 271 -33.69 37.96 -28.21
C VAL A 271 -33.19 38.77 -27.03
N GLY A 272 -31.90 38.66 -26.74
CA GLY A 272 -31.28 39.47 -25.71
C GLY A 272 -30.46 40.59 -26.34
N ILE A 273 -30.96 41.80 -26.20
CA ILE A 273 -30.24 42.97 -26.72
C ILE A 273 -29.06 43.24 -25.80
N TYR A 274 -27.86 42.96 -26.31
CA TYR A 274 -26.63 43.16 -25.55
C TYR A 274 -25.87 44.32 -26.13
N ASN A 275 -24.89 44.82 -25.39
CA ASN A 275 -24.15 46.02 -25.75
C ASN A 275 -22.69 45.62 -25.90
N LEU A 276 -22.06 46.08 -26.98
CA LEU A 276 -20.67 45.78 -27.26
C LEU A 276 -19.81 47.03 -27.42
N VAL A 277 -20.36 48.21 -27.22
CA VAL A 277 -19.54 49.42 -27.09
C VAL A 277 -20.38 50.47 -26.40
N GLN A 278 -19.81 51.13 -25.38
CA GLN A 278 -20.63 51.89 -24.45
C GLN A 278 -20.17 53.30 -24.17
N LYS A 279 -18.94 53.67 -24.52
CA LYS A 279 -18.44 55.03 -24.28
C LYS A 279 -18.44 55.34 -22.78
N ALA A 280 -17.56 54.65 -22.07
CA ALA A 280 -17.49 54.82 -20.63
C ALA A 280 -17.24 56.28 -20.27
N LEU A 281 -17.98 56.75 -19.28
CA LEU A 281 -17.78 58.06 -18.73
C LEU A 281 -17.09 57.90 -17.39
N LYS A 282 -16.54 59.01 -16.89
CA LYS A 282 -15.91 58.97 -15.57
C LYS A 282 -16.95 58.62 -14.53
N PRO A 283 -16.59 57.85 -13.51
CA PRO A 283 -17.57 57.47 -12.47
C PRO A 283 -18.18 58.71 -11.85
N PRO A 284 -19.49 58.71 -11.64
CA PRO A 284 -20.16 59.92 -11.17
C PRO A 284 -19.67 60.30 -9.80
N PRO A 285 -19.28 61.56 -9.61
CA PRO A 285 -18.75 61.98 -8.32
C PRO A 285 -19.82 62.02 -7.25
N ILE A 286 -19.39 61.93 -6.00
CA ILE A 286 -20.27 61.98 -4.86
C ILE A 286 -19.97 63.23 -4.06
N LYS A 287 -21.02 63.92 -3.66
CA LYS A 287 -20.89 65.17 -2.93
C LYS A 287 -20.57 64.88 -1.47
N LEU A 288 -19.51 65.48 -0.95
CA LEU A 288 -19.06 65.32 0.44
C LEU A 288 -19.23 66.60 1.21
N TYR A 289 -19.65 66.52 2.47
CA TYR A 289 -19.64 67.69 3.32
C TYR A 289 -18.16 68.05 3.48
N ARG A 290 -17.82 69.34 3.45
CA ARG A 290 -16.45 69.80 3.17
C ARG A 290 -15.47 69.00 3.95
N GLU A 291 -15.77 68.99 5.24
CA GLU A 291 -14.91 68.86 6.38
C GLU A 291 -15.10 67.57 7.16
N THR A 292 -16.29 67.06 7.40
CA THR A 292 -16.45 65.66 7.76
C THR A 292 -16.08 64.68 6.66
N ASN A 293 -15.98 65.03 5.36
CA ASN A 293 -15.86 64.06 4.29
C ASN A 293 -17.00 63.05 4.27
N GLU A 294 -18.10 63.35 4.92
CA GLU A 294 -19.26 62.48 5.03
C GLU A 294 -20.11 62.62 3.77
N PRO A 295 -20.90 61.61 3.44
CA PRO A 295 -21.91 61.79 2.39
C PRO A 295 -22.95 62.83 2.82
N VAL A 296 -23.55 63.50 1.83
CA VAL A 296 -24.38 64.66 2.10
C VAL A 296 -25.84 64.45 1.71
N LYS A 297 -26.18 63.36 1.05
CA LYS A 297 -27.57 62.94 0.86
C LYS A 297 -28.44 64.10 0.35
N THR A 298 -28.20 64.44 -0.92
CA THR A 298 -28.95 65.51 -1.56
C THR A 298 -30.45 65.32 -1.38
N LYS A 299 -31.15 66.42 -1.18
CA LYS A 299 -32.57 66.39 -0.83
C LYS A 299 -33.31 67.47 -1.63
N THR A 300 -33.14 67.46 -2.94
CA THR A 300 -33.85 68.42 -3.78
C THR A 300 -35.37 68.20 -3.67
N ARG A 301 -36.11 69.31 -3.74
CA ARG A 301 -37.57 69.29 -3.64
C ARG A 301 -38.12 70.47 -4.42
N THR A 302 -39.44 70.56 -4.49
CA THR A 302 -40.11 71.66 -5.18
C THR A 302 -41.25 72.16 -4.30
N PHE A 303 -41.39 73.48 -4.18
CA PHE A 303 -42.51 74.02 -3.42
C PHE A 303 -42.89 75.40 -3.95
N ASN A 304 -43.87 76.00 -3.29
CA ASN A 304 -44.54 77.18 -3.82
C ASN A 304 -43.75 78.45 -3.52
N THR A 305 -43.95 79.44 -4.37
CA THR A 305 -43.41 80.78 -4.17
C THR A 305 -44.42 81.72 -3.53
N SER A 306 -45.69 81.63 -3.94
CA SER A 306 -46.72 82.48 -3.35
C SER A 306 -46.89 82.19 -1.86
N THR A 307 -46.87 80.92 -1.48
CA THR A 307 -46.97 80.49 -0.10
C THR A 307 -45.80 79.58 0.22
N GLY A 308 -45.54 79.42 1.51
CA GLY A 308 -44.48 78.54 1.96
C GLY A 308 -44.91 77.10 2.03
N GLY A 309 -45.73 76.67 1.07
CA GLY A 309 -46.24 75.32 1.06
C GLY A 309 -45.23 74.32 0.52
N LEU A 310 -45.71 73.14 0.15
CA LEU A 310 -44.83 72.12 -0.41
C LEU A 310 -45.59 71.40 -1.52
N LEU A 311 -45.23 71.70 -2.77
CA LEU A 311 -45.85 71.02 -3.90
C LEU A 311 -45.50 69.55 -3.88
N LEU A 312 -46.49 68.72 -4.16
CA LEU A 312 -46.35 67.28 -4.23
C LEU A 312 -46.38 66.88 -5.70
N PRO A 313 -45.88 65.69 -6.04
CA PRO A 313 -45.75 65.35 -7.46
C PRO A 313 -47.05 65.38 -8.23
N SER A 314 -48.17 65.17 -7.55
CA SER A 314 -49.46 65.31 -8.21
C SER A 314 -49.79 66.77 -8.48
N ASP A 315 -49.19 67.68 -7.71
CA ASP A 315 -49.60 69.08 -7.67
C ASP A 315 -48.97 69.93 -8.77
N THR A 316 -48.24 69.32 -9.70
CA THR A 316 -47.58 70.08 -10.75
C THR A 316 -48.10 69.63 -12.11
N LYS A 317 -48.05 70.57 -13.07
CA LYS A 317 -48.55 70.33 -14.41
C LYS A 317 -47.45 70.67 -15.39
N ARG A 318 -47.41 69.95 -16.53
CA ARG A 318 -46.45 70.29 -17.57
C ARG A 318 -47.07 71.33 -18.52
N SER A 319 -46.20 72.03 -19.26
CA SER A 319 -46.67 73.15 -20.07
C SER A 319 -45.72 73.42 -21.23
N GLN A 320 -46.29 73.99 -22.30
CA GLN A 320 -45.57 74.58 -23.41
C GLN A 320 -46.22 75.91 -23.77
N ILE A 321 -45.55 76.67 -24.64
CA ILE A 321 -46.08 77.92 -25.15
C ILE A 321 -46.01 77.87 -26.68
N TYR A 322 -47.17 77.81 -27.32
CA TYR A 322 -47.27 77.89 -28.77
C TYR A 322 -48.29 78.95 -29.13
N GLY A 323 -48.11 79.53 -30.32
CA GLY A 323 -49.08 80.45 -30.90
C GLY A 323 -49.62 81.48 -29.93
N SER A 324 -48.77 81.94 -29.02
CA SER A 324 -49.15 82.91 -27.99
C SER A 324 -50.25 82.37 -27.09
N ARG A 325 -50.36 81.05 -26.96
CA ARG A 325 -51.33 80.44 -26.06
C ARG A 325 -50.64 79.34 -25.27
N GLN A 326 -51.19 79.07 -24.09
CA GLN A 326 -50.56 78.18 -23.14
C GLN A 326 -51.22 76.81 -23.19
N ILE A 327 -50.48 75.79 -22.79
CA ILE A 327 -50.92 74.41 -22.89
C ILE A 327 -50.73 73.73 -21.53
N ILE A 328 -51.63 72.79 -21.22
CA ILE A 328 -51.61 72.06 -19.96
C ILE A 328 -51.77 70.58 -20.25
N LEU A 329 -50.96 69.77 -19.59
CA LEU A 329 -51.15 68.32 -19.60
C LEU A 329 -50.73 67.72 -18.27
N GLU A 330 -51.23 66.52 -18.02
CA GLU A 330 -50.89 65.74 -16.85
C GLU A 330 -49.42 65.31 -16.92
N LYS A 331 -48.76 65.31 -15.77
CA LYS A 331 -47.44 64.68 -15.69
C LYS A 331 -47.52 63.24 -16.16
N GLU A 332 -48.63 62.59 -15.87
CA GLU A 332 -48.93 61.28 -16.45
C GLU A 332 -49.08 61.37 -17.96
N GLU A 333 -49.74 62.42 -18.45
CA GLU A 333 -50.00 62.49 -19.87
C GLU A 333 -48.74 62.83 -20.65
N THR A 334 -47.78 63.51 -20.03
CA THR A 334 -46.58 63.90 -20.75
C THR A 334 -45.71 62.69 -21.05
N GLU A 335 -45.97 61.58 -20.37
CA GLU A 335 -45.33 60.33 -20.77
C GLU A 335 -46.29 59.46 -21.56
N GLU A 336 -47.59 59.62 -21.38
CA GLU A 336 -48.52 58.91 -22.24
C GLU A 336 -48.42 59.38 -23.69
N LEU A 337 -47.87 60.57 -23.92
CA LEU A 337 -47.73 61.02 -25.30
C LEU A 337 -46.70 60.22 -26.08
N LYS A 338 -46.11 59.18 -25.47
CA LYS A 338 -45.10 58.39 -26.16
C LYS A 338 -45.51 56.94 -26.39
N ARG A 339 -46.64 56.49 -25.84
CA ARG A 339 -47.05 55.09 -25.95
C ARG A 339 -47.30 54.76 -27.41
N PHE A 340 -46.45 53.92 -27.99
CA PHE A 340 -46.53 53.60 -29.40
C PHE A 340 -46.63 52.12 -29.72
N ASP A 341 -45.93 51.25 -28.99
CA ASP A 341 -45.99 49.83 -29.29
C ASP A 341 -45.49 49.08 -28.07
N ASP A 342 -45.96 47.85 -27.91
CA ASP A 342 -45.49 47.05 -26.80
C ASP A 342 -44.03 46.67 -27.01
N PRO A 343 -43.29 46.45 -25.94
CA PRO A 343 -41.85 46.18 -26.08
C PRO A 343 -41.59 44.94 -26.92
N GLY A 344 -40.54 44.99 -27.71
CA GLY A 344 -40.15 43.89 -28.54
C GLY A 344 -39.55 44.38 -29.84
N LEU A 345 -39.49 43.48 -30.81
CA LEU A 345 -38.91 43.76 -32.11
C LEU A 345 -39.92 43.41 -33.19
N MET A 346 -40.02 44.25 -34.22
CA MET A 346 -41.00 44.09 -35.29
C MET A 346 -40.24 43.91 -36.60
N LEU A 347 -40.06 42.67 -37.04
CA LEU A 347 -39.45 42.43 -38.34
C LEU A 347 -40.49 42.65 -39.43
N MET A 348 -40.13 43.42 -40.45
CA MET A 348 -41.02 43.66 -41.58
C MET A 348 -40.55 42.94 -42.84
N GLY A 349 -39.34 43.21 -43.29
CA GLY A 349 -38.85 42.69 -44.55
C GLY A 349 -37.36 42.55 -44.51
N PHE A 350 -36.73 42.63 -45.69
CA PHE A 350 -35.31 42.42 -45.79
C PHE A 350 -34.75 43.33 -46.88
N LYS A 351 -33.46 43.63 -46.79
CA LYS A 351 -32.83 44.63 -47.65
C LYS A 351 -31.44 44.18 -48.08
N PRO A 352 -30.94 44.66 -49.21
CA PRO A 352 -29.57 44.34 -49.59
C PRO A 352 -28.50 45.19 -48.90
N LEU A 353 -27.48 44.48 -48.42
CA LEU A 353 -26.50 45.10 -47.53
C LEU A 353 -25.81 46.30 -48.15
N VAL A 354 -25.89 46.46 -49.48
CA VAL A 354 -25.38 47.69 -50.08
C VAL A 354 -26.32 48.86 -49.87
N LEU A 355 -27.62 48.62 -49.72
CA LEU A 355 -28.55 49.71 -49.52
C LEU A 355 -28.44 50.29 -48.12
N LEU A 356 -28.17 49.46 -47.12
CA LEU A 356 -27.81 49.96 -45.80
C LEU A 356 -26.47 50.67 -45.90
N LYS A 357 -26.46 51.97 -45.62
CA LYS A 357 -25.29 52.77 -45.92
C LYS A 357 -24.58 53.17 -44.64
N LYS A 358 -23.24 53.10 -44.69
CA LYS A 358 -22.41 53.63 -43.63
C LYS A 358 -22.64 55.11 -43.41
N HIS A 359 -23.12 55.82 -44.43
CA HIS A 359 -23.12 57.28 -44.41
C HIS A 359 -24.05 57.84 -43.34
N HIS A 360 -24.91 57.01 -42.76
CA HIS A 360 -25.98 57.49 -41.89
C HIS A 360 -26.05 56.71 -40.58
N TYR A 361 -24.91 56.63 -39.89
CA TYR A 361 -24.82 56.20 -38.50
C TYR A 361 -25.53 57.17 -37.58
N LEU A 362 -26.21 56.62 -36.56
CA LEU A 362 -26.97 57.47 -35.65
C LEU A 362 -26.65 57.26 -34.17
N ARG A 363 -26.53 56.00 -33.73
CA ARG A 363 -26.32 55.68 -32.32
C ARG A 363 -25.35 54.52 -32.22
N PRO A 364 -24.72 54.30 -31.08
CA PRO A 364 -23.90 53.09 -30.93
C PRO A 364 -24.70 51.85 -31.26
N SER A 365 -24.09 50.94 -31.99
CA SER A 365 -24.79 49.73 -32.37
C SER A 365 -24.85 48.78 -31.19
N LEU A 366 -25.70 47.77 -31.33
CA LEU A 366 -25.88 46.77 -30.30
C LEU A 366 -25.80 45.40 -30.95
N PHE A 367 -26.04 44.36 -30.17
CA PHE A 367 -25.88 42.99 -30.65
C PHE A 367 -27.11 42.16 -30.30
N VAL A 368 -27.37 41.17 -31.15
CA VAL A 368 -28.56 40.33 -31.05
C VAL A 368 -28.10 38.88 -30.93
N TYR A 369 -28.63 38.18 -29.93
CA TYR A 369 -28.25 36.82 -29.63
C TYR A 369 -29.47 36.24 -28.95
N PRO A 370 -29.87 35.03 -29.27
CA PRO A 370 -31.07 34.47 -28.66
C PRO A 370 -30.86 34.20 -27.20
N GLU A 371 -31.92 34.32 -26.42
CA GLU A 371 -31.94 33.89 -25.04
C GLU A 371 -32.96 32.79 -24.89
N GLU A 372 -32.48 31.58 -24.65
CA GLU A 372 -33.29 30.36 -24.65
C GLU A 372 -34.34 30.37 -23.56
N SER A 373 -34.22 31.26 -22.57
CA SER A 373 -35.03 31.14 -21.36
C SER A 373 -36.50 31.40 -21.63
N LEU A 374 -36.83 32.42 -22.43
CA LEU A 374 -38.22 32.85 -22.53
C LEU A 374 -39.04 31.98 -23.47
N VAL A 375 -38.68 31.94 -24.75
CA VAL A 375 -39.37 31.11 -25.70
C VAL A 375 -38.50 29.91 -26.05
N ILE A 376 -38.84 28.74 -25.50
CA ILE A 376 -38.02 27.56 -25.69
C ILE A 376 -37.94 27.19 -27.16
N GLY A 377 -36.75 26.91 -27.63
CA GLY A 377 -36.52 26.53 -29.00
C GLY A 377 -36.35 27.67 -29.97
N SER A 378 -36.55 28.92 -29.53
CA SER A 378 -36.44 30.04 -30.46
C SER A 378 -35.03 30.19 -30.99
N SER A 379 -34.03 29.67 -30.27
CA SER A 379 -32.66 29.75 -30.75
C SER A 379 -32.51 29.07 -32.10
N THR A 380 -33.27 28.01 -32.33
CA THR A 380 -33.23 27.36 -33.63
C THR A 380 -33.65 28.30 -34.75
N LEU A 381 -34.77 28.99 -34.57
CA LEU A 381 -35.24 29.91 -35.60
C LEU A 381 -34.27 31.06 -35.78
N PHE A 382 -33.70 31.54 -34.67
CA PHE A 382 -32.68 32.57 -34.77
C PHE A 382 -31.52 32.11 -35.64
N SER A 383 -31.02 30.90 -35.37
CA SER A 383 -29.91 30.37 -36.14
C SER A 383 -30.28 30.22 -37.60
N ALA A 384 -31.50 29.77 -37.86
CA ALA A 384 -31.95 29.63 -39.24
C ALA A 384 -31.94 30.95 -39.96
N LEU A 385 -32.50 31.98 -39.33
CA LEU A 385 -32.51 33.29 -39.96
C LEU A 385 -31.09 33.77 -40.21
N LEU A 386 -30.21 33.61 -39.21
CA LEU A 386 -28.84 34.09 -39.34
C LEU A 386 -28.13 33.40 -40.50
N ILE A 387 -28.19 32.08 -40.53
CA ILE A 387 -27.48 31.33 -41.57
C ILE A 387 -28.01 31.71 -42.94
N LYS A 388 -29.33 31.75 -43.09
CA LYS A 388 -29.87 31.93 -44.43
C LYS A 388 -29.64 33.36 -44.91
N CYS A 389 -29.75 34.33 -44.01
CA CYS A 389 -29.47 35.71 -44.40
C CYS A 389 -28.00 35.88 -44.79
N LEU A 390 -27.09 35.26 -44.03
CA LEU A 390 -25.68 35.28 -44.44
C LEU A 390 -25.53 34.69 -45.83
N GLU A 391 -26.24 33.58 -46.10
CA GLU A 391 -26.10 32.93 -47.40
C GLU A 391 -26.56 33.85 -48.53
N LYS A 392 -27.69 34.55 -48.34
CA LYS A 392 -28.19 35.37 -49.44
C LYS A 392 -27.75 36.82 -49.36
N GLU A 393 -26.88 37.17 -48.42
CA GLU A 393 -26.26 38.50 -48.37
C GLU A 393 -27.35 39.58 -48.43
N VAL A 394 -28.10 39.64 -47.33
CA VAL A 394 -29.30 40.47 -47.26
C VAL A 394 -29.49 40.91 -45.81
N ALA A 395 -29.96 42.13 -45.63
CA ALA A 395 -30.20 42.68 -44.30
C ALA A 395 -31.61 42.32 -43.83
N ALA A 396 -31.88 42.64 -42.56
CA ALA A 396 -33.20 42.47 -41.97
C ALA A 396 -33.57 43.74 -41.21
N LEU A 397 -34.75 44.27 -41.48
CA LEU A 397 -35.19 45.54 -40.93
C LEU A 397 -36.25 45.30 -39.86
N CYS A 398 -36.25 46.16 -38.85
CA CYS A 398 -37.09 45.91 -37.69
C CYS A 398 -37.46 47.21 -37.01
N ARG A 399 -38.52 47.15 -36.21
CA ARG A 399 -38.89 48.25 -35.33
C ARG A 399 -38.46 47.91 -33.91
N TYR A 400 -37.73 48.82 -33.29
CA TYR A 400 -37.11 48.55 -32.00
C TYR A 400 -37.74 49.47 -30.95
N THR A 401 -38.36 48.86 -29.94
CA THR A 401 -38.96 49.58 -28.81
C THR A 401 -38.31 49.04 -27.54
N PRO A 402 -37.21 49.63 -27.10
CA PRO A 402 -36.41 49.01 -26.04
C PRO A 402 -37.19 48.77 -24.76
N ARG A 403 -38.03 49.71 -24.37
CA ARG A 403 -38.85 49.59 -23.17
C ARG A 403 -40.17 50.30 -23.43
N ARG A 404 -41.03 50.28 -22.42
CA ARG A 404 -42.26 51.06 -22.52
C ARG A 404 -41.93 52.54 -22.57
N ASN A 405 -42.90 53.33 -23.00
CA ASN A 405 -42.77 54.79 -23.03
C ASN A 405 -41.63 55.26 -23.92
N ILE A 406 -41.31 54.52 -24.97
CA ILE A 406 -40.23 54.87 -25.87
C ILE A 406 -40.76 54.84 -27.31
N PRO A 407 -40.57 55.89 -28.09
CA PRO A 407 -40.95 55.83 -29.50
C PRO A 407 -40.07 54.83 -30.24
N PRO A 408 -40.59 54.21 -31.28
CA PRO A 408 -39.81 53.18 -31.99
C PRO A 408 -38.87 53.80 -33.00
N TYR A 409 -37.72 53.18 -33.15
CA TYR A 409 -36.82 53.47 -34.25
C TYR A 409 -36.71 52.29 -35.21
N PHE A 410 -36.08 52.53 -36.35
CA PHE A 410 -35.91 51.51 -37.37
C PHE A 410 -34.49 50.98 -37.30
N VAL A 411 -34.35 49.68 -37.14
CA VAL A 411 -33.07 49.05 -36.88
C VAL A 411 -32.86 47.92 -37.87
N ALA A 412 -31.61 47.72 -38.27
CA ALA A 412 -31.27 46.68 -39.23
C ALA A 412 -30.61 45.52 -38.49
N LEU A 413 -31.12 44.31 -38.72
CA LEU A 413 -30.52 43.10 -38.16
C LEU A 413 -29.54 42.54 -39.18
N VAL A 414 -28.40 43.22 -39.33
CA VAL A 414 -27.37 42.77 -40.26
C VAL A 414 -26.61 41.62 -39.62
N PRO A 415 -26.63 40.42 -40.20
CA PRO A 415 -25.97 39.28 -39.58
C PRO A 415 -24.46 39.44 -39.51
N GLN A 416 -23.86 38.78 -38.52
CA GLN A 416 -22.43 38.81 -38.31
C GLN A 416 -21.89 37.38 -38.23
N GLU A 417 -20.86 37.09 -39.02
CA GLU A 417 -20.19 35.80 -38.96
C GLU A 417 -19.14 35.81 -37.88
N GLU A 418 -18.90 34.66 -37.29
CA GLU A 418 -17.89 34.53 -36.24
C GLU A 418 -16.51 34.35 -36.87
N GLU A 419 -15.50 34.97 -36.27
CA GLU A 419 -14.12 34.76 -36.68
C GLU A 419 -13.29 34.37 -35.46
N LEU A 420 -12.47 33.34 -35.64
CA LEU A 420 -11.64 32.83 -34.55
C LEU A 420 -10.20 32.56 -34.99
N ASP A 421 -9.82 32.90 -36.21
CA ASP A 421 -8.67 32.29 -36.86
C ASP A 421 -7.35 32.45 -36.10
N ASP A 422 -7.13 33.60 -35.45
CA ASP A 422 -5.82 33.86 -34.87
C ASP A 422 -5.43 32.84 -33.80
N GLN A 423 -6.30 32.62 -32.82
CA GLN A 423 -6.01 31.61 -31.80
C GLN A 423 -7.25 30.83 -31.37
N LYS A 424 -8.26 30.70 -32.24
CA LYS A 424 -9.48 29.97 -31.93
C LYS A 424 -10.13 30.50 -30.65
N ILE A 425 -10.12 31.82 -30.50
CA ILE A 425 -10.78 32.51 -29.40
C ILE A 425 -11.74 33.52 -30.01
N GLN A 426 -12.88 33.70 -29.34
CA GLN A 426 -13.95 34.55 -29.86
C GLN A 426 -13.47 35.96 -30.14
N VAL A 427 -13.76 36.46 -31.35
CA VAL A 427 -13.45 37.82 -31.74
C VAL A 427 -14.69 38.59 -32.13
N THR A 428 -15.40 38.11 -33.14
CA THR A 428 -16.67 38.70 -33.57
C THR A 428 -17.77 37.72 -33.23
N PRO A 429 -18.57 37.98 -32.19
CA PRO A 429 -19.62 37.03 -31.83
C PRO A 429 -20.61 36.88 -32.97
N PRO A 430 -21.11 35.66 -33.19
CA PRO A 430 -22.06 35.45 -34.28
C PRO A 430 -23.48 35.84 -33.89
N GLY A 431 -24.17 36.47 -34.83
CA GLY A 431 -25.53 36.91 -34.58
C GLY A 431 -25.98 38.01 -35.52
N PHE A 432 -26.56 39.07 -34.98
CA PHE A 432 -27.05 40.19 -35.78
C PHE A 432 -26.55 41.49 -35.17
N GLN A 433 -26.27 42.47 -36.02
CA GLN A 433 -26.03 43.81 -35.53
C GLN A 433 -27.34 44.44 -35.09
N LEU A 434 -27.25 45.66 -34.57
CA LEU A 434 -28.38 46.58 -34.51
C LEU A 434 -27.90 47.90 -35.08
N VAL A 435 -27.96 48.02 -36.40
CA VAL A 435 -27.59 49.27 -37.07
C VAL A 435 -28.83 50.15 -37.07
N PHE A 436 -28.88 51.11 -36.16
CA PHE A 436 -30.03 52.00 -36.08
C PHE A 436 -30.09 52.86 -37.35
N LEU A 437 -31.29 52.96 -37.92
CA LEU A 437 -31.47 53.72 -39.15
C LEU A 437 -32.06 55.08 -38.83
N PRO A 438 -31.47 56.16 -39.35
CA PRO A 438 -31.90 57.49 -38.93
C PRO A 438 -33.28 57.82 -39.45
N PHE A 439 -33.98 58.68 -38.71
CA PHE A 439 -35.24 59.19 -39.17
C PHE A 439 -35.03 60.46 -39.99
N ALA A 440 -36.07 60.84 -40.75
CA ALA A 440 -35.92 61.94 -41.69
C ALA A 440 -35.47 63.22 -41.01
N ASP A 441 -35.89 63.42 -39.77
CA ASP A 441 -35.57 64.67 -39.10
C ASP A 441 -34.12 64.76 -38.69
N ASP A 442 -33.27 63.85 -39.18
CA ASP A 442 -31.89 63.80 -38.77
C ASP A 442 -30.91 64.19 -39.85
N LYS A 443 -31.35 64.31 -41.11
CA LYS A 443 -30.43 64.41 -42.22
C LYS A 443 -29.59 65.68 -42.20
N ARG A 444 -30.08 66.77 -41.64
CA ARG A 444 -29.30 68.00 -41.46
C ARG A 444 -28.74 68.49 -42.80
N LYS A 445 -29.67 68.94 -43.66
CA LYS A 445 -29.37 69.39 -45.01
C LYS A 445 -28.10 70.23 -45.09
N MET A 446 -27.17 69.77 -45.91
CA MET A 446 -25.84 70.36 -45.97
C MET A 446 -25.87 71.66 -46.78
N PRO A 447 -25.05 72.64 -46.42
CA PRO A 447 -25.00 73.90 -47.19
C PRO A 447 -24.26 73.74 -48.50
N PHE A 448 -24.99 73.31 -49.54
CA PHE A 448 -24.42 72.91 -50.81
C PHE A 448 -23.31 73.83 -51.28
N THR A 449 -22.21 73.21 -51.72
CA THR A 449 -21.10 73.89 -52.37
C THR A 449 -20.66 73.06 -53.57
N GLU A 450 -20.09 73.72 -54.57
CA GLU A 450 -19.69 73.04 -55.79
C GLU A 450 -18.42 72.21 -55.55
N LYS A 451 -18.10 71.38 -56.54
CA LYS A 451 -16.95 70.49 -56.47
C LYS A 451 -15.91 70.91 -57.50
N ILE A 452 -14.65 70.58 -57.22
CA ILE A 452 -13.56 70.79 -58.15
C ILE A 452 -12.71 69.52 -58.19
N MET A 453 -12.68 68.86 -59.34
CA MET A 453 -11.85 67.68 -59.54
C MET A 453 -10.38 68.04 -59.39
N ALA A 454 -9.60 67.04 -59.00
CA ALA A 454 -8.16 67.20 -58.88
C ALA A 454 -7.49 66.68 -60.16
N THR A 455 -6.20 67.03 -60.36
CA THR A 455 -5.66 66.43 -61.57
C THR A 455 -4.92 65.14 -61.21
N PRO A 456 -4.95 64.16 -62.12
CA PRO A 456 -4.41 62.83 -61.77
C PRO A 456 -2.96 62.85 -61.32
N GLU A 457 -2.22 63.93 -61.57
CA GLU A 457 -0.86 64.01 -61.07
C GLU A 457 -0.84 64.11 -59.54
N GLN A 458 -1.65 65.01 -58.99
CA GLN A 458 -1.69 65.14 -57.54
C GLN A 458 -2.19 63.85 -56.90
N VAL A 459 -3.21 63.22 -57.47
CA VAL A 459 -3.73 62.01 -56.86
C VAL A 459 -2.72 60.88 -57.01
N GLY A 460 -1.93 60.90 -58.09
CA GLY A 460 -0.90 59.89 -58.26
C GLY A 460 0.19 60.00 -57.21
N LYS A 461 0.59 61.23 -56.89
CA LYS A 461 1.55 61.39 -55.80
C LYS A 461 0.89 61.18 -54.43
N MET A 462 -0.40 61.49 -54.31
CA MET A 462 -1.11 61.24 -53.07
C MET A 462 -1.24 59.75 -52.83
N LYS A 463 -1.20 58.95 -53.89
CA LYS A 463 -1.16 57.50 -53.72
C LYS A 463 0.02 57.11 -52.85
N ALA A 464 1.21 57.59 -53.20
CA ALA A 464 2.39 57.34 -52.38
C ALA A 464 2.26 57.98 -51.01
N ILE A 465 1.65 59.18 -50.96
CA ILE A 465 1.48 59.85 -49.67
C ILE A 465 0.69 58.97 -48.72
N VAL A 466 -0.45 58.46 -49.18
CA VAL A 466 -1.33 57.70 -48.31
C VAL A 466 -0.73 56.33 -48.03
N GLU A 467 0.03 55.79 -48.99
CA GLU A 467 0.71 54.53 -48.74
C GLU A 467 1.73 54.67 -47.61
N LYS A 468 2.50 55.76 -47.64
CA LYS A 468 3.59 55.91 -46.68
C LYS A 468 3.08 55.98 -45.25
N LEU A 469 1.99 56.70 -45.03
CA LEU A 469 1.44 56.84 -43.70
C LEU A 469 0.58 55.66 -43.29
N ARG A 470 0.75 54.51 -43.92
CA ARG A 470 0.08 53.31 -43.44
C ARG A 470 0.37 53.06 -41.97
N PHE A 471 -0.63 52.53 -41.27
CA PHE A 471 -0.43 51.87 -40.00
C PHE A 471 -1.64 50.98 -39.76
N THR A 472 -1.39 49.74 -39.33
CA THR A 472 -2.49 48.87 -39.02
C THR A 472 -3.21 49.38 -37.78
N TYR A 473 -4.54 49.37 -37.84
CA TYR A 473 -5.35 49.84 -36.72
C TYR A 473 -5.98 48.66 -36.01
N ARG A 474 -5.83 48.65 -34.69
CA ARG A 474 -6.40 47.60 -33.86
C ARG A 474 -7.44 48.26 -32.97
N SER A 475 -8.49 47.51 -32.62
CA SER A 475 -9.61 48.09 -31.90
C SER A 475 -9.20 48.66 -30.55
N ASP A 476 -8.26 48.04 -29.85
CA ASP A 476 -7.86 48.50 -28.53
C ASP A 476 -6.58 49.32 -28.57
N SER A 477 -6.30 50.00 -29.68
CA SER A 477 -5.03 50.67 -29.85
C SER A 477 -4.85 51.86 -28.93
N PHE A 478 -5.94 52.54 -28.58
CA PHE A 478 -5.84 53.86 -27.96
C PHE A 478 -6.58 53.86 -26.63
N GLU A 479 -6.38 54.93 -25.88
CA GLU A 479 -7.06 55.14 -24.62
C GLU A 479 -7.56 56.57 -24.55
N ASN A 480 -8.59 56.80 -23.75
CA ASN A 480 -9.00 58.17 -23.46
C ASN A 480 -7.92 58.83 -22.63
N PRO A 481 -7.30 59.91 -23.09
CA PRO A 481 -6.44 60.66 -22.19
C PRO A 481 -7.21 61.21 -21.01
N VAL A 482 -8.48 61.57 -21.20
CA VAL A 482 -9.24 62.15 -20.10
C VAL A 482 -9.55 61.10 -19.05
N LEU A 483 -10.16 59.99 -19.48
CA LEU A 483 -10.50 58.95 -18.52
C LEU A 483 -9.26 58.41 -17.82
N GLN A 484 -8.21 58.12 -18.60
CA GLN A 484 -6.99 57.59 -18.02
C GLN A 484 -6.39 58.58 -17.04
N GLN A 485 -6.29 59.85 -17.44
CA GLN A 485 -5.66 60.84 -16.58
C GLN A 485 -6.50 61.10 -15.33
N HIS A 486 -7.82 61.02 -15.47
CA HIS A 486 -8.67 61.20 -14.31
C HIS A 486 -8.46 60.08 -13.31
N PHE A 487 -8.43 58.84 -13.79
CA PHE A 487 -8.14 57.74 -12.89
C PHE A 487 -6.77 57.92 -12.25
N ARG A 488 -5.79 58.32 -13.07
CA ARG A 488 -4.43 58.50 -12.54
C ARG A 488 -4.43 59.51 -11.40
N ASN A 489 -5.00 60.68 -11.65
CA ASN A 489 -5.12 61.69 -10.60
C ASN A 489 -5.85 61.14 -9.40
N LEU A 490 -6.78 60.22 -9.63
CA LEU A 490 -7.48 59.60 -8.53
C LEU A 490 -6.51 58.82 -7.65
N GLU A 491 -5.66 57.98 -8.24
CA GLU A 491 -4.68 57.31 -7.38
C GLU A 491 -3.74 58.32 -6.75
N ALA A 492 -3.36 59.34 -7.51
CA ALA A 492 -2.41 60.32 -6.99
C ALA A 492 -2.94 60.94 -5.70
N LEU A 493 -4.20 61.38 -5.72
CA LEU A 493 -4.77 61.95 -4.51
C LEU A 493 -5.04 60.90 -3.46
N ALA A 494 -5.27 59.66 -3.86
CA ALA A 494 -5.59 58.64 -2.88
C ALA A 494 -4.37 58.27 -2.04
N LEU A 495 -3.21 58.16 -2.67
CA LEU A 495 -2.07 57.52 -2.04
C LEU A 495 -1.00 58.51 -1.60
N ASP A 496 -1.30 59.80 -1.63
CA ASP A 496 -0.39 60.84 -1.12
C ASP A 496 0.99 60.73 -1.76
N LEU A 497 1.01 60.59 -3.07
CA LEU A 497 2.27 60.49 -3.78
C LEU A 497 2.96 61.85 -3.84
N MET A 498 4.18 61.84 -4.36
CA MET A 498 4.92 63.08 -4.58
C MET A 498 4.34 63.90 -5.73
N GLU A 499 4.01 63.26 -6.84
CA GLU A 499 3.56 63.95 -8.04
C GLU A 499 2.85 62.94 -8.94
N PRO A 500 1.73 63.32 -9.54
CA PRO A 500 0.91 62.34 -10.27
C PRO A 500 1.68 61.70 -11.42
N GLU A 501 1.07 60.65 -11.97
CA GLU A 501 1.75 59.86 -12.98
C GLU A 501 1.92 60.62 -14.29
N GLN A 502 0.94 61.47 -14.62
CA GLN A 502 0.99 62.27 -15.84
C GLN A 502 1.22 61.39 -17.06
N ALA A 503 0.31 60.45 -17.26
CA ALA A 503 0.46 59.49 -18.35
C ALA A 503 0.41 60.19 -19.69
N VAL A 504 1.28 59.77 -20.60
CA VAL A 504 1.27 60.23 -21.98
C VAL A 504 0.63 59.14 -22.82
N ASP A 505 -0.25 59.54 -23.72
CA ASP A 505 -1.15 58.59 -24.36
C ASP A 505 -1.12 58.77 -25.87
N LEU A 506 -1.33 57.65 -26.56
CA LEU A 506 -1.14 57.55 -27.99
C LEU A 506 -2.11 58.44 -28.77
N THR A 507 -3.03 59.09 -28.07
CA THR A 507 -3.94 59.99 -28.76
C THR A 507 -3.19 61.11 -29.46
N LEU A 508 -2.25 61.73 -28.77
CA LEU A 508 -1.44 62.75 -29.43
C LEU A 508 -0.62 62.12 -30.54
N PRO A 509 -0.53 62.75 -31.71
CA PRO A 509 0.29 62.18 -32.78
C PRO A 509 1.77 62.36 -32.49
N LYS A 510 2.58 61.44 -33.01
CA LYS A 510 4.03 61.52 -32.86
C LYS A 510 4.59 62.28 -34.05
N VAL A 511 4.78 63.59 -33.85
CA VAL A 511 4.96 64.51 -34.98
C VAL A 511 6.23 64.17 -35.77
N GLU A 512 7.33 63.88 -35.08
CA GLU A 512 8.57 63.61 -35.78
C GLU A 512 8.43 62.44 -36.74
N ALA A 513 7.60 61.46 -36.37
CA ALA A 513 7.38 60.33 -37.26
C ALA A 513 6.76 60.77 -38.57
N MET A 514 5.72 61.61 -38.50
CA MET A 514 5.10 62.07 -39.75
C MET A 514 6.05 62.94 -40.55
N ASN A 515 6.83 63.81 -39.88
CA ASN A 515 7.77 64.63 -40.65
C ASN A 515 8.84 63.77 -41.31
N LYS A 516 9.23 62.66 -40.69
CA LYS A 516 10.35 61.87 -41.20
C LYS A 516 9.92 60.84 -42.23
N ARG A 517 9.05 59.90 -41.84
CA ARG A 517 8.83 58.71 -42.67
C ARG A 517 8.12 59.03 -43.97
N LEU A 518 7.57 60.23 -44.12
CA LEU A 518 6.98 60.65 -45.38
C LEU A 518 7.89 61.57 -46.17
N GLY A 519 8.88 62.19 -45.54
CA GLY A 519 9.73 63.12 -46.25
C GLY A 519 9.10 64.48 -46.36
N SER A 520 9.66 65.30 -47.24
CA SER A 520 9.28 66.70 -47.37
C SER A 520 8.28 66.90 -48.50
N LEU A 521 7.49 65.87 -48.78
CA LEU A 521 6.52 65.94 -49.88
C LEU A 521 5.44 66.98 -49.65
N VAL A 522 5.36 67.54 -48.43
CA VAL A 522 4.46 68.66 -48.19
C VAL A 522 4.80 69.82 -49.13
N ASP A 523 6.09 70.08 -49.32
CA ASP A 523 6.49 71.13 -50.26
C ASP A 523 6.19 70.73 -51.70
N GLU A 524 6.26 69.44 -52.02
CA GLU A 524 5.85 69.00 -53.35
C GLU A 524 4.39 69.31 -53.62
N PHE A 525 3.51 68.93 -52.69
CA PHE A 525 2.10 69.27 -52.88
C PHE A 525 1.85 70.77 -52.81
N LYS A 526 2.69 71.52 -52.09
CA LYS A 526 2.58 72.98 -52.11
C LYS A 526 2.89 73.53 -53.50
N GLU A 527 4.04 73.14 -54.06
CA GLU A 527 4.39 73.61 -55.40
C GLU A 527 3.47 73.04 -56.46
N LEU A 528 2.71 71.99 -56.14
CA LEU A 528 1.70 71.51 -57.07
C LEU A 528 0.44 72.36 -57.02
N VAL A 529 -0.17 72.50 -55.84
CA VAL A 529 -1.49 73.08 -55.70
C VAL A 529 -1.58 74.18 -54.66
N TYR A 530 -0.54 74.99 -54.46
CA TYR A 530 -0.63 76.04 -53.45
C TYR A 530 -0.21 77.38 -54.02
N PRO A 531 -1.11 78.36 -54.09
CA PRO A 531 -0.70 79.74 -54.36
C PRO A 531 -0.07 80.36 -53.12
N PRO A 532 0.54 81.55 -53.24
CA PRO A 532 1.28 82.10 -52.08
C PRO A 532 0.46 82.29 -50.82
N ASP A 533 -0.80 82.69 -50.93
CA ASP A 533 -1.59 83.00 -49.74
C ASP A 533 -1.86 81.75 -48.92
N TYR A 534 -2.01 81.94 -47.62
CA TYR A 534 -2.27 80.84 -46.69
C TYR A 534 -3.46 80.00 -47.10
N ASN B 6 -33.19 83.92 -42.32
CA ASN B 6 -34.13 84.02 -43.43
C ASN B 6 -35.53 84.35 -42.94
N LYS B 7 -36.34 84.94 -43.81
CA LYS B 7 -37.70 85.32 -43.47
C LYS B 7 -38.61 85.06 -44.67
N ALA B 8 -39.89 84.86 -44.38
CA ALA B 8 -40.87 84.60 -45.42
C ALA B 8 -42.22 85.17 -44.99
N ALA B 9 -43.02 85.59 -45.98
CA ALA B 9 -44.36 86.11 -45.76
C ALA B 9 -45.37 85.18 -46.39
N VAL B 10 -46.45 84.91 -45.66
CA VAL B 10 -47.48 83.96 -46.08
C VAL B 10 -48.81 84.69 -46.16
N VAL B 11 -49.46 84.62 -47.33
CA VAL B 11 -50.80 85.17 -47.48
C VAL B 11 -51.66 84.15 -48.22
N LEU B 12 -52.41 83.34 -47.47
CA LEU B 12 -53.28 82.36 -48.08
C LEU B 12 -54.54 83.04 -48.62
N CYS B 13 -55.06 82.48 -49.72
CA CYS B 13 -56.24 83.05 -50.37
C CYS B 13 -57.21 81.92 -50.68
N MET B 14 -58.32 81.89 -49.96
CA MET B 14 -59.41 80.95 -50.18
C MET B 14 -60.63 81.68 -50.73
N ASP B 15 -61.44 80.95 -51.48
CA ASP B 15 -62.69 81.48 -51.99
C ASP B 15 -63.84 80.92 -51.15
N VAL B 16 -64.88 81.74 -50.97
CA VAL B 16 -66.07 81.34 -50.22
C VAL B 16 -67.29 81.46 -51.11
N GLY B 17 -67.12 81.23 -52.40
CA GLY B 17 -68.20 81.38 -53.36
C GLY B 17 -69.30 80.34 -53.25
N PHE B 18 -70.01 80.11 -54.35
CA PHE B 18 -71.19 79.24 -54.34
C PHE B 18 -70.90 77.86 -54.93
N THR B 19 -70.09 77.79 -55.97
CA THR B 19 -69.87 76.53 -56.67
C THR B 19 -69.28 75.47 -55.76
N MET B 20 -68.36 75.86 -54.87
CA MET B 20 -67.75 74.92 -53.95
C MET B 20 -68.73 74.39 -52.91
N SER B 21 -69.94 74.96 -52.84
CA SER B 21 -70.97 74.43 -51.94
C SER B 21 -71.64 73.18 -52.51
N ASN B 22 -71.37 72.83 -53.77
CA ASN B 22 -71.89 71.62 -54.38
C ASN B 22 -70.76 70.90 -55.10
N SER B 23 -70.86 69.58 -55.14
CA SER B 23 -69.85 68.74 -55.77
C SER B 23 -70.42 67.33 -55.90
N ILE B 24 -69.60 66.40 -56.39
CA ILE B 24 -70.02 65.01 -56.49
C ILE B 24 -70.22 64.45 -55.08
N PRO B 25 -71.28 63.69 -54.82
CA PRO B 25 -71.47 63.12 -53.47
C PRO B 25 -70.34 62.19 -53.04
N GLY B 26 -69.61 61.58 -53.99
CA GLY B 26 -68.56 60.66 -53.65
C GLY B 26 -67.25 61.28 -53.23
N ILE B 27 -67.05 62.57 -53.49
CA ILE B 27 -65.83 63.27 -53.09
C ILE B 27 -66.23 64.56 -52.39
N GLU B 28 -65.50 64.89 -51.32
CA GLU B 28 -65.81 66.09 -50.56
C GLU B 28 -65.65 67.33 -51.43
N SER B 29 -66.51 68.32 -51.18
CA SER B 29 -66.54 69.53 -51.98
C SER B 29 -65.22 70.27 -51.88
N PRO B 30 -64.85 71.03 -52.91
CA PRO B 30 -63.62 71.82 -52.84
C PRO B 30 -63.59 72.76 -51.65
N PHE B 31 -64.76 73.26 -51.23
CA PHE B 31 -64.87 74.09 -50.05
C PHE B 31 -64.26 73.38 -48.84
N GLU B 32 -64.85 72.26 -48.42
CA GLU B 32 -64.38 71.58 -47.22
C GLU B 32 -63.02 70.94 -47.43
N GLN B 33 -62.72 70.50 -48.66
CA GLN B 33 -61.42 69.92 -48.95
C GLN B 33 -60.31 70.93 -48.71
N ALA B 34 -60.31 72.02 -49.49
CA ALA B 34 -59.34 73.08 -49.27
C ALA B 34 -59.46 73.70 -47.89
N LYS B 35 -60.61 73.56 -47.24
CA LYS B 35 -60.78 74.07 -45.89
C LYS B 35 -59.95 73.28 -44.90
N LYS B 36 -60.06 71.94 -44.96
CA LYS B 36 -59.17 71.10 -44.18
C LYS B 36 -57.72 71.37 -44.52
N VAL B 37 -57.45 71.61 -45.80
CA VAL B 37 -56.08 71.87 -46.24
C VAL B 37 -55.52 73.12 -45.57
N ILE B 38 -56.28 74.22 -45.60
CA ILE B 38 -55.78 75.45 -45.00
C ILE B 38 -55.70 75.32 -43.50
N THR B 39 -56.65 74.59 -42.89
CA THR B 39 -56.60 74.36 -41.45
C THR B 39 -55.29 73.69 -41.05
N MET B 40 -54.98 72.58 -41.71
CA MET B 40 -53.79 71.85 -41.32
C MET B 40 -52.51 72.55 -41.81
N PHE B 41 -52.61 73.42 -42.81
CA PHE B 41 -51.45 74.23 -43.18
C PHE B 41 -51.15 75.27 -42.10
N VAL B 42 -52.18 75.96 -41.62
CA VAL B 42 -52.00 76.84 -40.49
C VAL B 42 -51.44 76.06 -39.31
N GLN B 43 -51.88 74.81 -39.16
CA GLN B 43 -51.31 73.96 -38.13
C GLN B 43 -49.81 73.82 -38.30
N ARG B 44 -49.38 73.45 -39.51
CA ARG B 44 -47.94 73.37 -39.79
C ARG B 44 -47.20 74.62 -39.35
N GLN B 45 -47.51 75.77 -39.95
CA GLN B 45 -46.75 76.95 -39.55
C GLN B 45 -47.10 77.47 -38.15
N VAL B 46 -48.02 76.82 -37.43
CA VAL B 46 -48.16 77.14 -36.02
C VAL B 46 -47.15 76.37 -35.20
N PHE B 47 -47.08 75.05 -35.36
CA PHE B 47 -46.18 74.28 -34.51
C PHE B 47 -44.72 74.63 -34.78
N ALA B 48 -44.33 74.70 -36.04
CA ALA B 48 -42.98 75.17 -36.35
C ALA B 48 -42.83 76.59 -35.84
N GLU B 49 -41.75 76.85 -35.11
CA GLU B 49 -41.54 78.15 -34.51
C GLU B 49 -40.95 79.15 -35.51
N ASN B 50 -40.96 78.80 -36.80
CA ASN B 50 -40.42 79.68 -37.81
C ASN B 50 -41.17 81.01 -37.82
N LYS B 51 -40.43 82.08 -38.14
CA LYS B 51 -40.94 83.43 -38.06
C LYS B 51 -41.84 83.80 -39.23
N ASP B 52 -42.32 82.82 -39.98
CA ASP B 52 -43.21 83.10 -41.10
C ASP B 52 -44.47 83.80 -40.60
N GLU B 53 -44.85 84.88 -41.27
CA GLU B 53 -46.01 85.67 -40.92
C GLU B 53 -47.13 85.32 -41.90
N ILE B 54 -48.34 85.12 -41.38
CA ILE B 54 -49.44 84.60 -42.16
C ILE B 54 -50.53 85.67 -42.28
N ALA B 55 -51.08 85.79 -43.48
CA ALA B 55 -52.28 86.60 -43.73
C ALA B 55 -53.27 85.73 -44.50
N LEU B 56 -54.55 86.11 -44.42
CA LEU B 56 -55.60 85.31 -45.01
C LEU B 56 -56.55 86.20 -45.79
N VAL B 57 -56.98 85.70 -46.96
CA VAL B 57 -57.93 86.40 -47.82
C VAL B 57 -58.99 85.39 -48.24
N LEU B 58 -60.18 85.50 -47.66
CA LEU B 58 -61.28 84.57 -47.97
C LEU B 58 -62.22 85.19 -49.00
N PHE B 59 -61.68 85.43 -50.20
CA PHE B 59 -62.41 86.22 -51.20
C PHE B 59 -63.65 85.47 -51.69
N GLY B 60 -64.44 86.13 -52.53
CA GLY B 60 -65.73 85.63 -52.91
C GLY B 60 -66.79 85.82 -51.86
N THR B 61 -66.68 86.87 -51.06
CA THR B 61 -67.53 87.06 -49.89
C THR B 61 -68.90 87.58 -50.25
N ASP B 62 -69.89 87.19 -49.45
CA ASP B 62 -71.22 87.79 -49.54
C ASP B 62 -71.23 89.26 -49.16
N GLY B 63 -70.21 89.72 -48.44
CA GLY B 63 -70.01 91.12 -48.16
C GLY B 63 -68.71 91.61 -48.75
N THR B 64 -68.12 92.66 -48.18
CA THR B 64 -66.82 93.15 -48.63
C THR B 64 -66.17 93.91 -47.48
N ASP B 65 -65.20 93.26 -46.84
CA ASP B 65 -64.43 93.85 -45.75
C ASP B 65 -62.94 93.79 -46.12
N ASN B 66 -62.49 94.78 -46.89
CA ASN B 66 -61.10 94.87 -47.31
C ASN B 66 -60.69 96.33 -47.34
N PRO B 67 -59.39 96.61 -47.16
CA PRO B 67 -58.94 98.01 -47.19
C PRO B 67 -59.15 98.69 -48.53
N LEU B 68 -59.33 97.94 -49.62
CA LEU B 68 -59.46 98.50 -50.96
C LEU B 68 -60.90 98.41 -51.46
N SER B 69 -61.88 98.58 -50.58
CA SER B 69 -63.29 98.37 -50.92
C SER B 69 -63.73 99.36 -51.99
N GLY B 70 -64.48 98.87 -52.98
CA GLY B 70 -65.03 99.70 -54.03
C GLY B 70 -66.31 99.09 -54.58
N GLY B 71 -67.00 99.88 -55.41
CA GLY B 71 -68.24 99.41 -56.01
C GLY B 71 -68.03 98.22 -56.91
N ASP B 72 -67.00 98.27 -57.76
CA ASP B 72 -66.60 97.14 -58.58
C ASP B 72 -65.11 96.88 -58.56
N GLN B 73 -64.30 97.81 -58.08
CA GLN B 73 -62.86 97.61 -57.95
C GLN B 73 -62.56 97.02 -56.57
N TYR B 74 -61.95 95.85 -56.55
CA TYR B 74 -61.60 95.14 -55.33
C TYR B 74 -62.85 94.87 -54.48
N GLN B 75 -63.73 94.05 -55.04
CA GLN B 75 -65.06 93.80 -54.49
C GLN B 75 -65.19 92.34 -54.05
N ASN B 76 -66.02 92.13 -53.02
CA ASN B 76 -66.31 90.81 -52.46
C ASN B 76 -65.05 90.12 -51.93
N ILE B 77 -64.40 90.79 -50.99
CA ILE B 77 -63.21 90.26 -50.32
C ILE B 77 -63.29 90.61 -48.84
N THR B 78 -62.95 89.63 -48.00
CA THR B 78 -62.85 89.82 -46.55
C THR B 78 -61.47 89.34 -46.12
N VAL B 79 -60.55 90.28 -45.93
CA VAL B 79 -59.22 89.95 -45.42
C VAL B 79 -59.38 89.48 -43.98
N HIS B 80 -59.15 88.19 -43.74
CA HIS B 80 -59.40 87.62 -42.42
C HIS B 80 -58.55 88.30 -41.36
N ARG B 81 -57.25 88.46 -41.63
CA ARG B 81 -56.35 89.16 -40.74
C ARG B 81 -55.04 89.40 -41.48
N HIS B 82 -54.38 90.50 -41.18
CA HIS B 82 -53.25 90.97 -41.95
C HIS B 82 -52.03 90.09 -41.71
N LEU B 83 -50.89 90.48 -42.28
CA LEU B 83 -49.69 89.65 -42.28
C LEU B 83 -48.96 89.74 -40.95
N MET B 84 -49.35 88.89 -39.99
CA MET B 84 -48.64 88.77 -38.73
C MET B 84 -48.46 87.28 -38.42
N LEU B 85 -48.00 86.98 -37.21
CA LEU B 85 -47.69 85.63 -36.82
C LEU B 85 -48.95 84.77 -36.75
N PRO B 86 -48.83 83.47 -37.01
CA PRO B 86 -49.95 82.56 -36.81
C PRO B 86 -50.20 82.30 -35.33
N ASP B 87 -51.45 81.97 -35.02
CA ASP B 87 -51.85 81.68 -33.66
C ASP B 87 -53.13 80.87 -33.67
N PHE B 88 -53.43 80.24 -32.52
CA PHE B 88 -54.49 79.25 -32.46
C PHE B 88 -55.85 79.86 -32.74
N ASP B 89 -56.19 80.97 -32.09
CA ASP B 89 -57.54 81.51 -32.23
C ASP B 89 -57.87 81.81 -33.68
N LEU B 90 -56.86 82.19 -34.47
CA LEU B 90 -57.07 82.36 -35.90
C LEU B 90 -57.50 81.04 -36.53
N LEU B 91 -56.83 79.94 -36.16
CA LEU B 91 -57.17 78.64 -36.70
C LEU B 91 -58.60 78.24 -36.30
N GLU B 92 -58.95 78.47 -35.04
CA GLU B 92 -60.30 78.14 -34.58
C GLU B 92 -61.35 78.96 -35.33
N ASP B 93 -61.10 80.25 -35.50
CA ASP B 93 -62.05 81.10 -36.21
C ASP B 93 -62.20 80.65 -37.65
N ILE B 94 -61.08 80.31 -38.31
CA ILE B 94 -61.17 79.74 -39.66
C ILE B 94 -62.05 78.49 -39.64
N GLU B 95 -61.80 77.60 -38.67
CA GLU B 95 -62.56 76.36 -38.60
C GLU B 95 -64.04 76.64 -38.37
N SER B 96 -64.37 77.79 -37.77
CA SER B 96 -65.74 78.11 -37.39
C SER B 96 -66.33 79.28 -38.19
N LYS B 97 -65.64 80.43 -38.24
CA LYS B 97 -66.26 81.64 -38.77
C LYS B 97 -66.59 81.52 -40.25
N ILE B 98 -65.90 80.64 -40.98
CA ILE B 98 -66.16 80.53 -42.41
C ILE B 98 -67.61 80.08 -42.62
N GLN B 99 -68.20 80.53 -43.72
CA GLN B 99 -69.58 80.19 -44.03
C GLN B 99 -69.71 79.88 -45.51
N PRO B 100 -70.62 78.97 -45.87
CA PRO B 100 -70.91 78.77 -47.29
C PRO B 100 -71.48 80.02 -47.92
N GLY B 101 -71.05 80.29 -49.16
CA GLY B 101 -71.44 81.49 -49.86
C GLY B 101 -72.51 81.23 -50.92
N SER B 102 -72.93 82.34 -51.54
CA SER B 102 -73.90 82.28 -52.61
C SER B 102 -73.51 83.13 -53.81
N GLN B 103 -72.36 83.80 -53.79
CA GLN B 103 -71.92 84.68 -54.85
C GLN B 103 -70.76 84.05 -55.62
N GLN B 104 -70.28 84.79 -56.62
CA GLN B 104 -69.09 84.42 -57.37
C GLN B 104 -68.26 85.68 -57.59
N ALA B 105 -66.95 85.55 -57.46
CA ALA B 105 -66.07 86.71 -57.55
C ALA B 105 -64.75 86.32 -58.19
N ASP B 106 -64.09 87.31 -58.78
CA ASP B 106 -62.81 87.09 -59.42
C ASP B 106 -61.71 86.87 -58.38
N PHE B 107 -60.64 86.19 -58.82
CA PHE B 107 -59.50 85.94 -57.97
C PHE B 107 -58.32 86.87 -58.27
N LEU B 108 -58.17 87.35 -59.51
CA LEU B 108 -57.20 88.39 -59.78
C LEU B 108 -57.41 89.58 -58.88
N ASP B 109 -58.68 89.90 -58.58
CA ASP B 109 -59.00 90.90 -57.58
C ASP B 109 -58.28 90.61 -56.27
N ALA B 110 -58.48 89.41 -55.73
CA ALA B 110 -57.84 89.05 -54.47
C ALA B 110 -56.33 89.02 -54.61
N LEU B 111 -55.84 88.60 -55.78
CA LEU B 111 -54.39 88.57 -55.99
C LEU B 111 -53.80 89.96 -55.88
N ILE B 112 -54.41 90.95 -56.53
CA ILE B 112 -53.92 92.32 -56.44
C ILE B 112 -54.10 92.87 -55.04
N VAL B 113 -55.19 92.49 -54.36
CA VAL B 113 -55.40 92.98 -52.99
C VAL B 113 -54.28 92.50 -52.07
N SER B 114 -53.94 91.20 -52.17
CA SER B 114 -52.85 90.66 -51.35
C SER B 114 -51.51 91.24 -51.79
N MET B 115 -51.35 91.49 -53.08
CA MET B 115 -50.19 92.22 -53.58
C MET B 115 -50.03 93.55 -52.88
N ASP B 116 -51.11 94.34 -52.81
CA ASP B 116 -51.06 95.64 -52.15
C ASP B 116 -50.79 95.49 -50.66
N VAL B 117 -51.37 94.48 -50.02
CA VAL B 117 -51.09 94.25 -48.61
C VAL B 117 -49.61 93.97 -48.40
N ILE B 118 -49.02 93.14 -49.26
CA ILE B 118 -47.60 92.82 -49.15
C ILE B 118 -46.77 94.08 -49.35
N GLN B 119 -47.08 94.85 -50.39
CA GLN B 119 -46.34 96.08 -50.66
C GLN B 119 -46.50 97.09 -49.53
N HIS B 120 -47.60 97.01 -48.79
CA HIS B 120 -47.88 97.92 -47.69
C HIS B 120 -47.31 97.47 -46.37
N GLU B 121 -46.95 96.19 -46.24
CA GLU B 121 -46.50 95.69 -44.94
C GLU B 121 -45.12 95.05 -45.00
N THR B 122 -44.81 94.33 -46.10
CA THR B 122 -43.53 93.63 -46.18
C THR B 122 -42.34 94.57 -46.24
N ILE B 123 -42.56 95.87 -46.49
CA ILE B 123 -41.50 96.84 -46.37
C ILE B 123 -41.52 97.55 -45.02
N GLY B 124 -42.70 97.73 -44.42
CA GLY B 124 -42.79 98.27 -43.08
C GLY B 124 -42.13 97.41 -42.02
N LYS B 125 -42.02 96.11 -42.26
CA LYS B 125 -41.26 95.21 -41.41
C LYS B 125 -40.30 94.41 -42.29
N LYS B 126 -39.12 94.13 -41.75
CA LYS B 126 -38.08 93.49 -42.54
C LYS B 126 -38.53 92.12 -43.02
N PHE B 127 -38.31 91.84 -44.31
CA PHE B 127 -38.69 90.58 -44.91
C PHE B 127 -37.66 90.22 -45.98
N GLU B 128 -37.67 88.96 -46.39
CA GLU B 128 -36.74 88.51 -47.42
C GLU B 128 -37.41 87.88 -48.63
N LYS B 129 -38.46 87.08 -48.46
CA LYS B 129 -39.04 86.40 -49.61
C LYS B 129 -40.55 86.36 -49.35
N ARG B 130 -41.35 86.53 -50.39
CA ARG B 130 -42.80 86.56 -50.25
C ARG B 130 -43.47 85.47 -51.08
N HIS B 131 -44.57 84.95 -50.56
CA HIS B 131 -45.30 83.86 -51.20
C HIS B 131 -46.77 84.24 -51.24
N ILE B 132 -47.40 84.06 -52.40
CA ILE B 132 -48.86 84.20 -52.50
C ILE B 132 -49.46 82.88 -52.95
N GLU B 133 -50.50 82.44 -52.24
CA GLU B 133 -51.18 81.18 -52.52
C GLU B 133 -52.66 81.47 -52.63
N ILE B 134 -53.29 80.95 -53.69
CA ILE B 134 -54.72 81.12 -53.93
C ILE B 134 -55.35 79.75 -54.08
N PHE B 135 -56.39 79.49 -53.29
CA PHE B 135 -57.22 78.30 -53.47
C PHE B 135 -58.55 78.74 -54.09
N THR B 136 -58.95 78.05 -55.14
CA THR B 136 -60.21 78.36 -55.82
C THR B 136 -60.61 77.15 -56.66
N ASP B 137 -61.76 77.27 -57.33
CA ASP B 137 -62.23 76.25 -58.25
C ASP B 137 -62.31 76.72 -59.70
N LEU B 138 -61.81 77.93 -60.00
CA LEU B 138 -61.75 78.46 -61.35
C LEU B 138 -63.13 78.62 -61.98
N SER B 139 -64.14 78.97 -61.17
CA SER B 139 -65.49 79.24 -61.64
C SER B 139 -65.81 80.73 -61.56
N SER B 140 -64.82 81.57 -61.83
CA SER B 140 -64.95 83.01 -61.69
C SER B 140 -65.00 83.70 -63.05
N ARG B 141 -65.47 84.94 -63.04
CA ARG B 141 -65.46 85.80 -64.22
C ARG B 141 -64.30 86.76 -64.09
N PHE B 142 -63.25 86.54 -64.88
CA PHE B 142 -62.00 87.29 -64.74
C PHE B 142 -61.57 87.85 -66.09
N SER B 143 -61.04 89.07 -66.07
CA SER B 143 -60.46 89.71 -67.24
C SER B 143 -58.94 89.67 -67.13
N LYS B 144 -58.26 89.57 -68.27
CA LYS B 144 -56.82 89.41 -68.32
C LYS B 144 -56.09 90.76 -68.36
N SER B 145 -56.70 91.82 -67.82
CA SER B 145 -56.16 93.16 -67.93
C SER B 145 -54.80 93.31 -67.26
N GLN B 146 -54.77 93.14 -65.94
CA GLN B 146 -53.57 93.44 -65.16
C GLN B 146 -52.61 92.27 -65.04
N LEU B 147 -52.89 91.13 -65.70
CA LEU B 147 -52.06 89.95 -65.54
C LEU B 147 -50.60 90.24 -65.86
N ASP B 148 -50.35 91.00 -66.92
CA ASP B 148 -48.98 91.42 -67.22
C ASP B 148 -48.41 92.25 -66.07
N ILE B 149 -49.18 93.23 -65.59
CA ILE B 149 -48.71 94.08 -64.50
C ILE B 149 -48.62 93.29 -63.21
N ILE B 150 -49.57 92.38 -62.98
CA ILE B 150 -49.53 91.56 -61.78
C ILE B 150 -48.26 90.72 -61.74
N ILE B 151 -47.94 90.05 -62.85
CA ILE B 151 -46.75 89.22 -62.91
C ILE B 151 -45.50 90.08 -62.83
N HIS B 152 -45.54 91.27 -63.42
CA HIS B 152 -44.43 92.21 -63.30
C HIS B 152 -44.16 92.54 -61.84
N SER B 153 -45.20 92.89 -61.09
CA SER B 153 -45.02 93.21 -59.68
C SER B 153 -44.55 92.00 -58.89
N LEU B 154 -45.10 90.82 -59.20
CA LEU B 154 -44.65 89.60 -58.52
C LEU B 154 -43.16 89.37 -58.74
N LYS B 155 -42.68 89.66 -59.96
CA LYS B 155 -41.24 89.60 -60.20
C LYS B 155 -40.50 90.66 -59.40
N LYS B 156 -41.02 91.89 -59.38
CA LYS B 156 -40.38 92.99 -58.67
C LYS B 156 -40.55 92.91 -57.17
N CYS B 157 -41.76 92.58 -56.69
CA CYS B 157 -42.01 92.46 -55.26
C CYS B 157 -41.57 91.11 -54.71
N ASP B 158 -41.06 90.22 -55.56
CA ASP B 158 -40.48 88.95 -55.13
C ASP B 158 -41.53 88.08 -54.43
N ILE B 159 -42.63 87.86 -55.13
CA ILE B 159 -43.74 87.05 -54.64
C ILE B 159 -43.98 85.92 -55.63
N SER B 160 -44.08 84.70 -55.12
CA SER B 160 -44.28 83.51 -55.94
C SER B 160 -45.75 83.11 -55.89
N LEU B 161 -46.36 82.96 -57.07
CA LEU B 161 -47.78 82.66 -57.18
C LEU B 161 -47.99 81.17 -57.43
N GLN B 162 -48.87 80.56 -56.65
CA GLN B 162 -49.26 79.18 -56.83
C GLN B 162 -50.77 79.07 -56.82
N PHE B 163 -51.30 78.17 -57.64
CA PHE B 163 -52.73 77.93 -57.72
C PHE B 163 -53.04 76.49 -57.38
N PHE B 164 -54.18 76.28 -56.76
CA PHE B 164 -54.56 74.97 -56.26
C PHE B 164 -56.02 74.74 -56.64
N LEU B 165 -56.26 73.70 -57.44
CA LEU B 165 -57.49 73.59 -58.22
C LEU B 165 -58.09 72.21 -58.04
N PRO B 166 -59.41 72.09 -58.11
CA PRO B 166 -60.05 70.79 -57.84
C PRO B 166 -59.65 69.68 -58.79
N PHE B 167 -59.39 69.99 -60.06
CA PHE B 167 -59.17 68.94 -61.03
C PHE B 167 -57.73 68.42 -60.96
N SER B 168 -57.48 67.34 -61.68
CA SER B 168 -56.18 66.68 -61.72
C SER B 168 -55.56 66.84 -63.10
N LEU B 169 -54.26 67.15 -63.13
CA LEU B 169 -53.57 67.31 -64.40
C LEU B 169 -53.53 66.01 -65.19
N GLY B 170 -53.26 64.90 -64.53
CA GLY B 170 -53.18 63.61 -65.19
C GLY B 170 -54.40 62.73 -64.96
N GLY B 196 -63.52 66.11 -65.80
CA GLY B 196 -64.87 66.62 -65.91
C GLY B 196 -65.02 68.00 -65.27
N ILE B 197 -64.60 69.03 -66.01
CA ILE B 197 -64.67 70.40 -65.53
C ILE B 197 -65.34 71.25 -66.58
N THR B 198 -65.89 72.39 -66.15
CA THR B 198 -66.63 73.26 -67.05
C THR B 198 -65.69 73.94 -68.04
N GLU B 199 -66.27 74.40 -69.15
CA GLU B 199 -65.52 75.21 -70.09
C GLU B 199 -65.01 76.49 -69.43
N GLN B 200 -65.80 77.06 -68.51
CA GLN B 200 -65.31 78.12 -67.65
C GLN B 200 -64.05 77.67 -66.92
N GLN B 201 -64.11 76.52 -66.26
CA GLN B 201 -62.96 75.98 -65.54
C GLN B 201 -61.83 75.61 -66.49
N LYS B 202 -62.16 75.09 -67.67
CA LYS B 202 -61.10 74.69 -68.61
C LYS B 202 -60.32 75.91 -69.10
N GLU B 203 -61.02 76.96 -69.53
CA GLU B 203 -60.31 78.14 -69.99
C GLU B 203 -59.59 78.82 -68.84
N GLY B 204 -60.15 78.73 -67.63
CA GLY B 204 -59.42 79.20 -66.46
C GLY B 204 -58.13 78.44 -66.25
N LEU B 205 -58.15 77.12 -66.46
CA LEU B 205 -56.95 76.32 -66.32
C LEU B 205 -55.90 76.71 -67.35
N GLU B 206 -56.34 76.94 -68.60
CA GLU B 206 -55.41 77.40 -69.62
C GLU B 206 -54.83 78.75 -69.25
N ILE B 207 -55.66 79.65 -68.71
CA ILE B 207 -55.17 80.95 -68.27
C ILE B 207 -54.16 80.79 -67.14
N VAL B 208 -54.43 79.83 -66.23
CA VAL B 208 -53.52 79.60 -65.10
C VAL B 208 -52.17 79.10 -65.61
N LYS B 209 -52.20 78.19 -66.59
CA LYS B 209 -50.96 77.73 -67.20
C LYS B 209 -50.20 78.89 -67.82
N MET B 210 -50.91 79.74 -68.57
CA MET B 210 -50.29 80.91 -69.18
C MET B 210 -49.65 81.79 -68.12
N VAL B 211 -50.36 82.04 -67.03
CA VAL B 211 -49.87 82.95 -66.00
C VAL B 211 -48.62 82.38 -65.33
N MET B 212 -48.66 81.09 -64.94
CA MET B 212 -47.51 80.50 -64.29
C MET B 212 -46.30 80.45 -65.21
N ILE B 213 -46.51 80.09 -66.47
CA ILE B 213 -45.40 80.14 -67.41
C ILE B 213 -44.95 81.58 -67.62
N SER B 214 -45.89 82.52 -67.60
CA SER B 214 -45.52 83.93 -67.68
C SER B 214 -44.77 84.41 -66.45
N LEU B 215 -44.76 83.63 -65.37
CA LEU B 215 -44.02 83.98 -64.16
C LEU B 215 -42.63 83.36 -64.15
N GLU B 216 -42.56 82.02 -64.19
CA GLU B 216 -41.29 81.31 -64.09
C GLU B 216 -40.86 80.73 -65.43
N GLY B 217 -41.71 79.92 -66.06
CA GLY B 217 -41.35 79.31 -67.32
C GLY B 217 -42.13 78.00 -67.52
N GLU B 218 -41.53 77.12 -68.31
CA GLU B 218 -42.16 75.83 -68.61
C GLU B 218 -42.42 75.04 -67.34
N ASP B 219 -41.53 75.18 -66.35
CA ASP B 219 -41.71 74.47 -65.08
C ASP B 219 -42.92 74.96 -64.29
N GLY B 220 -43.65 75.95 -64.81
CA GLY B 220 -44.84 76.44 -64.16
C GLY B 220 -45.93 75.38 -64.05
N LEU B 221 -45.78 74.30 -64.83
CA LEU B 221 -46.74 73.21 -64.74
C LEU B 221 -46.74 72.58 -63.35
N ASP B 222 -45.56 72.42 -62.76
CA ASP B 222 -45.45 71.84 -61.42
C ASP B 222 -46.12 72.71 -60.36
N GLU B 223 -46.23 74.01 -60.60
CA GLU B 223 -46.90 74.90 -59.66
C GLU B 223 -48.42 74.76 -59.69
N ILE B 224 -48.97 74.01 -60.62
CA ILE B 224 -50.38 73.65 -60.61
C ILE B 224 -50.55 72.51 -59.63
N TYR B 225 -51.57 72.60 -58.79
CA TYR B 225 -51.80 71.65 -57.72
C TYR B 225 -53.26 71.25 -57.67
N SER B 226 -53.54 69.99 -57.37
CA SER B 226 -54.91 69.56 -57.12
C SER B 226 -55.21 69.66 -55.63
N PHE B 227 -56.28 69.01 -55.18
CA PHE B 227 -56.65 69.02 -53.78
C PHE B 227 -56.39 67.70 -53.06
N SER B 228 -56.51 66.57 -53.75
CA SER B 228 -56.13 65.31 -53.12
C SER B 228 -54.63 65.21 -52.93
N GLU B 229 -53.85 65.56 -53.96
CA GLU B 229 -52.41 65.50 -53.82
C GLU B 229 -51.92 66.50 -52.78
N SER B 230 -52.66 67.60 -52.57
CA SER B 230 -52.32 68.50 -51.49
C SER B 230 -52.44 67.78 -50.16
N LEU B 231 -53.52 67.02 -49.98
CA LEU B 231 -53.63 66.21 -48.77
C LEU B 231 -52.44 65.27 -48.65
N ARG B 232 -52.12 64.55 -49.72
CA ARG B 232 -51.05 63.56 -49.65
C ARG B 232 -49.71 64.20 -49.30
N LYS B 233 -49.39 65.33 -49.93
CA LYS B 233 -48.11 65.99 -49.70
C LYS B 233 -48.08 66.80 -48.42
N LEU B 234 -49.23 67.04 -47.80
CA LEU B 234 -49.29 67.88 -46.62
C LEU B 234 -49.57 67.12 -45.33
N CYS B 235 -50.13 65.90 -45.40
CA CYS B 235 -50.69 65.25 -44.21
C CYS B 235 -49.73 65.24 -43.03
N VAL B 236 -48.46 64.98 -43.27
CA VAL B 236 -47.49 64.89 -42.17
C VAL B 236 -47.34 66.25 -41.52
N PHE B 237 -46.98 66.28 -40.24
CA PHE B 237 -46.65 67.54 -39.60
C PHE B 237 -45.35 68.07 -40.17
N LYS B 238 -45.03 69.32 -39.81
CA LYS B 238 -43.84 69.97 -40.35
C LYS B 238 -42.60 69.28 -39.86
N LYS B 239 -41.71 68.95 -40.80
CA LYS B 239 -40.41 68.41 -40.45
C LYS B 239 -39.64 69.40 -39.59
N ILE B 240 -38.90 68.89 -38.62
CA ILE B 240 -38.11 69.79 -37.79
C ILE B 240 -36.75 70.02 -38.45
N GLU B 241 -36.72 71.01 -39.34
CA GLU B 241 -35.48 71.42 -39.99
C GLU B 241 -34.56 72.00 -38.93
N ARG B 242 -33.26 71.81 -39.11
CA ARG B 242 -32.29 72.17 -38.08
C ARG B 242 -30.99 72.62 -38.74
N HIS B 243 -30.71 73.92 -38.63
CA HIS B 243 -29.48 74.44 -39.20
C HIS B 243 -28.29 74.04 -38.34
N SER B 244 -27.19 73.69 -39.01
CA SER B 244 -25.96 73.33 -38.32
C SER B 244 -25.12 74.59 -38.13
N ILE B 245 -23.86 74.41 -37.74
CA ILE B 245 -22.95 75.51 -37.50
C ILE B 245 -21.74 75.37 -38.41
N HIS B 246 -21.34 76.48 -39.04
CA HIS B 246 -20.09 76.47 -39.78
C HIS B 246 -18.93 76.38 -38.81
N TRP B 247 -18.47 75.17 -38.53
CA TRP B 247 -17.26 75.04 -37.75
C TRP B 247 -16.09 74.85 -38.70
N PRO B 248 -15.21 75.82 -38.83
CA PRO B 248 -13.98 75.61 -39.58
C PRO B 248 -12.86 75.11 -38.68
N CYS B 249 -12.03 74.25 -39.25
CA CYS B 249 -10.94 73.68 -38.49
C CYS B 249 -9.76 73.47 -39.42
N ARG B 250 -8.59 73.30 -38.83
CA ARG B 250 -7.36 73.12 -39.59
C ARG B 250 -7.09 71.63 -39.69
N LEU B 251 -7.49 71.02 -40.80
CA LEU B 251 -7.17 69.61 -41.00
C LEU B 251 -5.66 69.46 -41.05
N THR B 252 -5.11 68.83 -40.02
CA THR B 252 -3.67 68.76 -39.83
C THR B 252 -3.20 67.35 -40.18
N ILE B 253 -2.26 67.27 -41.10
CA ILE B 253 -1.57 66.02 -41.38
C ILE B 253 -0.08 66.32 -41.36
N GLY B 254 0.67 65.50 -40.65
CA GLY B 254 2.06 65.83 -40.39
C GLY B 254 2.13 67.07 -39.52
N SER B 255 3.20 67.84 -39.69
CA SER B 255 3.30 69.13 -39.02
C SER B 255 3.47 70.28 -39.99
N ASN B 256 3.39 70.05 -41.30
CA ASN B 256 3.58 71.12 -42.26
C ASN B 256 2.62 71.02 -43.44
N LEU B 257 1.45 70.42 -43.25
CA LEU B 257 0.45 70.37 -44.32
C LEU B 257 -0.92 70.70 -43.74
N SER B 258 -1.00 71.81 -43.00
CA SER B 258 -2.26 72.27 -42.47
C SER B 258 -3.21 72.68 -43.59
N ILE B 259 -4.47 72.26 -43.49
CA ILE B 259 -5.49 72.58 -44.48
C ILE B 259 -6.73 73.04 -43.72
N ARG B 260 -7.29 74.19 -44.10
CA ARG B 260 -8.55 74.63 -43.50
C ARG B 260 -9.67 73.67 -43.89
N ILE B 261 -10.35 73.14 -42.89
CA ILE B 261 -11.41 72.16 -43.10
C ILE B 261 -12.67 72.65 -42.40
N ALA B 262 -13.79 72.48 -43.09
CA ALA B 262 -15.09 72.90 -42.57
C ALA B 262 -15.86 71.65 -42.18
N ALA B 263 -16.21 71.54 -40.91
CA ALA B 263 -17.07 70.49 -40.40
C ALA B 263 -18.55 70.93 -40.42
N TYR B 264 -19.36 70.16 -41.11
CA TYR B 264 -20.83 70.20 -41.16
C TYR B 264 -21.37 68.85 -40.65
N LYS B 265 -22.67 68.55 -40.77
CA LYS B 265 -23.29 67.36 -40.15
C LYS B 265 -24.15 66.55 -41.10
N SER B 266 -24.24 65.24 -40.84
CA SER B 266 -25.14 64.32 -41.57
C SER B 266 -26.26 63.74 -40.71
N ILE B 267 -26.03 63.50 -39.40
CA ILE B 267 -26.98 62.80 -38.53
C ILE B 267 -26.80 63.23 -37.06
N LEU B 268 -27.90 63.52 -36.38
CA LEU B 268 -27.88 63.77 -34.94
C LEU B 268 -29.22 63.32 -34.36
N GLN B 269 -29.16 62.57 -33.28
CA GLN B 269 -30.39 62.21 -32.58
C GLN B 269 -31.08 63.49 -32.17
N GLU B 270 -32.17 63.84 -32.84
CA GLU B 270 -32.81 65.13 -32.66
C GLU B 270 -33.76 65.06 -31.48
N ARG B 271 -33.63 66.03 -30.58
CA ARG B 271 -34.52 66.14 -29.43
C ARG B 271 -35.29 67.44 -29.54
N VAL B 272 -36.50 67.44 -28.98
CA VAL B 272 -37.41 68.57 -29.08
C VAL B 272 -36.70 69.83 -28.61
N LYS B 273 -37.08 70.98 -29.18
CA LYS B 273 -36.48 72.29 -28.92
C LYS B 273 -37.24 73.10 -27.86
N LYS B 274 -38.57 73.18 -27.98
CA LYS B 274 -39.47 73.49 -26.87
C LYS B 274 -39.77 72.22 -26.09
N THR B 275 -39.61 72.27 -24.78
CA THR B 275 -39.64 71.10 -23.89
C THR B 275 -40.22 71.49 -22.54
N TRP B 276 -40.76 70.52 -21.81
CA TRP B 276 -41.84 70.73 -20.85
C TRP B 276 -41.48 71.64 -19.68
N THR B 277 -42.12 72.81 -19.64
CA THR B 277 -42.08 73.71 -18.48
C THR B 277 -42.97 73.17 -17.35
N VAL B 278 -42.52 73.18 -16.09
CA VAL B 278 -43.30 72.65 -14.98
C VAL B 278 -44.11 73.79 -14.39
N VAL B 279 -45.43 73.62 -14.34
CA VAL B 279 -46.30 74.69 -13.89
C VAL B 279 -47.29 74.15 -12.86
N ASP B 280 -47.60 74.98 -11.88
CA ASP B 280 -48.49 74.59 -10.80
C ASP B 280 -49.93 74.54 -11.27
N ALA B 281 -50.68 73.59 -10.73
CA ALA B 281 -52.09 73.46 -11.09
C ALA B 281 -52.87 74.64 -10.55
N LYS B 282 -54.04 74.88 -11.17
CA LYS B 282 -55.07 75.82 -10.75
C LYS B 282 -54.58 77.25 -10.65
N THR B 283 -53.33 77.52 -10.97
CA THR B 283 -52.84 78.90 -10.99
C THR B 283 -52.18 79.16 -12.33
N LEU B 284 -51.49 78.14 -12.85
CA LEU B 284 -50.91 78.15 -14.19
C LEU B 284 -49.90 79.27 -14.39
N LYS B 285 -49.08 79.58 -13.38
CA LYS B 285 -47.95 80.49 -13.53
C LYS B 285 -46.67 79.70 -13.33
N LYS B 286 -45.66 79.98 -14.15
CA LYS B 286 -44.38 79.30 -14.01
C LYS B 286 -43.63 79.78 -12.78
N GLU B 287 -43.74 81.06 -12.44
CA GLU B 287 -42.88 81.65 -11.43
C GLU B 287 -43.28 81.21 -10.02
N ASP B 288 -44.42 80.54 -9.88
CA ASP B 288 -44.94 80.17 -8.58
C ASP B 288 -44.35 78.87 -8.05
N ILE B 289 -43.33 78.32 -8.71
CA ILE B 289 -42.73 77.06 -8.32
C ILE B 289 -41.22 77.24 -8.26
N GLN B 290 -40.60 76.74 -7.21
CA GLN B 290 -39.16 76.76 -7.08
C GLN B 290 -38.65 75.34 -6.87
N LYS B 291 -37.78 74.88 -7.78
CA LYS B 291 -37.18 73.56 -7.67
C LYS B 291 -35.86 73.70 -6.92
N GLU B 292 -35.94 74.31 -5.75
CA GLU B 292 -34.75 74.53 -4.95
C GLU B 292 -34.25 73.21 -4.37
N THR B 293 -32.94 73.06 -4.34
CA THR B 293 -32.30 71.87 -3.79
C THR B 293 -31.64 72.22 -2.48
N VAL B 294 -31.78 71.36 -1.49
CA VAL B 294 -31.19 71.56 -0.18
C VAL B 294 -30.36 70.34 0.15
N TYR B 295 -29.20 70.58 0.74
CA TYR B 295 -28.26 69.51 1.10
C TYR B 295 -28.21 69.39 2.61
N CYS B 296 -28.47 68.20 3.12
CA CYS B 296 -28.54 67.95 4.55
C CYS B 296 -27.41 67.02 4.97
N LEU B 297 -27.36 66.72 6.26
CA LEU B 297 -26.44 65.73 6.78
C LEU B 297 -27.26 64.60 7.38
N ASN B 298 -26.69 63.39 7.36
CA ASN B 298 -27.45 62.26 7.86
C ASN B 298 -27.75 62.35 9.35
N ASP B 299 -26.98 63.12 10.12
CA ASP B 299 -27.15 63.19 11.56
C ASP B 299 -28.18 64.24 11.96
N ASP B 300 -29.26 63.79 12.61
CA ASP B 300 -30.30 64.67 13.17
C ASP B 300 -30.89 65.60 12.12
N ASP B 301 -30.72 65.25 10.84
CA ASP B 301 -31.22 66.04 9.71
C ASP B 301 -30.70 67.47 9.80
N GLU B 302 -29.39 67.62 9.98
CA GLU B 302 -28.79 68.94 9.93
C GLU B 302 -28.64 69.39 8.49
N THR B 303 -28.99 70.66 8.22
CA THR B 303 -28.99 71.19 6.88
C THR B 303 -27.68 71.89 6.57
N GLU B 304 -27.06 71.49 5.47
CA GLU B 304 -25.77 72.05 5.07
C GLU B 304 -26.00 73.25 4.15
N VAL B 305 -25.08 74.21 4.20
CA VAL B 305 -25.24 75.45 3.44
C VAL B 305 -25.01 75.13 1.97
N LEU B 306 -25.89 75.67 1.11
CA LEU B 306 -26.22 75.05 -0.16
C LEU B 306 -25.04 74.93 -1.11
N LYS B 307 -24.30 76.01 -1.39
CA LYS B 307 -23.34 76.01 -2.49
C LYS B 307 -21.93 76.38 -2.07
N GLU B 308 -21.54 76.18 -0.81
CA GLU B 308 -20.13 76.33 -0.49
C GLU B 308 -19.58 75.30 0.48
N ASP B 309 -20.40 74.51 1.16
CA ASP B 309 -19.84 73.60 2.16
C ASP B 309 -19.64 72.20 1.57
N ILE B 310 -20.10 71.98 0.35
CA ILE B 310 -19.99 70.66 -0.28
C ILE B 310 -18.80 70.64 -1.23
N ILE B 311 -17.99 69.60 -1.13
CA ILE B 311 -16.88 69.39 -2.03
C ILE B 311 -17.02 67.99 -2.62
N GLN B 312 -16.86 67.89 -3.94
CA GLN B 312 -17.18 66.65 -4.66
C GLN B 312 -16.07 65.63 -4.45
N GLY B 313 -16.46 64.41 -4.11
CA GLY B 313 -15.52 63.32 -3.96
C GLY B 313 -15.69 62.27 -5.05
N PHE B 314 -14.86 61.23 -4.95
CA PHE B 314 -14.89 60.12 -5.89
C PHE B 314 -14.69 58.82 -5.14
N ARG B 315 -15.16 57.73 -5.72
CA ARG B 315 -15.03 56.42 -5.10
C ARG B 315 -13.81 55.73 -5.65
N TYR B 316 -12.90 55.36 -4.76
CA TYR B 316 -11.71 54.59 -5.06
C TYR B 316 -11.77 53.41 -4.11
N GLY B 317 -12.43 52.36 -4.55
CA GLY B 317 -12.62 51.21 -3.67
C GLY B 317 -13.48 51.60 -2.50
N SER B 318 -13.02 51.24 -1.30
CA SER B 318 -13.87 51.36 -0.12
C SER B 318 -14.14 52.81 0.22
N ASP B 319 -13.14 53.67 0.14
CA ASP B 319 -13.23 55.00 0.71
C ASP B 319 -13.51 56.02 -0.37
N ILE B 320 -13.63 57.27 0.05
CA ILE B 320 -13.93 58.39 -0.82
C ILE B 320 -12.80 59.40 -0.69
N VAL B 321 -12.26 59.85 -1.82
CA VAL B 321 -11.14 60.77 -1.84
C VAL B 321 -11.67 62.19 -1.95
N PRO B 322 -11.36 63.05 -1.02
CA PRO B 322 -11.73 64.46 -1.19
C PRO B 322 -11.05 65.11 -2.37
N PHE B 323 -11.53 64.85 -3.58
CA PHE B 323 -11.15 65.64 -4.73
C PHE B 323 -11.87 66.98 -4.59
N SER B 324 -11.75 67.87 -5.57
CA SER B 324 -12.51 69.10 -5.48
C SER B 324 -12.75 69.63 -6.90
N LYS B 325 -13.19 70.88 -6.99
CA LYS B 325 -13.39 71.53 -8.28
C LYS B 325 -12.16 72.31 -8.71
N VAL B 326 -11.53 73.04 -7.78
CA VAL B 326 -10.32 73.78 -8.12
C VAL B 326 -9.22 72.81 -8.51
N ASP B 327 -9.03 71.75 -7.72
CA ASP B 327 -8.02 70.77 -8.10
C ASP B 327 -8.42 70.07 -9.38
N GLU B 328 -9.73 69.99 -9.65
CA GLU B 328 -10.17 69.44 -10.93
C GLU B 328 -9.66 70.30 -12.07
N GLU B 329 -9.91 71.60 -12.02
CA GLU B 329 -9.47 72.46 -13.11
C GLU B 329 -7.96 72.57 -13.16
N GLN B 330 -7.26 72.25 -12.08
CA GLN B 330 -5.80 72.37 -12.11
C GLN B 330 -5.14 71.10 -12.64
N MET B 331 -5.66 69.94 -12.24
CA MET B 331 -5.11 68.66 -12.67
C MET B 331 -5.82 68.06 -13.87
N LYS B 332 -6.84 68.71 -14.39
CA LYS B 332 -7.54 68.18 -15.56
C LYS B 332 -6.60 68.11 -16.75
N TYR B 333 -6.86 67.15 -17.63
CA TYR B 333 -6.13 67.08 -18.89
C TYR B 333 -6.41 68.30 -19.75
N LYS B 334 -5.37 68.80 -20.40
CA LYS B 334 -5.47 69.97 -21.25
C LYS B 334 -5.26 69.55 -22.70
N SER B 335 -5.53 70.47 -23.60
CA SER B 335 -5.35 70.22 -25.02
C SER B 335 -5.03 71.53 -25.71
N GLU B 336 -4.45 71.44 -26.90
CA GLU B 336 -4.10 72.65 -27.63
C GLU B 336 -5.33 73.36 -28.17
N GLY B 337 -6.34 72.63 -28.59
CA GLY B 337 -7.52 73.25 -29.14
C GLY B 337 -8.19 72.34 -30.15
N LYS B 338 -8.38 72.86 -31.35
CA LYS B 338 -9.13 72.15 -32.38
C LYS B 338 -8.53 70.77 -32.64
N CYS B 339 -7.22 70.72 -32.92
CA CYS B 339 -6.44 69.49 -32.98
C CYS B 339 -7.11 68.38 -33.80
N PHE B 340 -7.70 68.75 -34.93
CA PHE B 340 -8.13 67.74 -35.88
C PHE B 340 -6.92 67.27 -36.68
N SER B 341 -6.12 66.37 -36.11
CA SER B 341 -4.86 65.96 -36.72
C SER B 341 -4.92 64.49 -37.08
N VAL B 342 -4.47 64.16 -38.28
CA VAL B 342 -4.57 62.79 -38.77
C VAL B 342 -3.53 61.94 -38.09
N LEU B 343 -3.97 60.89 -37.40
CA LEU B 343 -3.05 59.96 -36.80
C LEU B 343 -2.48 58.97 -37.80
N GLY B 344 -3.23 58.63 -38.84
CA GLY B 344 -2.72 57.69 -39.82
C GLY B 344 -3.84 57.20 -40.73
N PHE B 345 -3.46 56.24 -41.57
CA PHE B 345 -4.32 55.71 -42.62
C PHE B 345 -4.37 54.20 -42.48
N CYS B 346 -5.50 53.62 -42.90
CA CYS B 346 -5.71 52.20 -42.69
C CYS B 346 -6.68 51.65 -43.70
N LYS B 347 -6.72 50.33 -43.80
CA LYS B 347 -7.60 49.65 -44.75
C LYS B 347 -9.06 49.85 -44.35
N SER B 348 -9.94 49.72 -45.34
CA SER B 348 -11.37 49.80 -45.04
C SER B 348 -11.80 48.71 -44.08
N SER B 349 -11.44 47.46 -44.35
CA SER B 349 -11.82 46.37 -43.45
C SER B 349 -11.11 46.43 -42.12
N GLN B 350 -10.08 47.27 -42.01
CA GLN B 350 -9.36 47.41 -40.76
C GLN B 350 -10.26 47.98 -39.66
N VAL B 351 -11.29 48.73 -40.03
CA VAL B 351 -12.35 49.13 -39.12
C VAL B 351 -13.65 48.52 -39.63
N GLN B 352 -14.64 48.45 -38.75
CA GLN B 352 -15.89 47.81 -39.11
C GLN B 352 -17.07 48.66 -38.67
N ARG B 353 -18.21 48.38 -39.31
CA ARG B 353 -19.48 49.03 -38.97
C ARG B 353 -19.77 48.97 -37.49
N ARG B 354 -19.68 47.78 -36.89
CA ARG B 354 -20.08 47.58 -35.50
C ARG B 354 -19.41 48.57 -34.57
N PHE B 355 -18.13 48.84 -34.77
CA PHE B 355 -17.34 49.53 -33.77
C PHE B 355 -17.57 51.03 -33.76
N PHE B 356 -18.35 51.54 -34.70
CA PHE B 356 -18.54 52.97 -34.83
C PHE B 356 -19.22 53.45 -33.55
N MET B 357 -18.52 54.30 -32.79
CA MET B 357 -18.92 54.63 -31.43
C MET B 357 -19.36 56.10 -31.29
N GLY B 358 -19.89 56.69 -32.35
CA GLY B 358 -20.20 58.10 -32.30
C GLY B 358 -21.54 58.49 -31.69
N ASN B 359 -21.59 59.69 -31.11
CA ASN B 359 -22.87 60.32 -30.85
C ASN B 359 -23.46 60.90 -32.13
N GLN B 360 -22.61 61.47 -32.98
CA GLN B 360 -23.07 62.15 -34.18
C GLN B 360 -22.03 61.95 -35.28
N VAL B 361 -22.48 62.10 -36.52
CA VAL B 361 -21.64 61.84 -37.69
C VAL B 361 -21.38 63.17 -38.39
N LEU B 362 -20.13 63.58 -38.40
CA LEU B 362 -19.77 64.83 -39.04
C LEU B 362 -19.63 64.64 -40.55
N LYS B 363 -19.70 65.76 -41.26
CA LYS B 363 -19.36 65.82 -42.68
C LYS B 363 -18.20 66.80 -42.82
N VAL B 364 -17.17 66.37 -43.54
CA VAL B 364 -15.88 67.04 -43.53
C VAL B 364 -15.65 67.64 -44.91
N PHE B 365 -15.91 68.94 -45.03
CA PHE B 365 -15.80 69.65 -46.29
C PHE B 365 -14.82 70.81 -46.19
N ALA B 366 -14.37 71.28 -47.34
CA ALA B 366 -13.42 72.38 -47.38
C ALA B 366 -14.09 73.69 -46.98
N ALA B 367 -13.36 74.52 -46.25
CA ALA B 367 -13.80 75.89 -46.02
C ALA B 367 -13.89 76.62 -47.35
N ARG B 368 -15.04 77.26 -47.60
CA ARG B 368 -15.28 77.82 -48.92
C ARG B 368 -14.33 78.99 -49.19
N ASP B 369 -14.24 79.34 -50.48
CA ASP B 369 -13.51 80.47 -51.04
C ASP B 369 -12.01 80.22 -51.13
N ASP B 370 -11.52 79.06 -50.69
CA ASP B 370 -10.11 78.69 -50.83
C ASP B 370 -10.08 77.44 -51.71
N GLU B 371 -10.07 77.65 -53.03
CA GLU B 371 -10.21 76.54 -53.96
C GLU B 371 -9.06 75.55 -53.85
N ALA B 372 -7.82 76.03 -53.74
CA ALA B 372 -6.67 75.13 -53.66
C ALA B 372 -6.84 74.13 -52.52
N ALA B 373 -7.37 74.58 -51.39
CA ALA B 373 -7.68 73.66 -50.30
C ALA B 373 -8.68 72.60 -50.77
N ALA B 374 -9.69 73.03 -51.51
CA ALA B 374 -10.71 72.09 -51.96
C ALA B 374 -10.11 71.03 -52.88
N VAL B 375 -9.25 71.45 -53.80
CA VAL B 375 -8.68 70.47 -54.72
C VAL B 375 -7.73 69.53 -53.98
N ALA B 376 -6.99 70.04 -52.99
CA ALA B 376 -6.13 69.16 -52.21
C ALA B 376 -6.97 68.12 -51.47
N LEU B 377 -8.07 68.56 -50.89
CA LEU B 377 -8.95 67.63 -50.19
C LEU B 377 -9.55 66.62 -51.15
N SER B 378 -9.87 67.06 -52.37
CA SER B 378 -10.40 66.14 -53.37
C SER B 378 -9.38 65.07 -53.72
N SER B 379 -8.12 65.46 -53.87
CA SER B 379 -7.05 64.49 -54.08
C SER B 379 -7.03 63.48 -52.93
N LEU B 380 -7.06 63.99 -51.69
CA LEU B 380 -7.10 63.11 -50.54
C LEU B 380 -8.23 62.11 -50.65
N ILE B 381 -9.44 62.61 -50.90
CA ILE B 381 -10.62 61.77 -50.85
C ILE B 381 -10.58 60.71 -51.93
N HIS B 382 -10.28 61.12 -53.17
CA HIS B 382 -10.29 60.15 -54.25
C HIS B 382 -9.21 59.10 -54.06
N ALA B 383 -8.03 59.51 -53.59
CA ALA B 383 -6.98 58.53 -53.35
C ALA B 383 -7.44 57.49 -52.33
N LEU B 384 -7.99 57.97 -51.21
CA LEU B 384 -8.50 57.05 -50.22
C LEU B 384 -9.57 56.14 -50.80
N ASP B 385 -10.39 56.68 -51.72
CA ASP B 385 -11.47 55.89 -52.29
C ASP B 385 -10.94 54.78 -53.17
N ASP B 386 -10.10 55.11 -54.14
CA ASP B 386 -9.68 54.07 -55.09
C ASP B 386 -8.81 53.04 -54.40
N LEU B 387 -7.98 53.47 -53.46
CA LEU B 387 -7.20 52.52 -52.69
C LEU B 387 -7.92 52.03 -51.44
N ASP B 388 -9.24 52.21 -51.36
CA ASP B 388 -10.12 51.83 -50.24
C ASP B 388 -9.44 52.04 -48.89
N MET B 389 -8.67 53.12 -48.78
CA MET B 389 -8.00 53.46 -47.54
C MET B 389 -8.89 54.39 -46.72
N VAL B 390 -8.75 54.32 -45.41
CA VAL B 390 -9.55 55.11 -44.48
C VAL B 390 -8.61 55.80 -43.50
N ALA B 391 -8.98 57.02 -43.11
CA ALA B 391 -8.14 57.79 -42.22
C ALA B 391 -8.66 57.75 -40.79
N ILE B 392 -7.73 57.90 -39.85
CA ILE B 392 -8.04 57.94 -38.42
C ILE B 392 -7.45 59.22 -37.87
N VAL B 393 -8.31 60.08 -37.34
CA VAL B 393 -7.94 61.45 -37.01
C VAL B 393 -8.31 61.73 -35.57
N ARG B 394 -7.39 62.36 -34.83
CA ARG B 394 -7.74 62.92 -33.54
C ARG B 394 -8.71 64.07 -33.73
N TYR B 395 -9.76 64.09 -32.91
CA TYR B 395 -10.82 65.07 -33.09
C TYR B 395 -11.08 65.76 -31.76
N ALA B 396 -11.48 67.02 -31.85
CA ALA B 396 -11.94 67.76 -30.69
C ALA B 396 -12.71 68.97 -31.17
N TYR B 397 -13.92 69.14 -30.63
CA TYR B 397 -14.72 70.28 -31.03
C TYR B 397 -14.10 71.58 -30.58
N ASP B 398 -13.45 71.58 -29.43
CA ASP B 398 -12.81 72.77 -28.87
C ASP B 398 -12.12 72.42 -27.57
N LYS B 399 -11.49 73.43 -26.97
CA LYS B 399 -10.89 73.30 -25.65
C LYS B 399 -11.92 72.81 -24.65
N ARG B 400 -11.46 72.49 -23.44
CA ARG B 400 -12.28 72.05 -22.30
C ARG B 400 -13.26 70.94 -22.67
N ALA B 401 -13.09 70.31 -23.84
CA ALA B 401 -13.94 69.22 -24.29
C ALA B 401 -13.09 67.98 -24.49
N ASN B 402 -13.67 66.82 -24.20
CA ASN B 402 -12.91 65.59 -24.26
C ASN B 402 -12.44 65.34 -25.69
N PRO B 403 -11.21 64.91 -25.89
CA PRO B 403 -10.74 64.63 -27.24
C PRO B 403 -11.41 63.40 -27.81
N GLN B 404 -10.99 62.98 -28.99
CA GLN B 404 -11.82 62.05 -29.73
C GLN B 404 -11.01 61.48 -30.90
N VAL B 405 -11.09 60.16 -31.04
CA VAL B 405 -10.37 59.46 -32.11
C VAL B 405 -11.35 58.56 -32.84
N GLY B 406 -11.32 58.60 -34.17
CA GLY B 406 -12.25 57.79 -34.93
C GLY B 406 -12.01 57.86 -36.41
N VAL B 407 -12.85 57.14 -37.13
CA VAL B 407 -12.71 56.97 -38.58
C VAL B 407 -13.02 58.27 -39.30
N ALA B 408 -12.25 58.54 -40.35
CA ALA B 408 -12.55 59.62 -41.29
C ALA B 408 -12.89 58.97 -42.63
N PHE B 409 -14.16 58.79 -42.89
CA PHE B 409 -14.52 58.01 -44.07
C PHE B 409 -14.77 58.93 -45.25
N PRO B 410 -14.26 58.62 -46.42
CA PRO B 410 -14.48 59.46 -47.60
C PRO B 410 -15.68 58.99 -48.41
N HIS B 411 -16.39 59.96 -48.99
CA HIS B 411 -17.63 59.69 -49.69
C HIS B 411 -17.64 60.42 -51.02
N ILE B 412 -18.30 59.83 -52.01
CA ILE B 412 -18.33 60.35 -53.37
C ILE B 412 -19.78 60.59 -53.77
N LYS B 413 -20.06 61.78 -54.26
CA LYS B 413 -21.37 62.07 -54.86
C LYS B 413 -21.15 62.91 -56.10
N HIS B 414 -21.97 62.66 -57.12
CA HIS B 414 -21.76 63.29 -58.41
C HIS B 414 -21.79 64.81 -58.29
N ASN B 415 -22.56 65.33 -57.34
CA ASN B 415 -22.51 66.76 -57.07
C ASN B 415 -21.23 67.15 -56.34
N TYR B 416 -20.72 66.27 -55.48
CA TYR B 416 -19.57 66.61 -54.65
C TYR B 416 -18.99 65.38 -53.96
N GLU B 417 -17.67 65.34 -53.83
CA GLU B 417 -17.03 64.35 -52.97
C GLU B 417 -17.21 64.74 -51.52
N CYS B 418 -17.16 63.75 -50.64
CA CYS B 418 -17.47 63.98 -49.23
C CYS B 418 -16.51 63.19 -48.35
N LEU B 419 -16.31 63.67 -47.14
CA LEU B 419 -15.56 62.96 -46.12
C LEU B 419 -16.31 63.09 -44.81
N VAL B 420 -16.44 61.99 -44.07
CA VAL B 420 -17.24 61.97 -42.84
C VAL B 420 -16.39 61.41 -41.71
N TYR B 421 -16.64 61.93 -40.52
CA TYR B 421 -15.91 61.55 -39.31
C TYR B 421 -16.86 60.96 -38.30
N VAL B 422 -16.42 59.87 -37.65
CA VAL B 422 -17.23 59.20 -36.64
C VAL B 422 -16.31 58.79 -35.51
N GLN B 423 -16.76 59.01 -34.28
CA GLN B 423 -16.10 58.47 -33.11
C GLN B 423 -15.95 56.95 -33.18
N LEU B 424 -14.73 56.48 -32.91
CA LEU B 424 -14.43 55.07 -32.77
C LEU B 424 -13.86 54.83 -31.38
N PRO B 425 -14.05 53.65 -30.80
CA PRO B 425 -13.88 53.50 -29.36
C PRO B 425 -12.44 53.64 -28.92
N PHE B 426 -12.29 54.13 -27.70
CA PHE B 426 -11.07 53.95 -26.92
C PHE B 426 -11.13 52.58 -26.27
N MET B 427 -10.00 52.09 -25.79
CA MET B 427 -9.94 50.70 -25.35
C MET B 427 -10.85 50.45 -24.18
N GLU B 428 -10.91 51.40 -23.24
CA GLU B 428 -11.77 51.19 -22.07
C GLU B 428 -13.22 51.11 -22.49
N ASP B 429 -13.57 51.73 -23.61
CA ASP B 429 -14.93 51.73 -24.08
C ASP B 429 -15.31 50.41 -24.75
N LEU B 430 -14.34 49.67 -25.27
CA LEU B 430 -14.64 48.39 -25.89
C LEU B 430 -14.92 47.35 -24.83
N ARG B 431 -15.85 46.47 -25.13
CA ARG B 431 -16.22 45.39 -24.22
C ARG B 431 -16.02 44.06 -24.92
N GLN B 432 -15.84 43.02 -24.12
CA GLN B 432 -15.58 41.69 -24.64
C GLN B 432 -16.50 40.70 -23.97
N TYR B 433 -17.00 39.74 -24.73
CA TYR B 433 -17.92 38.74 -24.23
C TYR B 433 -17.65 37.42 -24.93
N MET B 434 -18.00 36.32 -24.26
CA MET B 434 -17.77 35.00 -24.85
C MET B 434 -18.82 34.69 -25.91
N PHE B 435 -20.09 34.66 -25.51
CA PHE B 435 -21.20 34.40 -26.42
C PHE B 435 -21.02 33.06 -27.14
N SER B 436 -21.14 31.99 -26.35
CA SER B 436 -20.98 30.62 -26.85
C SER B 436 -21.60 30.47 -28.23
N SER B 437 -20.81 29.94 -29.15
CA SER B 437 -21.12 30.01 -30.57
C SER B 437 -22.35 29.19 -30.92
N LEU B 438 -22.70 29.21 -32.21
CA LEU B 438 -23.92 28.60 -32.70
C LEU B 438 -23.67 27.39 -33.59
N LYS B 439 -22.58 27.37 -34.36
CA LYS B 439 -22.28 26.25 -35.25
C LYS B 439 -22.08 24.93 -34.49
N ASN B 440 -22.10 24.98 -33.16
CA ASN B 440 -22.17 23.80 -32.32
C ASN B 440 -23.61 23.34 -32.11
N SER B 441 -24.49 23.65 -33.06
CA SER B 441 -25.92 23.43 -32.90
C SER B 441 -26.27 21.95 -32.98
N LYS B 442 -25.67 21.14 -32.10
CA LYS B 442 -26.10 19.78 -31.93
C LYS B 442 -27.34 19.68 -31.06
N LYS B 443 -27.66 20.77 -30.35
CA LYS B 443 -28.87 20.86 -29.55
C LYS B 443 -29.97 21.69 -30.21
N TYR B 444 -29.68 22.32 -31.34
CA TYR B 444 -30.66 23.15 -32.02
C TYR B 444 -31.03 22.63 -33.40
N ALA B 445 -30.06 22.17 -34.18
CA ALA B 445 -30.28 21.37 -35.39
C ALA B 445 -31.25 22.01 -36.39
N PRO B 446 -30.82 23.02 -37.13
CA PRO B 446 -31.69 23.61 -38.15
C PRO B 446 -31.88 22.72 -39.36
N THR B 447 -32.89 21.84 -39.31
CA THR B 447 -33.11 20.86 -40.37
C THR B 447 -33.39 21.54 -41.72
N GLU B 448 -33.10 20.80 -42.79
CA GLU B 448 -33.19 21.33 -44.15
C GLU B 448 -34.58 21.86 -44.47
N ALA B 449 -35.63 21.23 -43.94
CA ALA B 449 -36.98 21.77 -44.13
C ALA B 449 -37.08 23.18 -43.58
N GLN B 450 -36.55 23.39 -42.38
CA GLN B 450 -36.53 24.74 -41.82
C GLN B 450 -35.67 25.67 -42.65
N LEU B 451 -34.54 25.18 -43.16
CA LEU B 451 -33.65 26.04 -43.94
C LEU B 451 -34.32 26.54 -45.21
N ASN B 452 -34.87 25.64 -46.01
CA ASN B 452 -35.49 26.10 -47.24
C ASN B 452 -36.76 26.87 -46.95
N ALA B 453 -37.42 26.60 -45.82
CA ALA B 453 -38.51 27.47 -45.39
C ALA B 453 -38.02 28.90 -45.20
N VAL B 454 -36.95 29.08 -44.43
CA VAL B 454 -36.44 30.42 -44.19
C VAL B 454 -35.97 31.07 -45.48
N ASP B 455 -35.45 30.27 -46.42
CA ASP B 455 -35.14 30.80 -47.73
C ASP B 455 -36.39 31.36 -48.40
N ALA B 456 -37.49 30.59 -48.35
CA ALA B 456 -38.74 31.07 -48.93
C ALA B 456 -39.18 32.37 -48.27
N LEU B 457 -39.02 32.44 -46.95
CA LEU B 457 -39.30 33.68 -46.24
C LEU B 457 -38.47 34.84 -46.77
N ILE B 458 -37.15 34.76 -46.59
CA ILE B 458 -36.31 35.93 -46.81
C ILE B 458 -36.32 36.33 -48.27
N ASP B 459 -36.66 35.40 -49.17
CA ASP B 459 -36.94 35.81 -50.54
C ASP B 459 -38.30 36.43 -50.70
N SER B 460 -39.31 35.94 -49.97
CA SER B 460 -40.68 36.39 -50.17
C SER B 460 -41.00 37.67 -49.44
N MET B 461 -40.51 37.85 -48.23
CA MET B 461 -40.76 39.14 -47.60
C MET B 461 -39.79 40.16 -48.03
N SER B 462 -39.15 40.01 -49.18
CA SER B 462 -38.05 40.89 -49.53
C SER B 462 -38.58 42.29 -49.76
N LEU B 463 -38.44 43.15 -48.75
CA LEU B 463 -38.94 44.51 -48.81
C LEU B 463 -38.37 45.24 -50.02
N ALA B 464 -37.13 44.96 -50.35
CA ALA B 464 -36.47 45.58 -51.49
C ALA B 464 -36.35 44.56 -52.62
N LYS B 465 -36.87 44.91 -53.79
CA LYS B 465 -36.72 44.11 -54.99
C LYS B 465 -36.39 45.01 -56.17
N LYS B 466 -35.51 44.51 -57.04
CA LYS B 466 -34.93 45.29 -58.12
C LYS B 466 -36.01 45.89 -59.02
N ASP B 467 -35.81 47.15 -59.39
CA ASP B 467 -36.74 47.90 -60.23
C ASP B 467 -35.97 48.66 -61.29
N GLU B 468 -36.65 48.97 -62.41
CA GLU B 468 -36.17 49.81 -63.50
C GLU B 468 -34.90 49.28 -64.15
N LYS B 469 -34.51 48.03 -63.88
CA LYS B 469 -33.31 47.41 -64.42
C LYS B 469 -32.05 48.13 -63.93
N THR B 470 -32.22 49.11 -63.05
CA THR B 470 -31.11 49.86 -62.49
C THR B 470 -30.68 49.36 -61.12
N ASP B 471 -31.26 48.25 -60.65
CA ASP B 471 -30.94 47.67 -59.36
C ASP B 471 -31.24 48.63 -58.21
N THR B 472 -32.15 49.58 -58.45
CA THR B 472 -32.69 50.40 -57.38
C THR B 472 -33.90 49.63 -56.83
N LEU B 473 -33.66 48.87 -55.77
CA LEU B 473 -34.63 47.89 -55.32
C LEU B 473 -35.88 48.58 -54.79
N GLU B 474 -36.88 47.78 -54.43
CA GLU B 474 -38.18 48.32 -54.05
C GLU B 474 -38.09 48.97 -52.68
N ASP B 475 -37.31 50.05 -52.58
CA ASP B 475 -37.11 50.71 -51.32
C ASP B 475 -38.26 51.66 -51.05
N LEU B 476 -39.49 51.16 -51.14
CA LEU B 476 -40.63 51.98 -50.72
C LEU B 476 -40.80 51.79 -49.22
N PHE B 477 -39.68 51.86 -48.51
CA PHE B 477 -39.59 51.99 -47.07
C PHE B 477 -38.20 52.55 -46.78
N PRO B 478 -37.87 53.73 -47.31
CA PRO B 478 -36.49 54.21 -47.17
C PRO B 478 -36.09 54.43 -45.73
N THR B 479 -37.03 54.83 -44.89
CA THR B 479 -36.80 55.15 -43.49
C THR B 479 -35.91 56.38 -43.36
N THR B 480 -35.38 56.88 -44.47
CA THR B 480 -34.58 58.08 -44.46
C THR B 480 -35.41 59.31 -44.77
N LYS B 481 -36.55 59.14 -45.42
CA LYS B 481 -37.47 60.23 -45.68
C LYS B 481 -38.65 60.23 -44.73
N ILE B 482 -38.69 59.33 -43.77
CA ILE B 482 -39.92 59.09 -43.02
C ILE B 482 -39.85 59.92 -41.75
N PRO B 483 -40.86 60.73 -41.44
CA PRO B 483 -40.76 61.59 -40.25
C PRO B 483 -40.73 60.78 -38.97
N ASN B 484 -40.02 61.30 -37.98
CA ASN B 484 -39.91 60.62 -36.70
C ASN B 484 -41.26 60.62 -36.02
N PRO B 485 -41.86 59.46 -35.76
CA PRO B 485 -43.21 59.45 -35.21
C PRO B 485 -43.32 60.07 -33.85
N ARG B 486 -42.22 60.16 -33.11
CA ARG B 486 -42.27 60.83 -31.82
C ARG B 486 -42.73 62.26 -31.97
N PHE B 487 -42.08 63.01 -32.85
CA PHE B 487 -42.45 64.40 -33.04
C PHE B 487 -43.84 64.52 -33.63
N GLN B 488 -44.20 63.60 -34.53
CA GLN B 488 -45.55 63.58 -35.07
C GLN B 488 -46.58 63.51 -33.95
N ARG B 489 -46.39 62.57 -33.04
CA ARG B 489 -47.35 62.39 -31.96
C ARG B 489 -47.33 63.60 -31.03
N LEU B 490 -46.16 64.19 -30.81
CA LEU B 490 -46.06 65.32 -29.91
C LEU B 490 -46.84 66.52 -30.45
N PHE B 491 -46.62 66.86 -31.71
CA PHE B 491 -47.38 67.96 -32.30
C PHE B 491 -48.87 67.62 -32.37
N GLN B 492 -49.23 66.37 -32.68
CA GLN B 492 -50.63 66.03 -32.73
C GLN B 492 -51.29 66.20 -31.37
N CYS B 493 -50.58 65.80 -30.31
CA CYS B 493 -51.10 65.99 -28.96
C CYS B 493 -51.28 67.46 -28.64
N LEU B 494 -50.26 68.27 -28.94
CA LEU B 494 -50.36 69.69 -28.64
C LEU B 494 -51.53 70.32 -29.38
N LEU B 495 -51.75 69.91 -30.63
CA LEU B 495 -52.93 70.35 -31.36
C LEU B 495 -54.19 69.93 -30.62
N HIS B 496 -54.41 68.62 -30.52
CA HIS B 496 -55.69 68.10 -30.06
C HIS B 496 -56.05 68.62 -28.68
N ARG B 497 -55.08 68.98 -27.86
CA ARG B 497 -55.43 69.59 -26.58
C ARG B 497 -55.29 71.10 -26.60
N ALA B 498 -54.90 71.67 -27.73
CA ALA B 498 -54.98 73.12 -27.90
C ALA B 498 -56.32 73.52 -28.53
N LEU B 499 -56.69 72.88 -29.63
CA LEU B 499 -57.96 73.15 -30.30
C LEU B 499 -59.16 72.90 -29.41
N HIS B 500 -59.01 72.09 -28.37
CA HIS B 500 -60.05 71.79 -27.41
C HIS B 500 -59.64 72.28 -26.03
N PRO B 501 -60.58 72.56 -25.16
CA PRO B 501 -60.28 72.62 -23.74
C PRO B 501 -60.07 71.21 -23.22
N ARG B 502 -60.02 71.03 -21.90
CA ARG B 502 -59.73 69.73 -21.34
C ARG B 502 -60.63 68.64 -21.91
N GLU B 503 -60.04 67.74 -22.69
CA GLU B 503 -60.68 66.57 -23.27
C GLU B 503 -59.67 65.43 -23.24
N PRO B 504 -60.13 64.19 -23.20
CA PRO B 504 -59.20 63.07 -23.24
C PRO B 504 -58.44 63.01 -24.55
N LEU B 505 -57.24 62.46 -24.48
CA LEU B 505 -56.32 62.37 -25.62
C LEU B 505 -56.84 61.41 -26.68
N PRO B 506 -56.49 61.61 -27.94
CA PRO B 506 -56.93 60.70 -29.00
C PRO B 506 -55.92 59.59 -29.19
N PRO B 507 -56.29 58.55 -29.94
CA PRO B 507 -55.31 57.51 -30.27
C PRO B 507 -54.37 57.96 -31.37
N ILE B 508 -53.47 57.07 -31.80
CA ILE B 508 -52.57 57.41 -32.90
C ILE B 508 -53.38 57.54 -34.18
N GLN B 509 -53.18 58.65 -34.89
CA GLN B 509 -53.86 58.82 -36.16
C GLN B 509 -53.45 57.74 -37.14
N GLN B 510 -54.45 57.16 -37.82
CA GLN B 510 -54.22 55.95 -38.61
C GLN B 510 -53.19 56.18 -39.70
N HIS B 511 -53.05 57.42 -40.17
CA HIS B 511 -52.05 57.68 -41.18
C HIS B 511 -50.65 57.54 -40.62
N ILE B 512 -50.46 57.86 -39.33
CA ILE B 512 -49.17 57.61 -38.70
C ILE B 512 -48.85 56.12 -38.68
N TRP B 513 -49.85 55.29 -38.34
CA TRP B 513 -49.61 53.86 -38.28
C TRP B 513 -49.33 53.28 -39.66
N ASN B 514 -50.13 53.67 -40.65
CA ASN B 514 -49.85 53.25 -42.01
C ASN B 514 -48.48 53.74 -42.45
N MET B 515 -48.06 54.88 -41.93
CA MET B 515 -46.73 55.41 -42.20
C MET B 515 -45.66 54.51 -41.61
N LEU B 516 -45.86 54.07 -40.37
CA LEU B 516 -44.85 53.28 -39.67
C LEU B 516 -44.83 51.85 -40.17
N ASN B 517 -45.99 51.29 -40.45
CA ASN B 517 -46.08 49.92 -40.90
C ASN B 517 -45.48 49.80 -42.30
N PRO B 518 -45.05 48.60 -42.70
CA PRO B 518 -44.49 48.44 -44.03
C PRO B 518 -45.56 48.62 -45.09
N PRO B 519 -45.19 48.99 -46.30
CA PRO B 519 -46.19 49.08 -47.38
C PRO B 519 -46.91 47.75 -47.55
N ALA B 520 -48.22 47.83 -47.81
CA ALA B 520 -49.12 46.69 -47.66
C ALA B 520 -48.67 45.47 -48.44
N GLU B 521 -48.19 45.63 -49.66
CA GLU B 521 -47.91 44.48 -50.53
C GLU B 521 -46.95 43.51 -49.87
N VAL B 522 -45.97 44.03 -49.12
CA VAL B 522 -45.05 43.15 -48.40
C VAL B 522 -45.82 42.31 -47.39
N THR B 523 -46.74 42.92 -46.65
CA THR B 523 -47.53 42.15 -45.69
C THR B 523 -48.39 41.12 -46.41
N THR B 524 -48.93 41.49 -47.58
CA THR B 524 -49.73 40.54 -48.35
C THR B 524 -48.91 39.33 -48.76
N LYS B 525 -47.68 39.54 -49.22
CA LYS B 525 -46.87 38.43 -49.70
C LYS B 525 -46.48 37.51 -48.56
N SER B 526 -46.68 37.93 -47.32
CA SER B 526 -46.07 37.25 -46.19
C SER B 526 -46.96 36.17 -45.56
N GLN B 527 -48.24 36.09 -45.89
CA GLN B 527 -49.11 35.15 -45.18
C GLN B 527 -48.64 33.71 -45.37
N ILE B 528 -48.44 33.30 -46.63
CA ILE B 528 -48.09 31.91 -46.92
C ILE B 528 -46.75 31.51 -46.27
N PRO B 529 -45.68 32.29 -46.40
CA PRO B 529 -44.41 31.83 -45.81
C PRO B 529 -44.45 31.75 -44.28
N LEU B 530 -45.07 32.73 -43.62
CA LEU B 530 -45.23 32.63 -42.18
C LEU B 530 -46.12 31.45 -41.81
N SER B 531 -47.11 31.15 -42.64
CA SER B 531 -47.94 29.98 -42.40
C SER B 531 -47.11 28.72 -42.44
N LYS B 532 -46.21 28.61 -43.41
CA LYS B 532 -45.36 27.43 -43.46
C LYS B 532 -44.33 27.44 -42.35
N ILE B 533 -44.01 28.61 -41.79
CA ILE B 533 -43.20 28.63 -40.57
C ILE B 533 -43.94 27.95 -39.44
N LYS B 534 -45.20 28.33 -39.22
CA LYS B 534 -45.86 27.95 -37.97
C LYS B 534 -45.98 26.45 -37.78
N THR B 535 -45.73 25.66 -38.82
CA THR B 535 -45.77 24.21 -38.69
C THR B 535 -44.38 23.59 -38.61
N LEU B 536 -43.32 24.38 -38.43
CA LEU B 536 -41.98 23.83 -38.53
C LEU B 536 -41.07 24.19 -37.35
N PHE B 537 -41.59 24.73 -36.26
CA PHE B 537 -40.74 25.13 -35.14
C PHE B 537 -41.53 25.00 -33.85
N PRO B 538 -40.85 24.88 -32.72
CA PRO B 538 -41.52 24.95 -31.42
C PRO B 538 -41.61 26.38 -30.88
N LEU B 539 -42.74 26.67 -30.24
CA LEU B 539 -43.06 28.02 -29.79
C LEU B 539 -43.61 27.99 -28.37
N ILE B 540 -42.89 27.33 -27.46
CA ILE B 540 -43.33 27.23 -26.07
C ILE B 540 -43.52 28.63 -25.47
N GLU B 541 -44.32 28.69 -24.41
CA GLU B 541 -44.99 29.89 -23.94
C GLU B 541 -44.02 30.98 -23.45
N MET E 1 79.80 43.05 -16.24
CA MET E 1 80.66 42.10 -15.57
C MET E 1 80.14 41.80 -14.17
N GLU E 2 79.87 40.52 -13.92
CA GLU E 2 79.31 40.10 -12.65
C GLU E 2 80.29 39.22 -11.92
N ARG E 3 80.43 39.49 -10.63
CA ARG E 3 81.15 38.60 -9.76
C ARG E 3 80.19 38.09 -8.70
N LYS E 4 80.45 36.88 -8.23
CA LYS E 4 79.62 36.28 -7.22
C LYS E 4 80.47 35.25 -6.50
N ILE E 5 80.58 35.41 -5.22
CA ILE E 5 81.39 34.55 -4.38
C ILE E 5 80.46 33.83 -3.43
N SER E 6 80.78 32.58 -3.09
CA SER E 6 79.85 31.79 -2.28
C SER E 6 80.61 30.91 -1.29
N ARG E 7 80.21 31.02 -0.02
CA ARG E 7 80.77 30.20 1.07
C ARG E 7 80.22 28.79 0.93
N ILE E 8 81.12 27.81 0.81
CA ILE E 8 80.70 26.45 0.58
C ILE E 8 81.48 25.53 1.52
N HIS E 9 81.02 24.29 1.57
CA HIS E 9 81.70 23.23 2.28
C HIS E 9 81.79 22.04 1.34
N LEU E 10 83.01 21.62 1.05
CA LEU E 10 83.19 20.36 0.37
C LEU E 10 82.84 19.23 1.32
N VAL E 11 82.31 18.15 0.77
CA VAL E 11 82.01 16.97 1.58
C VAL E 11 83.29 16.39 2.17
N SER E 12 84.39 16.47 1.42
CA SER E 12 85.67 15.98 1.92
C SER E 12 86.12 16.77 3.13
N GLU E 13 85.68 18.02 3.28
CA GLU E 13 86.07 18.88 4.38
C GLU E 13 84.84 19.47 5.03
N PRO E 14 84.20 18.71 5.94
CA PRO E 14 83.02 19.24 6.64
C PRO E 14 83.30 20.47 7.48
N SER E 15 84.46 20.53 8.15
CA SER E 15 84.78 21.63 9.05
C SER E 15 85.42 22.82 8.34
N ILE E 16 85.86 22.66 7.10
CA ILE E 16 86.46 23.74 6.34
C ILE E 16 85.39 24.39 5.48
N THR E 17 85.19 25.68 5.66
CA THR E 17 84.39 26.44 4.71
C THR E 17 85.23 26.74 3.48
N HIS E 18 84.73 26.31 2.35
CA HIS E 18 85.35 26.64 1.09
C HIS E 18 84.53 27.73 0.44
N PHE E 19 85.17 28.48 -0.44
CA PHE E 19 84.56 29.69 -0.98
C PHE E 19 84.57 29.62 -2.50
N LEU E 20 83.39 29.67 -3.08
CA LEU E 20 83.25 29.56 -4.53
C LEU E 20 83.02 30.94 -5.11
N GLN E 21 83.98 31.41 -5.91
CA GLN E 21 83.92 32.72 -6.53
C GLN E 21 83.57 32.56 -8.00
N VAL E 22 82.63 33.36 -8.47
CA VAL E 22 82.21 33.30 -9.86
C VAL E 22 82.32 34.69 -10.47
N SER E 23 82.91 34.74 -11.65
CA SER E 23 83.01 35.97 -12.43
C SER E 23 82.54 35.66 -13.85
N TRP E 24 81.70 36.53 -14.38
CA TRP E 24 81.06 36.31 -15.66
C TRP E 24 80.38 37.61 -16.08
N GLU E 25 80.08 37.71 -17.37
CA GLU E 25 79.60 38.94 -18.00
C GLU E 25 78.08 38.86 -18.13
N LYS E 26 77.38 39.09 -17.02
CA LYS E 26 75.94 39.25 -17.01
C LYS E 26 75.24 37.91 -17.28
N THR E 27 76.00 36.91 -17.71
CA THR E 27 75.44 35.70 -18.28
C THR E 27 76.37 34.53 -17.97
N LEU E 28 75.90 33.62 -17.12
CA LEU E 28 76.69 32.44 -16.80
C LEU E 28 76.80 31.50 -17.99
N GLU E 29 75.86 31.59 -18.94
CA GLU E 29 75.88 30.71 -20.10
C GLU E 29 77.08 30.98 -21.00
N SER E 30 77.49 32.24 -21.12
CA SER E 30 78.56 32.62 -22.03
C SER E 30 79.91 32.04 -21.63
N GLY E 31 80.06 31.58 -20.39
CA GLY E 31 81.34 31.14 -19.89
C GLY E 31 81.77 31.97 -18.68
N PHE E 32 82.63 31.35 -17.87
CA PHE E 32 83.02 31.97 -16.60
C PHE E 32 84.33 31.38 -16.13
N VAL E 33 84.97 32.10 -15.21
CA VAL E 33 86.15 31.62 -14.51
C VAL E 33 85.78 31.38 -13.05
N ILE E 34 86.28 30.29 -12.48
CA ILE E 34 85.90 29.85 -11.15
C ILE E 34 87.15 29.75 -10.29
N THR E 35 87.03 30.10 -9.02
CA THR E 35 88.13 30.01 -8.07
C THR E 35 87.63 29.47 -6.74
N LEU E 36 88.33 28.48 -6.22
CA LEU E 36 88.00 27.89 -4.93
C LEU E 36 89.19 28.08 -4.00
N THR E 37 88.91 28.18 -2.70
CA THR E 37 89.94 28.35 -1.71
C THR E 37 89.44 27.85 -0.37
N ASP E 38 90.38 27.74 0.59
CA ASP E 38 90.05 27.36 1.97
C ASP E 38 90.89 28.13 2.98
N GLY E 39 91.38 29.31 2.62
CA GLY E 39 92.18 30.12 3.51
C GLY E 39 93.66 29.77 3.58
N HIS E 40 94.04 28.57 3.19
CA HIS E 40 95.47 28.40 3.03
C HIS E 40 95.87 28.30 1.56
N SER E 41 95.04 27.68 0.71
CA SER E 41 95.36 27.46 -0.70
C SER E 41 94.15 27.77 -1.56
N ALA E 42 94.39 27.97 -2.85
CA ALA E 42 93.32 28.33 -3.79
C ALA E 42 93.50 27.58 -5.10
N TRP E 43 92.40 27.47 -5.84
CA TRP E 43 92.41 26.78 -7.12
C TRP E 43 91.54 27.53 -8.09
N THR E 44 91.80 27.35 -9.37
CA THR E 44 91.05 28.04 -10.41
C THR E 44 90.79 27.10 -11.57
N GLY E 45 89.67 27.33 -12.24
CA GLY E 45 89.32 26.58 -13.42
C GLY E 45 88.54 27.46 -14.36
N THR E 46 88.10 26.86 -15.47
CA THR E 46 87.40 27.61 -16.51
C THR E 46 86.43 26.71 -17.26
N VAL E 47 85.30 27.29 -17.66
CA VAL E 47 84.26 26.60 -18.42
C VAL E 47 83.73 27.54 -19.50
N SER E 48 83.40 26.99 -20.67
CA SER E 48 82.97 27.78 -21.83
C SER E 48 81.48 27.59 -22.10
N GLU E 49 80.96 28.41 -23.02
CA GLU E 49 79.56 28.33 -23.39
C GLU E 49 79.22 26.97 -23.99
N SER E 50 80.06 26.51 -24.91
CA SER E 50 79.81 25.23 -25.56
C SER E 50 79.87 24.09 -24.56
N GLU E 51 80.71 24.20 -23.53
CA GLU E 51 80.69 23.21 -22.46
C GLU E 51 79.32 23.18 -21.80
N ILE E 52 78.72 24.34 -21.57
CA ILE E 52 77.41 24.40 -20.95
C ILE E 52 76.35 23.87 -21.91
N SER E 53 76.50 24.16 -23.21
CA SER E 53 75.58 23.60 -24.19
C SER E 53 75.62 22.08 -24.14
N GLN E 54 76.83 21.52 -24.14
CA GLN E 54 76.99 20.08 -24.11
C GLN E 54 76.43 19.50 -22.82
N GLU E 55 76.69 20.17 -21.69
CA GLU E 55 76.14 19.69 -20.42
C GLU E 55 74.62 19.74 -20.42
N ALA E 56 74.04 20.84 -20.91
CA ALA E 56 72.59 21.02 -20.89
C ALA E 56 71.91 20.08 -21.88
N ASP E 57 72.63 19.66 -22.90
CA ASP E 57 72.00 18.83 -23.93
C ASP E 57 72.25 17.34 -23.67
N ASP E 58 73.35 17.00 -22.99
CA ASP E 58 73.49 15.66 -22.43
C ASP E 58 72.55 15.49 -21.25
N MET E 59 72.14 16.60 -20.63
CA MET E 59 70.97 16.56 -19.77
C MET E 59 69.78 16.05 -20.56
N ALA E 60 69.53 16.64 -21.74
CA ALA E 60 68.24 16.72 -22.43
C ALA E 60 67.31 17.69 -21.72
N MET E 61 67.85 18.82 -21.25
CA MET E 61 67.09 20.02 -20.94
C MET E 61 67.48 21.19 -21.81
N GLU E 62 66.49 22.04 -22.05
CA GLU E 62 66.69 23.36 -22.61
C GLU E 62 67.81 24.08 -21.89
N LYS E 63 68.78 24.53 -22.65
CA LYS E 63 69.77 25.46 -22.12
C LYS E 63 69.06 26.75 -21.69
N GLY E 64 69.57 27.38 -20.63
CA GLY E 64 68.85 28.47 -20.00
C GLY E 64 68.08 28.04 -18.76
N LYS E 65 67.24 27.02 -18.86
CA LYS E 65 66.67 26.41 -17.67
C LYS E 65 67.77 25.82 -16.80
N TYR E 66 68.66 25.03 -17.41
CA TYR E 66 69.85 24.57 -16.70
C TYR E 66 70.71 25.74 -16.27
N VAL E 67 70.65 26.86 -17.00
CA VAL E 67 71.36 28.06 -16.57
C VAL E 67 70.73 28.66 -15.32
N GLY E 68 69.40 28.68 -15.24
CA GLY E 68 68.76 29.14 -14.03
C GLY E 68 69.14 28.26 -12.85
N GLU E 69 69.12 26.95 -13.08
CA GLU E 69 69.62 26.00 -12.08
C GLU E 69 71.02 26.35 -11.65
N LEU E 70 71.89 26.65 -12.60
CA LEU E 70 73.27 27.02 -12.28
C LEU E 70 73.30 28.31 -11.47
N ARG E 71 72.40 29.24 -11.79
CA ARG E 71 72.30 30.45 -10.99
C ARG E 71 71.92 30.10 -9.56
N LYS E 72 71.07 29.11 -9.41
CA LYS E 72 70.68 28.67 -8.09
C LYS E 72 71.83 27.99 -7.37
N ALA E 73 72.64 27.23 -8.10
CA ALA E 73 73.63 26.37 -7.47
C ALA E 73 74.91 27.12 -7.15
N LEU E 74 75.49 27.79 -8.14
CA LEU E 74 76.79 28.44 -8.00
C LEU E 74 76.69 29.90 -7.57
N LEU E 75 75.62 30.60 -7.92
CA LEU E 75 75.45 31.99 -7.50
C LEU E 75 74.50 32.10 -6.32
N SER E 76 74.37 31.00 -5.56
CA SER E 76 73.56 30.97 -4.36
C SER E 76 72.10 31.31 -4.62
N GLY E 77 71.61 31.05 -5.83
CA GLY E 77 70.19 31.24 -6.05
C GLY E 77 69.34 30.08 -5.60
N ALA E 78 69.92 29.14 -4.86
CA ALA E 78 69.19 27.99 -4.37
C ALA E 78 68.15 28.41 -3.34
N GLY E 79 67.00 27.72 -3.36
CA GLY E 79 65.96 27.97 -2.39
C GLY E 79 66.01 27.00 -1.23
N PRO E 80 65.05 27.14 -0.31
CA PRO E 80 65.00 26.22 0.84
C PRO E 80 64.81 24.77 0.44
N ALA E 81 64.05 24.49 -0.62
CA ALA E 81 63.90 23.12 -1.09
C ALA E 81 65.13 22.67 -1.88
N ASP E 82 66.01 23.60 -2.23
CA ASP E 82 67.19 23.28 -3.02
C ASP E 82 68.33 22.82 -2.13
N VAL E 83 68.85 21.62 -2.41
CA VAL E 83 70.00 21.06 -1.70
C VAL E 83 71.01 20.62 -2.75
N TYR E 84 71.95 21.49 -3.07
CA TYR E 84 73.08 21.17 -3.92
C TYR E 84 74.21 20.62 -3.06
N THR E 85 75.13 19.90 -3.69
CA THR E 85 76.28 19.44 -2.93
C THR E 85 77.50 19.41 -3.83
N PHE E 86 78.65 19.69 -3.23
CA PHE E 86 79.86 20.04 -3.94
C PHE E 86 80.95 19.05 -3.59
N ASN E 87 81.69 18.60 -4.59
CA ASN E 87 82.77 17.68 -4.32
C ASN E 87 83.98 18.06 -5.15
N PHE E 88 85.14 18.01 -4.52
CA PHE E 88 86.39 18.39 -5.18
C PHE E 88 87.53 17.61 -4.54
N SER E 89 88.43 17.11 -5.37
CA SER E 89 89.66 16.48 -4.91
C SER E 89 90.84 17.39 -5.23
N LYS E 90 91.52 17.87 -4.19
CA LYS E 90 92.66 18.75 -4.40
C LYS E 90 93.81 18.05 -5.12
N GLU E 91 93.94 16.73 -4.91
CA GLU E 91 95.01 15.99 -5.56
C GLU E 91 94.80 15.93 -7.07
N SER E 92 93.57 15.68 -7.51
CA SER E 92 93.26 15.54 -8.93
C SER E 92 92.82 16.85 -9.59
N CYS E 93 92.56 17.90 -8.81
CA CYS E 93 92.09 19.17 -9.35
C CYS E 93 90.86 18.96 -10.23
N TYR E 94 89.94 18.12 -9.77
CA TYR E 94 88.70 17.85 -10.50
C TYR E 94 87.51 18.17 -9.62
N PHE E 95 86.69 19.11 -10.08
CA PHE E 95 85.50 19.46 -9.33
C PHE E 95 84.26 18.87 -9.99
N PHE E 96 83.25 18.65 -9.16
CA PHE E 96 81.90 18.43 -9.63
C PHE E 96 80.95 18.77 -8.50
N PHE E 97 79.69 18.95 -8.87
CA PHE E 97 78.68 19.49 -8.00
C PHE E 97 77.34 18.90 -8.37
N GLU E 98 76.51 18.67 -7.37
CA GLU E 98 75.36 17.82 -7.62
C GLU E 98 74.11 18.37 -6.95
N LYS E 99 73.01 17.65 -7.13
CA LYS E 99 71.70 18.07 -6.65
C LYS E 99 71.03 16.92 -5.92
N ASN E 100 70.50 17.21 -4.73
CA ASN E 100 69.97 16.20 -3.83
C ASN E 100 68.45 16.19 -3.86
N LEU E 101 67.88 15.25 -4.61
CA LEU E 101 66.46 14.96 -4.46
C LEU E 101 66.26 13.44 -4.47
N LYS E 102 65.07 13.04 -4.02
CA LYS E 102 64.71 11.63 -3.87
C LYS E 102 65.70 10.89 -2.99
N ASP E 103 66.19 11.53 -1.94
CA ASP E 103 67.17 10.95 -1.01
C ASP E 103 68.44 10.53 -1.73
N VAL E 104 68.66 11.04 -2.93
CA VAL E 104 69.81 10.65 -3.74
C VAL E 104 70.46 11.90 -4.32
N SER E 105 71.77 11.87 -4.45
CA SER E 105 72.53 12.92 -5.11
C SER E 105 72.37 12.81 -6.63
N PHE E 106 72.41 13.96 -7.31
CA PHE E 106 72.26 13.99 -8.77
C PHE E 106 73.15 15.09 -9.34
N ARG E 107 74.22 14.67 -10.02
CA ARG E 107 75.31 15.60 -10.29
C ARG E 107 74.96 16.51 -11.45
N LEU E 108 75.37 17.76 -11.31
CA LEU E 108 75.02 18.80 -12.26
C LEU E 108 76.11 19.06 -13.28
N GLY E 109 77.34 19.24 -12.82
CA GLY E 109 78.44 19.47 -13.73
C GLY E 109 79.73 19.20 -12.99
N SER E 110 80.82 19.40 -13.72
CA SER E 110 82.11 18.98 -13.22
C SER E 110 83.19 19.66 -14.00
N PHE E 111 84.19 20.16 -13.28
CA PHE E 111 85.14 21.05 -13.88
C PHE E 111 86.54 20.54 -13.65
N ASN E 112 87.38 20.74 -14.66
CA ASN E 112 88.81 20.56 -14.55
C ASN E 112 89.37 21.76 -13.81
N LEU E 113 90.11 21.51 -12.73
CA LEU E 113 90.65 22.61 -11.96
C LEU E 113 92.16 22.61 -12.02
N GLU E 114 92.75 23.65 -11.45
CA GLU E 114 94.19 23.73 -11.25
C GLU E 114 94.48 24.58 -10.03
N LYS E 115 95.46 24.14 -9.24
CA LYS E 115 95.90 24.93 -8.11
C LYS E 115 96.60 26.19 -8.59
N VAL E 116 96.29 27.31 -7.94
CA VAL E 116 96.91 28.58 -8.30
C VAL E 116 98.26 28.67 -7.61
N GLU E 117 99.23 29.29 -8.30
CA GLU E 117 100.56 29.46 -7.73
C GLU E 117 100.60 30.63 -6.75
N ASN E 118 99.60 31.51 -6.79
CA ASN E 118 99.56 32.70 -5.95
C ASN E 118 98.21 32.78 -5.25
N PRO E 119 97.98 31.92 -4.26
CA PRO E 119 96.71 31.97 -3.53
C PRO E 119 96.50 33.31 -2.84
N ALA E 120 97.54 33.82 -2.19
CA ALA E 120 97.39 35.03 -1.39
C ALA E 120 96.97 36.24 -2.23
N GLU E 121 97.40 36.30 -3.48
CA GLU E 121 97.04 37.43 -4.34
C GLU E 121 95.56 37.40 -4.73
N VAL E 122 95.06 36.27 -5.18
CA VAL E 122 93.63 36.23 -5.46
C VAL E 122 92.87 36.53 -4.18
N ILE E 123 93.40 36.09 -3.04
CA ILE E 123 92.72 36.31 -1.77
C ILE E 123 92.63 37.81 -1.46
N ARG E 124 93.75 38.53 -1.55
CA ARG E 124 93.70 39.96 -1.32
C ARG E 124 92.66 40.58 -2.23
N GLU E 125 92.63 40.16 -3.49
CA GLU E 125 91.73 40.84 -4.42
C GLU E 125 90.29 40.64 -4.01
N LEU E 126 89.92 39.38 -3.83
CA LEU E 126 88.57 39.06 -3.40
C LEU E 126 88.18 39.87 -2.17
N ILE E 127 89.03 39.88 -1.16
CA ILE E 127 88.58 40.46 0.10
C ILE E 127 88.61 41.98 0.07
N CYS E 128 89.51 42.59 -0.70
CA CYS E 128 89.40 44.02 -0.89
C CYS E 128 88.06 44.36 -1.49
N TYR E 129 87.69 43.62 -2.53
CA TYR E 129 86.38 43.80 -3.14
C TYR E 129 85.29 43.70 -2.09
N CYS E 130 85.34 42.65 -1.28
CA CYS E 130 84.28 42.42 -0.31
C CYS E 130 84.19 43.56 0.69
N LEU E 131 85.35 44.05 1.15
CA LEU E 131 85.37 45.18 2.05
C LEU E 131 84.62 46.33 1.44
N ASP E 132 84.93 46.63 0.20
CA ASP E 132 84.27 47.72 -0.49
C ASP E 132 82.77 47.51 -0.46
N THR E 133 82.36 46.30 -0.80
CA THR E 133 80.95 45.97 -0.88
C THR E 133 80.24 46.28 0.41
N ILE E 134 80.78 45.84 1.55
CA ILE E 134 80.12 45.99 2.85
C ILE E 134 80.00 47.46 3.11
N ALA E 135 81.12 48.15 2.91
CA ALA E 135 81.15 49.56 3.27
C ALA E 135 80.05 50.32 2.55
N GLU E 136 79.80 49.96 1.29
CA GLU E 136 78.76 50.64 0.54
C GLU E 136 77.42 50.53 1.24
N ASN E 137 77.02 49.31 1.55
CA ASN E 137 75.74 49.08 2.22
C ASN E 137 75.69 49.82 3.52
N GLN E 138 76.83 49.90 4.20
CA GLN E 138 76.87 50.66 5.44
C GLN E 138 76.45 52.10 5.21
N ALA E 139 77.09 52.76 4.25
CA ALA E 139 76.78 54.15 4.01
C ALA E 139 75.32 54.32 3.64
N LYS E 140 74.83 53.42 2.78
CA LYS E 140 73.45 53.49 2.34
C LYS E 140 72.50 53.43 3.52
N ASN E 141 72.74 52.48 4.42
CA ASN E 141 71.88 52.34 5.58
C ASN E 141 71.87 53.60 6.40
N GLU E 142 73.05 54.23 6.55
CA GLU E 142 73.14 55.48 7.28
C GLU E 142 72.17 56.53 6.72
N HIS E 143 72.29 56.76 5.42
CA HIS E 143 71.45 57.79 4.81
C HIS E 143 69.98 57.46 5.04
N LEU E 144 69.63 56.21 4.78
CA LEU E 144 68.26 55.76 4.92
C LEU E 144 67.72 56.09 6.29
N GLN E 145 68.51 55.80 7.33
CA GLN E 145 68.14 56.18 8.67
C GLN E 145 67.83 57.67 8.76
N LYS E 146 68.70 58.50 8.19
CA LYS E 146 68.49 59.94 8.32
C LYS E 146 67.13 60.36 7.81
N GLU E 147 66.76 59.87 6.62
CA GLU E 147 65.47 60.34 6.12
C GLU E 147 64.31 59.70 6.85
N ASN E 148 64.48 58.46 7.34
CA ASN E 148 63.46 57.90 8.22
C ASN E 148 63.18 58.84 9.38
N GLU E 149 64.25 59.37 9.98
CA GLU E 149 64.10 60.38 11.03
C GLU E 149 63.28 61.56 10.56
N ARG E 150 63.66 62.14 9.43
CA ARG E 150 63.00 63.35 9.00
C ARG E 150 61.49 63.13 8.82
N LEU E 151 61.13 62.04 8.16
CA LEU E 151 59.71 61.76 7.91
C LEU E 151 58.96 61.52 9.20
N LEU E 152 59.56 60.79 10.15
CA LEU E 152 58.83 60.53 11.39
C LEU E 152 58.54 61.82 12.13
N ARG E 153 59.46 62.79 12.06
CA ARG E 153 59.14 64.10 12.62
C ARG E 153 57.94 64.73 11.92
N ASP E 154 58.02 64.80 10.60
CA ASP E 154 57.03 65.55 9.84
C ASP E 154 55.63 65.00 10.06
N TRP E 155 55.51 63.68 10.17
CA TRP E 155 54.20 63.06 10.30
C TRP E 155 53.49 63.50 11.58
N ASN E 156 54.20 63.45 12.71
CA ASN E 156 53.61 63.89 13.97
C ASN E 156 53.21 65.35 13.89
N ASP E 157 54.09 66.18 13.34
CA ASP E 157 53.82 67.61 13.29
C ASP E 157 52.50 67.88 12.56
N VAL E 158 52.39 67.34 11.33
CA VAL E 158 51.23 67.64 10.51
C VAL E 158 49.96 67.05 11.10
N GLN E 159 50.04 65.86 11.73
CA GLN E 159 48.85 65.28 12.33
C GLN E 159 48.30 66.18 13.45
N GLY E 160 49.18 66.59 14.37
CA GLY E 160 48.72 67.46 15.44
C GLY E 160 48.11 68.74 14.92
N ARG E 161 48.78 69.36 13.95
CA ARG E 161 48.27 70.62 13.41
C ARG E 161 46.92 70.46 12.73
N PHE E 162 46.74 69.38 11.96
CA PHE E 162 45.46 69.17 11.28
C PHE E 162 44.34 69.00 12.29
N GLU E 163 44.62 68.30 13.39
CA GLU E 163 43.60 68.20 14.44
C GLU E 163 43.25 69.57 15.00
N LYS E 164 44.27 70.39 15.29
CA LYS E 164 44.01 71.69 15.87
C LYS E 164 43.20 72.56 14.93
N CYS E 165 43.50 72.47 13.64
CA CYS E 165 42.77 73.22 12.63
C CYS E 165 41.31 72.79 12.57
N VAL E 166 41.04 71.48 12.65
CA VAL E 166 39.65 71.02 12.68
C VAL E 166 38.94 71.60 13.88
N SER E 167 39.64 71.64 15.02
CA SER E 167 39.08 72.23 16.24
C SER E 167 38.67 73.68 16.00
N ALA E 168 39.59 74.48 15.46
CA ALA E 168 39.28 75.90 15.25
C ALA E 168 38.15 76.08 14.23
N LYS E 169 38.12 75.24 13.19
CA LYS E 169 37.07 75.31 12.19
C LYS E 169 35.71 75.09 12.83
N GLU E 170 35.63 74.14 13.77
CA GLU E 170 34.38 73.98 14.50
C GLU E 170 34.12 75.14 15.47
N ALA E 171 35.17 75.84 15.91
CA ALA E 171 34.99 76.94 16.86
C ALA E 171 34.49 78.23 16.22
N LEU E 172 34.79 78.42 14.93
CA LEU E 172 34.66 79.74 14.32
C LEU E 172 33.23 80.30 14.33
N GLU E 173 32.25 79.47 13.97
CA GLU E 173 30.96 79.99 13.53
C GLU E 173 30.20 80.69 14.65
N THR E 174 30.30 80.17 15.86
CA THR E 174 29.64 80.83 16.99
C THR E 174 30.24 82.20 17.26
N ASP E 175 31.56 82.31 17.14
CA ASP E 175 32.20 83.60 17.22
C ASP E 175 31.56 84.56 16.24
N LEU E 176 31.43 84.09 15.01
CA LEU E 176 30.88 84.93 13.96
C LEU E 176 29.48 85.37 14.30
N TYR E 177 28.66 84.43 14.77
CA TYR E 177 27.24 84.70 14.93
C TYR E 177 26.97 85.58 16.15
N LYS E 178 27.77 85.43 17.21
CA LYS E 178 27.64 86.38 18.30
C LYS E 178 28.00 87.77 17.79
N ARG E 179 29.11 87.84 17.05
CA ARG E 179 29.57 89.11 16.52
C ARG E 179 28.47 89.78 15.70
N PHE E 180 27.76 89.00 14.91
CA PHE E 180 26.67 89.57 14.11
C PHE E 180 25.51 90.01 14.99
N ILE E 181 24.97 89.10 15.79
CA ILE E 181 23.68 89.33 16.45
C ILE E 181 23.76 90.55 17.36
N LEU E 182 24.95 90.84 17.90
CA LEU E 182 25.07 92.03 18.73
C LEU E 182 24.70 93.28 17.96
N VAL E 183 25.44 93.55 16.90
CA VAL E 183 25.18 94.72 16.07
C VAL E 183 23.76 94.67 15.54
N LEU E 184 23.28 93.48 15.22
CA LEU E 184 21.95 93.36 14.62
C LEU E 184 20.87 93.81 15.59
N ASN E 185 20.95 93.40 16.85
CA ASN E 185 19.98 93.92 17.80
C ASN E 185 20.13 95.42 17.98
N GLU E 186 21.36 95.93 17.93
CA GLU E 186 21.49 97.38 18.04
C GLU E 186 20.81 98.09 16.88
N LYS E 187 20.96 97.55 15.69
CA LYS E 187 20.29 98.12 14.55
C LYS E 187 18.78 97.99 14.70
N LYS E 188 18.33 96.91 15.34
CA LYS E 188 16.90 96.80 15.64
C LYS E 188 16.46 97.87 16.61
N THR E 189 17.34 98.25 17.54
CA THR E 189 17.05 99.38 18.42
C THR E 189 16.81 100.64 17.60
N LYS E 190 17.73 100.93 16.69
CA LYS E 190 17.57 102.10 15.82
C LYS E 190 16.30 101.99 14.98
N ILE E 191 16.03 100.77 14.46
CA ILE E 191 14.86 100.52 13.64
C ILE E 191 13.59 100.87 14.41
N ARG E 192 13.48 100.37 15.64
CA ARG E 192 12.29 100.63 16.43
C ARG E 192 12.16 102.12 16.75
N SER E 193 13.29 102.78 17.06
CA SER E 193 13.27 104.23 17.26
C SER E 193 12.64 104.94 16.05
N LEU E 194 13.23 104.77 14.87
CA LEU E 194 12.77 105.49 13.70
C LEU E 194 11.35 105.06 13.29
N HIS E 195 10.98 103.81 13.56
CA HIS E 195 9.68 103.31 13.13
C HIS E 195 8.57 103.86 14.01
N ASN E 196 8.78 103.93 15.33
CA ASN E 196 7.82 104.60 16.20
C ASN E 196 7.70 106.07 15.82
N LYS E 197 8.83 106.71 15.51
CA LYS E 197 8.77 108.11 15.09
C LYS E 197 7.97 108.27 13.81
N LEU E 198 8.13 107.37 12.83
CA LEU E 198 7.36 107.46 11.59
C LEU E 198 5.88 107.22 11.82
N LEU E 199 5.52 106.23 12.65
CA LEU E 199 4.12 105.99 12.94
C LEU E 199 3.49 107.17 13.66
N ASN E 200 4.28 107.86 14.50
CA ASN E 200 3.78 109.06 15.15
C ASN E 200 3.65 110.25 14.20
N ALA E 201 4.30 110.20 13.04
CA ALA E 201 4.24 111.30 12.09
C ALA E 201 4.40 110.80 10.64
N MET F 1 81.13 42.62 21.90
CA MET F 1 82.33 42.06 21.30
C MET F 1 82.39 42.54 19.86
N GLU F 2 83.17 43.58 19.61
CA GLU F 2 83.15 44.27 18.33
C GLU F 2 84.48 44.09 17.61
N ARG F 3 84.49 44.49 16.33
CA ARG F 3 85.55 44.09 15.42
C ARG F 3 85.49 44.98 14.19
N LYS F 4 86.65 45.22 13.60
CA LYS F 4 86.74 45.97 12.35
C LYS F 4 87.93 45.47 11.56
N ILE F 5 87.84 45.61 10.24
CA ILE F 5 88.86 45.13 9.30
C ILE F 5 89.14 46.23 8.29
N SER F 6 90.43 46.43 7.96
CA SER F 6 90.83 47.51 7.07
C SER F 6 92.00 47.08 6.21
N ARG F 7 91.97 47.50 4.94
CA ARG F 7 93.11 47.24 4.05
C ARG F 7 94.26 48.17 4.40
N ILE F 8 95.47 47.63 4.43
CA ILE F 8 96.66 48.40 4.78
C ILE F 8 97.84 47.94 3.93
N HIS F 9 98.94 48.66 4.06
CA HIS F 9 100.22 48.33 3.46
C HIS F 9 101.29 48.40 4.54
N LEU F 10 102.51 48.07 4.16
CA LEU F 10 103.68 48.30 5.00
C LEU F 10 104.81 48.82 4.13
N VAL F 11 105.54 49.80 4.64
CA VAL F 11 106.70 50.32 3.90
C VAL F 11 107.76 49.25 3.77
N SER F 12 107.81 48.30 4.71
CA SER F 12 108.74 47.20 4.60
C SER F 12 108.50 46.40 3.32
N GLU F 13 107.25 46.30 2.88
CA GLU F 13 106.91 45.74 1.56
C GLU F 13 105.88 46.65 0.90
N PRO F 14 106.32 47.76 0.32
CA PRO F 14 105.37 48.77 -0.15
C PRO F 14 104.49 48.31 -1.29
N SER F 15 104.86 47.24 -2.00
CA SER F 15 104.18 46.86 -3.22
C SER F 15 102.97 45.96 -3.00
N ILE F 16 102.71 45.51 -1.77
CA ILE F 16 101.60 44.59 -1.54
C ILE F 16 100.71 45.13 -0.45
N THR F 17 99.44 44.76 -0.52
CA THR F 17 98.45 45.20 0.46
C THR F 17 98.45 44.27 1.66
N HIS F 18 97.95 44.79 2.77
CA HIS F 18 97.79 44.01 3.98
C HIS F 18 96.45 44.36 4.59
N PHE F 19 96.02 43.54 5.54
CA PHE F 19 94.68 43.62 6.09
C PHE F 19 94.78 43.51 7.60
N LEU F 20 94.41 44.59 8.30
CA LEU F 20 94.48 44.62 9.75
C LEU F 20 93.12 44.31 10.35
N GLN F 21 93.09 43.29 11.22
CA GLN F 21 91.86 42.90 11.91
C GLN F 21 91.95 43.33 13.36
N VAL F 22 90.99 44.11 13.80
CA VAL F 22 90.85 44.49 15.19
C VAL F 22 89.55 43.88 15.68
N SER F 23 89.56 43.39 16.91
CA SER F 23 88.37 42.87 17.56
C SER F 23 88.43 43.24 19.04
N TRP F 24 87.45 44.01 19.49
CA TRP F 24 87.48 44.55 20.84
C TRP F 24 86.20 44.20 21.56
N GLU F 25 86.23 44.38 22.88
CA GLU F 25 85.10 44.07 23.73
C GLU F 25 84.41 45.36 24.15
N LYS F 26 83.37 45.75 23.40
CA LYS F 26 82.41 46.80 23.74
C LYS F 26 83.00 48.21 23.61
N THR F 27 84.32 48.31 23.46
CA THR F 27 85.04 49.57 23.29
C THR F 27 86.48 49.28 22.88
N LEU F 28 87.03 50.15 22.03
CA LEU F 28 88.45 50.12 21.76
C LEU F 28 89.24 50.46 23.02
N GLU F 29 88.70 51.31 23.87
CA GLU F 29 89.32 51.67 25.13
C GLU F 29 89.50 50.49 26.08
N SER F 30 88.64 49.47 25.96
CA SER F 30 88.71 48.32 26.85
C SER F 30 89.71 47.26 26.40
N GLY F 31 90.64 47.62 25.53
CA GLY F 31 91.50 46.63 24.93
C GLY F 31 90.81 45.86 23.83
N PHE F 32 91.61 45.08 23.10
CA PHE F 32 91.14 44.49 21.86
C PHE F 32 92.08 43.37 21.44
N VAL F 33 91.62 42.58 20.46
CA VAL F 33 92.43 41.58 19.81
C VAL F 33 92.71 42.05 18.39
N ILE F 34 93.97 42.37 18.12
CA ILE F 34 94.38 42.85 16.82
C ILE F 34 94.88 41.65 16.04
N THR F 35 94.70 41.70 14.72
CA THR F 35 95.14 40.62 13.86
C THR F 35 95.60 41.22 12.55
N LEU F 36 96.80 40.83 12.11
CA LEU F 36 97.37 41.27 10.85
C LEU F 36 97.66 40.07 9.96
N THR F 37 97.44 40.24 8.66
CA THR F 37 97.70 39.16 7.72
C THR F 37 98.00 39.73 6.34
N ASP F 38 98.96 39.11 5.65
CA ASP F 38 99.16 39.37 4.23
C ASP F 38 98.25 38.51 3.38
N GLY F 39 97.63 37.49 3.98
CA GLY F 39 96.87 36.49 3.27
C GLY F 39 97.48 35.09 3.31
N HIS F 40 98.65 34.91 3.93
CA HIS F 40 99.33 33.62 3.95
C HIS F 40 99.78 33.17 5.31
N SER F 41 100.12 34.09 6.21
CA SER F 41 100.55 33.73 7.55
C SER F 41 99.67 34.49 8.54
N ALA F 42 99.57 33.98 9.75
CA ALA F 42 98.69 34.53 10.77
C ALA F 42 99.53 35.35 11.75
N TRP F 43 99.04 36.54 12.09
CA TRP F 43 99.72 37.47 12.98
C TRP F 43 98.69 38.22 13.82
N THR F 44 98.91 38.28 15.13
CA THR F 44 97.88 38.71 16.07
C THR F 44 98.54 39.37 17.27
N GLY F 45 97.76 40.20 17.97
CA GLY F 45 98.22 40.77 19.22
C GLY F 45 97.05 41.10 20.12
N THR F 46 97.32 41.10 21.42
CA THR F 46 96.32 41.43 22.42
C THR F 46 96.88 42.51 23.34
N VAL F 47 96.21 43.66 23.36
CA VAL F 47 96.58 44.77 24.23
C VAL F 47 95.31 45.25 24.94
N SER F 48 95.31 45.19 26.26
CA SER F 48 94.10 45.41 27.04
C SER F 48 94.11 46.79 27.69
N GLU F 49 93.10 47.01 28.52
CA GLU F 49 92.80 48.29 29.16
C GLU F 49 94.02 48.98 29.75
N SER F 50 94.73 48.29 30.65
CA SER F 50 95.78 48.93 31.42
C SER F 50 96.85 49.52 30.51
N GLU F 51 97.37 48.72 29.58
CA GLU F 51 98.41 49.18 28.69
C GLU F 51 97.95 50.11 27.58
N ILE F 52 96.71 49.95 27.07
CA ILE F 52 96.24 50.89 26.07
C ILE F 52 96.03 52.27 26.69
N SER F 53 95.62 52.32 27.96
CA SER F 53 95.54 53.59 28.68
C SER F 53 96.90 54.11 29.10
N GLN F 54 97.84 53.21 29.41
CA GLN F 54 99.23 53.59 29.67
C GLN F 54 99.91 54.15 28.42
N GLU F 55 99.39 53.80 27.23
CA GLU F 55 99.89 54.41 26.00
C GLU F 55 99.85 55.93 26.10
N ALA F 56 98.65 56.50 26.21
CA ALA F 56 98.56 57.94 26.35
C ALA F 56 98.84 58.35 27.79
N ASP F 57 99.91 57.78 28.34
CA ASP F 57 100.61 58.24 29.53
C ASP F 57 102.08 58.24 29.17
N ASP F 58 102.45 57.33 28.28
CA ASP F 58 103.83 57.26 27.82
C ASP F 58 104.22 58.46 26.97
N MET F 59 103.32 58.93 26.11
CA MET F 59 103.54 60.20 25.41
C MET F 59 102.70 61.33 25.99
N ALA F 60 102.23 61.17 27.24
CA ALA F 60 101.90 62.29 28.13
C ALA F 60 100.60 62.99 27.75
N MET F 61 100.03 62.66 26.61
CA MET F 61 98.94 63.44 26.04
C MET F 61 97.59 62.73 26.17
N GLU F 62 96.52 63.44 25.84
CA GLU F 62 95.15 62.99 26.10
C GLU F 62 94.85 61.68 25.39
N LYS F 63 94.18 60.78 26.09
CA LYS F 63 93.67 59.57 25.44
C LYS F 63 92.63 59.91 24.38
N GLY F 64 91.97 61.07 24.49
CA GLY F 64 90.96 61.45 23.52
C GLY F 64 91.47 61.49 22.09
N LYS F 65 92.33 62.47 21.79
CA LYS F 65 92.86 62.53 20.43
C LYS F 65 93.89 61.43 20.17
N TYR F 66 94.44 60.81 21.21
CA TYR F 66 95.29 59.64 20.99
C TYR F 66 94.51 58.50 20.34
N VAL F 67 93.39 58.11 20.97
CA VAL F 67 92.57 57.04 20.41
C VAL F 67 91.91 57.52 19.13
N GLY F 68 91.66 58.82 19.00
CA GLY F 68 91.15 59.35 17.73
C GLY F 68 92.13 59.16 16.60
N GLU F 69 93.42 59.45 16.85
CA GLU F 69 94.43 59.26 15.83
C GLU F 69 94.68 57.78 15.57
N LEU F 70 94.51 56.94 16.59
CA LEU F 70 94.55 55.49 16.35
C LEU F 70 93.44 55.06 15.40
N ARG F 71 92.19 55.44 15.69
CA ARG F 71 91.07 55.00 14.87
C ARG F 71 91.07 55.67 13.50
N LYS F 72 91.74 56.81 13.36
CA LYS F 72 91.96 57.37 12.03
C LYS F 72 93.07 56.60 11.31
N ALA F 73 94.03 56.09 12.07
CA ALA F 73 95.11 55.30 11.49
C ALA F 73 94.70 53.84 11.36
N LEU F 74 94.33 53.22 12.49
CA LEU F 74 94.02 51.79 12.50
C LEU F 74 92.68 51.51 11.83
N LEU F 75 91.64 52.22 12.23
CA LEU F 75 90.30 52.01 11.70
C LEU F 75 90.03 52.82 10.43
N SER F 76 90.93 52.73 9.45
CA SER F 76 90.84 53.50 8.21
C SER F 76 90.67 54.99 8.48
N VAL F 83 98.65 61.96 7.87
CA VAL F 83 99.07 60.78 7.13
C VAL F 83 99.75 59.80 8.08
N TYR F 84 99.34 58.53 7.98
CA TYR F 84 99.86 57.47 8.84
C TYR F 84 100.67 56.46 8.02
N THR F 85 101.72 55.95 8.64
CA THR F 85 102.62 55.00 8.00
C THR F 85 102.80 53.79 8.91
N PHE F 86 102.65 52.60 8.34
CA PHE F 86 102.70 51.35 9.10
C PHE F 86 103.89 50.52 8.66
N ASN F 87 104.58 49.92 9.64
CA ASN F 87 105.71 49.05 9.38
C ASN F 87 105.67 47.86 10.32
N PHE F 88 106.05 46.70 9.82
CA PHE F 88 106.07 45.48 10.62
C PHE F 88 107.20 44.58 10.16
N SER F 89 107.85 43.95 11.13
CA SER F 89 108.89 42.96 10.88
C SER F 89 108.40 41.61 11.37
N LYS F 90 108.50 40.59 10.52
CA LYS F 90 107.91 39.29 10.84
C LYS F 90 108.69 38.57 11.95
N GLU F 91 110.02 38.53 11.84
CA GLU F 91 110.81 37.76 12.79
C GLU F 91 110.75 38.37 14.18
N SER F 92 110.97 39.69 14.30
CA SER F 92 110.85 40.34 15.59
C SER F 92 109.40 40.52 15.99
N CYS F 93 108.48 40.34 15.05
CA CYS F 93 107.05 40.57 15.21
C CYS F 93 106.76 41.96 15.78
N TYR F 94 107.62 42.93 15.48
CA TYR F 94 107.43 44.28 15.97
C TYR F 94 106.68 45.11 14.93
N PHE F 95 105.55 45.67 15.35
CA PHE F 95 104.73 46.52 14.50
C PHE F 95 104.68 47.92 15.11
N PHE F 96 104.81 48.94 14.25
CA PHE F 96 104.72 50.31 14.72
C PHE F 96 104.15 51.20 13.62
N PHE F 97 103.56 52.31 14.04
CA PHE F 97 103.01 53.30 13.12
C PHE F 97 103.23 54.69 13.70
N GLU F 98 103.27 55.67 12.81
CA GLU F 98 103.66 57.02 13.18
C GLU F 98 102.85 58.03 12.39
N LYS F 99 102.46 59.12 13.05
CA LYS F 99 101.70 60.19 12.42
C LYS F 99 102.68 61.11 11.70
N ASN F 100 102.54 61.21 10.38
CA ASN F 100 103.41 62.05 9.57
C ASN F 100 102.72 63.38 9.28
N LEU F 101 103.43 64.47 9.52
CA LEU F 101 102.96 65.81 9.25
C LEU F 101 103.86 66.45 8.19
N LYS F 102 103.62 67.73 7.93
CA LYS F 102 104.39 68.46 6.92
C LYS F 102 105.79 68.73 7.44
N ASP F 103 106.76 67.95 6.96
CA ASP F 103 108.18 68.06 7.28
C ASP F 103 108.49 67.77 8.75
N VAL F 104 107.53 67.27 9.52
CA VAL F 104 107.76 66.82 10.87
C VAL F 104 107.02 65.51 11.09
N SER F 105 107.54 64.69 12.00
CA SER F 105 106.96 63.39 12.27
C SER F 105 107.14 63.05 13.74
N PHE F 106 106.13 62.45 14.35
CA PHE F 106 106.17 62.08 15.75
C PHE F 106 105.45 60.75 15.94
N ARG F 107 106.05 59.89 16.77
CA ARG F 107 105.55 58.53 16.94
C ARG F 107 104.14 58.53 17.52
N LEU F 108 103.33 57.57 17.06
CA LEU F 108 101.94 57.45 17.51
C LEU F 108 101.73 56.17 18.31
N GLY F 109 102.17 55.01 17.82
CA GLY F 109 101.98 53.77 18.53
C GLY F 109 102.85 52.66 17.98
N SER F 110 102.95 51.58 18.76
CA SER F 110 103.76 50.43 18.38
C SER F 110 103.30 49.20 19.17
N PHE F 111 103.21 48.07 18.48
CA PHE F 111 102.80 46.81 19.09
C PHE F 111 103.87 45.76 18.84
N ASN F 112 104.19 44.99 19.87
CA ASN F 112 104.98 43.77 19.70
C ASN F 112 103.99 42.61 19.69
N LEU F 113 103.54 42.25 18.50
CA LEU F 113 102.54 41.21 18.37
C LEU F 113 103.17 39.83 18.59
N GLU F 114 102.36 38.79 18.38
CA GLU F 114 102.82 37.41 18.41
C GLU F 114 102.00 36.64 17.39
N LYS F 115 102.68 35.92 16.48
CA LYS F 115 101.95 35.30 15.39
C LYS F 115 101.17 34.08 15.87
N VAL F 116 100.25 33.63 15.01
CA VAL F 116 99.43 32.46 15.26
C VAL F 116 99.63 31.49 14.09
N GLU F 117 99.25 30.24 14.31
CA GLU F 117 99.56 29.12 13.44
C GLU F 117 98.74 29.06 12.17
N ASN F 118 97.58 29.73 12.09
CA ASN F 118 96.45 29.22 11.33
C ASN F 118 95.86 30.27 10.39
N PRO F 119 96.49 30.52 9.24
CA PRO F 119 95.97 31.56 8.35
C PRO F 119 94.59 31.29 7.79
N ALA F 120 94.31 30.05 7.41
CA ALA F 120 93.08 29.79 6.68
C ALA F 120 91.88 30.26 7.43
N GLU F 121 91.78 29.82 8.68
CA GLU F 121 90.61 30.05 9.50
C GLU F 121 90.38 31.52 9.73
N VAL F 122 91.44 32.27 10.02
CA VAL F 122 91.25 33.70 10.28
C VAL F 122 90.70 34.36 9.03
N ILE F 123 91.25 33.98 7.88
CA ILE F 123 90.69 34.46 6.62
C ILE F 123 89.23 34.10 6.54
N ARG F 124 88.94 32.85 6.85
CA ARG F 124 87.65 32.29 6.56
C ARG F 124 86.60 33.01 7.38
N GLU F 125 86.85 33.10 8.68
CA GLU F 125 85.97 33.84 9.56
C GLU F 125 85.84 35.27 9.14
N LEU F 126 86.95 35.92 8.80
CA LEU F 126 86.88 37.31 8.41
C LEU F 126 85.78 37.48 7.38
N ILE F 127 85.90 36.76 6.28
CA ILE F 127 84.93 36.96 5.22
C ILE F 127 83.58 36.39 5.61
N CYS F 128 83.56 35.35 6.44
CA CYS F 128 82.31 34.96 7.05
C CYS F 128 81.59 36.19 7.55
N TYR F 129 82.23 36.86 8.49
CA TYR F 129 81.72 38.09 9.05
C TYR F 129 81.29 39.05 7.97
N CYS F 130 82.15 39.26 6.97
CA CYS F 130 81.89 40.33 6.02
C CYS F 130 80.58 40.09 5.29
N LEU F 131 80.45 38.90 4.70
CA LEU F 131 79.27 38.64 3.91
C LEU F 131 78.07 38.54 4.80
N ASP F 132 78.29 38.18 6.04
CA ASP F 132 77.21 38.30 6.98
C ASP F 132 76.76 39.75 7.03
N THR F 133 77.74 40.61 7.21
CA THR F 133 77.51 42.01 7.54
C THR F 133 76.70 42.68 6.47
N ILE F 134 77.03 42.39 5.20
CA ILE F 134 76.35 42.99 4.07
C ILE F 134 74.91 42.57 4.17
N ALA F 135 74.69 41.30 4.37
CA ALA F 135 73.32 40.79 4.43
C ALA F 135 72.54 41.53 5.49
N GLU F 136 73.16 41.71 6.62
CA GLU F 136 72.55 42.51 7.67
C GLU F 136 72.17 43.87 7.10
N ASN F 137 73.14 44.52 6.46
CA ASN F 137 72.95 45.88 5.99
C ASN F 137 71.73 45.96 5.12
N GLN F 138 71.68 45.11 4.09
CA GLN F 138 70.61 45.18 3.13
C GLN F 138 69.27 44.90 3.78
N ALA F 139 69.24 43.96 4.72
CA ALA F 139 67.98 43.71 5.38
C ALA F 139 67.50 44.97 6.06
N LYS F 140 68.39 45.62 6.81
CA LYS F 140 68.00 46.84 7.50
C LYS F 140 67.54 47.88 6.50
N ASN F 141 68.21 47.92 5.36
CA ASN F 141 67.88 48.91 4.36
C ASN F 141 66.47 48.68 3.87
N GLU F 142 66.14 47.44 3.54
CA GLU F 142 64.79 47.11 3.13
C GLU F 142 63.80 47.59 4.17
N HIS F 143 64.11 47.28 5.42
CA HIS F 143 63.20 47.64 6.49
C HIS F 143 62.95 49.14 6.47
N LEU F 144 64.02 49.90 6.66
CA LEU F 144 63.88 51.34 6.80
C LEU F 144 63.20 51.93 5.58
N GLN F 145 63.47 51.36 4.41
CA GLN F 145 62.78 51.79 3.21
C GLN F 145 61.28 51.67 3.37
N LYS F 146 60.83 50.50 3.81
CA LYS F 146 59.40 50.34 3.99
C LYS F 146 58.90 51.36 5.00
N GLU F 147 59.63 51.52 6.09
CA GLU F 147 59.17 52.39 7.16
C GLU F 147 58.93 53.81 6.65
N ASN F 148 59.93 54.38 6.01
CA ASN F 148 59.81 55.77 5.63
C ASN F 148 58.88 55.98 4.45
N GLU F 149 58.72 55.00 3.56
CA GLU F 149 57.69 55.20 2.55
C GLU F 149 56.32 55.25 3.20
N ARG F 150 56.12 54.44 4.24
CA ARG F 150 54.87 54.56 4.98
C ARG F 150 54.71 55.94 5.58
N LEU F 151 55.79 56.44 6.17
CA LEU F 151 55.76 57.78 6.73
C LEU F 151 55.31 58.76 5.68
N LEU F 152 55.82 58.60 4.48
CA LEU F 152 55.52 59.56 3.43
C LEU F 152 54.07 59.52 3.03
N ARG F 153 53.50 58.35 2.83
CA ARG F 153 52.12 58.40 2.34
C ARG F 153 51.13 58.81 3.41
N ASP F 154 51.38 58.48 4.67
CA ASP F 154 50.61 59.23 5.68
C ASP F 154 50.83 60.71 5.54
N TRP F 155 52.08 61.13 5.39
CA TRP F 155 52.33 62.56 5.30
C TRP F 155 51.43 63.20 4.24
N ASN F 156 51.45 62.63 3.05
CA ASN F 156 50.70 63.21 1.95
C ASN F 156 49.19 63.14 2.18
N ASP F 157 48.70 62.03 2.72
CA ASP F 157 47.26 61.94 2.93
C ASP F 157 46.81 62.96 3.96
N VAL F 158 47.67 63.21 4.95
CA VAL F 158 47.35 64.26 5.90
C VAL F 158 47.29 65.60 5.19
N GLN F 159 48.18 65.83 4.24
CA GLN F 159 48.10 67.06 3.48
C GLN F 159 46.74 67.19 2.82
N GLY F 160 46.28 66.09 2.21
CA GLY F 160 45.03 66.14 1.49
C GLY F 160 43.84 66.45 2.39
N ARG F 161 43.76 65.77 3.52
CA ARG F 161 42.66 66.06 4.42
C ARG F 161 42.79 67.45 5.01
N PHE F 162 44.02 67.90 5.22
CA PHE F 162 44.22 69.31 5.54
C PHE F 162 43.51 70.19 4.54
N GLU F 163 43.73 69.95 3.27
CA GLU F 163 43.21 70.87 2.27
C GLU F 163 41.69 70.79 2.21
N LYS F 164 41.12 69.60 2.36
CA LYS F 164 39.67 69.50 2.34
C LYS F 164 39.08 70.25 3.53
N CYS F 165 39.72 70.14 4.69
CA CYS F 165 39.27 70.91 5.84
C CYS F 165 39.36 72.39 5.57
N VAL F 166 40.45 72.80 4.95
CA VAL F 166 40.64 74.20 4.63
C VAL F 166 39.56 74.69 3.69
N SER F 167 39.22 73.87 2.71
CA SER F 167 38.20 74.26 1.74
C SER F 167 36.85 74.41 2.41
N ALA F 168 36.51 73.49 3.32
CA ALA F 168 35.30 73.65 4.10
C ALA F 168 35.35 74.97 4.87
N LYS F 169 36.51 75.29 5.42
CA LYS F 169 36.70 76.55 6.14
C LYS F 169 36.41 77.73 5.23
N GLU F 170 36.94 77.70 4.02
CA GLU F 170 36.78 78.82 3.10
C GLU F 170 35.31 79.00 2.74
N ALA F 171 34.64 77.89 2.46
CA ALA F 171 33.20 77.95 2.17
C ALA F 171 32.46 78.61 3.31
N LEU F 172 32.69 78.14 4.53
CA LEU F 172 32.01 78.74 5.68
C LEU F 172 32.28 80.22 5.77
N GLU F 173 33.54 80.61 5.55
CA GLU F 173 33.87 82.03 5.52
C GLU F 173 32.96 82.79 4.58
N THR F 174 32.96 82.40 3.31
CA THR F 174 32.22 83.17 2.32
C THR F 174 30.74 83.18 2.66
N ASP F 175 30.25 82.08 3.21
CA ASP F 175 28.81 81.87 3.35
C ASP F 175 28.17 82.97 4.17
N LEU F 176 28.98 83.65 4.97
CA LEU F 176 28.39 84.54 5.94
C LEU F 176 28.82 85.97 5.77
N TYR F 177 29.83 86.25 4.97
CA TYR F 177 30.33 87.62 4.99
C TYR F 177 30.02 88.41 3.74
N LYS F 178 30.64 87.98 2.65
CA LYS F 178 31.07 88.91 1.62
C LYS F 178 29.87 89.60 0.98
N ARG F 179 28.79 88.85 0.79
CA ARG F 179 27.48 89.44 0.53
C ARG F 179 26.37 88.82 1.37
N PHE F 180 26.70 87.96 2.34
CA PHE F 180 25.70 87.46 3.26
C PHE F 180 25.31 88.52 4.28
N ILE F 181 26.18 89.50 4.51
CA ILE F 181 25.94 90.59 5.43
C ILE F 181 25.01 91.60 4.74
N LEU F 182 24.57 91.24 3.53
CA LEU F 182 23.53 92.03 2.89
C LEU F 182 22.30 92.08 3.77
N VAL F 183 22.15 91.12 4.68
CA VAL F 183 21.06 91.17 5.65
C VAL F 183 21.18 92.43 6.51
N LEU F 184 22.38 92.66 7.05
CA LEU F 184 22.63 93.90 7.76
C LEU F 184 22.39 95.09 6.86
N ASN F 185 22.82 94.98 5.61
CA ASN F 185 22.51 96.02 4.66
C ASN F 185 21.00 96.21 4.52
N GLU F 186 20.22 95.15 4.68
CA GLU F 186 18.77 95.28 4.55
C GLU F 186 18.20 96.06 5.72
N LYS F 187 18.66 95.75 6.93
CA LYS F 187 18.30 96.61 8.05
C LYS F 187 18.78 98.03 7.80
N LYS F 188 19.91 98.19 7.12
CA LYS F 188 20.42 99.52 6.80
C LYS F 188 19.46 100.24 5.86
N THR F 189 18.96 99.53 4.85
CA THR F 189 17.97 100.10 3.94
C THR F 189 16.69 100.46 4.66
N LYS F 190 16.28 99.62 5.62
CA LYS F 190 15.10 99.97 6.41
C LYS F 190 15.34 101.25 7.20
N ILE F 191 16.55 101.40 7.75
CA ILE F 191 16.91 102.66 8.41
C ILE F 191 16.76 103.83 7.45
N ARG F 192 17.32 103.71 6.25
CA ARG F 192 17.25 104.81 5.30
C ARG F 192 15.82 105.13 4.90
N SER F 193 15.03 104.10 4.61
CA SER F 193 13.65 104.32 4.20
C SER F 193 12.84 104.99 5.31
N LEU F 194 13.00 104.50 6.54
CA LEU F 194 12.27 105.07 7.66
C LEU F 194 12.70 106.51 7.91
N HIS F 195 14.01 106.77 7.83
CA HIS F 195 14.51 108.12 8.09
C HIS F 195 14.04 109.10 7.03
N ASN F 196 14.11 108.70 5.76
CA ASN F 196 13.68 109.59 4.68
C ASN F 196 12.17 109.81 4.71
N LYS F 197 11.40 108.78 5.04
CA LYS F 197 9.96 108.95 5.18
C LYS F 197 9.65 109.85 6.37
N LEU F 198 10.47 109.76 7.43
CA LEU F 198 10.36 110.70 8.54
C LEU F 198 10.57 112.13 8.08
N LEU F 199 11.63 112.36 7.30
CA LEU F 199 11.89 113.72 6.81
C LEU F 199 10.77 114.20 5.90
N ASN F 200 10.20 113.30 5.11
CA ASN F 200 9.10 113.66 4.22
C ASN F 200 7.73 113.58 4.89
N ALA F 201 7.64 113.04 6.10
CA ALA F 201 6.37 112.94 6.81
C ALA F 201 6.59 112.89 8.31
N MET G 1 62.01 -11.47 -8.54
CA MET G 1 61.47 -11.27 -9.88
C MET G 1 60.05 -11.80 -9.98
N GLU G 2 59.81 -12.95 -9.34
CA GLU G 2 58.46 -13.54 -9.35
C GLU G 2 57.46 -12.61 -8.68
N GLU G 3 57.89 -11.87 -7.67
CA GLU G 3 57.01 -10.91 -7.02
C GLU G 3 56.54 -9.84 -7.98
N LEU G 4 57.43 -9.36 -8.85
CA LEU G 4 57.03 -8.37 -9.85
C LEU G 4 55.93 -8.91 -10.74
N GLU G 5 56.08 -10.16 -11.19
CA GLU G 5 55.08 -10.76 -12.05
C GLU G 5 53.76 -10.97 -11.32
N GLN G 6 53.81 -11.45 -10.08
CA GLN G 6 52.56 -11.70 -9.38
C GLN G 6 51.83 -10.40 -9.09
N GLY G 7 52.57 -9.33 -8.77
CA GLY G 7 51.93 -8.04 -8.66
C GLY G 7 51.38 -7.59 -10.00
N LEU G 8 52.11 -7.86 -11.07
CA LEU G 8 51.63 -7.47 -12.39
C LEU G 8 50.31 -8.14 -12.70
N LEU G 9 50.21 -9.42 -12.35
CA LEU G 9 48.92 -10.09 -12.40
C LEU G 9 47.91 -9.33 -11.57
N MET G 10 48.35 -8.81 -10.43
CA MET G 10 47.46 -8.08 -9.57
C MET G 10 47.45 -6.63 -9.98
N GLN G 11 48.05 -6.32 -11.12
CA GLN G 11 47.79 -5.02 -11.69
C GLN G 11 46.46 -5.06 -12.43
N PRO G 12 45.68 -4.00 -12.37
CA PRO G 12 44.60 -3.85 -13.34
C PRO G 12 45.14 -3.34 -14.65
N TRP G 13 44.23 -3.02 -15.56
CA TRP G 13 44.67 -2.42 -16.80
C TRP G 13 44.33 -0.95 -16.84
N ALA G 14 45.23 -0.18 -17.41
CA ALA G 14 45.10 1.26 -17.51
C ALA G 14 45.10 1.65 -18.98
N TRP G 15 44.89 2.94 -19.20
CA TRP G 15 44.90 3.54 -20.52
C TRP G 15 46.01 4.57 -20.61
N LEU G 16 46.57 4.74 -21.82
CA LEU G 16 47.66 5.66 -22.01
C LEU G 16 47.55 6.29 -23.40
N GLN G 17 48.20 7.45 -23.57
CA GLN G 17 48.23 8.17 -24.83
C GLN G 17 49.61 8.79 -25.02
N LEU G 18 50.12 8.70 -26.25
CA LEU G 18 51.39 9.32 -26.59
C LEU G 18 51.51 9.31 -28.11
N ALA G 19 51.90 10.44 -28.69
CA ALA G 19 52.08 10.56 -30.12
C ALA G 19 50.86 10.05 -30.87
N GLU G 20 49.69 10.35 -30.31
CA GLU G 20 48.39 9.96 -30.84
C GLU G 20 48.14 8.46 -30.62
N ASN G 21 49.17 7.74 -30.16
CA ASN G 21 48.98 6.32 -29.93
C ASN G 21 48.27 6.10 -28.60
N SER G 22 47.39 5.09 -28.58
CA SER G 22 46.65 4.74 -27.39
C SER G 22 46.89 3.27 -27.06
N LEU G 23 47.09 2.99 -25.77
CA LEU G 23 47.51 1.68 -25.32
C LEU G 23 46.73 1.27 -24.09
N LEU G 24 46.80 -0.02 -23.79
CA LEU G 24 46.42 -0.53 -22.48
C LEU G 24 47.62 -1.19 -21.83
N ALA G 25 47.87 -0.82 -20.58
CA ALA G 25 49.11 -1.17 -19.92
C ALA G 25 48.83 -1.65 -18.50
N LYS G 26 49.79 -2.40 -17.97
CA LYS G 26 49.87 -2.67 -16.54
C LYS G 26 51.34 -2.89 -16.19
N VAL G 27 51.77 -2.25 -15.10
CA VAL G 27 53.13 -2.38 -14.60
C VAL G 27 53.07 -2.75 -13.13
N PHE G 28 54.02 -3.56 -12.68
CA PHE G 28 54.18 -3.79 -11.26
C PHE G 28 55.64 -3.51 -10.93
N ILE G 29 55.86 -2.52 -10.08
CA ILE G 29 57.17 -2.00 -9.72
C ILE G 29 57.56 -2.43 -8.32
N THR G 30 58.87 -2.53 -8.08
CA THR G 30 59.45 -2.59 -6.76
C THR G 30 60.77 -1.81 -6.77
N LYS G 31 61.42 -1.76 -5.61
CA LYS G 31 62.81 -1.31 -5.56
C LYS G 31 63.74 -2.31 -6.24
N GLN G 32 63.29 -3.54 -6.44
CA GLN G 32 64.07 -4.51 -7.19
C GLN G 32 63.99 -4.26 -8.69
N GLY G 33 62.87 -3.72 -9.16
CA GLY G 33 62.63 -3.49 -10.57
C GLY G 33 61.14 -3.46 -10.84
N TYR G 34 60.76 -3.86 -12.06
CA TYR G 34 59.35 -3.88 -12.40
C TYR G 34 58.99 -5.08 -13.25
N ALA G 35 57.69 -5.30 -13.36
CA ALA G 35 57.10 -6.11 -14.40
C ALA G 35 56.14 -5.22 -15.18
N LEU G 36 56.38 -5.12 -16.49
CA LEU G 36 55.57 -4.28 -17.36
C LEU G 36 54.89 -5.12 -18.42
N LEU G 37 53.58 -4.93 -18.56
CA LEU G 37 52.80 -5.58 -19.60
C LEU G 37 51.94 -4.54 -20.31
N VAL G 38 52.10 -4.45 -21.62
CA VAL G 38 51.46 -3.40 -22.41
C VAL G 38 50.86 -4.03 -23.67
N SER G 39 49.71 -3.50 -24.09
CA SER G 39 49.11 -3.93 -25.34
C SER G 39 48.54 -2.74 -26.07
N ASP G 40 48.61 -2.80 -27.40
CA ASP G 40 47.97 -1.83 -28.26
C ASP G 40 46.61 -2.30 -28.75
N LEU G 41 46.03 -3.29 -28.08
CA LEU G 41 44.76 -3.93 -28.44
C LEU G 41 44.84 -4.72 -29.73
N GLN G 42 46.01 -4.79 -30.36
CA GLN G 42 46.20 -5.65 -31.52
C GLN G 42 47.41 -6.55 -31.28
N GLN G 43 48.38 -6.05 -30.55
CA GLN G 43 49.43 -6.89 -29.99
C GLN G 43 49.62 -6.51 -28.54
N VAL G 44 50.49 -7.24 -27.89
CA VAL G 44 50.76 -7.06 -26.48
C VAL G 44 52.24 -7.24 -26.28
N TRP G 45 52.82 -6.44 -25.41
CA TRP G 45 54.24 -6.58 -25.16
C TRP G 45 54.49 -6.55 -23.67
N HIS G 46 55.54 -7.23 -23.26
CA HIS G 46 55.88 -7.33 -21.86
C HIS G 46 57.34 -6.96 -21.63
N GLU G 47 57.60 -6.38 -20.47
CA GLU G 47 58.98 -6.18 -20.03
C GLU G 47 59.04 -6.21 -18.51
N GLN G 48 59.94 -7.03 -18.00
CA GLN G 48 60.29 -7.01 -16.59
C GLN G 48 61.77 -6.69 -16.48
N VAL G 49 62.12 -5.78 -15.57
CA VAL G 49 63.47 -5.28 -15.46
C VAL G 49 63.90 -5.31 -14.00
N ASP G 50 65.15 -5.70 -13.77
CA ASP G 50 65.72 -5.79 -12.44
C ASP G 50 66.67 -4.62 -12.20
N THR G 51 67.07 -4.51 -10.93
CA THR G 51 68.02 -3.53 -10.43
C THR G 51 69.16 -3.24 -11.41
N SER G 52 69.88 -4.29 -11.80
CA SER G 52 71.07 -4.10 -12.62
C SER G 52 70.71 -3.51 -13.98
N VAL G 53 69.66 -4.01 -14.61
CA VAL G 53 69.24 -3.46 -15.89
C VAL G 53 68.74 -2.05 -15.69
N VAL G 54 68.05 -1.79 -14.58
CA VAL G 54 67.65 -0.43 -14.27
C VAL G 54 68.85 0.48 -14.30
N SER G 55 69.90 0.10 -13.57
CA SER G 55 71.07 0.96 -13.47
C SER G 55 71.73 1.14 -14.82
N GLN G 56 72.02 0.04 -15.51
CA GLN G 56 72.80 0.12 -16.73
C GLN G 56 72.03 0.89 -17.81
N ARG G 57 70.73 0.65 -17.91
CA ARG G 57 70.00 1.34 -18.96
C ARG G 57 69.78 2.78 -18.58
N ALA G 58 69.57 3.07 -17.30
CA ALA G 58 69.47 4.47 -16.91
C ALA G 58 70.74 5.21 -17.30
N LYS G 59 71.90 4.63 -16.96
CA LYS G 59 73.15 5.31 -17.24
C LYS G 59 73.41 5.41 -18.73
N GLU G 60 73.14 4.34 -19.48
CA GLU G 60 73.27 4.45 -20.92
C GLU G 60 72.32 5.48 -21.47
N LEU G 61 71.18 5.64 -20.83
CA LEU G 61 70.26 6.69 -21.17
C LEU G 61 70.60 7.99 -20.46
N ASN G 62 71.27 7.90 -19.32
CA ASN G 62 71.63 9.08 -18.56
C ASN G 62 72.95 8.82 -17.84
N LYS G 63 74.07 9.15 -18.49
CA LYS G 63 75.37 8.74 -17.98
C LYS G 63 75.80 9.56 -16.78
N ARG G 64 75.18 10.71 -16.56
CA ARG G 64 75.67 11.67 -15.58
C ARG G 64 74.88 11.63 -14.29
N LEU G 65 73.66 11.10 -14.32
CA LEU G 65 72.83 11.08 -13.12
C LEU G 65 73.35 10.02 -12.15
N THR G 66 73.56 10.43 -10.90
CA THR G 66 74.19 9.59 -9.88
C THR G 66 73.14 9.25 -8.82
N ALA G 67 72.57 8.06 -8.92
CA ALA G 67 71.55 7.61 -7.98
C ALA G 67 71.53 6.10 -7.98
N PRO G 68 71.09 5.49 -6.88
CA PRO G 68 70.78 4.05 -6.90
C PRO G 68 69.57 3.78 -7.77
N PRO G 69 69.46 2.57 -8.33
CA PRO G 69 68.30 2.26 -9.19
C PRO G 69 66.98 2.35 -8.45
N ALA G 70 66.99 2.25 -7.12
CA ALA G 70 65.76 2.40 -6.36
C ALA G 70 65.15 3.78 -6.56
N ALA G 71 65.99 4.81 -6.57
CA ALA G 71 65.49 6.15 -6.84
C ALA G 71 64.87 6.21 -8.23
N PHE G 72 65.54 5.61 -9.21
CA PHE G 72 64.98 5.58 -10.56
C PHE G 72 63.62 4.92 -10.57
N LEU G 73 63.53 3.73 -9.96
CA LEU G 73 62.29 2.99 -9.98
C LEU G 73 61.19 3.77 -9.28
N CYS G 74 61.49 4.27 -8.08
CA CYS G 74 60.49 4.98 -7.32
C CYS G 74 60.03 6.22 -8.05
N HIS G 75 60.93 6.93 -8.73
CA HIS G 75 60.52 8.10 -9.46
C HIS G 75 59.66 7.73 -10.66
N LEU G 76 60.03 6.67 -11.36
CA LEU G 76 59.17 6.18 -12.41
C LEU G 76 57.78 6.00 -11.87
N ASP G 77 57.70 5.45 -10.66
CA ASP G 77 56.43 5.21 -10.01
C ASP G 77 55.70 6.52 -9.76
N ASN G 78 56.44 7.49 -9.24
CA ASN G 78 55.84 8.77 -8.91
C ASN G 78 55.36 9.48 -10.15
N LEU G 79 56.00 9.20 -11.28
CA LEU G 79 55.57 9.79 -12.53
C LEU G 79 54.35 9.07 -13.06
N LEU G 80 54.34 7.75 -12.94
CA LEU G 80 53.33 6.97 -13.63
C LEU G 80 52.01 6.97 -12.88
N ARG G 81 52.04 6.77 -11.57
CA ARG G 81 50.79 6.62 -10.84
C ARG G 81 49.83 7.77 -11.09
N PRO G 82 50.28 9.03 -11.14
CA PRO G 82 49.33 10.09 -11.52
C PRO G 82 48.76 9.83 -12.89
N LEU G 83 49.62 9.51 -13.85
CA LEU G 83 49.15 9.37 -15.21
C LEU G 83 48.38 8.07 -15.40
N LEU G 84 48.66 7.06 -14.58
CA LEU G 84 47.94 5.80 -14.66
C LEU G 84 46.73 5.77 -13.72
N ALA G 93 56.41 15.74 -18.28
CA ALA G 93 56.93 14.50 -18.83
C ALA G 93 56.16 14.09 -20.08
N THR G 94 56.88 13.52 -21.05
CA THR G 94 56.22 13.06 -22.26
C THR G 94 56.82 11.74 -22.69
N PHE G 95 56.08 11.05 -23.54
CA PHE G 95 56.36 9.66 -23.87
C PHE G 95 56.37 9.48 -25.38
N SER G 96 57.28 8.62 -25.82
CA SER G 96 57.31 8.24 -27.22
C SER G 96 57.42 6.72 -27.29
N CYS G 97 56.70 6.14 -28.23
CA CYS G 97 56.63 4.70 -28.40
C CYS G 97 56.97 4.36 -29.83
N ASP G 98 57.66 3.24 -30.02
CA ASP G 98 57.96 2.74 -31.36
C ASP G 98 58.04 1.22 -31.30
N CYS G 99 57.58 0.58 -32.38
CA CYS G 99 57.62 -0.87 -32.48
C CYS G 99 58.69 -1.26 -33.49
N VAL G 100 59.82 -1.75 -32.99
CA VAL G 100 60.75 -2.50 -33.81
C VAL G 100 60.03 -3.80 -34.13
N ALA G 101 60.54 -4.56 -35.08
CA ALA G 101 59.79 -5.58 -35.81
C ALA G 101 58.74 -6.30 -34.96
N ASP G 102 59.15 -6.84 -33.81
CA ASP G 102 58.18 -7.47 -32.93
C ASP G 102 58.02 -6.71 -31.61
N ALA G 103 59.10 -6.18 -31.07
CA ALA G 103 59.10 -5.57 -29.75
C ALA G 103 58.55 -4.16 -29.84
N LEU G 104 57.83 -3.77 -28.80
CA LEU G 104 57.39 -2.40 -28.63
C LEU G 104 58.38 -1.69 -27.72
N ILE G 105 58.85 -0.52 -28.15
CA ILE G 105 59.85 0.24 -27.43
C ILE G 105 59.22 1.54 -26.95
N LEU G 106 59.28 1.79 -25.65
CA LEU G 106 58.58 2.91 -25.04
C LEU G 106 59.59 3.85 -24.41
N ARG G 107 59.48 5.12 -24.74
CA ARG G 107 60.46 6.12 -24.35
C ARG G 107 59.80 7.21 -23.55
N VAL G 108 60.45 7.61 -22.46
CA VAL G 108 59.95 8.63 -21.55
C VAL G 108 60.84 9.84 -21.63
N ARG G 109 60.25 11.00 -21.82
CA ARG G 109 60.97 12.26 -21.69
C ARG G 109 60.42 13.01 -20.49
N SER G 110 61.25 13.18 -19.47
CA SER G 110 60.81 13.76 -18.22
C SER G 110 61.95 14.49 -17.53
N GLU G 111 61.78 14.78 -16.24
CA GLU G 111 62.82 15.44 -15.47
C GLU G 111 62.77 14.98 -14.01
N LEU G 112 63.94 14.99 -13.37
CA LEU G 112 64.10 14.58 -11.98
C LEU G 112 65.17 15.45 -11.31
N SER G 113 64.90 15.89 -10.08
CA SER G 113 65.83 16.75 -9.35
C SER G 113 66.11 18.02 -10.15
N GLY G 114 65.11 18.47 -10.91
CA GLY G 114 65.30 19.53 -11.88
C GLY G 114 65.93 19.00 -13.15
N LEU G 115 66.91 18.11 -12.98
CA LEU G 115 67.59 17.49 -14.10
C LEU G 115 66.63 16.61 -14.89
N PRO G 116 66.89 16.40 -16.18
CA PRO G 116 66.05 15.49 -16.96
C PRO G 116 66.31 14.04 -16.59
N PHE G 117 65.32 13.19 -16.85
CA PHE G 117 65.51 11.74 -16.78
C PHE G 117 64.99 11.10 -18.05
N TYR G 118 65.85 10.32 -18.70
CA TYR G 118 65.44 9.55 -19.87
C TYR G 118 65.57 8.07 -19.60
N TRP G 119 64.51 7.34 -19.91
CA TRP G 119 64.51 5.89 -19.85
C TRP G 119 63.79 5.38 -21.09
N ASN G 120 64.05 4.12 -21.43
CA ASN G 120 63.39 3.46 -22.54
C ASN G 120 62.86 2.11 -22.09
N PHE G 121 61.62 1.83 -22.46
CA PHE G 121 61.05 0.52 -22.19
C PHE G 121 61.21 -0.35 -23.41
N HIS G 122 61.57 -1.61 -23.17
CA HIS G 122 61.83 -2.55 -24.24
C HIS G 122 60.92 -3.75 -23.99
N CYS G 123 59.71 -3.69 -24.52
CA CYS G 123 58.69 -4.69 -24.25
C CYS G 123 58.54 -5.62 -25.46
N MET G 124 58.96 -6.86 -25.28
CA MET G 124 58.76 -7.87 -26.31
C MET G 124 57.31 -8.28 -26.29
N LEU G 125 56.82 -8.70 -27.46
CA LEU G 125 55.47 -9.23 -27.57
C LEU G 125 55.22 -10.24 -26.46
N ALA G 126 54.13 -10.06 -25.72
CA ALA G 126 53.90 -10.88 -24.54
C ALA G 126 53.53 -12.31 -24.93
N SER G 127 53.74 -13.24 -23.98
CA SER G 127 53.53 -14.66 -24.21
C SER G 127 52.05 -15.04 -24.13
N PRO G 128 51.63 -16.09 -24.84
CA PRO G 128 50.21 -16.43 -24.84
C PRO G 128 49.75 -17.15 -23.59
N SER G 129 50.66 -17.61 -22.75
CA SER G 129 50.29 -17.88 -21.38
C SER G 129 50.02 -16.57 -20.66
N LEU G 130 50.90 -15.58 -20.86
CA LEU G 130 50.64 -14.26 -20.31
C LEU G 130 49.38 -13.69 -20.93
N VAL G 131 49.24 -13.81 -22.24
CA VAL G 131 48.01 -13.34 -22.87
C VAL G 131 46.82 -14.06 -22.29
N SER G 132 46.92 -15.38 -22.24
CA SER G 132 45.92 -16.21 -21.60
C SER G 132 45.48 -15.60 -20.28
N GLN G 133 46.41 -15.56 -19.34
CA GLN G 133 46.11 -15.28 -17.96
C GLN G 133 45.75 -13.83 -17.72
N HIS G 134 46.37 -12.91 -18.45
CA HIS G 134 46.16 -11.50 -18.20
C HIS G 134 44.99 -10.93 -18.96
N LEU G 135 44.66 -11.47 -20.12
CA LEU G 135 43.57 -10.91 -20.91
C LEU G 135 42.44 -11.92 -21.06
N ILE G 136 42.70 -13.08 -21.65
CA ILE G 136 41.61 -13.82 -22.25
C ILE G 136 40.78 -14.47 -21.16
N ARG G 137 41.41 -15.38 -20.45
CA ARG G 137 40.76 -16.10 -19.37
C ARG G 137 40.13 -15.11 -18.39
N PRO G 138 40.80 -14.05 -17.98
CA PRO G 138 40.08 -13.03 -17.20
C PRO G 138 38.97 -12.37 -17.99
N LEU G 139 39.14 -12.22 -19.30
CA LEU G 139 38.13 -11.47 -20.04
C LEU G 139 36.90 -12.33 -20.29
N MET G 140 37.06 -13.62 -20.47
CA MET G 140 36.02 -14.66 -20.49
C MET G 140 35.33 -14.58 -19.19
N GLY G 141 36.16 -14.52 -18.18
CA GLY G 141 35.61 -14.45 -16.84
C GLY G 141 34.71 -13.26 -16.66
N MET G 142 35.14 -12.11 -17.15
CA MET G 142 34.33 -10.90 -17.21
C MET G 142 33.02 -11.21 -17.85
N SER G 143 33.10 -11.78 -19.05
CA SER G 143 31.90 -11.95 -19.85
C SER G 143 30.88 -12.80 -19.13
N LEU G 144 31.31 -13.94 -18.59
CA LEU G 144 30.38 -14.85 -17.94
C LEU G 144 29.88 -14.29 -16.61
N ALA G 145 30.75 -13.60 -15.86
CA ALA G 145 30.32 -13.04 -14.59
C ALA G 145 29.25 -11.98 -14.81
N LEU G 146 29.43 -11.13 -15.82
CA LEU G 146 28.40 -10.17 -16.15
C LEU G 146 27.16 -10.84 -16.74
N GLN G 147 27.31 -12.00 -17.36
CA GLN G 147 26.12 -12.76 -17.70
C GLN G 147 25.34 -13.15 -16.46
N CYS G 148 26.03 -13.63 -15.42
CA CYS G 148 25.36 -13.95 -14.17
C CYS G 148 24.72 -12.71 -13.57
N GLN G 149 25.44 -11.59 -13.65
CA GLN G 149 24.89 -10.30 -13.25
C GLN G 149 23.54 -10.07 -13.93
N VAL G 150 23.52 -10.21 -15.25
CA VAL G 150 22.32 -9.95 -16.02
C VAL G 150 21.21 -10.89 -15.62
N ARG G 151 21.53 -12.17 -15.44
CA ARG G 151 20.52 -13.14 -15.08
C ARG G 151 19.85 -12.79 -13.75
N GLU G 152 20.67 -12.56 -12.72
CA GLU G 152 20.11 -12.27 -11.41
C GLU G 152 19.40 -10.93 -11.41
N LEU G 153 19.87 -9.99 -12.22
CA LEU G 153 19.23 -8.69 -12.23
C LEU G 153 17.91 -8.74 -12.99
N ALA G 154 17.84 -9.60 -14.00
CA ALA G 154 16.59 -9.89 -14.68
C ALA G 154 15.60 -10.54 -13.73
N THR G 155 16.05 -11.48 -12.91
CA THR G 155 15.10 -12.13 -12.01
C THR G 155 14.66 -11.17 -10.92
N LEU G 156 15.53 -10.25 -10.50
CA LEU G 156 15.11 -9.19 -9.60
C LEU G 156 14.05 -8.33 -10.25
N LEU G 157 14.22 -8.06 -11.54
CA LEU G 157 13.22 -7.33 -12.30
C LEU G 157 11.88 -8.05 -12.28
N HIS G 158 11.92 -9.37 -12.44
CA HIS G 158 10.68 -10.14 -12.40
C HIS G 158 10.04 -10.12 -11.00
N MET G 159 10.84 -10.19 -9.94
CA MET G 159 10.27 -10.16 -8.58
C MET G 159 9.66 -8.79 -8.26
N LYS G 160 10.29 -7.72 -8.72
CA LYS G 160 9.67 -6.41 -8.55
C LYS G 160 8.41 -6.27 -9.42
N ASP G 161 8.38 -6.96 -10.57
CA ASP G 161 7.14 -7.06 -11.33
C ASP G 161 6.07 -7.74 -10.50
N LEU G 162 6.42 -8.82 -9.81
CA LEU G 162 5.47 -9.50 -8.94
C LEU G 162 4.97 -8.59 -7.83
N GLU G 163 5.85 -7.79 -7.24
CA GLU G 163 5.44 -6.86 -6.19
C GLU G 163 4.49 -5.79 -6.72
N ILE G 164 4.80 -5.18 -7.88
CA ILE G 164 3.90 -4.17 -8.43
C ILE G 164 2.56 -4.80 -8.77
N GLN G 165 2.57 -6.02 -9.30
CA GLN G 165 1.32 -6.71 -9.59
C GLN G 165 0.52 -6.94 -8.32
N ASP G 166 1.18 -7.38 -7.24
CA ASP G 166 0.51 -7.50 -5.96
C ASP G 166 -0.11 -6.18 -5.54
N TYR G 167 0.53 -5.07 -5.91
CA TYR G 167 -0.01 -3.76 -5.57
C TYR G 167 -1.27 -3.43 -6.38
N GLN G 168 -1.26 -3.70 -7.69
CA GLN G 168 -2.42 -3.26 -8.49
C GLN G 168 -3.56 -4.28 -8.44
N GLU G 169 -3.28 -5.56 -8.72
CA GLU G 169 -4.39 -6.50 -8.93
C GLU G 169 -5.13 -6.84 -7.65
N SER G 170 -4.44 -6.84 -6.50
CA SER G 170 -5.10 -7.21 -5.26
C SER G 170 -4.94 -6.14 -4.19
N GLY G 171 -3.92 -5.30 -4.32
CA GLY G 171 -3.69 -4.25 -3.35
C GLY G 171 -4.71 -3.13 -3.43
N ALA G 172 -5.46 -3.09 -4.53
CA ALA G 172 -6.54 -2.14 -4.73
C ALA G 172 -6.06 -0.70 -4.58
N THR G 173 -4.89 -0.42 -5.17
CA THR G 173 -4.31 0.92 -5.12
C THR G 173 -3.73 1.26 -6.49
N LEU G 174 -3.58 2.56 -6.73
CA LEU G 174 -3.02 3.10 -7.96
C LEU G 174 -1.85 4.01 -7.61
N ILE G 175 -1.29 4.66 -8.62
CA ILE G 175 -0.15 5.56 -8.47
C ILE G 175 -0.43 6.84 -9.26
N ARG G 176 0.59 7.71 -9.31
CA ARG G 176 0.56 8.96 -10.04
C ARG G 176 0.55 8.77 -11.55
N ASP G 177 0.78 7.53 -11.99
CA ASP G 177 0.70 7.13 -13.39
C ASP G 177 1.89 7.66 -14.19
N ARG G 178 2.78 8.40 -13.53
CA ARG G 178 3.97 8.92 -14.21
C ARG G 178 5.19 8.02 -14.06
N LEU G 179 5.11 6.97 -13.24
CA LEU G 179 6.24 6.07 -13.02
C LEU G 179 5.96 4.64 -13.43
N LYS G 180 4.87 4.39 -14.13
CA LYS G 180 4.50 3.02 -14.49
C LYS G 180 5.57 2.41 -15.39
N THR G 181 6.03 1.22 -15.02
CA THR G 181 7.06 0.52 -15.77
C THR G 181 6.51 -0.77 -16.36
N GLU G 182 7.00 -1.10 -17.55
CA GLU G 182 6.56 -2.30 -18.24
C GLU G 182 7.02 -3.55 -17.48
N PRO G 183 6.19 -4.59 -17.43
CA PRO G 183 6.63 -5.85 -16.83
C PRO G 183 7.86 -6.39 -17.56
N PHE G 184 8.81 -6.91 -16.79
CA PHE G 184 10.10 -7.26 -17.34
C PHE G 184 10.10 -8.64 -17.97
N GLU G 185 10.60 -8.72 -19.21
CA GLU G 185 10.90 -9.99 -19.87
C GLU G 185 12.29 -9.84 -20.48
N GLU G 186 13.13 -10.86 -20.31
CA GLU G 186 14.51 -10.74 -20.75
C GLU G 186 14.66 -10.91 -22.26
N ASN G 187 13.73 -11.61 -22.92
CA ASN G 187 13.87 -11.84 -24.35
C ASN G 187 13.72 -10.53 -25.13
N SER G 188 12.63 -9.80 -24.88
CA SER G 188 12.52 -8.50 -25.53
C SER G 188 13.69 -7.62 -25.14
N PHE G 189 13.91 -7.45 -23.83
CA PHE G 189 15.03 -6.62 -23.38
C PHE G 189 16.29 -6.90 -24.18
N LEU G 190 16.62 -8.17 -24.38
CA LEU G 190 17.82 -8.52 -25.14
C LEU G 190 17.69 -8.12 -26.60
N GLU G 191 16.52 -8.36 -27.22
CA GLU G 191 16.41 -8.00 -28.63
C GLU G 191 16.58 -6.50 -28.81
N GLN G 192 15.99 -5.71 -27.93
CA GLN G 192 16.13 -4.27 -28.06
C GLN G 192 17.55 -3.82 -27.70
N PHE G 193 18.17 -4.44 -26.71
CA PHE G 193 19.54 -4.04 -26.39
C PHE G 193 20.42 -4.27 -27.61
N MET G 194 20.32 -5.45 -28.21
CA MET G 194 21.17 -5.77 -29.35
C MET G 194 20.78 -5.03 -30.63
N ILE G 195 19.54 -4.54 -30.73
CA ILE G 195 19.19 -3.75 -31.91
C ILE G 195 19.64 -2.32 -31.75
N GLU G 196 19.38 -1.71 -30.59
CA GLU G 196 19.74 -0.32 -30.38
C GLU G 196 21.08 -0.10 -29.69
N LYS G 197 21.27 -0.59 -28.47
CA LYS G 197 22.44 -0.23 -27.67
C LYS G 197 23.71 -0.95 -28.08
N LEU G 198 23.62 -2.19 -28.55
CA LEU G 198 24.81 -3.00 -28.80
C LEU G 198 25.84 -2.36 -29.72
N PRO G 199 25.48 -1.64 -30.80
CA PRO G 199 26.53 -1.01 -31.63
C PRO G 199 27.51 -0.17 -30.83
N GLU G 200 27.08 0.39 -29.71
CA GLU G 200 27.97 1.14 -28.83
C GLU G 200 28.30 0.37 -27.55
N ALA G 201 27.53 -0.66 -27.23
CA ALA G 201 27.73 -1.38 -25.97
C ALA G 201 29.00 -2.22 -26.00
N CYS G 202 29.39 -2.72 -27.17
CA CYS G 202 30.54 -3.58 -27.31
C CYS G 202 31.75 -2.87 -27.94
N SER G 203 31.73 -1.54 -28.00
CA SER G 203 32.76 -0.79 -28.73
C SER G 203 34.11 -0.88 -28.02
N ILE G 204 35.14 -1.30 -28.76
CA ILE G 204 36.48 -1.44 -28.18
C ILE G 204 37.08 -0.06 -27.88
N GLY G 205 37.03 0.85 -28.85
CA GLY G 205 37.55 2.19 -28.61
C GLY G 205 39.03 2.20 -28.34
N ASP G 206 39.46 3.14 -27.50
CA ASP G 206 40.86 3.25 -27.11
C ASP G 206 41.25 2.33 -25.97
N GLY G 207 40.29 1.59 -25.41
CA GLY G 207 40.54 0.76 -24.25
C GLY G 207 40.35 1.58 -23.00
N LYS G 208 40.07 2.84 -23.21
CA LYS G 208 39.74 3.79 -22.17
C LYS G 208 38.51 3.35 -21.37
N PRO G 209 37.37 3.09 -22.00
CA PRO G 209 36.21 2.65 -21.20
C PRO G 209 36.44 1.33 -20.50
N PHE G 210 37.16 0.40 -21.13
CA PHE G 210 37.50 -0.84 -20.46
C PHE G 210 38.24 -0.57 -19.18
N VAL G 211 39.31 0.21 -19.25
CA VAL G 211 40.14 0.39 -18.08
C VAL G 211 39.45 1.28 -17.06
N MET G 212 38.37 1.97 -17.43
CA MET G 212 37.65 2.64 -16.36
C MET G 212 36.59 1.75 -15.72
N ASN G 213 35.82 1.06 -16.52
CA ASN G 213 34.53 0.59 -16.00
C ASN G 213 34.64 -0.69 -15.20
N LEU G 214 35.62 -1.54 -15.48
CA LEU G 214 35.58 -2.89 -14.95
C LEU G 214 36.87 -3.33 -14.26
N GLN G 215 37.88 -2.47 -14.18
CA GLN G 215 39.16 -2.91 -13.62
C GLN G 215 38.97 -3.50 -12.23
N ASP G 216 37.98 -3.02 -11.49
CA ASP G 216 37.66 -3.65 -10.21
C ASP G 216 37.28 -5.10 -10.39
N LEU G 217 36.33 -5.38 -11.27
CA LEU G 217 35.95 -6.76 -11.52
C LEU G 217 37.12 -7.52 -12.09
N TYR G 218 37.92 -6.85 -12.92
CA TYR G 218 39.14 -7.45 -13.45
C TYR G 218 40.00 -7.99 -12.31
N MET G 219 40.31 -7.13 -11.35
CA MET G 219 41.09 -7.48 -10.19
C MET G 219 40.47 -8.62 -9.41
N ALA G 220 39.18 -8.51 -9.17
CA ALA G 220 38.50 -9.50 -8.34
C ALA G 220 38.59 -10.88 -8.95
N VAL G 221 38.37 -10.96 -10.26
CA VAL G 221 38.36 -12.26 -10.92
C VAL G 221 39.78 -12.76 -11.12
N THR G 222 40.75 -11.86 -11.25
CA THR G 222 42.14 -12.30 -11.24
C THR G 222 42.46 -12.99 -9.92
N THR G 223 42.04 -12.37 -8.82
CA THR G 223 42.24 -12.94 -7.49
C THR G 223 41.56 -14.30 -7.37
N GLN G 224 40.32 -14.39 -7.83
CA GLN G 224 39.57 -15.64 -7.70
C GLN G 224 40.14 -16.75 -8.59
N LYS G 293 15.23 -59.42 68.82
CA LYS G 293 14.04 -58.75 68.31
C LYS G 293 13.02 -58.54 69.41
N PRO G 294 12.22 -57.48 69.29
CA PRO G 294 11.16 -57.24 70.27
C PRO G 294 10.21 -58.43 70.36
N ARG G 295 9.73 -58.70 71.57
CA ARG G 295 9.00 -59.93 71.84
C ARG G 295 8.01 -59.67 72.95
N GLY G 296 7.01 -60.55 73.06
CA GLY G 296 6.11 -60.54 74.18
C GLY G 296 5.35 -59.24 74.29
N LEU G 297 5.74 -58.40 75.26
CA LEU G 297 5.07 -57.12 75.43
C LEU G 297 5.27 -56.22 74.22
N PHE G 298 6.20 -56.55 73.33
CA PHE G 298 6.44 -55.77 72.14
C PHE G 298 6.00 -56.47 70.87
N SER G 299 5.79 -57.78 70.91
CA SER G 299 5.36 -58.54 69.74
C SER G 299 3.86 -58.76 69.72
N MET H 1 37.03 -18.95 -49.39
CA MET H 1 38.28 -18.86 -48.64
C MET H 1 38.27 -17.72 -47.66
N GLU H 2 38.55 -16.51 -48.14
CA GLU H 2 38.32 -15.35 -47.29
C GLU H 2 36.88 -15.31 -46.84
N GLU H 3 35.97 -15.87 -47.64
CA GLU H 3 34.65 -16.15 -47.12
C GLU H 3 34.71 -17.12 -45.95
N LEU H 4 35.55 -18.15 -46.06
CA LEU H 4 35.69 -19.06 -44.95
C LEU H 4 36.14 -18.31 -43.71
N GLU H 5 37.12 -17.42 -43.88
CA GLU H 5 37.62 -16.67 -42.75
C GLU H 5 36.52 -15.80 -42.15
N GLN H 6 35.84 -15.03 -42.98
CA GLN H 6 34.85 -14.09 -42.44
C GLN H 6 33.70 -14.83 -41.80
N GLY H 7 33.28 -15.94 -42.38
CA GLY H 7 32.23 -16.71 -41.76
C GLY H 7 32.69 -17.26 -40.43
N LEU H 8 33.89 -17.81 -40.41
CA LEU H 8 34.45 -18.28 -39.15
C LEU H 8 34.38 -17.19 -38.11
N LEU H 9 34.87 -16.01 -38.46
CA LEU H 9 34.81 -14.87 -37.55
C LEU H 9 33.42 -14.74 -36.94
N MET H 10 32.40 -15.10 -37.69
CA MET H 10 31.06 -15.00 -37.15
C MET H 10 30.68 -16.32 -36.52
N GLN H 11 31.53 -17.32 -36.69
CA GLN H 11 31.17 -18.60 -36.10
C GLN H 11 31.32 -18.53 -34.58
N PRO H 12 30.32 -18.96 -33.84
CA PRO H 12 30.48 -19.06 -32.39
C PRO H 12 31.38 -20.22 -32.03
N TRP H 13 31.53 -20.43 -30.73
CA TRP H 13 32.42 -21.45 -30.20
C TRP H 13 31.68 -22.73 -29.83
N ALA H 14 32.21 -23.84 -30.30
CA ALA H 14 31.82 -25.13 -29.81
C ALA H 14 32.75 -25.56 -28.69
N TRP H 15 32.39 -26.66 -28.07
CA TRP H 15 33.13 -27.23 -26.96
C TRP H 15 33.39 -28.69 -27.29
N LEU H 16 34.62 -29.13 -27.09
CA LEU H 16 35.01 -30.48 -27.51
C LEU H 16 35.40 -31.33 -26.31
N GLN H 17 34.95 -32.59 -26.34
CA GLN H 17 35.33 -33.61 -25.37
C GLN H 17 36.39 -34.51 -25.98
N LEU H 18 37.64 -34.30 -25.61
CA LEU H 18 38.61 -35.35 -25.86
C LEU H 18 38.67 -36.29 -24.66
N ALA H 19 39.24 -37.48 -24.89
CA ALA H 19 39.46 -38.39 -23.78
C ALA H 19 40.53 -37.85 -22.84
N GLU H 20 41.47 -37.07 -23.37
CA GLU H 20 42.53 -36.48 -22.55
C GLU H 20 42.08 -35.22 -21.86
N ASN H 21 41.32 -34.37 -22.54
CA ASN H 21 40.92 -33.09 -22.00
C ASN H 21 39.69 -32.59 -22.76
N SER H 22 39.38 -31.32 -22.59
CA SER H 22 38.30 -30.66 -23.31
C SER H 22 38.87 -29.63 -24.25
N LEU H 23 38.06 -29.19 -25.20
CA LEU H 23 38.47 -28.17 -26.14
C LEU H 23 37.31 -27.27 -26.50
N LEU H 24 37.65 -26.08 -26.97
CA LEU H 24 36.70 -25.18 -27.56
C LEU H 24 37.12 -24.89 -28.99
N ALA H 25 36.15 -24.89 -29.89
CA ALA H 25 36.45 -24.69 -31.29
C ALA H 25 35.37 -23.84 -31.92
N LYS H 26 35.81 -22.97 -32.82
CA LYS H 26 34.93 -22.34 -33.80
C LYS H 26 35.46 -22.69 -35.18
N VAL H 27 34.55 -23.08 -36.06
CA VAL H 27 34.95 -23.58 -37.37
C VAL H 27 34.01 -22.97 -38.40
N PHE H 28 34.56 -22.67 -39.58
CA PHE H 28 33.74 -22.28 -40.71
C PHE H 28 34.02 -23.23 -41.86
N ILE H 29 33.01 -23.98 -42.26
CA ILE H 29 33.10 -24.98 -43.33
C ILE H 29 32.38 -24.43 -44.54
N THR H 30 32.95 -24.66 -45.73
CA THR H 30 32.23 -24.51 -46.98
C THR H 30 32.56 -25.72 -47.85
N LYS H 31 31.89 -25.80 -49.01
CA LYS H 31 32.31 -26.77 -50.02
C LYS H 31 33.69 -26.44 -50.55
N GLN H 32 34.16 -25.21 -50.34
CA GLN H 32 35.44 -24.71 -50.81
C GLN H 32 36.61 -25.11 -49.93
N GLY H 33 36.36 -25.39 -48.65
CA GLY H 33 37.39 -25.67 -47.68
C GLY H 33 36.84 -25.46 -46.29
N TYR H 34 37.71 -25.19 -45.34
CA TYR H 34 37.23 -24.91 -43.99
C TYR H 34 38.08 -23.86 -43.31
N ALA H 35 37.46 -23.19 -42.34
CA ALA H 35 38.09 -22.22 -41.48
C ALA H 35 37.86 -22.62 -40.04
N LEU H 36 38.93 -22.98 -39.33
CA LEU H 36 38.79 -23.44 -37.95
C LEU H 36 39.61 -22.55 -37.03
N LEU H 37 39.24 -22.57 -35.76
CA LEU H 37 40.09 -22.07 -34.69
C LEU H 37 39.84 -22.91 -33.46
N VAL H 38 40.91 -23.38 -32.83
CA VAL H 38 40.80 -24.26 -31.68
C VAL H 38 41.66 -23.72 -30.56
N SER H 39 41.18 -23.91 -29.34
CA SER H 39 41.95 -23.55 -28.17
C SER H 39 41.63 -24.52 -27.05
N ASP H 40 42.61 -24.69 -26.16
CA ASP H 40 42.47 -25.51 -24.97
C ASP H 40 42.21 -24.66 -23.72
N LEU H 41 41.87 -23.38 -23.90
CA LEU H 41 41.66 -22.38 -22.86
C LEU H 41 42.94 -22.00 -22.13
N GLN H 42 44.10 -22.42 -22.64
CA GLN H 42 45.39 -21.79 -22.37
C GLN H 42 46.09 -21.35 -23.64
N GLN H 43 45.93 -22.12 -24.71
CA GLN H 43 46.59 -21.80 -25.96
C GLN H 43 45.57 -21.98 -27.08
N VAL H 44 45.85 -21.37 -28.23
CA VAL H 44 44.94 -21.40 -29.36
C VAL H 44 45.71 -21.93 -30.55
N TRP H 45 45.01 -22.56 -31.48
CA TRP H 45 45.64 -22.99 -32.70
C TRP H 45 44.74 -22.71 -33.87
N HIS H 46 45.34 -22.69 -35.03
CA HIS H 46 44.66 -22.31 -36.25
C HIS H 46 44.98 -23.34 -37.31
N GLU H 47 43.98 -23.65 -38.14
CA GLU H 47 44.26 -24.35 -39.38
C GLU H 47 43.24 -23.90 -40.41
N GLN H 48 43.73 -23.67 -41.62
CA GLN H 48 42.90 -23.27 -42.74
C GLN H 48 43.28 -24.16 -43.92
N VAL H 49 42.29 -24.76 -44.55
CA VAL H 49 42.55 -25.75 -45.59
C VAL H 49 41.48 -25.65 -46.67
N ASP H 50 41.90 -25.84 -47.92
CA ASP H 50 41.02 -25.90 -49.07
C ASP H 50 40.89 -27.34 -49.57
N THR H 51 40.00 -27.51 -50.55
CA THR H 51 39.61 -28.84 -51.01
C THR H 51 40.77 -29.65 -51.58
N SER H 52 41.81 -29.00 -52.11
CA SER H 52 42.94 -29.76 -52.63
C SER H 52 43.69 -30.44 -51.49
N VAL H 53 44.02 -29.67 -50.45
CA VAL H 53 44.64 -30.24 -49.27
C VAL H 53 43.70 -31.26 -48.64
N VAL H 54 42.40 -30.94 -48.62
CA VAL H 54 41.41 -31.88 -48.10
C VAL H 54 41.53 -33.20 -48.85
N SER H 55 41.56 -33.13 -50.16
CA SER H 55 41.57 -34.33 -50.99
C SER H 55 42.83 -35.14 -50.78
N GLN H 56 43.99 -34.51 -50.90
CA GLN H 56 45.24 -35.25 -50.75
C GLN H 56 45.35 -35.83 -49.35
N ARG H 57 45.00 -35.04 -48.33
CA ARG H 57 45.19 -35.49 -46.96
C ARG H 57 44.20 -36.60 -46.64
N ALA H 58 42.98 -36.52 -47.14
CA ALA H 58 42.04 -37.61 -46.92
C ALA H 58 42.55 -38.88 -47.58
N LYS H 59 43.01 -38.76 -48.83
CA LYS H 59 43.61 -39.89 -49.51
C LYS H 59 44.70 -40.53 -48.68
N GLU H 60 45.59 -39.72 -48.13
CA GLU H 60 46.66 -40.27 -47.31
C GLU H 60 46.11 -40.91 -46.06
N LEU H 61 45.30 -40.17 -45.31
CA LEU H 61 44.75 -40.65 -44.05
C LEU H 61 43.74 -41.76 -44.25
N ASN H 62 43.05 -41.91 -45.41
CA ASN H 62 41.76 -42.64 -45.62
C ASN H 62 41.58 -43.35 -46.96
N LYS H 63 42.48 -43.10 -47.92
CA LYS H 63 42.68 -43.88 -49.13
C LYS H 63 41.42 -44.10 -49.97
N ARG H 64 41.02 -45.34 -50.23
CA ARG H 64 39.91 -45.79 -51.09
C ARG H 64 38.50 -45.44 -50.58
N LEU H 65 37.47 -45.89 -51.33
CA LEU H 65 36.07 -45.47 -51.23
C LEU H 65 35.93 -43.97 -51.48
N THR H 66 36.69 -43.47 -52.45
CA THR H 66 37.03 -42.04 -52.62
C THR H 66 35.85 -41.14 -53.03
N ALA H 67 35.99 -39.83 -52.83
CA ALA H 67 34.93 -38.83 -52.97
C ALA H 67 35.43 -37.36 -53.18
N PRO H 68 34.55 -36.44 -53.61
CA PRO H 68 34.65 -34.99 -53.55
C PRO H 68 34.97 -34.50 -52.12
N PRO H 69 35.94 -33.60 -51.93
CA PRO H 69 36.27 -33.01 -50.61
C PRO H 69 35.05 -32.42 -49.94
N ALA H 70 34.15 -31.85 -50.74
CA ALA H 70 32.92 -31.27 -50.21
C ALA H 70 32.07 -32.31 -49.49
N ALA H 71 32.12 -33.57 -49.91
CA ALA H 71 31.34 -34.58 -49.20
C ALA H 71 31.84 -34.78 -47.79
N PHE H 72 33.16 -34.86 -47.64
CA PHE H 72 33.74 -34.90 -46.31
C PHE H 72 33.37 -33.65 -45.55
N LEU H 73 33.46 -32.51 -46.21
CA LEU H 73 33.12 -31.24 -45.57
C LEU H 73 31.70 -31.28 -45.05
N CYS H 74 30.80 -31.86 -45.84
CA CYS H 74 29.42 -32.00 -45.42
C CYS H 74 29.31 -32.88 -44.19
N HIS H 75 30.01 -34.01 -44.21
CA HIS H 75 29.95 -34.85 -43.02
C HIS H 75 30.52 -34.12 -41.82
N LEU H 76 31.58 -33.36 -42.02
CA LEU H 76 32.13 -32.58 -40.93
C LEU H 76 31.11 -31.60 -40.40
N ASP H 77 30.32 -31.04 -41.31
CA ASP H 77 29.19 -30.25 -40.89
C ASP H 77 28.29 -31.07 -39.99
N ASN H 78 28.11 -32.34 -40.34
CA ASN H 78 27.32 -33.21 -39.50
C ASN H 78 27.90 -33.27 -38.10
N LEU H 79 29.22 -33.42 -38.02
CA LEU H 79 29.96 -33.45 -36.77
C LEU H 79 29.25 -34.26 -35.68
N ALA H 93 31.70 -39.65 -33.06
CA ALA H 93 33.04 -39.47 -33.59
C ALA H 93 34.05 -39.40 -32.46
N THR H 94 35.29 -39.75 -32.77
CA THR H 94 36.34 -39.86 -31.76
C THR H 94 37.39 -38.80 -32.02
N PHE H 95 37.69 -37.99 -31.00
CA PHE H 95 38.60 -36.87 -31.14
C PHE H 95 39.83 -37.12 -30.28
N SER H 96 40.98 -36.90 -30.88
CA SER H 96 42.22 -36.86 -30.13
C SER H 96 43.11 -35.82 -30.77
N CYS H 97 44.13 -35.40 -30.04
CA CYS H 97 45.00 -34.35 -30.55
C CYS H 97 46.37 -34.53 -29.94
N ASP H 98 47.37 -33.98 -30.62
CA ASP H 98 48.70 -33.91 -30.06
C ASP H 98 49.31 -32.55 -30.32
N CYS H 99 49.90 -31.99 -29.29
CA CYS H 99 50.66 -30.75 -29.42
C CYS H 99 52.07 -31.11 -29.83
N VAL H 100 52.23 -31.71 -31.01
CA VAL H 100 53.54 -31.76 -31.64
C VAL H 100 53.91 -30.31 -31.86
N ALA H 101 55.21 -30.04 -32.06
CA ALA H 101 55.88 -28.92 -31.39
C ALA H 101 54.94 -27.77 -31.04
N ASP H 102 54.19 -27.26 -32.01
CA ASP H 102 53.02 -26.43 -31.72
C ASP H 102 51.90 -26.76 -32.70
N ALA H 103 52.15 -27.69 -33.59
CA ALA H 103 51.10 -28.17 -34.48
C ALA H 103 50.17 -29.02 -33.65
N LEU H 104 49.18 -28.39 -33.05
CA LEU H 104 48.26 -29.21 -32.28
C LEU H 104 47.50 -30.06 -33.27
N ILE H 105 47.99 -31.27 -33.52
CA ILE H 105 47.41 -32.11 -34.55
C ILE H 105 46.21 -32.84 -33.96
N LEU H 106 45.02 -32.34 -34.23
CA LEU H 106 43.79 -32.96 -33.78
C LEU H 106 43.58 -34.23 -34.59
N ARG H 107 43.37 -35.33 -33.90
CA ARG H 107 43.19 -36.62 -34.51
C ARG H 107 41.76 -37.05 -34.24
N VAL H 108 40.97 -37.13 -35.29
CA VAL H 108 39.55 -37.40 -35.15
C VAL H 108 39.23 -38.68 -35.88
N ARG H 109 38.68 -39.63 -35.16
CA ARG H 109 38.06 -40.79 -35.77
C ARG H 109 36.56 -40.60 -35.79
N SER H 110 35.98 -40.68 -36.97
CA SER H 110 34.55 -40.46 -37.13
C SER H 110 33.96 -41.60 -37.94
N GLU H 111 32.64 -41.63 -37.98
CA GLU H 111 31.94 -42.55 -38.85
C GLU H 111 31.46 -41.84 -40.10
N LEU H 112 32.07 -42.16 -41.23
CA LEU H 112 31.66 -41.60 -42.51
C LEU H 112 31.49 -42.74 -43.50
N SER H 113 30.49 -42.61 -44.37
CA SER H 113 30.06 -43.68 -45.28
C SER H 113 29.73 -44.95 -44.51
N GLY H 114 29.08 -44.83 -43.36
CA GLY H 114 28.82 -45.97 -42.51
C GLY H 114 30.07 -46.66 -42.03
N LEU H 115 31.20 -46.00 -42.07
CA LEU H 115 32.46 -46.64 -41.72
C LEU H 115 33.38 -45.69 -40.99
N PRO H 116 34.39 -46.24 -40.33
CA PRO H 116 35.31 -45.46 -39.55
C PRO H 116 35.98 -44.42 -40.41
N PHE H 117 36.10 -43.20 -39.90
CA PHE H 117 36.77 -42.17 -40.67
C PHE H 117 37.91 -41.64 -39.82
N TYR H 118 38.86 -41.01 -40.49
CA TYR H 118 39.97 -40.38 -39.78
C TYR H 118 40.51 -39.16 -40.51
N TRP H 119 40.76 -38.11 -39.74
CA TRP H 119 41.41 -36.90 -40.23
C TRP H 119 42.32 -36.32 -39.16
N ASN H 120 43.31 -35.56 -39.61
CA ASN H 120 44.20 -34.83 -38.72
C ASN H 120 44.11 -33.35 -39.01
N PHE H 121 43.69 -32.60 -38.02
CA PHE H 121 43.79 -31.15 -38.09
C PHE H 121 45.14 -30.73 -37.53
N HIS H 122 46.00 -30.25 -38.39
CA HIS H 122 47.35 -29.89 -38.01
C HIS H 122 47.32 -28.44 -37.53
N CYS H 123 46.68 -28.20 -36.40
CA CYS H 123 46.37 -26.84 -35.99
C CYS H 123 47.60 -26.21 -35.36
N MET H 124 48.27 -25.37 -36.14
CA MET H 124 49.34 -24.58 -35.59
C MET H 124 48.74 -23.50 -34.73
N LEU H 125 49.49 -23.12 -33.70
CA LEU H 125 49.26 -21.89 -32.96
C LEU H 125 48.63 -20.82 -33.82
N ALA H 126 47.53 -20.25 -33.33
CA ALA H 126 46.88 -19.17 -34.05
C ALA H 126 47.69 -17.87 -33.92
N SER H 127 47.40 -16.91 -34.81
CA SER H 127 48.21 -15.70 -34.88
C SER H 127 47.67 -14.61 -33.96
N PRO H 128 48.57 -13.80 -33.38
CA PRO H 128 48.11 -12.74 -32.47
C PRO H 128 47.13 -11.76 -33.09
N SER H 129 47.30 -11.42 -34.36
CA SER H 129 46.29 -10.59 -35.02
C SER H 129 44.92 -11.23 -34.91
N LEU H 130 44.76 -12.37 -35.56
CA LEU H 130 43.48 -13.05 -35.47
C LEU H 130 43.13 -13.38 -34.03
N VAL H 131 44.13 -13.62 -33.18
CA VAL H 131 43.81 -13.92 -31.79
C VAL H 131 43.03 -12.78 -31.18
N SER H 132 43.56 -11.56 -31.31
CA SER H 132 42.75 -10.38 -31.06
C SER H 132 41.40 -10.55 -31.70
N GLN H 133 41.42 -10.78 -33.01
CA GLN H 133 40.23 -10.64 -33.83
C GLN H 133 39.14 -11.57 -33.36
N HIS H 134 39.51 -12.69 -32.79
CA HIS H 134 38.57 -13.76 -32.53
C HIS H 134 38.19 -13.86 -31.07
N LEU H 135 39.11 -13.60 -30.15
CA LEU H 135 38.78 -13.68 -28.74
C LEU H 135 38.75 -12.29 -28.15
N ILE H 136 39.87 -11.57 -28.20
CA ILE H 136 40.06 -10.50 -27.22
C ILE H 136 39.18 -9.33 -27.59
N ARG H 137 39.41 -8.82 -28.78
CA ARG H 137 38.51 -7.81 -29.32
C ARG H 137 37.07 -8.26 -29.21
N PRO H 138 36.70 -9.46 -29.63
CA PRO H 138 35.32 -9.92 -29.36
C PRO H 138 35.03 -10.05 -27.88
N LEU H 139 35.93 -10.64 -27.09
CA LEU H 139 35.65 -10.79 -25.67
C LEU H 139 35.46 -9.45 -25.00
N MET H 140 36.30 -8.49 -25.35
CA MET H 140 36.22 -7.19 -24.73
C MET H 140 34.89 -6.58 -25.14
N GLY H 141 34.54 -6.76 -26.41
CA GLY H 141 33.26 -6.24 -26.87
C GLY H 141 32.09 -6.79 -26.09
N MET H 142 32.06 -8.11 -25.93
CA MET H 142 30.93 -8.70 -25.24
C MET H 142 30.90 -8.34 -23.77
N SER H 143 32.06 -8.26 -23.13
CA SER H 143 32.07 -7.90 -21.71
C SER H 143 31.55 -6.48 -21.53
N LEU H 144 31.95 -5.55 -22.42
CA LEU H 144 31.44 -4.18 -22.32
C LEU H 144 29.94 -4.13 -22.61
N ALA H 145 29.48 -4.88 -23.62
CA ALA H 145 28.06 -4.92 -23.90
C ALA H 145 27.29 -5.46 -22.71
N LEU H 146 27.85 -6.45 -22.04
CA LEU H 146 27.25 -7.00 -20.83
C LEU H 146 27.15 -5.95 -19.73
N GLN H 147 28.20 -5.13 -19.59
CA GLN H 147 28.13 -4.07 -18.59
C GLN H 147 27.04 -3.06 -18.94
N CYS H 148 26.89 -2.75 -20.22
CA CYS H 148 25.81 -1.87 -20.64
C CYS H 148 24.45 -2.49 -20.34
N GLN H 149 24.32 -3.80 -20.56
CA GLN H 149 23.09 -4.51 -20.19
C GLN H 149 22.82 -4.40 -18.69
N VAL H 150 23.85 -4.58 -17.87
CA VAL H 150 23.68 -4.51 -16.42
C VAL H 150 23.24 -3.11 -16.02
N ARG H 151 23.85 -2.09 -16.61
CA ARG H 151 23.45 -0.71 -16.32
C ARG H 151 22.00 -0.45 -16.68
N GLU H 152 21.58 -0.94 -17.85
CA GLU H 152 20.21 -0.70 -18.27
C GLU H 152 19.19 -1.47 -17.44
N LEU H 153 19.48 -2.72 -17.10
CA LEU H 153 18.61 -3.44 -16.18
C LEU H 153 18.54 -2.75 -14.83
N ALA H 154 19.68 -2.16 -14.38
CA ALA H 154 19.70 -1.45 -13.12
C ALA H 154 18.83 -0.19 -13.16
N THR H 155 18.90 0.57 -14.26
CA THR H 155 18.06 1.76 -14.35
C THR H 155 16.60 1.36 -14.42
N LEU H 156 16.31 0.23 -15.07
CA LEU H 156 14.94 -0.29 -15.07
C LEU H 156 14.50 -0.64 -13.66
N LEU H 157 15.37 -1.28 -12.88
CA LEU H 157 15.01 -1.62 -11.50
C LEU H 157 14.83 -0.37 -10.66
N HIS H 158 15.54 0.71 -10.98
CA HIS H 158 15.28 1.96 -10.24
C HIS H 158 13.98 2.60 -10.70
N MET H 159 13.61 2.45 -11.96
CA MET H 159 12.28 2.90 -12.40
C MET H 159 11.22 2.14 -11.62
N LYS H 160 11.43 0.83 -11.50
CA LYS H 160 10.53 -0.02 -10.73
C LYS H 160 10.52 0.36 -9.26
N ASP H 161 11.68 0.73 -8.71
CA ASP H 161 11.74 1.17 -7.33
C ASP H 161 10.95 2.46 -7.14
N LEU H 162 11.05 3.37 -8.12
CA LEU H 162 10.22 4.57 -8.10
C LEU H 162 8.74 4.22 -8.09
N GLU H 163 8.35 3.28 -8.96
CA GLU H 163 6.95 2.88 -9.03
C GLU H 163 6.47 2.26 -7.72
N ILE H 164 7.30 1.40 -7.11
CA ILE H 164 6.93 0.73 -5.87
C ILE H 164 6.87 1.74 -4.71
N GLN H 165 7.84 2.65 -4.63
CA GLN H 165 7.81 3.68 -3.60
C GLN H 165 6.59 4.58 -3.78
N ASP H 166 6.15 4.77 -5.02
CA ASP H 166 4.90 5.51 -5.25
C ASP H 166 3.73 4.85 -4.54
N TYR H 167 3.65 3.51 -4.63
CA TYR H 167 2.64 2.78 -3.85
C TYR H 167 2.87 2.95 -2.35
N GLN H 168 4.14 2.87 -1.92
CA GLN H 168 4.44 2.85 -0.49
C GLN H 168 4.15 4.19 0.18
N GLU H 169 4.20 5.30 -0.58
CA GLU H 169 3.92 6.59 0.04
C GLU H 169 2.46 6.77 0.41
N SER H 170 1.54 6.05 -0.24
CA SER H 170 0.11 6.23 0.02
C SER H 170 -0.56 4.86 0.00
N GLY H 171 -0.85 4.33 1.20
CA GLY H 171 -1.54 3.06 1.30
C GLY H 171 -0.76 1.94 0.65
N ALA H 172 -1.46 1.10 -0.11
CA ALA H 172 -0.87 0.01 -0.87
C ALA H 172 -0.11 -0.96 0.04
N THR H 173 -0.85 -1.61 0.92
CA THR H 173 -0.27 -2.63 1.77
C THR H 173 -0.10 -3.94 1.00
N LEU H 174 0.99 -4.65 1.29
CA LEU H 174 1.28 -5.90 0.63
C LEU H 174 0.41 -7.01 1.21
N ILE H 175 -0.14 -7.86 0.33
CA ILE H 175 -1.03 -8.93 0.75
C ILE H 175 -0.24 -10.22 0.92
N ARG H 176 0.47 -10.65 -0.12
CA ARG H 176 1.32 -11.82 -0.03
C ARG H 176 2.55 -11.46 0.80
N ASP H 177 2.67 -12.07 1.98
CA ASP H 177 3.73 -11.71 2.92
C ASP H 177 5.09 -12.24 2.51
N ARG H 178 5.19 -12.78 1.29
CA ARG H 178 6.46 -13.31 0.80
C ARG H 178 6.92 -12.68 -0.51
N LEU H 179 6.30 -11.59 -0.96
CA LEU H 179 6.70 -10.94 -2.21
C LEU H 179 7.55 -9.70 -1.97
N LYS H 180 8.04 -9.48 -0.76
CA LYS H 180 8.83 -8.28 -0.46
C LYS H 180 10.14 -8.27 -1.24
N THR H 181 10.48 -7.09 -1.76
CA THR H 181 11.75 -6.86 -2.44
C THR H 181 12.46 -5.68 -1.80
N GLU H 182 13.70 -5.88 -1.39
CA GLU H 182 14.50 -4.80 -0.84
C GLU H 182 14.83 -3.79 -1.95
N PRO H 183 14.86 -2.49 -1.63
CA PRO H 183 15.15 -1.49 -2.67
C PRO H 183 16.50 -1.73 -3.33
N PHE H 184 16.55 -1.48 -4.64
CA PHE H 184 17.71 -1.88 -5.43
C PHE H 184 18.80 -0.83 -5.38
N GLU H 185 19.98 -1.23 -4.93
CA GLU H 185 21.17 -0.37 -4.95
C GLU H 185 22.36 -1.21 -5.37
N GLU H 186 23.00 -0.79 -6.45
CA GLU H 186 23.95 -1.64 -7.16
C GLU H 186 25.08 -2.12 -6.26
N ASN H 187 25.70 -1.21 -5.50
CA ASN H 187 26.97 -1.49 -4.85
C ASN H 187 26.89 -2.71 -3.96
N SER H 188 25.86 -2.76 -3.11
CA SER H 188 25.73 -3.87 -2.17
C SER H 188 25.54 -5.19 -2.91
N PHE H 189 24.83 -5.19 -4.03
CA PHE H 189 24.63 -6.44 -4.74
C PHE H 189 25.86 -6.85 -5.50
N LEU H 190 26.61 -5.90 -6.05
CA LEU H 190 27.91 -6.25 -6.58
C LEU H 190 28.78 -6.86 -5.50
N GLU H 191 28.67 -6.33 -4.28
CA GLU H 191 29.43 -6.89 -3.16
C GLU H 191 29.02 -8.34 -2.88
N GLN H 192 27.71 -8.58 -2.79
CA GLN H 192 27.24 -9.93 -2.51
C GLN H 192 27.56 -10.86 -3.67
N PHE H 193 27.64 -10.31 -4.88
CA PHE H 193 28.06 -11.07 -6.03
C PHE H 193 29.51 -11.48 -5.89
N MET H 194 30.34 -10.55 -5.43
CA MET H 194 31.75 -10.81 -5.16
C MET H 194 31.92 -11.93 -4.15
N ILE H 195 31.16 -11.85 -3.07
CA ILE H 195 31.36 -12.76 -1.93
C ILE H 195 30.72 -14.11 -2.18
N GLU H 196 29.40 -14.14 -2.36
CA GLU H 196 28.65 -15.39 -2.38
C GLU H 196 28.83 -16.19 -3.66
N LYS H 197 28.93 -15.54 -4.80
CA LYS H 197 28.76 -16.28 -6.05
C LYS H 197 29.80 -15.96 -7.11
N LEU H 198 30.63 -14.94 -6.91
CA LEU H 198 31.72 -14.70 -7.86
C LEU H 198 32.64 -15.90 -8.02
N PRO H 199 33.05 -16.62 -6.94
CA PRO H 199 33.90 -17.82 -7.14
C PRO H 199 33.31 -18.85 -8.10
N GLU H 200 32.07 -19.27 -7.85
CA GLU H 200 31.43 -20.25 -8.72
C GLU H 200 31.25 -19.70 -10.12
N ALA H 201 30.87 -18.42 -10.23
CA ALA H 201 30.67 -17.82 -11.54
C ALA H 201 31.95 -17.82 -12.36
N CYS H 202 32.96 -17.06 -11.93
CA CYS H 202 34.15 -16.82 -12.74
C CYS H 202 35.00 -18.05 -12.95
N SER H 203 34.60 -19.21 -12.43
CA SER H 203 35.35 -20.43 -12.65
C SER H 203 35.42 -20.75 -14.14
N ILE H 204 36.65 -20.89 -14.65
CA ILE H 204 36.83 -21.13 -16.08
C ILE H 204 36.34 -22.53 -16.45
N GLY H 205 36.71 -23.54 -15.67
CA GLY H 205 36.25 -24.88 -15.95
C GLY H 205 36.84 -25.43 -17.23
N ASP H 206 35.99 -26.03 -18.07
CA ASP H 206 36.41 -26.65 -19.32
C ASP H 206 35.88 -25.94 -20.56
N GLY H 207 35.44 -24.68 -20.42
CA GLY H 207 34.88 -23.95 -21.52
C GLY H 207 33.45 -24.29 -21.85
N LYS H 208 32.82 -25.16 -21.07
CA LYS H 208 31.43 -25.51 -21.35
C LYS H 208 30.45 -24.35 -21.16
N PRO H 209 30.43 -23.62 -20.05
CA PRO H 209 29.40 -22.58 -19.89
C PRO H 209 29.45 -21.55 -21.00
N PHE H 210 30.65 -21.24 -21.48
CA PHE H 210 30.80 -20.25 -22.54
C PHE H 210 30.09 -20.71 -23.82
N VAL H 211 30.38 -21.94 -24.25
CA VAL H 211 29.72 -22.43 -25.46
C VAL H 211 28.24 -22.60 -25.21
N MET H 212 27.85 -22.89 -23.98
CA MET H 212 26.44 -23.03 -23.65
C MET H 212 25.63 -21.75 -23.79
N ASN H 213 26.09 -20.68 -23.16
CA ASN H 213 25.20 -19.56 -22.93
C ASN H 213 25.55 -18.32 -23.72
N LEU H 214 26.82 -18.10 -24.05
CA LEU H 214 27.28 -16.83 -24.54
C LEU H 214 27.36 -16.77 -26.06
N GLN H 215 27.05 -17.86 -26.76
CA GLN H 215 27.29 -17.88 -28.19
C GLN H 215 26.43 -16.85 -28.90
N ASP H 216 25.22 -16.60 -28.39
CA ASP H 216 24.37 -15.58 -28.97
C ASP H 216 25.10 -14.24 -28.99
N LEU H 217 25.53 -13.81 -27.82
CA LEU H 217 26.28 -12.57 -27.72
C LEU H 217 27.59 -12.66 -28.48
N TYR H 218 28.18 -13.85 -28.57
CA TYR H 218 29.42 -13.97 -29.32
C TYR H 218 29.19 -13.62 -30.79
N MET H 219 28.20 -14.24 -31.40
CA MET H 219 27.92 -14.01 -32.80
C MET H 219 27.49 -12.59 -33.00
N ALA H 220 26.73 -12.07 -32.05
CA ALA H 220 26.29 -10.67 -32.13
C ALA H 220 27.48 -9.72 -32.12
N VAL H 221 28.42 -9.92 -31.19
CA VAL H 221 29.58 -9.04 -31.08
C VAL H 221 30.48 -9.19 -32.30
N THR H 222 30.56 -10.40 -32.85
CA THR H 222 31.32 -10.59 -34.10
C THR H 222 30.67 -9.83 -35.24
N THR H 223 29.34 -9.86 -35.32
CA THR H 223 28.65 -9.06 -36.32
C THR H 223 28.88 -7.56 -36.14
N GLN H 224 28.83 -7.06 -34.91
CA GLN H 224 28.98 -5.62 -34.69
C GLN H 224 30.41 -5.13 -34.89
N LYS H 293 -35.83 69.23 -55.97
CA LYS H 293 -36.47 68.86 -54.71
C LYS H 293 -37.66 69.78 -54.41
N PRO H 294 -38.64 69.27 -53.68
CA PRO H 294 -39.76 70.12 -53.26
C PRO H 294 -39.27 71.29 -52.43
N ARG H 295 -39.87 72.45 -52.65
CA ARG H 295 -39.41 73.68 -52.03
C ARG H 295 -40.59 74.63 -51.85
N GLY H 296 -40.46 75.55 -50.90
CA GLY H 296 -41.46 76.57 -50.69
C GLY H 296 -42.75 76.00 -50.11
N LEU H 297 -43.78 75.90 -50.96
CA LEU H 297 -45.06 75.35 -50.56
C LEU H 297 -44.94 73.96 -49.93
N PHE H 298 -44.02 73.14 -50.42
CA PHE H 298 -43.83 71.80 -49.90
C PHE H 298 -42.92 71.75 -48.68
N SER H 299 -41.90 72.64 -48.62
CA SER H 299 -40.91 72.61 -47.55
C SER H 299 -41.46 73.25 -46.28
N TYR I 30 -4.14 -23.55 25.32
CA TYR I 30 -5.28 -22.77 24.89
C TYR I 30 -6.48 -23.08 25.78
N LYS I 31 -7.59 -22.38 25.54
CA LYS I 31 -8.78 -22.53 26.38
C LYS I 31 -9.25 -23.97 26.38
N TYR I 32 -9.30 -24.57 27.56
CA TYR I 32 -9.47 -26.02 27.67
C TYR I 32 -10.81 -26.44 27.08
N SER I 33 -11.89 -25.76 27.46
CA SER I 33 -13.21 -26.12 26.95
C SER I 33 -13.28 -26.04 25.44
N GLY I 34 -12.42 -25.24 24.81
CA GLY I 34 -12.34 -25.27 23.37
C GLY I 34 -11.93 -26.64 22.86
N ARG I 35 -12.18 -26.88 21.59
CA ARG I 35 -11.96 -28.19 21.01
C ARG I 35 -11.40 -28.10 19.61
N ASP I 36 -10.66 -29.14 19.23
CA ASP I 36 -10.03 -29.17 17.92
C ASP I 36 -11.06 -29.49 16.84
N SER I 37 -10.89 -28.86 15.69
CA SER I 37 -11.85 -28.99 14.62
C SER I 37 -11.11 -29.16 13.31
N LEU I 38 -11.39 -30.26 12.63
CA LEU I 38 -10.74 -30.57 11.37
C LEU I 38 -11.80 -30.86 10.34
N ILE I 39 -11.73 -30.15 9.22
CA ILE I 39 -12.71 -30.28 8.14
C ILE I 39 -12.03 -30.94 6.96
N PHE I 40 -12.76 -31.80 6.26
CA PHE I 40 -12.17 -32.53 5.16
C PHE I 40 -12.81 -32.13 3.84
N LEU I 41 -11.95 -32.01 2.83
CA LEU I 41 -12.29 -31.34 1.58
C LEU I 41 -11.50 -31.98 0.46
N VAL I 42 -12.18 -32.66 -0.44
CA VAL I 42 -11.55 -33.49 -1.46
C VAL I 42 -11.94 -32.98 -2.83
N ASP I 43 -10.97 -32.94 -3.75
CA ASP I 43 -11.24 -32.63 -5.15
C ASP I 43 -12.17 -33.67 -5.76
N ALA I 44 -13.40 -33.28 -6.09
CA ALA I 44 -14.36 -34.22 -6.63
C ALA I 44 -14.43 -34.19 -8.15
N SER I 45 -13.50 -33.52 -8.82
CA SER I 45 -13.51 -33.46 -10.26
C SER I 45 -13.24 -34.84 -10.86
N LYS I 46 -13.45 -34.94 -12.17
CA LYS I 46 -13.06 -36.14 -12.90
C LYS I 46 -11.55 -36.32 -12.92
N ALA I 47 -10.80 -35.33 -12.48
CA ALA I 47 -9.34 -35.40 -12.46
C ALA I 47 -8.87 -36.65 -11.73
N MET I 48 -9.10 -36.73 -10.43
CA MET I 48 -8.61 -37.84 -9.65
C MET I 48 -9.68 -38.86 -9.30
N PHE I 49 -10.92 -38.67 -9.76
CA PHE I 49 -11.94 -39.66 -9.49
C PHE I 49 -11.58 -41.00 -10.12
N GLU I 50 -11.02 -40.97 -11.32
CA GLU I 50 -10.57 -42.18 -12.01
C GLU I 50 -9.22 -41.96 -12.67
N SER I 51 -8.28 -41.37 -11.95
CA SER I 51 -6.94 -41.20 -12.51
C SER I 51 -6.33 -42.57 -12.78
N GLN I 52 -6.09 -43.33 -11.70
CA GLN I 52 -5.69 -44.73 -11.73
C GLN I 52 -4.72 -45.06 -12.86
N SER I 53 -3.56 -44.38 -12.88
CA SER I 53 -2.55 -44.65 -13.90
C SER I 53 -2.21 -46.14 -13.95
N GLU I 54 -1.94 -46.73 -12.79
CA GLU I 54 -1.80 -48.16 -12.65
C GLU I 54 -3.08 -48.72 -12.04
N ASP I 55 -3.04 -50.00 -11.64
CA ASP I 55 -4.20 -50.64 -11.03
C ASP I 55 -3.94 -51.05 -9.59
N GLU I 56 -3.11 -50.31 -8.86
CA GLU I 56 -2.79 -50.65 -7.48
C GLU I 56 -3.30 -49.64 -6.45
N LEU I 57 -3.72 -48.45 -6.89
CA LEU I 57 -4.23 -47.43 -5.99
C LEU I 57 -5.24 -46.58 -6.75
N THR I 58 -5.80 -45.59 -6.04
CA THR I 58 -6.71 -44.63 -6.64
C THR I 58 -6.78 -43.44 -5.70
N PRO I 59 -6.54 -42.23 -6.19
CA PRO I 59 -6.49 -41.07 -5.28
C PRO I 59 -7.74 -40.87 -4.47
N PHE I 60 -8.91 -41.03 -5.07
CA PHE I 60 -10.14 -40.98 -4.28
C PHE I 60 -10.20 -42.15 -3.32
N ASP I 61 -9.86 -43.34 -3.78
CA ASP I 61 -9.75 -44.47 -2.89
C ASP I 61 -8.61 -44.31 -1.90
N MET I 62 -7.74 -43.34 -2.13
CA MET I 62 -6.66 -42.98 -1.23
C MET I 62 -7.08 -41.88 -0.26
N SER I 63 -7.72 -40.84 -0.77
CA SER I 63 -8.19 -39.77 0.09
C SER I 63 -9.28 -40.25 1.03
N ILE I 64 -10.24 -41.01 0.51
CA ILE I 64 -11.30 -41.52 1.38
C ILE I 64 -10.74 -42.49 2.39
N GLN I 65 -9.75 -43.29 2.01
CA GLN I 65 -9.10 -44.16 2.97
C GLN I 65 -8.45 -43.34 4.09
N CYS I 66 -7.77 -42.26 3.70
CA CYS I 66 -7.14 -41.41 4.71
C CYS I 66 -8.18 -40.81 5.63
N ILE I 67 -9.29 -40.33 5.07
CA ILE I 67 -10.32 -39.71 5.88
C ILE I 67 -10.92 -40.73 6.84
N GLN I 68 -11.24 -41.92 6.34
CA GLN I 68 -11.81 -42.94 7.20
C GLN I 68 -10.86 -43.31 8.32
N SER I 69 -9.58 -43.47 8.00
CA SER I 69 -8.62 -43.86 9.02
C SER I 69 -8.47 -42.77 10.08
N VAL I 70 -8.28 -41.53 9.67
CA VAL I 70 -8.08 -40.48 10.66
C VAL I 70 -9.34 -40.30 11.47
N TYR I 71 -10.51 -40.47 10.86
CA TYR I 71 -11.75 -40.16 11.55
C TYR I 71 -12.06 -41.27 12.56
N ILE I 72 -11.82 -42.52 12.19
CA ILE I 72 -11.99 -43.60 13.16
C ILE I 72 -10.98 -43.48 14.29
N SER I 73 -9.75 -43.04 13.99
CA SER I 73 -8.81 -42.84 15.08
C SER I 73 -9.27 -41.72 16.01
N LYS I 74 -9.82 -40.66 15.44
CA LYS I 74 -10.26 -39.55 16.25
C LYS I 74 -11.45 -39.95 17.10
N ILE I 75 -12.20 -40.96 16.66
CA ILE I 75 -13.33 -41.45 17.45
C ILE I 75 -12.83 -41.77 18.85
N ILE I 76 -11.92 -42.73 18.96
CA ILE I 76 -11.42 -43.14 20.25
C ILE I 76 -10.54 -42.07 20.87
N SER I 77 -9.74 -41.36 20.07
CA SER I 77 -8.72 -40.50 20.66
C SER I 77 -9.33 -39.32 21.39
N SER I 78 -10.08 -38.48 20.67
CA SER I 78 -10.51 -37.19 21.20
C SER I 78 -11.98 -36.99 20.92
N ASP I 79 -12.81 -37.96 21.31
CA ASP I 79 -14.21 -38.03 20.94
C ASP I 79 -14.95 -36.71 21.16
N ARG I 80 -14.34 -35.83 21.93
CA ARG I 80 -14.96 -34.54 22.20
C ARG I 80 -14.81 -33.56 21.05
N ASP I 81 -13.96 -33.85 20.05
CA ASP I 81 -13.62 -32.88 19.03
C ASP I 81 -14.65 -32.88 17.89
N LEU I 82 -14.33 -32.14 16.83
CA LEU I 82 -15.25 -31.92 15.71
C LEU I 82 -14.55 -32.24 14.40
N LEU I 83 -15.28 -32.93 13.51
CA LEU I 83 -14.82 -33.26 12.17
C LEU I 83 -15.94 -32.97 11.18
N ALA I 84 -15.57 -32.78 9.91
CA ALA I 84 -16.55 -32.58 8.85
C ALA I 84 -15.91 -32.90 7.51
N VAL I 85 -16.72 -33.44 6.59
CA VAL I 85 -16.28 -33.79 5.26
C VAL I 85 -17.17 -33.11 4.23
N VAL I 86 -16.54 -32.45 3.26
CA VAL I 86 -17.23 -31.60 2.30
C VAL I 86 -16.46 -31.61 0.99
N PHE I 87 -17.12 -32.06 -0.08
CA PHE I 87 -16.49 -32.25 -1.38
C PHE I 87 -16.78 -31.05 -2.25
N TYR I 88 -15.88 -30.75 -3.18
CA TYR I 88 -16.03 -29.58 -4.04
C TYR I 88 -15.84 -29.99 -5.49
N GLY I 89 -16.53 -29.30 -6.39
CA GLY I 89 -16.49 -29.60 -7.81
C GLY I 89 -17.54 -30.57 -8.26
N THR I 90 -18.41 -31.00 -7.36
CA THR I 90 -19.43 -31.99 -7.67
C THR I 90 -20.50 -31.36 -8.56
N GLU I 91 -21.44 -32.19 -8.99
CA GLU I 91 -22.51 -31.72 -9.87
C GLU I 91 -23.84 -31.55 -9.15
N LYS I 92 -24.20 -32.46 -8.26
CA LYS I 92 -25.29 -32.18 -7.36
C LYS I 92 -24.84 -31.10 -6.38
N ASP I 93 -25.79 -30.43 -5.74
CA ASP I 93 -25.42 -29.31 -4.88
C ASP I 93 -26.25 -29.33 -3.61
N LYS I 94 -25.57 -29.10 -2.48
CA LYS I 94 -26.20 -28.50 -1.31
C LYS I 94 -25.09 -27.99 -0.40
N ASN I 95 -25.37 -26.87 0.24
CA ASN I 95 -24.50 -26.29 1.24
C ASN I 95 -25.33 -25.27 2.02
N SER I 96 -24.67 -24.48 2.86
CA SER I 96 -25.40 -23.49 3.64
C SER I 96 -25.94 -22.38 2.75
N VAL I 97 -25.20 -22.02 1.71
CA VAL I 97 -25.53 -20.86 0.89
C VAL I 97 -26.02 -21.21 -0.50
N ASN I 98 -26.29 -22.49 -0.77
CA ASN I 98 -26.79 -22.93 -2.06
C ASN I 98 -25.90 -22.43 -3.20
N PHE I 99 -24.63 -22.79 -3.11
CA PHE I 99 -23.70 -22.41 -4.17
C PHE I 99 -23.56 -23.51 -5.22
N LYS I 100 -22.56 -23.37 -6.08
CA LYS I 100 -22.38 -24.24 -7.22
C LYS I 100 -21.23 -25.20 -6.99
N ASN I 101 -21.49 -26.48 -7.18
CA ASN I 101 -20.47 -27.52 -7.23
C ASN I 101 -19.81 -27.75 -5.88
N ILE I 102 -20.56 -27.60 -4.79
CA ILE I 102 -20.06 -27.83 -3.44
C ILE I 102 -21.03 -28.76 -2.71
N TYR I 103 -20.49 -29.78 -2.06
CA TYR I 103 -21.29 -30.76 -1.32
C TYR I 103 -20.74 -30.94 0.08
N VAL I 104 -21.54 -30.59 1.08
CA VAL I 104 -21.19 -30.82 2.47
C VAL I 104 -21.73 -32.19 2.85
N LEU I 105 -20.84 -33.18 2.83
CA LEU I 105 -21.29 -34.56 3.00
C LEU I 105 -21.81 -34.78 4.41
N GLN I 106 -20.99 -34.51 5.42
CA GLN I 106 -21.43 -34.50 6.80
C GLN I 106 -20.92 -33.24 7.48
N GLU I 107 -21.81 -32.54 8.17
CA GLU I 107 -21.48 -31.25 8.74
C GLU I 107 -20.49 -31.39 9.88
N LEU I 108 -20.11 -30.26 10.46
CA LEU I 108 -19.28 -30.28 11.67
C LEU I 108 -20.12 -30.76 12.84
N ASP I 109 -19.73 -31.89 13.42
CA ASP I 109 -20.33 -32.33 14.66
C ASP I 109 -19.42 -33.33 15.35
N ASN I 110 -19.75 -33.70 16.58
CA ASN I 110 -18.94 -34.67 17.29
C ASN I 110 -18.93 -35.97 16.49
N PRO I 111 -17.79 -36.65 16.41
CA PRO I 111 -17.69 -37.84 15.57
C PRO I 111 -18.56 -38.98 16.06
N GLY I 112 -18.93 -39.84 15.13
CA GLY I 112 -19.83 -40.94 15.44
C GLY I 112 -19.87 -41.96 14.33
N ALA I 113 -20.42 -43.13 14.67
CA ALA I 113 -20.48 -44.23 13.71
C ALA I 113 -21.41 -43.94 12.56
N LYS I 114 -22.51 -43.23 12.82
CA LYS I 114 -23.46 -42.89 11.77
C LYS I 114 -22.80 -42.22 10.58
N ARG I 115 -21.55 -41.78 10.75
CA ARG I 115 -20.78 -41.18 9.68
C ARG I 115 -19.62 -42.04 9.26
N ILE I 116 -19.13 -42.90 10.15
CA ILE I 116 -18.22 -43.94 9.72
C ILE I 116 -18.86 -44.70 8.57
N LEU I 117 -20.13 -45.07 8.73
CA LEU I 117 -20.82 -45.80 7.67
C LEU I 117 -20.97 -44.95 6.42
N GLU I 118 -21.30 -43.67 6.56
CA GLU I 118 -21.48 -42.84 5.38
C GLU I 118 -20.19 -42.76 4.57
N LEU I 119 -19.07 -42.58 5.24
CA LEU I 119 -17.80 -42.60 4.52
C LEU I 119 -17.54 -43.97 3.91
N ASP I 120 -17.82 -45.04 4.67
CA ASP I 120 -17.52 -46.38 4.18
C ASP I 120 -18.35 -46.71 2.95
N GLN I 121 -19.52 -46.09 2.82
CA GLN I 121 -20.38 -46.33 1.68
C GLN I 121 -19.70 -46.00 0.37
N PHE I 122 -18.66 -45.16 0.40
CA PHE I 122 -18.00 -44.75 -0.82
C PHE I 122 -16.73 -45.52 -1.11
N LYS I 123 -16.22 -46.27 -0.15
CA LYS I 123 -15.00 -47.07 -0.33
C LYS I 123 -15.30 -48.23 -1.28
N GLY I 124 -14.83 -48.14 -2.51
CA GLY I 124 -14.94 -49.25 -3.45
C GLY I 124 -15.22 -48.79 -4.86
N GLN I 125 -14.87 -49.65 -5.81
CA GLN I 125 -15.18 -49.37 -7.21
C GLN I 125 -16.69 -49.27 -7.41
N GLN I 126 -17.44 -50.20 -6.82
CA GLN I 126 -18.88 -50.00 -6.75
C GLN I 126 -19.20 -48.74 -5.97
N GLY I 127 -18.43 -48.47 -4.90
CA GLY I 127 -18.64 -47.26 -4.14
C GLY I 127 -18.39 -46.00 -4.94
N GLN I 128 -17.34 -46.01 -5.77
CA GLN I 128 -17.09 -44.83 -6.59
C GLN I 128 -18.17 -44.68 -7.66
N LYS I 129 -18.69 -45.80 -8.15
CA LYS I 129 -19.84 -45.72 -9.03
C LYS I 129 -21.02 -45.05 -8.34
N ARG I 130 -21.30 -45.44 -7.09
CA ARG I 130 -22.36 -44.78 -6.33
C ARG I 130 -22.08 -43.29 -6.17
N PHE I 131 -20.84 -42.94 -5.83
CA PHE I 131 -20.51 -41.55 -5.58
C PHE I 131 -20.73 -40.72 -6.83
N GLN I 132 -20.26 -41.23 -7.97
CA GLN I 132 -20.38 -40.45 -9.20
C GLN I 132 -21.84 -40.34 -9.63
N ASP I 133 -22.60 -41.42 -9.52
CA ASP I 133 -23.97 -41.29 -9.99
C ASP I 133 -24.91 -40.68 -8.96
N MET I 134 -24.42 -40.37 -7.76
CA MET I 134 -25.23 -39.64 -6.79
C MET I 134 -24.89 -38.17 -6.69
N MET I 135 -23.61 -37.79 -6.73
CA MET I 135 -23.21 -36.38 -6.74
C MET I 135 -22.61 -35.91 -8.07
N GLY I 136 -21.84 -36.73 -8.79
CA GLY I 136 -21.39 -36.24 -10.08
C GLY I 136 -20.01 -36.66 -10.54
N HIS I 137 -19.77 -36.51 -11.85
CA HIS I 137 -18.47 -36.81 -12.43
C HIS I 137 -17.41 -35.85 -11.93
N GLY I 138 -17.81 -34.64 -11.57
CA GLY I 138 -16.89 -33.56 -11.26
C GLY I 138 -16.98 -32.44 -12.27
N SER I 139 -17.66 -31.37 -11.89
CA SER I 139 -17.90 -30.23 -12.77
C SER I 139 -16.81 -29.17 -12.55
N ASP I 140 -17.07 -27.97 -13.08
CA ASP I 140 -16.17 -26.83 -12.86
C ASP I 140 -16.27 -26.37 -11.41
N TYR I 141 -15.26 -25.63 -10.93
CA TYR I 141 -15.16 -25.31 -9.52
C TYR I 141 -14.36 -24.03 -9.36
N SER I 142 -14.19 -23.61 -8.10
CA SER I 142 -13.41 -22.42 -7.78
C SER I 142 -13.04 -22.48 -6.30
N LEU I 143 -11.76 -22.65 -6.00
CA LEU I 143 -11.36 -22.85 -4.62
C LEU I 143 -11.61 -21.60 -3.79
N SER I 144 -11.78 -20.44 -4.44
CA SER I 144 -12.25 -19.27 -3.70
C SER I 144 -13.57 -19.59 -3.02
N GLU I 145 -14.52 -20.08 -3.79
CA GLU I 145 -15.83 -20.40 -3.24
C GLU I 145 -15.75 -21.59 -2.30
N VAL I 146 -14.81 -22.49 -2.53
CA VAL I 146 -14.57 -23.57 -1.59
C VAL I 146 -14.08 -23.04 -0.22
N LEU I 147 -13.16 -22.08 -0.21
CA LEU I 147 -12.65 -21.46 1.03
C LEU I 147 -13.73 -20.62 1.72
N TRP I 148 -14.46 -19.82 0.96
CA TRP I 148 -15.63 -19.10 1.40
C TRP I 148 -16.63 -20.01 2.13
N VAL I 149 -16.98 -21.15 1.53
CA VAL I 149 -17.97 -22.06 2.13
C VAL I 149 -17.41 -22.85 3.31
N CYS I 150 -16.18 -23.37 3.29
CA CYS I 150 -15.68 -24.10 4.47
C CYS I 150 -15.49 -23.16 5.69
N ALA I 151 -15.17 -21.90 5.44
CA ALA I 151 -15.21 -20.83 6.43
C ALA I 151 -16.58 -20.74 7.06
N ASN I 152 -17.63 -20.80 6.25
CA ASN I 152 -18.97 -20.76 6.82
C ASN I 152 -19.19 -21.93 7.75
N LEU I 153 -18.71 -23.11 7.38
CA LEU I 153 -18.87 -24.27 8.26
C LEU I 153 -18.24 -24.01 9.62
N PHE I 154 -16.99 -23.54 9.65
CA PHE I 154 -16.41 -23.23 10.95
C PHE I 154 -17.23 -22.18 11.70
N SER I 155 -17.73 -21.18 10.99
CA SER I 155 -18.48 -20.13 11.66
C SER I 155 -19.73 -20.69 12.31
N ASP I 156 -20.33 -21.71 11.70
CA ASP I 156 -21.68 -22.12 12.10
C ASP I 156 -21.73 -22.64 13.54
N VAL I 157 -20.86 -23.59 13.89
CA VAL I 157 -21.07 -24.33 15.12
C VAL I 157 -20.69 -23.46 16.31
N GLN I 158 -21.32 -23.74 17.45
CA GLN I 158 -21.33 -22.82 18.58
C GLN I 158 -20.23 -23.09 19.60
N PHE I 159 -19.83 -24.33 19.80
CA PHE I 159 -18.80 -24.62 20.78
C PHE I 159 -17.51 -23.90 20.42
N LYS I 160 -16.80 -23.43 21.44
CA LYS I 160 -15.54 -22.76 21.19
C LYS I 160 -14.52 -23.74 20.63
N MET I 161 -13.67 -23.26 19.74
CA MET I 161 -12.71 -24.10 19.02
C MET I 161 -11.30 -23.80 19.51
N SER I 162 -10.57 -24.86 19.87
CA SER I 162 -9.18 -24.67 20.28
C SER I 162 -8.28 -24.48 19.07
N HIS I 163 -8.29 -25.42 18.15
CA HIS I 163 -7.54 -25.31 16.91
C HIS I 163 -8.48 -25.55 15.74
N LYS I 164 -8.18 -24.91 14.62
CA LYS I 164 -9.04 -24.96 13.44
C LYS I 164 -8.17 -25.26 12.24
N ARG I 165 -8.31 -26.45 11.67
CA ARG I 165 -7.47 -26.88 10.56
C ARG I 165 -8.33 -27.37 9.40
N ILE I 166 -7.90 -27.03 8.19
CA ILE I 166 -8.58 -27.41 6.96
C ILE I 166 -7.65 -28.33 6.19
N MET I 167 -8.14 -29.47 5.77
CA MET I 167 -7.35 -30.37 4.95
C MET I 167 -7.94 -30.45 3.55
N LEU I 168 -7.19 -29.98 2.56
CA LEU I 168 -7.51 -30.16 1.16
C LEU I 168 -7.09 -31.56 0.73
N PHE I 169 -7.73 -32.05 -0.31
CA PHE I 169 -7.32 -33.29 -0.94
C PHE I 169 -7.46 -33.13 -2.45
N THR I 170 -6.36 -32.85 -3.11
CA THR I 170 -6.33 -32.46 -4.52
C THR I 170 -4.91 -32.70 -5.00
N ASN I 171 -4.73 -32.75 -6.31
CA ASN I 171 -3.39 -32.77 -6.86
C ASN I 171 -3.30 -31.89 -8.11
N GLU I 172 -4.28 -31.03 -8.31
CA GLU I 172 -4.27 -30.13 -9.46
C GLU I 172 -3.49 -28.92 -8.98
N ASP I 173 -2.16 -29.04 -9.00
CA ASP I 173 -1.31 -28.13 -8.26
C ASP I 173 -1.54 -26.69 -8.68
N ASN I 174 -1.98 -26.47 -9.91
CA ASN I 174 -2.51 -25.18 -10.31
C ASN I 174 -4.02 -25.31 -10.38
N PRO I 175 -4.77 -24.70 -9.47
CA PRO I 175 -6.23 -24.87 -9.51
C PRO I 175 -6.84 -24.40 -10.81
N HIS I 176 -6.31 -23.32 -11.38
CA HIS I 176 -6.76 -22.86 -12.69
C HIS I 176 -5.71 -21.90 -13.24
N GLY I 177 -5.04 -22.30 -14.31
CA GLY I 177 -4.21 -21.39 -15.05
C GLY I 177 -4.96 -20.62 -16.11
N ASN I 178 -6.28 -20.76 -16.15
CA ASN I 178 -7.09 -20.19 -17.21
C ASN I 178 -7.72 -18.85 -16.83
N ASP I 179 -8.32 -18.74 -15.65
CA ASP I 179 -9.01 -17.52 -15.22
C ASP I 179 -8.19 -16.96 -14.06
N SER I 180 -7.40 -15.93 -14.35
CA SER I 180 -6.53 -15.36 -13.33
C SER I 180 -7.33 -14.67 -12.23
N ALA I 181 -8.50 -14.14 -12.56
CA ALA I 181 -9.31 -13.44 -11.57
C ALA I 181 -9.74 -14.38 -10.45
N LYS I 182 -10.14 -15.59 -10.82
CA LYS I 182 -10.45 -16.62 -9.83
C LYS I 182 -9.27 -16.83 -8.90
N ALA I 183 -8.05 -16.85 -9.44
CA ALA I 183 -6.87 -17.12 -8.63
C ALA I 183 -6.52 -15.94 -7.73
N SER I 184 -6.71 -14.72 -8.23
CA SER I 184 -6.53 -13.55 -7.39
C SER I 184 -7.49 -13.55 -6.22
N ARG I 185 -8.78 -13.78 -6.50
CA ARG I 185 -9.73 -13.90 -5.42
C ARG I 185 -9.37 -15.04 -4.48
N ALA I 186 -8.71 -16.08 -5.01
CA ALA I 186 -8.29 -17.19 -4.16
C ALA I 186 -7.24 -16.74 -3.16
N ARG I 187 -6.18 -16.07 -3.63
CA ARG I 187 -5.23 -15.53 -2.65
C ARG I 187 -5.93 -14.64 -1.64
N THR I 188 -6.84 -13.79 -2.11
CA THR I 188 -7.46 -12.85 -1.17
C THR I 188 -8.20 -13.59 -0.07
N LYS I 189 -9.10 -14.50 -0.46
CA LYS I 189 -9.92 -15.17 0.54
C LYS I 189 -9.08 -16.05 1.42
N ALA I 190 -8.06 -16.71 0.86
CA ALA I 190 -7.23 -17.59 1.67
C ALA I 190 -6.42 -16.80 2.69
N GLY I 191 -5.89 -15.65 2.29
CA GLY I 191 -5.23 -14.79 3.25
C GLY I 191 -6.18 -14.34 4.34
N ASP I 192 -7.43 -14.09 3.97
CA ASP I 192 -8.42 -13.75 4.98
C ASP I 192 -8.58 -14.88 5.99
N LEU I 193 -8.80 -16.09 5.50
CA LEU I 193 -8.91 -17.25 6.40
C LEU I 193 -7.67 -17.38 7.27
N ARG I 194 -6.50 -17.09 6.72
CA ARG I 194 -5.29 -17.13 7.53
C ARG I 194 -5.34 -16.10 8.65
N ASP I 195 -6.19 -15.09 8.52
CA ASP I 195 -6.27 -14.02 9.50
C ASP I 195 -7.57 -14.04 10.27
N THR I 196 -8.45 -14.99 9.98
CA THR I 196 -9.63 -15.18 10.80
C THR I 196 -9.40 -16.22 11.89
N GLY I 197 -8.18 -16.73 12.01
CA GLY I 197 -7.86 -17.73 12.98
C GLY I 197 -7.83 -19.15 12.46
N ILE I 198 -7.92 -19.35 11.16
CA ILE I 198 -8.04 -20.69 10.57
C ILE I 198 -6.79 -20.99 9.77
N PHE I 199 -6.21 -22.16 10.02
CA PHE I 199 -5.10 -22.68 9.23
C PHE I 199 -5.63 -23.53 8.09
N LEU I 200 -4.78 -23.76 7.09
CA LEU I 200 -5.16 -24.57 5.94
C LEU I 200 -3.98 -25.45 5.58
N ASP I 201 -4.27 -26.63 5.05
CA ASP I 201 -3.21 -27.57 4.75
C ASP I 201 -3.63 -28.48 3.61
N LEU I 202 -2.69 -28.72 2.70
CA LEU I 202 -2.79 -29.72 1.65
C LEU I 202 -1.65 -30.70 1.74
N MET I 203 -1.96 -31.97 1.54
CA MET I 203 -0.97 -32.97 1.23
C MET I 203 -1.05 -33.28 -0.26
N HIS I 204 0.07 -33.13 -0.96
CA HIS I 204 0.12 -33.41 -2.39
C HIS I 204 0.01 -34.93 -2.55
N LEU I 205 -1.18 -35.36 -2.97
CA LEU I 205 -1.46 -36.79 -2.94
C LEU I 205 -0.66 -37.55 -4.00
N LYS I 206 -0.91 -37.30 -5.28
CA LYS I 206 -0.25 -38.00 -6.37
C LYS I 206 -0.64 -37.43 -7.72
N LYS I 207 0.30 -37.22 -8.62
CA LYS I 207 -0.04 -36.78 -9.97
C LYS I 207 1.09 -37.12 -10.93
N PRO I 208 0.78 -37.52 -12.17
CA PRO I 208 1.85 -37.67 -13.16
C PRO I 208 2.41 -36.30 -13.50
N GLY I 209 3.63 -36.02 -13.04
CA GLY I 209 4.09 -34.65 -13.04
C GLY I 209 3.20 -33.82 -12.15
N GLY I 210 3.28 -32.50 -12.23
CA GLY I 210 2.39 -31.65 -11.46
C GLY I 210 2.40 -31.96 -9.98
N PHE I 211 3.59 -32.04 -9.40
CA PHE I 211 3.72 -32.44 -8.01
C PHE I 211 4.52 -31.39 -7.24
N ASP I 212 4.17 -30.12 -7.43
CA ASP I 212 4.88 -28.99 -6.88
C ASP I 212 3.93 -28.13 -6.04
N ILE I 213 4.53 -27.39 -5.09
CA ILE I 213 3.75 -26.53 -4.21
C ILE I 213 4.04 -25.05 -4.43
N SER I 214 5.16 -24.67 -5.04
CA SER I 214 5.39 -23.28 -5.36
C SER I 214 4.44 -22.76 -6.44
N LEU I 215 3.78 -23.66 -7.16
CA LEU I 215 2.75 -23.28 -8.13
C LEU I 215 1.45 -23.02 -7.38
N PHE I 216 1.26 -21.76 -7.01
CA PHE I 216 0.05 -21.17 -6.45
C PHE I 216 -0.18 -21.53 -4.98
N TYR I 217 0.57 -22.45 -4.39
CA TYR I 217 0.29 -22.86 -3.01
C TYR I 217 1.37 -22.47 -2.03
N ARG I 218 2.51 -21.96 -2.48
CA ARG I 218 3.52 -21.51 -1.54
C ARG I 218 3.01 -20.39 -0.66
N ASP I 219 2.03 -19.62 -1.13
CA ASP I 219 1.44 -18.55 -0.35
C ASP I 219 0.22 -18.98 0.44
N ILE I 220 -0.17 -20.25 0.37
CA ILE I 220 -1.41 -20.70 0.99
C ILE I 220 -1.12 -21.47 2.26
N ILE I 221 -0.46 -22.62 2.12
CA ILE I 221 -0.21 -23.50 3.25
C ILE I 221 0.79 -22.85 4.19
N SER I 222 0.94 -23.42 5.38
CA SER I 222 1.91 -22.92 6.34
C SER I 222 3.30 -23.40 5.99
N VAL I 231 11.93 -30.58 -0.54
CA VAL I 231 11.36 -29.65 -1.51
C VAL I 231 9.95 -30.10 -1.89
N HIS I 232 9.87 -31.17 -2.68
CA HIS I 232 8.60 -31.63 -3.25
C HIS I 232 8.83 -32.98 -3.90
N PHE I 233 7.72 -33.69 -4.13
CA PHE I 233 7.72 -34.99 -4.78
C PHE I 233 6.27 -35.30 -5.18
N GLU I 234 6.03 -36.50 -5.71
CA GLU I 234 4.72 -36.91 -6.17
C GLU I 234 3.81 -37.46 -5.07
N GLU I 235 4.34 -37.78 -3.89
CA GLU I 235 3.49 -38.23 -2.80
C GLU I 235 3.92 -37.56 -1.51
N SER I 236 2.97 -37.38 -0.60
CA SER I 236 3.19 -36.64 0.64
C SER I 236 3.48 -37.62 1.77
N SER I 237 4.61 -37.44 2.45
CA SER I 237 4.83 -38.14 3.70
C SER I 237 3.82 -37.70 4.74
N LYS I 238 3.35 -36.47 4.63
CA LYS I 238 2.41 -35.92 5.60
C LYS I 238 1.08 -36.65 5.60
N LEU I 239 0.75 -37.38 4.54
CA LEU I 239 -0.46 -38.19 4.56
C LEU I 239 -0.23 -39.60 5.05
N GLU I 240 1.00 -40.08 5.00
CA GLU I 240 1.28 -41.44 5.44
C GLU I 240 1.01 -41.59 6.94
N ASP I 241 1.43 -40.61 7.73
CA ASP I 241 1.23 -40.70 9.17
C ASP I 241 -0.24 -40.63 9.54
N LEU I 242 -1.06 -40.00 8.70
CA LEU I 242 -2.50 -40.00 8.93
C LEU I 242 -3.12 -41.37 8.72
N LEU I 243 -2.31 -42.38 8.43
CA LEU I 243 -2.74 -43.77 8.39
C LEU I 243 -2.18 -44.58 9.55
N ARG I 244 -1.47 -43.93 10.48
CA ARG I 244 -0.81 -44.67 11.55
C ARG I 244 -1.80 -45.32 12.50
N LYS I 245 -3.07 -44.89 12.47
CA LYS I 245 -4.17 -45.76 12.88
C LYS I 245 -4.13 -46.03 14.39
N VAL I 246 -3.93 -44.97 15.18
CA VAL I 246 -3.68 -45.11 16.61
C VAL I 246 -4.99 -45.00 17.40
N ARG I 247 -5.03 -45.62 18.57
CA ARG I 247 -6.15 -45.50 19.50
C ARG I 247 -5.78 -44.89 20.84
N ALA I 248 -4.81 -44.00 20.88
CA ALA I 248 -4.52 -43.35 22.16
C ALA I 248 -5.70 -42.45 22.54
N LYS I 249 -5.64 -41.88 23.74
CA LYS I 249 -6.53 -40.79 24.09
C LYS I 249 -5.75 -39.79 24.93
N GLU I 250 -6.23 -38.55 24.93
CA GLU I 250 -5.48 -37.48 25.57
C GLU I 250 -6.38 -36.59 26.41
N THR I 251 -5.79 -35.89 27.37
CA THR I 251 -6.44 -34.81 28.09
C THR I 251 -5.48 -33.64 28.09
N ARG I 252 -6.02 -32.43 28.08
CA ARG I 252 -5.17 -31.27 27.91
C ARG I 252 -4.44 -30.97 29.22
N LYS I 253 -3.86 -29.78 29.29
CA LYS I 253 -3.10 -29.36 30.46
C LYS I 253 -4.08 -29.17 31.59
N ARG I 254 -4.40 -30.26 32.27
CA ARG I 254 -5.50 -30.36 33.21
C ARG I 254 -4.89 -30.42 34.61
N ALA I 255 -5.04 -29.34 35.37
CA ALA I 255 -4.46 -29.34 36.71
C ALA I 255 -5.22 -30.32 37.59
N LEU I 256 -4.51 -31.35 38.07
CA LEU I 256 -5.16 -32.33 38.92
C LEU I 256 -5.64 -31.69 40.21
N SER I 257 -4.80 -30.86 40.82
CA SER I 257 -5.19 -30.10 42.00
C SER I 257 -4.15 -29.03 42.28
N ARG I 258 -4.58 -27.79 42.46
CA ARG I 258 -3.67 -26.73 42.86
C ARG I 258 -3.63 -26.63 44.37
N LEU I 259 -2.44 -26.73 44.93
CA LEU I 259 -2.22 -26.65 46.36
C LEU I 259 -1.13 -25.64 46.62
N LYS I 260 -1.22 -24.94 47.75
CA LYS I 260 -0.28 -23.87 48.05
C LYS I 260 0.87 -24.45 48.89
N LEU I 261 2.00 -24.71 48.24
CA LEU I 261 3.19 -25.10 48.96
C LEU I 261 3.65 -23.96 49.86
N LYS I 262 3.78 -24.24 51.15
CA LYS I 262 4.23 -23.24 52.10
C LYS I 262 5.55 -23.70 52.71
N LEU I 263 6.59 -22.88 52.54
CA LEU I 263 7.89 -23.24 53.09
C LEU I 263 7.83 -23.35 54.60
N ASN I 264 7.14 -22.41 55.24
CA ASN I 264 6.90 -22.43 56.68
C ASN I 264 5.48 -21.97 56.92
N LYS I 265 5.22 -21.51 58.14
CA LYS I 265 3.90 -20.99 58.48
C LYS I 265 3.62 -19.65 57.84
N ASP I 266 4.60 -19.01 57.21
CA ASP I 266 4.39 -17.69 56.63
C ASP I 266 4.63 -17.64 55.13
N ILE I 267 5.71 -18.23 54.64
CA ILE I 267 6.00 -18.24 53.22
C ILE I 267 5.14 -19.31 52.55
N VAL I 268 4.39 -18.92 51.54
CA VAL I 268 3.50 -19.83 50.81
C VAL I 268 3.69 -19.57 49.32
N ILE I 269 3.81 -20.63 48.53
CA ILE I 269 3.91 -20.51 47.08
C ILE I 269 2.84 -21.36 46.44
N SER I 270 2.51 -21.04 45.20
CA SER I 270 1.40 -21.66 44.49
C SER I 270 1.91 -22.73 43.53
N VAL I 271 1.52 -23.97 43.80
CA VAL I 271 1.98 -25.13 43.05
C VAL I 271 0.79 -25.84 42.45
N GLY I 272 0.92 -26.22 41.18
CA GLY I 272 -0.09 -27.01 40.51
C GLY I 272 0.34 -28.45 40.40
N ILE I 273 -0.30 -29.32 41.17
CA ILE I 273 -0.01 -30.74 41.12
C ILE I 273 -0.59 -31.30 39.83
N TYR I 274 0.28 -31.64 38.89
CA TYR I 274 -0.12 -32.18 37.60
C TYR I 274 0.25 -33.65 37.54
N ASN I 275 -0.32 -34.35 36.57
CA ASN I 275 -0.14 -35.80 36.45
C ASN I 275 0.51 -36.07 35.11
N LEU I 276 1.53 -36.94 35.11
CA LEU I 276 2.26 -37.29 33.90
C LEU I 276 2.24 -38.79 33.61
N VAL I 277 1.54 -39.59 34.41
CA VAL I 277 1.27 -40.97 34.04
C VAL I 277 0.07 -41.43 34.85
N GLN I 278 -0.90 -42.06 34.17
CA GLN I 278 -2.21 -42.23 34.79
C GLN I 278 -2.79 -43.64 34.73
N LYS I 279 -2.24 -44.55 33.92
CA LYS I 279 -2.75 -45.91 33.82
C LYS I 279 -4.20 -45.90 33.36
N ALA I 280 -4.39 -45.52 32.11
CA ALA I 280 -5.73 -45.43 31.56
C ALA I 280 -6.45 -46.77 31.67
N LEU I 281 -7.70 -46.70 32.11
CA LEU I 281 -8.57 -47.86 32.13
C LEU I 281 -9.55 -47.76 30.97
N LYS I 282 -10.20 -48.87 30.68
CA LYS I 282 -11.19 -48.85 29.62
C LYS I 282 -12.33 -47.92 30.02
N PRO I 283 -12.90 -47.19 29.07
CA PRO I 283 -13.99 -46.26 29.40
C PRO I 283 -15.12 -47.01 30.10
N PRO I 284 -15.68 -46.43 31.15
CA PRO I 284 -16.66 -47.13 31.95
C PRO I 284 -17.90 -47.44 31.13
N PRO I 285 -18.36 -48.68 31.13
CA PRO I 285 -19.52 -49.03 30.32
C PRO I 285 -20.79 -48.43 30.86
N ILE I 286 -21.77 -48.29 29.98
CA ILE I 286 -23.07 -47.76 30.34
C ILE I 286 -24.11 -48.86 30.16
N LYS I 287 -24.98 -48.97 31.16
CA LYS I 287 -26.00 -49.99 31.17
C LYS I 287 -27.14 -49.60 30.24
N LEU I 288 -27.50 -50.51 29.33
CA LEU I 288 -28.52 -50.23 28.33
C LEU I 288 -29.66 -51.24 28.45
N TYR I 289 -30.84 -50.81 28.05
CA TYR I 289 -32.01 -51.70 28.01
C TYR I 289 -31.80 -52.72 26.90
N ARG I 290 -32.32 -53.93 27.10
CA ARG I 290 -32.04 -55.02 26.17
C ARG I 290 -32.66 -54.78 24.80
N GLU I 291 -33.97 -54.61 24.47
CA GLU I 291 -34.24 -54.27 23.02
C GLU I 291 -34.01 -52.82 22.75
N THR I 292 -34.40 -51.98 23.72
CA THR I 292 -34.53 -50.59 23.27
C THR I 292 -33.23 -49.81 23.26
N ASN I 293 -32.12 -50.37 23.73
CA ASN I 293 -30.80 -49.74 23.72
C ASN I 293 -30.79 -48.38 24.39
N GLU I 294 -31.78 -48.08 25.18
CA GLU I 294 -31.92 -46.81 25.88
C GLU I 294 -31.07 -46.81 27.14
N PRO I 295 -30.67 -45.64 27.64
CA PRO I 295 -30.06 -45.59 28.96
C PRO I 295 -31.05 -46.00 30.03
N VAL I 296 -30.53 -46.55 31.14
CA VAL I 296 -31.38 -47.18 32.14
C VAL I 296 -31.37 -46.47 33.48
N LYS I 297 -30.51 -45.48 33.69
CA LYS I 297 -30.60 -44.57 34.82
C LYS I 297 -30.74 -45.34 36.14
N THR I 298 -29.63 -45.98 36.52
CA THR I 298 -29.59 -46.74 37.76
C THR I 298 -30.11 -45.92 38.93
N LYS I 299 -30.84 -46.58 39.82
CA LYS I 299 -31.53 -45.91 40.91
C LYS I 299 -31.35 -46.71 42.21
N THR I 300 -30.12 -47.02 42.55
CA THR I 300 -29.85 -47.73 43.79
C THR I 300 -30.32 -46.90 45.00
N ARG I 301 -30.80 -47.60 46.02
CA ARG I 301 -31.29 -46.96 47.24
C ARG I 301 -31.09 -47.94 48.40
N THR I 302 -31.43 -47.48 49.60
CA THR I 302 -31.35 -48.33 50.79
C THR I 302 -32.61 -48.13 51.63
N PHE I 303 -33.18 -49.23 52.12
CA PHE I 303 -34.35 -49.11 52.97
C PHE I 303 -34.40 -50.29 53.94
N ASN I 304 -35.46 -50.30 54.74
CA ASN I 304 -35.55 -51.17 55.90
C ASN I 304 -36.01 -52.57 55.52
N THR I 305 -35.59 -53.54 56.33
CA THR I 305 -36.05 -54.92 56.22
C THR I 305 -37.20 -55.22 57.16
N SER I 306 -37.17 -54.69 58.38
CA SER I 306 -38.25 -54.91 59.32
C SER I 306 -39.55 -54.32 58.81
N THR I 307 -39.48 -53.11 58.26
CA THR I 307 -40.64 -52.45 57.68
C THR I 307 -40.31 -52.05 56.25
N GLY I 308 -41.37 -51.77 55.47
CA GLY I 308 -41.19 -51.35 54.10
C GLY I 308 -40.92 -49.86 53.99
N GLY I 309 -40.15 -49.32 54.93
CA GLY I 309 -39.86 -47.91 54.94
C GLY I 309 -38.78 -47.53 53.95
N LEU I 310 -38.18 -46.35 54.13
CA LEU I 310 -37.11 -45.90 53.25
C LEU I 310 -36.09 -45.16 54.09
N LEU I 311 -34.96 -45.81 54.35
CA LEU I 311 -33.90 -45.16 55.10
C LEU I 311 -33.35 -43.97 54.30
N LEU I 312 -33.11 -42.88 55.01
CA LEU I 312 -32.54 -41.67 54.45
C LEU I 312 -31.10 -41.57 54.90
N PRO I 313 -30.28 -40.77 54.21
CA PRO I 313 -28.83 -40.79 54.52
C PRO I 313 -28.52 -40.42 55.95
N SER I 314 -29.38 -39.64 56.60
CA SER I 314 -29.17 -39.38 58.02
C SER I 314 -29.49 -40.59 58.88
N ASP I 315 -30.30 -41.50 58.35
CA ASP I 315 -30.89 -42.58 59.15
C ASP I 315 -29.99 -43.79 59.28
N THR I 316 -28.75 -43.72 58.81
CA THR I 316 -27.85 -44.86 58.88
C THR I 316 -26.62 -44.51 59.69
N LYS I 317 -26.03 -45.54 60.32
CA LYS I 317 -24.88 -45.37 61.17
C LYS I 317 -23.78 -46.30 60.70
N ARG I 318 -22.52 -45.90 60.86
CA ARG I 318 -21.41 -46.79 60.54
C ARG I 318 -21.05 -47.64 61.76
N SER I 319 -20.38 -48.75 61.51
CA SER I 319 -20.11 -49.70 62.58
C SER I 319 -18.88 -50.55 62.29
N GLN I 320 -18.25 -51.02 63.37
CA GLN I 320 -17.23 -52.05 63.35
C GLN I 320 -17.50 -53.03 64.48
N ILE I 321 -16.77 -54.14 64.47
CA ILE I 321 -16.84 -55.15 65.52
C ILE I 321 -15.43 -55.42 66.02
N TYR I 322 -15.15 -55.02 67.25
CA TYR I 322 -13.89 -55.29 67.91
C TYR I 322 -14.17 -55.89 69.28
N GLY I 323 -13.23 -56.70 69.76
CA GLY I 323 -13.27 -57.23 71.10
C GLY I 323 -14.61 -57.75 71.55
N SER I 324 -15.35 -58.34 70.62
CA SER I 324 -16.69 -58.87 70.87
C SER I 324 -17.65 -57.77 71.31
N ARG I 325 -17.37 -56.52 70.93
CA ARG I 325 -18.27 -55.42 71.23
C ARG I 325 -18.46 -54.56 69.99
N GLN I 326 -19.59 -53.88 69.94
CA GLN I 326 -20.00 -53.17 68.74
C GLN I 326 -19.70 -51.68 68.89
N ILE I 327 -19.53 -50.99 67.76
CA ILE I 327 -19.13 -49.60 67.75
C ILE I 327 -20.09 -48.82 66.86
N ILE I 328 -20.33 -47.56 67.21
CA ILE I 328 -21.24 -46.68 66.48
C ILE I 328 -20.55 -45.35 66.26
N LEU I 329 -20.67 -44.83 65.04
CA LEU I 329 -20.26 -43.47 64.75
C LEU I 329 -21.16 -42.86 63.69
N GLU I 330 -21.14 -41.53 63.64
CA GLU I 330 -21.87 -40.76 62.66
C GLU I 330 -21.26 -40.99 61.28
N LYS I 331 -22.12 -41.05 60.26
CA LYS I 331 -21.63 -41.02 58.88
C LYS I 331 -20.77 -39.79 58.66
N GLU I 332 -21.14 -38.69 59.31
CA GLU I 332 -20.28 -37.52 59.37
C GLU I 332 -18.98 -37.81 60.09
N GLU I 333 -19.05 -38.57 61.18
CA GLU I 333 -17.85 -38.79 61.98
C GLU I 333 -16.90 -39.75 61.28
N THR I 334 -17.41 -40.64 60.43
CA THR I 334 -16.55 -41.62 59.79
C THR I 334 -15.66 -40.95 58.76
N GLU I 335 -15.99 -39.72 58.37
CA GLU I 335 -15.06 -38.95 57.57
C GLU I 335 -14.34 -37.92 58.40
N GLU I 336 -14.91 -37.48 59.52
CA GLU I 336 -14.15 -36.63 60.44
C GLU I 336 -12.96 -37.36 61.05
N LEU I 337 -12.99 -38.70 61.04
CA LEU I 337 -11.84 -39.41 61.58
C LEU I 337 -10.59 -39.26 60.71
N LYS I 338 -10.65 -38.46 59.64
CA LYS I 338 -9.49 -38.30 58.77
C LYS I 338 -8.95 -36.89 58.75
N ARG I 339 -9.61 -35.93 59.37
CA ARG I 339 -9.19 -34.52 59.33
C ARG I 339 -7.82 -34.40 59.99
N PHE I 340 -6.80 -34.09 59.20
CA PHE I 340 -5.43 -34.03 59.70
C PHE I 340 -4.71 -32.73 59.43
N ASP I 341 -4.90 -32.12 58.27
CA ASP I 341 -4.19 -30.87 57.97
C ASP I 341 -4.93 -30.19 56.84
N ASP I 342 -4.82 -28.87 56.79
CA ASP I 342 -5.44 -28.14 55.70
C ASP I 342 -4.72 -28.44 54.39
N PRO I 343 -5.42 -28.34 53.27
CA PRO I 343 -4.80 -28.72 51.99
C PRO I 343 -3.59 -27.87 51.69
N GLY I 344 -2.60 -28.49 51.09
CA GLY I 344 -1.39 -27.83 50.70
C GLY I 344 -0.20 -28.75 50.83
N LEU I 345 0.99 -28.16 50.87
CA LEU I 345 2.24 -28.89 50.94
C LEU I 345 3.06 -28.36 52.10
N MET I 346 3.68 -29.26 52.85
CA MET I 346 4.44 -28.91 54.04
C MET I 346 5.90 -29.30 53.83
N LEU I 347 6.74 -28.35 53.44
CA LEU I 347 8.17 -28.63 53.32
C LEU I 347 8.80 -28.60 54.71
N MET I 348 9.58 -29.63 55.03
CA MET I 348 10.28 -29.67 56.30
C MET I 348 11.78 -29.47 56.13
N GLY I 349 12.44 -30.29 55.34
CA GLY I 349 13.89 -30.26 55.23
C GLY I 349 14.32 -30.73 53.87
N PHE I 350 15.52 -31.28 53.79
CA PHE I 350 16.08 -31.71 52.52
C PHE I 350 16.94 -32.95 52.75
N LYS I 351 17.12 -33.73 51.69
CA LYS I 351 17.75 -35.03 51.78
C LYS I 351 18.67 -35.28 50.60
N PRO I 352 19.69 -36.13 50.75
CA PRO I 352 20.52 -36.47 49.59
C PRO I 352 19.91 -37.54 48.68
N LEU I 353 19.98 -37.25 47.37
CA LEU I 353 19.25 -38.04 46.40
C LEU I 353 19.63 -39.51 46.41
N VAL I 354 20.75 -39.86 47.05
CA VAL I 354 21.06 -41.27 47.22
C VAL I 354 20.23 -41.90 48.34
N LEU I 355 19.82 -41.12 49.33
CA LEU I 355 19.03 -41.69 50.41
C LEU I 355 17.61 -41.98 49.97
N LEU I 356 17.03 -41.15 49.10
CA LEU I 356 15.78 -41.51 48.46
C LEU I 356 16.02 -42.72 47.55
N LYS I 357 15.36 -43.83 47.85
CA LYS I 357 15.70 -45.09 47.22
C LYS I 357 14.61 -45.49 46.24
N LYS I 358 15.05 -45.99 45.07
CA LYS I 358 14.14 -46.60 44.13
C LYS I 358 13.41 -47.81 44.71
N HIS I 359 13.98 -48.42 45.74
CA HIS I 359 13.52 -49.72 46.21
C HIS I 359 12.11 -49.64 46.79
N HIS I 360 11.60 -48.44 47.04
CA HIS I 360 10.37 -48.27 47.81
C HIS I 360 9.40 -47.30 47.12
N TYR I 361 9.12 -47.56 45.85
CA TYR I 361 8.02 -46.97 45.10
C TYR I 361 6.66 -47.37 45.69
N LEU I 362 5.73 -46.41 45.71
CA LEU I 362 4.43 -46.68 46.30
C LEU I 362 3.24 -46.35 45.39
N ARG I 363 3.27 -45.20 44.74
CA ARG I 363 2.16 -44.73 43.92
C ARG I 363 2.71 -44.07 42.66
N PRO I 364 1.92 -43.94 41.61
CA PRO I 364 2.37 -43.16 40.45
C PRO I 364 2.84 -41.79 40.87
N SER I 365 3.97 -41.37 40.33
CA SER I 365 4.50 -40.08 40.69
C SER I 365 3.72 -38.97 39.99
N LEU I 366 3.92 -37.75 40.46
CA LEU I 366 3.26 -36.60 39.91
C LEU I 366 4.30 -35.52 39.64
N PHE I 367 3.86 -34.35 39.23
CA PHE I 367 4.77 -33.28 38.82
C PHE I 367 4.37 -31.98 39.49
N VAL I 368 5.38 -31.14 39.72
CA VAL I 368 5.23 -29.88 40.44
C VAL I 368 5.70 -28.75 39.53
N TYR I 369 4.87 -27.73 39.39
CA TYR I 369 5.13 -26.62 38.51
C TYR I 369 4.35 -25.47 39.12
N PRO I 370 4.93 -24.27 39.20
CA PRO I 370 4.21 -23.17 39.84
C PRO I 370 3.02 -22.74 39.01
N GLU I 371 1.99 -22.28 39.69
CA GLU I 371 0.87 -21.63 39.03
C GLU I 371 0.80 -20.20 39.51
N GLU I 372 1.10 -19.27 38.61
CA GLU I 372 1.26 -17.86 38.94
C GLU I 372 -0.03 -17.23 39.44
N SER I 373 -1.17 -17.88 39.24
CA SER I 373 -2.46 -17.23 39.45
C SER I 373 -2.70 -16.91 40.92
N LEU I 374 -2.39 -17.82 41.83
CA LEU I 374 -2.83 -17.67 43.21
C LEU I 374 -1.93 -16.72 44.00
N VAL I 375 -0.66 -17.07 44.15
CA VAL I 375 0.29 -16.20 44.85
C VAL I 375 1.23 -15.58 43.84
N ILE I 376 1.00 -14.29 43.56
CA ILE I 376 1.77 -13.60 42.53
C ILE I 376 3.25 -13.58 42.90
N GLY I 377 4.09 -13.90 41.94
CA GLY I 377 5.53 -13.91 42.14
C GLY I 377 6.09 -15.19 42.72
N SER I 378 5.24 -16.13 43.14
CA SER I 378 5.74 -17.35 43.75
C SER I 378 6.59 -18.16 42.78
N SER I 379 6.37 -17.97 41.47
CA SER I 379 7.16 -18.69 40.48
C SER I 379 8.64 -18.40 40.64
N THR I 380 8.98 -17.18 41.06
CA THR I 380 10.37 -16.86 41.30
C THR I 380 10.97 -17.74 42.38
N LEU I 381 10.28 -17.87 43.52
CA LEU I 381 10.79 -18.68 44.61
C LEU I 381 10.87 -20.13 44.20
N PHE I 382 9.86 -20.60 43.44
CA PHE I 382 9.91 -21.96 42.92
C PHE I 382 11.16 -22.17 42.10
N SER I 383 11.44 -21.25 41.17
CA SER I 383 12.61 -21.39 40.33
C SER I 383 13.88 -21.37 41.16
N ALA I 384 13.92 -20.51 42.17
CA ALA I 384 15.10 -20.44 43.03
C ALA I 384 15.34 -21.77 43.72
N LEU I 385 14.28 -22.35 44.30
CA LEU I 385 14.44 -23.62 44.96
C LEU I 385 14.91 -24.68 43.98
N LEU I 386 14.29 -24.72 42.79
CA LEU I 386 14.65 -25.73 41.81
C LEU I 386 16.11 -25.63 41.40
N ILE I 387 16.55 -24.42 41.03
CA ILE I 387 17.92 -24.24 40.57
C ILE I 387 18.89 -24.61 41.68
N LYS I 388 18.65 -24.13 42.90
CA LYS I 388 19.67 -24.32 43.93
C LYS I 388 19.72 -25.79 44.35
N CYS I 389 18.56 -26.44 44.44
CA CYS I 389 18.55 -27.86 44.77
C CYS I 389 19.26 -28.67 43.71
N LEU I 390 19.01 -28.37 42.43
CA LEU I 390 19.77 -29.02 41.37
C LEU I 390 21.26 -28.82 41.57
N GLU I 391 21.66 -27.59 41.93
CA GLU I 391 23.08 -27.32 42.10
C GLU I 391 23.69 -28.16 43.21
N LYS I 392 22.98 -28.26 44.34
CA LYS I 392 23.58 -29.00 45.45
C LYS I 392 23.18 -30.47 45.52
N GLU I 393 22.45 -30.97 44.51
CA GLU I 393 22.16 -32.39 44.39
C GLU I 393 21.56 -32.92 45.70
N VAL I 394 20.35 -32.46 45.96
CA VAL I 394 19.68 -32.70 47.23
C VAL I 394 18.18 -32.75 46.99
N ALA I 395 17.50 -33.61 47.74
CA ALA I 395 16.06 -33.75 47.61
C ALA I 395 15.35 -32.76 48.55
N ALA I 396 14.02 -32.71 48.41
CA ALA I 396 13.17 -31.91 49.28
C ALA I 396 11.98 -32.74 49.71
N LEU I 397 11.74 -32.79 51.02
CA LEU I 397 10.71 -33.64 51.61
C LEU I 397 9.53 -32.79 52.04
N CYS I 398 8.34 -33.37 51.93
CA CYS I 398 7.13 -32.58 52.15
C CYS I 398 6.00 -33.47 52.63
N ARG I 399 5.00 -32.83 53.23
CA ARG I 399 3.75 -33.50 53.58
C ARG I 399 2.69 -33.11 52.56
N TYR I 400 2.04 -34.10 51.98
CA TYR I 400 1.12 -33.88 50.87
C TYR I 400 -0.29 -34.24 51.30
N THR I 401 -1.19 -33.27 51.27
CA THR I 401 -2.60 -33.45 51.60
C THR I 401 -3.40 -33.00 50.39
N PRO I 402 -3.68 -33.91 49.45
CA PRO I 402 -4.24 -33.47 48.15
C PRO I 402 -5.53 -32.70 48.28
N ARG I 403 -6.41 -33.12 49.16
CA ARG I 403 -7.69 -32.46 49.39
C ARG I 403 -8.04 -32.59 50.85
N ARG I 404 -9.20 -32.04 51.23
CA ARG I 404 -9.70 -32.25 52.57
C ARG I 404 -10.03 -33.71 52.78
N ASN I 405 -10.16 -34.11 54.04
CA ASN I 405 -10.55 -35.46 54.41
C ASN I 405 -9.57 -36.52 53.91
N ILE I 406 -8.30 -36.18 53.79
CA ILE I 406 -7.29 -37.11 53.30
C ILE I 406 -6.13 -37.13 54.29
N PRO I 407 -5.69 -38.29 54.76
CA PRO I 407 -4.51 -38.34 55.59
C PRO I 407 -3.27 -37.94 54.80
N PRO I 408 -2.28 -37.37 55.45
CA PRO I 408 -1.10 -36.90 54.71
C PRO I 408 -0.12 -38.03 54.46
N TYR I 409 0.55 -37.97 53.32
CA TYR I 409 1.70 -38.82 53.06
C TYR I 409 2.97 -37.97 52.94
N PHE I 410 4.10 -38.65 52.90
CA PHE I 410 5.40 -38.01 52.80
C PHE I 410 5.90 -38.12 51.38
N VAL I 411 6.19 -36.98 50.78
CA VAL I 411 6.52 -36.90 49.36
C VAL I 411 7.83 -36.15 49.19
N ALA I 412 8.60 -36.56 48.19
CA ALA I 412 9.90 -35.95 47.92
C ALA I 412 9.77 -35.05 46.69
N LEU I 413 10.23 -33.81 46.83
CA LEU I 413 10.26 -32.87 45.71
C LEU I 413 11.65 -32.96 45.07
N VAL I 414 11.87 -34.06 44.35
CA VAL I 414 13.15 -34.24 43.66
C VAL I 414 13.14 -33.42 42.39
N PRO I 415 14.04 -32.46 42.25
CA PRO I 415 14.01 -31.58 41.06
C PRO I 415 14.32 -32.34 39.79
N GLN I 416 13.79 -31.82 38.68
CA GLN I 416 13.99 -32.39 37.35
C GLN I 416 14.52 -31.32 36.41
N GLU I 417 15.62 -31.63 35.72
CA GLU I 417 16.16 -30.75 34.71
C GLU I 417 15.47 -30.99 33.38
N GLU I 418 15.35 -29.93 32.58
CA GLU I 418 14.73 -30.04 31.27
C GLU I 418 15.74 -30.56 30.25
N GLU I 419 15.28 -31.43 29.34
CA GLU I 419 16.09 -31.88 28.23
C GLU I 419 15.35 -31.66 26.92
N LEU I 420 16.06 -31.11 25.94
CA LEU I 420 15.46 -30.79 24.66
C LEU I 420 16.33 -31.21 23.48
N ASP I 421 17.45 -31.91 23.72
CA ASP I 421 18.56 -31.95 22.76
C ASP I 421 18.17 -32.49 21.40
N ASP I 422 17.28 -33.49 21.32
CA ASP I 422 17.04 -34.17 20.04
C ASP I 422 16.51 -33.21 18.98
N GLN I 423 15.44 -32.48 19.29
CA GLN I 423 14.92 -31.50 18.34
C GLN I 423 14.43 -30.22 19.00
N LYS I 424 14.98 -29.84 20.15
CA LYS I 424 14.58 -28.63 20.87
C LYS I 424 13.07 -28.61 21.12
N ILE I 425 12.53 -29.76 21.48
CA ILE I 425 11.13 -29.91 21.86
C ILE I 425 11.10 -30.52 23.25
N GLN I 426 10.11 -30.09 24.05
CA GLN I 426 10.02 -30.51 25.45
C GLN I 426 9.97 -32.02 25.59
N VAL I 427 10.81 -32.56 26.46
CA VAL I 427 10.83 -33.98 26.76
C VAL I 427 10.60 -34.23 28.24
N THR I 428 11.48 -33.70 29.09
CA THR I 428 11.33 -33.79 30.54
C THR I 428 11.03 -32.39 31.05
N PRO I 429 9.78 -32.10 31.43
CA PRO I 429 9.45 -30.76 31.91
C PRO I 429 10.27 -30.42 33.14
N PRO I 430 10.70 -29.18 33.28
CA PRO I 430 11.50 -28.80 34.45
C PRO I 430 10.63 -28.49 35.65
N GLY I 431 11.10 -28.94 36.81
CA GLY I 431 10.36 -28.73 38.04
C GLY I 431 10.74 -29.70 39.14
N PHE I 432 9.75 -30.31 39.78
CA PHE I 432 9.99 -31.25 40.86
C PHE I 432 9.16 -32.50 40.62
N GLN I 433 9.70 -33.65 41.01
CA GLN I 433 8.89 -34.86 41.05
C GLN I 433 7.93 -34.80 42.24
N LEU I 434 7.10 -35.83 42.35
CA LEU I 434 6.45 -36.18 43.60
C LEU I 434 6.68 -37.66 43.82
N VAL I 435 7.82 -37.99 44.41
CA VAL I 435 8.13 -39.37 44.75
C VAL I 435 7.52 -39.65 46.11
N PHE I 436 6.37 -40.32 46.11
CA PHE I 436 5.71 -40.64 47.36
C PHE I 436 6.56 -41.60 48.17
N LEU I 437 6.73 -41.31 49.46
CA LEU I 437 7.54 -42.14 50.33
C LEU I 437 6.66 -43.06 51.15
N PRO I 438 6.95 -44.35 51.19
CA PRO I 438 6.04 -45.28 51.84
C PRO I 438 6.02 -45.12 53.34
N PHE I 439 4.89 -45.46 53.93
CA PHE I 439 4.79 -45.47 55.38
C PHE I 439 5.20 -46.85 55.91
N ALA I 440 5.47 -46.90 57.22
CA ALA I 440 6.02 -48.11 57.80
C ALA I 440 5.12 -49.31 57.56
N ASP I 441 3.83 -49.10 57.52
CA ASP I 441 2.91 -50.21 57.38
C ASP I 441 2.92 -50.81 56.01
N ASP I 442 3.87 -50.45 55.17
CA ASP I 442 3.89 -50.90 53.79
C ASP I 442 5.03 -51.85 53.48
N LYS I 443 6.00 -52.00 54.37
CA LYS I 443 7.25 -52.68 54.02
C LYS I 443 7.06 -54.16 53.69
N ARG I 444 6.06 -54.82 54.25
CA ARG I 444 5.74 -56.20 53.91
C ARG I 444 6.95 -57.13 54.09
N LYS I 445 7.32 -57.31 55.36
CA LYS I 445 8.49 -58.08 55.76
C LYS I 445 8.66 -59.35 54.95
N MET I 446 9.81 -59.49 54.30
CA MET I 446 10.05 -60.57 53.36
C MET I 446 10.36 -61.86 54.11
N PRO I 447 9.95 -63.01 53.58
CA PRO I 447 10.27 -64.29 54.23
C PRO I 447 11.72 -64.70 54.03
N PHE I 448 12.59 -64.21 54.92
CA PHE I 448 14.04 -64.32 54.77
C PHE I 448 14.48 -65.68 54.29
N THR I 449 15.37 -65.68 53.30
CA THR I 449 16.05 -66.86 52.79
C THR I 449 17.52 -66.52 52.60
N GLU I 450 18.38 -67.52 52.69
CA GLU I 450 19.81 -67.30 52.59
C GLU I 450 20.21 -67.04 51.13
N LYS I 451 21.46 -66.61 50.95
CA LYS I 451 21.99 -66.29 49.64
C LYS I 451 23.08 -67.27 49.26
N ILE I 452 23.28 -67.44 47.96
CA ILE I 452 24.36 -68.25 47.43
C ILE I 452 25.04 -67.46 46.30
N MET I 453 26.30 -67.11 46.50
CA MET I 453 27.08 -66.44 45.48
C MET I 453 27.23 -67.33 44.24
N ALA I 454 27.41 -66.69 43.10
CA ALA I 454 27.66 -67.40 41.86
C ALA I 454 29.17 -67.45 41.60
N THR I 455 29.60 -68.34 40.66
CA THR I 455 31.03 -68.24 40.45
C THR I 455 31.32 -67.33 39.27
N PRO I 456 32.44 -66.60 39.31
CA PRO I 456 32.69 -65.58 38.29
C PRO I 456 32.68 -66.11 36.87
N GLU I 457 32.78 -67.42 36.66
CA GLU I 457 32.67 -67.96 35.30
C GLU I 457 31.27 -67.77 34.75
N GLN I 458 30.25 -68.14 35.55
CA GLN I 458 28.88 -67.96 35.08
C GLN I 458 28.57 -66.49 34.85
N VAL I 459 29.00 -65.62 35.75
CA VAL I 459 28.69 -64.21 35.57
C VAL I 459 29.47 -63.65 34.39
N GLY I 460 30.66 -64.19 34.13
CA GLY I 460 31.42 -63.74 32.97
C GLY I 460 30.72 -64.10 31.67
N LYS I 461 30.15 -65.29 31.59
CA LYS I 461 29.37 -65.63 30.40
C LYS I 461 28.03 -64.92 30.38
N MET I 462 27.46 -64.65 31.56
CA MET I 462 26.22 -63.90 31.62
C MET I 462 26.43 -62.47 31.17
N LYS I 463 27.65 -61.97 31.28
CA LYS I 463 27.97 -60.66 30.71
C LYS I 463 27.64 -60.64 29.23
N ALA I 464 28.13 -61.63 28.48
CA ALA I 464 27.79 -61.73 27.07
C ALA I 464 26.31 -62.00 26.88
N ILE I 465 25.71 -62.80 27.76
CA ILE I 465 24.29 -63.09 27.66
C ILE I 465 23.49 -61.81 27.70
N VAL I 466 23.75 -60.98 28.69
CA VAL I 466 22.96 -59.77 28.89
C VAL I 466 23.31 -58.74 27.83
N GLU I 467 24.55 -58.75 27.34
CA GLU I 467 24.91 -57.86 26.25
C GLU I 467 24.12 -58.20 25.00
N LYS I 468 24.02 -59.49 24.68
CA LYS I 468 23.41 -59.90 23.42
C LYS I 468 21.95 -59.48 23.35
N LEU I 469 21.22 -59.64 24.45
CA LEU I 469 19.81 -59.29 24.46
C LEU I 469 19.57 -57.80 24.68
N ARG I 470 20.56 -56.96 24.40
CA ARG I 470 20.31 -55.53 24.41
C ARG I 470 19.14 -55.15 23.52
N PHE I 471 18.39 -54.14 23.96
CA PHE I 471 17.50 -53.40 23.09
C PHE I 471 17.23 -52.06 23.76
N THR I 472 17.31 -50.99 22.99
CA THR I 472 16.99 -49.69 23.55
C THR I 472 15.51 -49.62 23.88
N TYR I 473 15.19 -49.08 25.05
CA TYR I 473 13.80 -48.96 25.48
C TYR I 473 13.35 -47.52 25.38
N ARG I 474 12.20 -47.32 24.74
CA ARG I 474 11.62 -46.00 24.59
C ARG I 474 10.31 -45.99 25.37
N SER I 475 9.95 -44.83 25.91
CA SER I 475 8.79 -44.75 26.80
C SER I 475 7.51 -45.18 26.11
N ASP I 476 7.33 -44.87 24.84
CA ASP I 476 6.09 -45.22 24.14
C ASP I 476 6.23 -46.48 23.30
N SER I 477 7.09 -47.41 23.70
CA SER I 477 7.39 -48.56 22.88
C SER I 477 6.23 -49.52 22.76
N PHE I 478 5.39 -49.62 23.79
CA PHE I 478 4.46 -50.72 23.89
C PHE I 478 3.04 -50.17 24.03
N GLU I 479 2.07 -51.07 23.92
CA GLU I 479 0.67 -50.74 24.10
C GLU I 479 0.02 -51.81 24.97
N ASN I 480 -1.07 -51.45 25.65
CA ASN I 480 -1.87 -52.45 26.32
C ASN I 480 -2.53 -53.32 25.29
N PRO I 481 -2.29 -54.62 25.28
CA PRO I 481 -3.11 -55.48 24.43
C PRO I 481 -4.56 -55.44 24.82
N VAL I 482 -4.85 -55.28 26.12
CA VAL I 482 -6.25 -55.27 26.55
C VAL I 482 -6.95 -54.01 26.09
N LEU I 483 -6.38 -52.85 26.42
CA LEU I 483 -7.02 -51.60 26.02
C LEU I 483 -7.13 -51.51 24.50
N GLN I 484 -6.05 -51.83 23.80
CA GLN I 484 -6.08 -51.74 22.34
C GLN I 484 -7.10 -52.70 21.77
N GLN I 485 -7.12 -53.93 22.25
CA GLN I 485 -8.03 -54.92 21.69
C GLN I 485 -9.47 -54.57 22.03
N HIS I 486 -9.69 -53.99 23.21
CA HIS I 486 -11.04 -53.58 23.57
C HIS I 486 -11.53 -52.48 22.65
N PHE I 487 -10.70 -51.48 22.41
CA PHE I 487 -11.09 -50.45 21.46
C PHE I 487 -11.34 -51.07 20.08
N ARG I 488 -10.47 -51.97 19.66
CA ARG I 488 -10.63 -52.58 18.34
C ARG I 488 -11.97 -53.29 18.24
N ASN I 489 -12.27 -54.14 19.21
CA ASN I 489 -13.57 -54.80 19.24
C ASN I 489 -14.69 -53.78 19.24
N LEU I 490 -14.44 -52.62 19.84
CA LEU I 490 -15.45 -51.58 19.83
C LEU I 490 -15.74 -51.12 18.41
N GLU I 491 -14.69 -50.83 17.62
CA GLU I 491 -14.99 -50.47 16.23
C GLU I 491 -15.63 -51.64 15.51
N ALA I 492 -15.16 -52.85 15.79
CA ALA I 492 -15.68 -54.02 15.09
C ALA I 492 -17.18 -54.12 15.26
N LEU I 493 -17.65 -54.00 16.51
CA LEU I 493 -19.08 -54.05 16.72
C LEU I 493 -19.79 -52.81 16.23
N ALA I 494 -19.15 -51.64 16.27
CA ALA I 494 -19.80 -50.40 15.86
C ALA I 494 -20.17 -50.43 14.37
N LEU I 495 -19.43 -51.22 13.60
CA LEU I 495 -19.45 -51.22 12.15
C LEU I 495 -19.85 -52.57 11.54
N ASP I 496 -19.71 -53.66 12.29
CA ASP I 496 -19.71 -55.03 11.76
C ASP I 496 -18.76 -55.21 10.56
N LEU I 497 -17.58 -54.57 10.58
CA LEU I 497 -16.58 -54.74 9.54
C LEU I 497 -16.07 -56.19 9.52
N MET I 498 -15.89 -56.78 8.32
CA MET I 498 -15.95 -58.23 7.99
C MET I 498 -15.28 -59.25 8.94
N GLU I 499 -14.20 -58.87 9.62
CA GLU I 499 -13.71 -59.51 10.84
C GLU I 499 -13.29 -58.38 11.81
N PRO I 500 -13.28 -58.60 13.14
CA PRO I 500 -12.51 -57.75 14.06
C PRO I 500 -11.01 -57.73 13.68
N GLU I 501 -10.29 -56.66 14.05
CA GLU I 501 -8.93 -56.43 13.57
C GLU I 501 -7.95 -57.42 14.18
N GLN I 502 -8.18 -57.83 15.42
CA GLN I 502 -7.32 -58.79 16.10
C GLN I 502 -5.87 -58.34 16.07
N ALA I 503 -5.63 -57.15 16.64
CA ALA I 503 -4.31 -56.55 16.61
C ALA I 503 -3.32 -57.41 17.39
N VAL I 504 -2.12 -57.57 16.84
CA VAL I 504 -1.02 -58.24 17.51
C VAL I 504 -0.09 -57.15 18.03
N ASP I 505 0.36 -57.30 19.27
CA ASP I 505 0.99 -56.21 19.98
C ASP I 505 2.31 -56.66 20.59
N LEU I 506 3.23 -55.70 20.66
CA LEU I 506 4.62 -55.96 21.01
C LEU I 506 4.78 -56.49 22.43
N THR I 507 3.67 -56.57 23.18
CA THR I 507 3.77 -57.13 24.52
C THR I 507 4.25 -58.56 24.49
N LEU I 508 3.70 -59.38 23.61
CA LEU I 508 4.20 -60.75 23.49
C LEU I 508 5.63 -60.72 22.99
N PRO I 509 6.51 -61.53 23.55
CA PRO I 509 7.89 -61.56 23.06
C PRO I 509 7.98 -62.28 21.73
N LYS I 510 8.96 -61.89 20.92
CA LYS I 510 9.21 -62.53 19.63
C LYS I 510 10.21 -63.66 19.84
N VAL I 511 9.67 -64.87 20.02
CA VAL I 511 10.46 -65.97 20.59
C VAL I 511 11.62 -66.33 19.68
N GLU I 512 11.40 -66.39 18.37
CA GLU I 512 12.46 -66.79 17.46
C GLU I 512 13.65 -65.87 17.57
N ALA I 513 13.42 -64.58 17.84
CA ALA I 513 14.51 -63.65 17.99
C ALA I 513 15.39 -64.03 19.18
N MET I 514 14.77 -64.35 20.33
CA MET I 514 15.58 -64.73 21.48
C MET I 514 16.30 -66.04 21.24
N ASN I 515 15.64 -67.01 20.59
CA ASN I 515 16.34 -68.27 20.33
C ASN I 515 17.51 -68.08 19.37
N LYS I 516 17.41 -67.13 18.43
CA LYS I 516 18.43 -66.98 17.40
C LYS I 516 19.56 -66.07 17.83
N ARG I 517 19.26 -64.80 18.14
CA ARG I 517 20.33 -63.81 18.25
C ARG I 517 21.21 -64.04 19.48
N LEU I 518 20.81 -64.91 20.39
CA LEU I 518 21.67 -65.28 21.51
C LEU I 518 22.34 -66.63 21.32
N GLY I 519 21.85 -67.46 20.41
CA GLY I 519 22.44 -68.76 20.23
C GLY I 519 21.92 -69.76 21.27
N SER I 520 22.63 -70.88 21.39
CA SER I 520 22.20 -71.99 22.21
C SER I 520 22.88 -71.97 23.57
N LEU I 521 23.24 -70.78 24.04
CA LEU I 521 23.95 -70.64 25.30
C LEU I 521 23.11 -71.10 26.49
N VAL I 522 21.82 -71.32 26.29
CA VAL I 522 21.00 -71.91 27.34
C VAL I 522 21.58 -73.25 27.76
N ASP I 523 22.03 -74.06 26.81
CA ASP I 523 22.65 -75.33 27.14
C ASP I 523 24.00 -75.12 27.82
N GLU I 524 24.72 -74.05 27.47
CA GLU I 524 25.96 -73.74 28.18
C GLU I 524 25.69 -73.47 29.66
N PHE I 525 24.73 -72.60 29.95
CA PHE I 525 24.41 -72.36 31.35
C PHE I 525 23.80 -73.58 32.01
N LYS I 526 23.14 -74.46 31.27
CA LYS I 526 22.67 -75.71 31.84
C LYS I 526 23.84 -76.59 32.26
N GLU I 527 24.79 -76.83 31.35
CA GLU I 527 25.95 -77.63 31.71
C GLU I 527 26.84 -76.95 32.73
N LEU I 528 26.68 -75.64 32.93
CA LEU I 528 27.39 -74.95 34.00
C LEU I 528 26.72 -75.20 35.35
N VAL I 529 25.44 -74.85 35.47
CA VAL I 529 24.77 -74.80 36.77
C VAL I 529 23.45 -75.55 36.80
N TYR I 530 23.30 -76.67 36.09
CA TYR I 530 22.03 -77.37 36.11
C TYR I 530 22.24 -78.86 36.40
N PRO I 531 21.74 -79.38 37.51
CA PRO I 531 21.67 -80.83 37.70
C PRO I 531 20.51 -81.40 36.90
N PRO I 532 20.40 -82.74 36.79
CA PRO I 532 19.41 -83.32 35.88
C PRO I 532 17.96 -82.92 36.18
N ASP I 533 17.59 -82.78 37.46
CA ASP I 533 16.20 -82.51 37.79
C ASP I 533 15.78 -81.13 37.31
N TYR I 534 14.49 -81.00 37.01
CA TYR I 534 13.91 -79.74 36.53
C TYR I 534 14.23 -78.58 37.44
N ASN J 6 0.41 -68.98 62.74
CA ASN J 6 1.14 -68.88 64.00
C ASN J 6 0.19 -68.51 65.14
N LYS J 7 0.58 -68.87 66.36
CA LYS J 7 -0.23 -68.58 67.54
C LYS J 7 0.68 -68.21 68.69
N ALA J 8 0.13 -67.44 69.63
CA ALA J 8 0.88 -67.00 70.80
C ALA J 8 -0.06 -66.88 71.99
N ALA J 9 0.49 -67.10 73.18
CA ALA J 9 -0.24 -66.99 74.43
C ALA J 9 0.33 -65.84 75.26
N VAL J 10 -0.54 -65.03 75.83
CA VAL J 10 -0.14 -63.84 76.58
C VAL J 10 -0.67 -63.96 78.00
N VAL J 11 0.22 -63.84 78.98
CA VAL J 11 -0.17 -63.81 80.38
C VAL J 11 0.58 -62.69 81.07
N LEU J 12 -0.06 -61.51 81.18
CA LEU J 12 0.57 -60.40 81.86
C LEU J 12 0.50 -60.57 83.37
N CYS J 13 1.52 -60.06 84.06
CA CYS J 13 1.61 -60.22 85.50
C CYS J 13 1.98 -58.87 86.11
N MET J 14 1.02 -58.25 86.79
CA MET J 14 1.22 -57.01 87.51
C MET J 14 1.15 -57.26 89.01
N ASP J 15 1.84 -56.42 89.77
CA ASP J 15 1.79 -56.46 91.22
C ASP J 15 0.88 -55.34 91.72
N VAL J 16 0.18 -55.61 92.81
CA VAL J 16 -0.71 -54.62 93.43
C VAL J 16 -0.29 -54.40 94.88
N GLY J 17 1.01 -54.49 95.14
CA GLY J 17 1.53 -54.37 96.48
C GLY J 17 1.45 -52.96 97.07
N PHE J 18 2.33 -52.67 98.03
CA PHE J 18 2.27 -51.41 98.76
C PHE J 18 3.32 -50.41 98.29
N THR J 19 4.52 -50.87 97.96
CA THR J 19 5.61 -49.96 97.62
C THR J 19 5.28 -49.09 96.42
N MET J 20 4.61 -49.66 95.42
CA MET J 20 4.23 -48.89 94.24
C MET J 20 3.18 -47.83 94.53
N SER J 21 2.60 -47.82 95.72
CA SER J 21 1.68 -46.77 96.12
C SER J 21 2.40 -45.47 96.50
N ASN J 22 3.72 -45.51 96.65
CA ASN J 22 4.51 -44.33 96.93
C ASN J 22 5.71 -44.28 95.99
N SER J 23 6.14 -43.06 95.66
CA SER J 23 7.25 -42.85 94.76
C SER J 23 7.66 -41.38 94.86
N ILE J 24 8.63 -40.99 94.03
CA ILE J 24 9.03 -39.58 93.97
C ILE J 24 7.87 -38.74 93.44
N PRO J 25 7.59 -37.57 94.03
CA PRO J 25 6.49 -36.74 93.49
C PRO J 25 6.71 -36.29 92.06
N GLY J 26 7.95 -36.23 91.59
CA GLY J 26 8.24 -35.78 90.24
C GLY J 26 8.02 -36.78 89.14
N ILE J 27 7.91 -38.06 89.48
CA ILE J 27 7.67 -39.12 88.51
C ILE J 27 6.51 -39.98 89.00
N GLU J 28 5.64 -40.38 88.08
CA GLU J 28 4.49 -41.18 88.44
C GLU J 28 4.92 -42.51 89.03
N SER J 29 4.14 -43.00 90.00
CA SER J 29 4.48 -44.21 90.71
C SER J 29 4.52 -45.40 89.76
N PRO J 30 5.32 -46.42 90.08
CA PRO J 30 5.35 -47.62 89.23
C PRO J 30 3.98 -48.24 89.07
N PHE J 31 3.12 -48.13 90.08
CA PHE J 31 1.75 -48.62 89.99
C PHE J 31 1.05 -48.01 88.79
N GLU J 32 0.86 -46.69 88.79
CA GLU J 32 0.10 -46.06 87.70
C GLU J 32 0.89 -46.08 86.40
N GLN J 33 2.22 -46.04 86.46
CA GLN J 33 3.03 -46.11 85.24
C GLN J 33 2.81 -47.43 84.52
N ALA J 34 3.16 -48.54 85.16
CA ALA J 34 2.91 -49.84 84.57
C ALA J 34 1.41 -50.08 84.36
N LYS J 35 0.55 -49.36 85.07
CA LYS J 35 -0.89 -49.51 84.87
C LYS J 35 -1.30 -48.95 83.52
N LYS J 36 -0.86 -47.74 83.21
CA LYS J 36 -1.06 -47.20 81.87
C LYS J 36 -0.43 -48.10 80.84
N VAL J 37 0.75 -48.67 81.16
CA VAL J 37 1.44 -49.54 80.22
C VAL J 37 0.58 -50.75 79.88
N ILE J 38 0.06 -51.44 80.90
CA ILE J 38 -0.74 -52.62 80.65
C ILE J 38 -2.04 -52.26 79.96
N THR J 39 -2.62 -51.11 80.32
CA THR J 39 -3.85 -50.67 79.67
C THR J 39 -3.63 -50.52 78.17
N MET J 40 -2.60 -49.78 77.78
CA MET J 40 -2.39 -49.56 76.36
C MET J 40 -1.82 -50.79 75.66
N PHE J 41 -1.22 -51.72 76.40
CA PHE J 41 -0.81 -52.98 75.80
C PHE J 41 -2.03 -53.83 75.46
N VAL J 42 -2.97 -53.94 76.40
CA VAL J 42 -4.23 -54.60 76.10
C VAL J 42 -4.89 -53.90 74.93
N GLN J 43 -4.76 -52.58 74.85
CA GLN J 43 -5.28 -51.86 73.69
C GLN J 43 -4.65 -52.39 72.40
N ARG J 44 -3.32 -52.46 72.36
CA ARG J 44 -2.63 -53.04 71.20
C ARG J 44 -3.23 -54.37 70.79
N GLN J 45 -3.13 -55.38 71.66
CA GLN J 45 -3.67 -56.67 71.22
C GLN J 45 -5.18 -56.72 71.18
N VAL J 46 -5.88 -55.65 71.49
CA VAL J 46 -7.31 -55.61 71.18
C VAL J 46 -7.54 -55.19 69.74
N PHE J 47 -6.95 -54.07 69.32
CA PHE J 47 -7.22 -53.59 67.97
C PHE J 47 -6.70 -54.55 66.92
N ALA J 48 -5.46 -55.01 67.08
CA ALA J 48 -4.95 -56.04 66.18
C ALA J 48 -5.82 -57.28 66.31
N GLU J 49 -6.27 -57.81 65.17
CA GLU J 49 -7.17 -58.95 65.19
C GLU J 49 -6.41 -60.27 65.37
N ASN J 50 -5.14 -60.19 65.75
CA ASN J 50 -4.34 -61.39 65.95
C ASN J 50 -4.95 -62.27 67.04
N LYS J 51 -4.81 -63.58 66.85
CA LYS J 51 -5.44 -64.57 67.71
C LYS J 51 -4.75 -64.75 69.04
N ASP J 52 -3.89 -63.80 69.42
CA ASP J 52 -3.21 -63.90 70.72
C ASP J 52 -4.24 -63.92 71.84
N GLU J 53 -4.07 -64.85 72.77
CA GLU J 53 -4.96 -65.01 73.90
C GLU J 53 -4.27 -64.42 75.13
N ILE J 54 -5.02 -63.65 75.91
CA ILE J 54 -4.44 -62.88 77.01
C ILE J 54 -4.98 -63.40 78.34
N ALA J 55 -4.07 -63.51 79.32
CA ALA J 55 -4.43 -63.78 80.70
C ALA J 55 -3.74 -62.75 81.58
N LEU J 56 -4.29 -62.54 82.78
CA LEU J 56 -3.78 -61.50 83.66
C LEU J 56 -3.61 -62.05 85.07
N VAL J 57 -2.53 -61.66 85.72
CA VAL J 57 -2.24 -62.04 87.09
C VAL J 57 -1.82 -60.78 87.84
N LEU J 58 -2.72 -60.29 88.70
CA LEU J 58 -2.45 -59.06 89.46
C LEU J 58 -1.97 -59.41 90.87
N PHE J 59 -0.81 -60.07 90.95
CA PHE J 59 -0.36 -60.67 92.19
C PHE J 59 -0.02 -59.58 93.22
N GLY J 60 0.33 -60.01 94.43
CA GLY J 60 0.47 -59.09 95.54
C GLY J 60 -0.84 -58.62 96.12
N THR J 61 -1.86 -59.46 96.07
CA THR J 61 -3.22 -59.06 96.42
C THR J 61 -3.44 -59.03 97.92
N ASP J 62 -4.32 -58.13 98.35
CA ASP J 62 -4.79 -58.13 99.74
C ASP J 62 -5.61 -59.38 100.07
N GLY J 63 -6.12 -60.08 99.06
CA GLY J 63 -6.76 -61.36 99.24
C GLY J 63 -6.02 -62.44 98.48
N THR J 64 -6.70 -63.52 98.09
CA THR J 64 -6.08 -64.57 97.29
C THR J 64 -7.19 -65.29 96.53
N ASP J 65 -7.30 -65.00 95.24
CA ASP J 65 -8.27 -65.65 94.36
C ASP J 65 -7.49 -66.26 93.19
N ASN J 66 -6.99 -67.47 93.39
CA ASN J 66 -6.25 -68.20 92.38
C ASN J 66 -6.56 -69.68 92.50
N PRO J 67 -6.45 -70.43 91.39
CA PRO J 67 -6.74 -71.87 91.46
C PRO J 67 -5.81 -72.65 92.38
N LEU J 68 -4.63 -72.10 92.69
CA LEU J 68 -3.63 -72.78 93.51
C LEU J 68 -3.55 -72.22 94.91
N SER J 69 -4.67 -71.79 95.49
CA SER J 69 -4.68 -71.09 96.77
C SER J 69 -4.14 -72.00 97.87
N GLY J 70 -3.31 -71.43 98.74
CA GLY J 70 -2.76 -72.15 99.88
C GLY J 70 -2.42 -71.19 101.00
N GLY J 71 -2.11 -71.76 102.17
CA GLY J 71 -1.77 -70.92 103.31
C GLY J 71 -0.51 -70.12 103.09
N ASP J 72 0.52 -70.75 102.53
CA ASP J 72 1.74 -70.06 102.14
C ASP J 72 2.23 -70.44 100.76
N GLN J 73 1.71 -71.51 100.16
CA GLN J 73 2.06 -71.89 98.80
C GLN J 73 1.08 -71.24 97.83
N TYR J 74 1.60 -70.45 96.90
CA TYR J 74 0.81 -69.73 95.92
C TYR J 74 -0.22 -68.82 96.60
N GLN J 75 0.30 -67.82 97.31
CA GLN J 75 -0.49 -66.95 98.17
C GLN J 75 -0.47 -65.52 97.65
N ASN J 76 -1.56 -64.79 97.91
CA ASN J 76 -1.73 -63.39 97.54
C ASN J 76 -1.65 -63.20 96.02
N ILE J 77 -2.54 -63.89 95.32
CA ILE J 77 -2.65 -63.79 93.87
C ILE J 77 -4.12 -63.78 93.48
N THR J 78 -4.49 -62.89 92.56
CA THR J 78 -5.83 -62.84 91.99
C THR J 78 -5.69 -62.89 90.47
N VAL J 79 -5.90 -64.08 89.90
CA VAL J 79 -5.89 -64.24 88.45
C VAL J 79 -7.09 -63.49 87.91
N HIS J 80 -6.83 -62.39 87.19
CA HIS J 80 -7.92 -61.53 86.73
C HIS J 80 -8.87 -62.29 85.80
N ARG J 81 -8.32 -63.02 84.83
CA ARG J 81 -9.10 -63.86 83.94
C ARG J 81 -8.13 -64.73 83.16
N HIS J 82 -8.57 -65.93 82.83
CA HIS J 82 -7.70 -66.96 82.28
C HIS J 82 -7.31 -66.62 80.84
N LEU J 83 -6.60 -67.55 80.21
CA LEU J 83 -6.01 -67.31 78.90
C LEU J 83 -7.04 -67.43 77.77
N MET J 84 -7.75 -66.35 77.48
CA MET J 84 -8.66 -66.29 76.36
C MET J 84 -8.42 -64.98 75.60
N LEU J 85 -9.30 -64.68 74.66
CA LEU J 85 -9.15 -63.52 73.80
C LEU J 85 -9.28 -62.23 74.60
N PRO J 86 -8.60 -61.17 74.16
CA PRO J 86 -8.80 -59.86 74.78
C PRO J 86 -10.13 -59.25 74.35
N ASP J 87 -10.65 -58.38 75.21
CA ASP J 87 -11.92 -57.71 74.96
C ASP J 87 -12.01 -56.46 75.81
N PHE J 88 -12.92 -55.57 75.43
CA PHE J 88 -12.96 -54.24 76.01
C PHE J 88 -13.27 -54.26 77.50
N ASP J 89 -14.31 -55.00 77.90
CA ASP J 89 -14.74 -54.95 79.30
C ASP J 89 -13.60 -55.35 80.23
N LEU J 90 -12.73 -56.25 79.77
CA LEU J 90 -11.54 -56.58 80.54
C LEU J 90 -10.67 -55.35 80.73
N LEU J 91 -10.48 -54.58 79.66
CA LEU J 91 -9.67 -53.36 79.75
C LEU J 91 -10.29 -52.35 80.70
N GLU J 92 -11.61 -52.18 80.62
CA GLU J 92 -12.29 -51.24 81.50
C GLU J 92 -12.17 -51.68 82.95
N ASP J 93 -12.36 -52.97 83.22
CA ASP J 93 -12.24 -53.47 84.59
C ASP J 93 -10.82 -53.27 85.12
N ILE J 94 -9.81 -53.54 84.29
CA ILE J 94 -8.44 -53.26 84.69
C ILE J 94 -8.30 -51.79 85.03
N GLU J 95 -8.83 -50.91 84.17
CA GLU J 95 -8.72 -49.47 84.41
C GLU J 95 -9.43 -49.07 85.71
N SER J 96 -10.42 -49.85 86.13
CA SER J 96 -11.24 -49.50 87.28
C SER J 96 -11.05 -50.45 88.46
N LYS J 97 -11.18 -51.77 88.26
CA LYS J 97 -11.25 -52.70 89.38
C LYS J 97 -9.96 -52.72 90.18
N ILE J 98 -8.83 -52.37 89.58
CA ILE J 98 -7.57 -52.41 90.31
C ILE J 98 -7.64 -51.46 91.50
N GLN J 99 -6.95 -51.82 92.57
CA GLN J 99 -6.94 -51.01 93.77
C GLN J 99 -5.54 -50.96 94.36
N PRO J 100 -5.17 -49.84 94.99
CA PRO J 100 -3.90 -49.80 95.70
C PRO J 100 -3.88 -50.80 96.84
N GLY J 101 -2.72 -51.43 97.03
CA GLY J 101 -2.57 -52.48 98.02
C GLY J 101 -1.83 -52.02 99.26
N SER J 102 -1.73 -52.93 100.21
CA SER J 102 -1.00 -52.69 101.44
C SER J 102 -0.08 -53.83 101.84
N GLN J 103 0.01 -54.89 101.03
CA GLN J 103 0.82 -56.06 101.34
C GLN J 103 2.03 -56.11 100.42
N GLN J 104 2.84 -57.14 100.62
CA GLN J 104 3.97 -57.46 99.75
C GLN J 104 4.00 -58.95 99.52
N ALA J 105 4.28 -59.37 98.28
CA ALA J 105 4.25 -60.77 97.93
C ALA J 105 5.31 -61.09 96.90
N ASP J 106 5.72 -62.35 96.86
CA ASP J 106 6.73 -62.81 95.93
C ASP J 106 6.16 -62.86 94.51
N PHE J 107 7.06 -62.77 93.53
CA PHE J 107 6.69 -62.87 92.13
C PHE J 107 6.99 -64.23 91.52
N LEU J 108 8.01 -64.94 92.02
CA LEU J 108 8.21 -66.33 91.61
C LEU J 108 6.94 -67.14 91.84
N ASP J 109 6.23 -66.85 92.93
CA ASP J 109 4.91 -67.43 93.15
C ASP J 109 4.01 -67.22 91.93
N ALA J 110 3.85 -65.96 91.52
CA ALA J 110 2.99 -65.67 90.38
C ALA J 110 3.54 -66.29 89.10
N LEU J 111 4.87 -66.34 88.98
CA LEU J 111 5.48 -66.94 87.80
C LEU J 111 5.11 -68.41 87.68
N ILE J 112 5.23 -69.16 88.79
CA ILE J 112 4.83 -70.57 88.77
C ILE J 112 3.34 -70.72 88.58
N VAL J 113 2.53 -69.81 89.13
CA VAL J 113 1.08 -69.91 88.96
C VAL J 113 0.72 -69.77 87.49
N SER J 114 1.30 -68.77 86.82
CA SER J 114 1.04 -68.58 85.39
C SER J 114 1.61 -69.74 84.57
N MET J 115 2.76 -70.27 85.01
CA MET J 115 3.30 -71.48 84.41
C MET J 115 2.29 -72.61 84.44
N ASP J 116 1.68 -72.85 85.60
CA ASP J 116 0.69 -73.91 85.73
C ASP J 116 -0.54 -73.62 84.89
N VAL J 117 -0.97 -72.36 84.83
CA VAL J 117 -2.10 -72.00 83.98
C VAL J 117 -1.80 -72.33 82.52
N ILE J 118 -0.59 -71.98 82.07
CA ILE J 118 -0.19 -72.27 80.69
C ILE J 118 -0.18 -73.77 80.45
N GLN J 119 0.44 -74.52 81.36
CA GLN J 119 0.50 -75.97 81.21
C GLN J 119 -0.89 -76.60 81.25
N HIS J 120 -1.84 -75.94 81.90
CA HIS J 120 -3.19 -76.44 82.02
C HIS J 120 -4.10 -76.02 80.88
N GLU J 121 -3.72 -75.00 80.11
CA GLU J 121 -4.61 -74.51 79.06
C GLU J 121 -3.96 -74.50 77.69
N THR J 122 -2.66 -74.20 77.60
CA THR J 122 -2.02 -74.10 76.30
C THR J 122 -1.92 -75.44 75.59
N ILE J 123 -2.16 -76.56 76.29
CA ILE J 123 -2.29 -77.85 75.64
C ILE J 123 -3.75 -78.22 75.37
N GLY J 124 -4.68 -77.78 76.22
CA GLY J 124 -6.09 -77.98 75.96
C GLY J 124 -6.60 -77.28 74.73
N LYS J 125 -5.92 -76.21 74.30
CA LYS J 125 -6.21 -75.56 73.03
C LYS J 125 -4.90 -75.42 72.28
N LYS J 126 -4.97 -75.55 70.95
CA LYS J 126 -3.76 -75.56 70.13
C LYS J 126 -3.02 -74.23 70.28
N PHE J 127 -1.70 -74.32 70.48
CA PHE J 127 -0.86 -73.14 70.63
C PHE J 127 0.50 -73.45 70.02
N GLU J 128 1.28 -72.39 69.78
CA GLU J 128 2.61 -72.56 69.22
C GLU J 128 3.73 -71.95 70.05
N LYS J 129 3.53 -70.77 70.64
CA LYS J 129 4.62 -70.13 71.37
C LYS J 129 3.99 -69.43 72.56
N ARG J 130 4.65 -69.43 73.70
CA ARG J 130 4.11 -68.86 74.93
C ARG J 130 5.03 -67.76 75.45
N HIS J 131 4.42 -66.74 76.06
CA HIS J 131 5.14 -65.58 76.58
C HIS J 131 4.65 -65.33 78.00
N ILE J 132 5.58 -65.13 78.92
CA ILE J 132 5.22 -64.68 80.26
C ILE J 132 5.88 -63.33 80.54
N GLU J 133 5.08 -62.38 81.04
CA GLU J 133 5.55 -61.03 81.32
C GLU J 133 5.16 -60.69 82.75
N ILE J 134 6.10 -60.17 83.52
CA ILE J 134 5.86 -59.78 84.91
C ILE J 134 6.26 -58.32 85.07
N PHE J 135 5.33 -57.51 85.59
CA PHE J 135 5.64 -56.15 86.00
C PHE J 135 5.70 -56.10 87.53
N THR J 136 6.76 -55.52 88.06
CA THR J 136 6.93 -55.40 89.50
C THR J 136 7.97 -54.33 89.78
N ASP J 137 8.22 -54.07 91.07
CA ASP J 137 9.25 -53.14 91.49
C ASP J 137 10.38 -53.80 92.26
N LEU J 138 10.42 -55.14 92.33
CA LEU J 138 11.50 -55.89 92.96
C LEU J 138 11.63 -55.58 94.45
N SER J 139 10.51 -55.33 95.12
CA SER J 139 10.48 -55.10 96.56
C SER J 139 9.84 -56.28 97.29
N SER J 140 10.10 -57.49 96.80
CA SER J 140 9.48 -58.70 97.33
C SER J 140 10.48 -59.54 98.10
N ARG J 141 9.95 -60.45 98.91
CA ARG J 141 10.75 -61.43 99.63
C ARG J 141 10.66 -62.77 98.87
N PHE J 142 11.73 -63.14 98.19
CA PHE J 142 11.72 -64.29 97.30
C PHE J 142 12.88 -65.21 97.62
N SER J 143 12.63 -66.51 97.54
CA SER J 143 13.65 -67.55 97.68
C SER J 143 13.97 -68.12 96.31
N LYS J 144 15.23 -68.51 96.12
CA LYS J 144 15.73 -68.99 94.83
C LYS J 144 15.54 -70.49 94.64
N SER J 145 14.55 -71.08 95.31
CA SER J 145 14.37 -72.53 95.32
C SER J 145 14.09 -73.09 93.93
N GLN J 146 12.96 -72.71 93.34
CA GLN J 146 12.49 -73.32 92.11
C GLN J 146 13.02 -72.65 90.85
N LEU J 147 13.89 -71.65 90.98
CA LEU J 147 14.35 -70.90 89.81
C LEU J 147 14.96 -71.82 88.76
N ASP J 148 15.75 -72.80 89.19
CA ASP J 148 16.26 -73.79 88.26
C ASP J 148 15.12 -74.55 87.59
N ILE J 149 14.17 -75.02 88.39
CA ILE J 149 13.03 -75.77 87.84
C ILE J 149 12.13 -74.86 87.03
N ILE J 150 11.96 -73.62 87.47
CA ILE J 150 11.13 -72.68 86.72
C ILE J 150 11.71 -72.45 85.33
N ILE J 151 13.02 -72.18 85.26
CA ILE J 151 13.68 -71.94 83.98
C ILE J 151 13.67 -73.21 83.14
N HIS J 152 13.83 -74.37 83.78
CA HIS J 152 13.72 -75.64 83.08
C HIS J 152 12.37 -75.77 82.39
N SER J 153 11.29 -75.52 83.13
CA SER J 153 9.96 -75.62 82.55
C SER J 153 9.76 -74.58 81.45
N LEU J 154 10.26 -73.36 81.66
CA LEU J 154 10.15 -72.33 80.62
C LEU J 154 10.83 -72.79 79.34
N LYS J 155 11.97 -73.46 79.46
CA LYS J 155 12.62 -74.05 78.30
C LYS J 155 11.76 -75.15 77.69
N LYS J 156 11.22 -76.03 78.53
CA LYS J 156 10.40 -77.15 78.06
C LYS J 156 9.01 -76.72 77.62
N CYS J 157 8.36 -75.85 78.39
CA CYS J 157 7.02 -75.37 78.02
C CYS J 157 7.06 -74.25 77.00
N ASP J 158 8.26 -73.82 76.59
CA ASP J 158 8.44 -72.84 75.51
C ASP J 158 7.78 -71.51 75.87
N ILE J 159 8.18 -70.98 77.03
CA ILE J 159 7.68 -69.72 77.55
C ILE J 159 8.87 -68.80 77.77
N SER J 160 8.77 -67.57 77.27
CA SER J 160 9.83 -66.57 77.38
C SER J 160 9.51 -65.60 78.50
N LEU J 161 10.46 -65.43 79.42
CA LEU J 161 10.25 -64.61 80.60
C LEU J 161 10.89 -63.24 80.39
N GLN J 162 10.14 -62.19 80.68
CA GLN J 162 10.63 -60.82 80.64
C GLN J 162 10.23 -60.11 81.91
N PHE J 163 11.11 -59.24 82.39
CA PHE J 163 10.86 -58.45 83.59
C PHE J 163 10.93 -56.97 83.26
N PHE J 164 10.11 -56.20 83.96
CA PHE J 164 9.97 -54.78 83.67
C PHE J 164 9.98 -54.06 85.01
N LEU J 165 10.96 -53.17 85.18
CA LEU J 165 11.37 -52.71 86.50
C LEU J 165 11.47 -51.20 86.52
N PRO J 166 11.22 -50.56 87.66
CA PRO J 166 11.20 -49.08 87.68
C PRO J 166 12.53 -48.44 87.34
N PHE J 167 13.65 -49.06 87.70
CA PHE J 167 14.93 -48.39 87.53
C PHE J 167 15.41 -48.50 86.09
N SER J 168 16.48 -47.77 85.80
CA SER J 168 17.09 -47.74 84.47
C SER J 168 18.47 -48.37 84.51
N LEU J 169 18.75 -49.19 83.48
CA LEU J 169 20.05 -49.86 83.42
C LEU J 169 21.19 -48.86 83.27
N GLY J 170 21.01 -47.86 82.43
CA GLY J 170 22.04 -46.86 82.19
C GLY J 170 21.78 -45.53 82.87
N GLY J 196 18.95 -44.95 92.20
CA GLY J 196 18.50 -44.88 93.57
C GLY J 196 17.45 -45.93 93.91
N ILE J 197 17.90 -47.15 94.15
CA ILE J 197 17.02 -48.27 94.48
C ILE J 197 17.53 -48.95 95.74
N THR J 198 16.62 -49.65 96.41
CA THR J 198 16.95 -50.29 97.67
C THR J 198 17.90 -51.47 97.45
N GLU J 199 18.60 -51.84 98.51
CA GLU J 199 19.40 -53.05 98.48
C GLU J 199 18.55 -54.28 98.19
N GLN J 200 17.31 -54.29 98.72
CA GLN J 200 16.33 -55.28 98.31
C GLN J 200 16.16 -55.28 96.80
N GLN J 201 15.90 -54.09 96.24
CA GLN J 201 15.74 -53.95 94.80
C GLN J 201 17.03 -54.26 94.05
N LYS J 202 18.18 -53.89 94.61
CA LYS J 202 19.45 -54.13 93.93
C LYS J 202 19.74 -55.64 93.82
N GLU J 203 19.59 -56.37 94.93
CA GLU J 203 19.83 -57.80 94.87
C GLU J 203 18.77 -58.48 94.02
N GLY J 204 17.54 -57.94 94.02
CA GLY J 204 16.54 -58.44 93.10
C GLY J 204 16.95 -58.26 91.65
N LEU J 205 17.55 -57.12 91.33
CA LEU J 205 18.01 -56.87 89.97
C LEU J 205 19.11 -57.84 89.58
N GLU J 206 20.05 -58.09 90.50
CA GLU J 206 21.09 -59.08 90.22
C GLU J 206 20.49 -60.46 90.02
N ILE J 207 19.49 -60.81 90.83
CA ILE J 207 18.80 -62.09 90.66
C ILE J 207 18.11 -62.15 89.30
N VAL J 208 17.52 -61.03 88.88
CA VAL J 208 16.83 -60.98 87.59
C VAL J 208 17.81 -61.19 86.45
N LYS J 209 18.98 -60.53 86.55
CA LYS J 209 20.02 -60.75 85.55
C LYS J 209 20.44 -62.21 85.51
N MET J 210 20.64 -62.81 86.69
CA MET J 210 21.00 -64.23 86.74
C MET J 210 19.94 -65.09 86.08
N VAL J 211 18.67 -64.81 86.36
CA VAL J 211 17.58 -65.64 85.83
C VAL J 211 17.51 -65.51 84.32
N MET J 212 17.55 -64.28 83.80
CA MET J 212 17.46 -64.11 82.34
C MET J 212 18.65 -64.73 81.64
N ILE J 213 19.86 -64.55 82.17
CA ILE J 213 21.00 -65.22 81.57
C ILE J 213 20.86 -66.74 81.73
N SER J 214 20.28 -67.18 82.84
CA SER J 214 20.00 -68.61 83.01
C SER J 214 18.94 -69.12 82.05
N LEU J 215 18.21 -68.23 81.38
CA LEU J 215 17.21 -68.63 80.40
C LEU J 215 17.79 -68.63 78.99
N GLU J 216 18.27 -67.48 78.50
CA GLU J 216 18.75 -67.35 77.14
C GLU J 216 20.27 -67.25 77.08
N GLY J 217 20.85 -66.30 77.79
CA GLY J 217 22.30 -66.13 77.77
C GLY J 217 22.67 -64.69 78.09
N GLU J 218 23.84 -64.29 77.58
CA GLU J 218 24.33 -62.94 77.85
C GLU J 218 23.37 -61.88 77.32
N ASP J 219 22.66 -62.19 76.22
CA ASP J 219 21.69 -61.26 75.68
C ASP J 219 20.49 -61.05 76.59
N GLY J 220 20.44 -61.72 77.74
CA GLY J 220 19.36 -61.55 78.68
C GLY J 220 19.30 -60.14 79.24
N LEU J 221 20.39 -59.38 79.06
CA LEU J 221 20.39 -57.99 79.51
C LEU J 221 19.33 -57.18 78.79
N ASP J 222 19.16 -57.41 77.48
CA ASP J 222 18.16 -56.69 76.71
C ASP J 222 16.75 -56.99 77.17
N GLU J 223 16.51 -58.15 77.78
CA GLU J 223 15.20 -58.50 78.28
C GLU J 223 14.85 -57.75 79.56
N ILE J 224 15.78 -57.03 80.15
CA ILE J 224 15.50 -56.13 81.25
C ILE J 224 14.93 -54.85 80.67
N TYR J 225 13.84 -54.36 81.26
CA TYR J 225 13.15 -53.20 80.73
C TYR J 225 12.74 -52.26 81.86
N SER J 226 12.82 -50.96 81.60
CA SER J 226 12.36 -49.97 82.56
C SER J 226 10.90 -49.66 82.29
N PHE J 227 10.39 -48.56 82.84
CA PHE J 227 9.02 -48.16 82.63
C PHE J 227 8.85 -46.95 81.71
N SER J 228 9.79 -46.02 81.72
CA SER J 228 9.74 -44.93 80.75
C SER J 228 10.00 -45.42 79.34
N GLU J 229 11.05 -46.24 79.16
CA GLU J 229 11.33 -46.77 77.84
C GLU J 229 10.22 -47.67 77.35
N SER J 230 9.48 -48.30 78.27
CA SER J 230 8.30 -49.05 77.84
C SER J 230 7.29 -48.11 77.22
N LEU J 231 7.06 -46.95 77.84
CA LEU J 231 6.19 -45.96 77.21
C LEU J 231 6.71 -45.58 75.83
N ARG J 232 8.00 -45.26 75.74
CA ARG J 232 8.55 -44.81 74.46
C ARG J 232 8.40 -45.88 73.37
N LYS J 233 8.71 -47.13 73.69
CA LYS J 233 8.65 -48.20 72.71
C LYS J 233 7.23 -48.70 72.46
N LEU J 234 6.27 -48.34 73.30
CA LEU J 234 4.92 -48.84 73.17
C LEU J 234 3.91 -47.80 72.69
N CYS J 235 4.21 -46.50 72.81
CA CYS J 235 3.18 -45.47 72.65
C CYS J 235 2.37 -45.62 71.37
N VAL J 236 3.03 -45.96 70.26
CA VAL J 236 2.33 -46.08 68.97
C VAL J 236 1.34 -47.25 69.04
N PHE J 237 0.28 -47.18 68.25
CA PHE J 237 -0.61 -48.32 68.14
C PHE J 237 0.09 -49.44 67.38
N LYS J 238 -0.54 -50.61 67.38
CA LYS J 238 0.07 -51.78 66.76
C LYS J 238 0.20 -51.59 65.26
N LYS J 239 1.39 -51.83 64.75
CA LYS J 239 1.61 -51.82 63.30
C LYS J 239 0.74 -52.86 62.64
N ILE J 240 0.22 -52.53 61.46
CA ILE J 240 -0.60 -53.50 60.74
C ILE J 240 0.30 -54.40 59.89
N GLU J 241 0.81 -55.45 60.52
CA GLU J 241 1.61 -56.45 59.83
C GLU J 241 0.72 -57.15 58.81
N ARG J 242 1.30 -57.55 57.69
CA ARG J 242 0.51 -58.07 56.57
C ARG J 242 1.34 -59.13 55.84
N HIS J 243 0.92 -60.38 55.97
CA HIS J 243 1.60 -61.47 55.29
C HIS J 243 1.28 -61.44 53.80
N SER J 244 2.29 -61.70 52.99
CA SER J 244 2.12 -61.76 51.54
C SER J 244 1.80 -63.19 51.13
N ILE J 245 1.85 -63.48 49.85
CA ILE J 245 1.53 -64.79 49.31
C ILE J 245 2.74 -65.33 48.57
N HIS J 246 3.07 -66.59 48.81
CA HIS J 246 4.09 -67.23 48.00
C HIS J 246 3.55 -67.46 46.60
N TRP J 247 3.81 -66.51 45.71
CA TRP J 247 3.49 -66.75 44.31
C TRP J 247 4.72 -67.23 43.60
N PRO J 248 4.79 -68.49 43.20
CA PRO J 248 5.88 -68.95 42.34
C PRO J 248 5.52 -68.78 40.88
N CYS J 249 6.54 -68.47 40.09
CA CYS J 249 6.33 -68.27 38.66
C CYS J 249 7.57 -68.74 37.93
N ARG J 250 7.40 -68.95 36.63
CA ARG J 250 8.49 -69.44 35.80
C ARG J 250 9.14 -68.24 35.11
N LEU J 251 10.22 -67.74 35.69
CA LEU J 251 10.94 -66.65 35.03
C LEU J 251 11.46 -67.14 33.69
N THR J 252 10.87 -66.62 32.63
CA THR J 252 11.12 -67.11 31.29
C THR J 252 12.00 -66.11 30.56
N ILE J 253 13.14 -66.59 30.05
CA ILE J 253 13.98 -65.82 29.16
C ILE J 253 14.29 -66.70 27.95
N GLY J 254 14.09 -66.14 26.77
CA GLY J 254 14.13 -66.96 25.56
C GLY J 254 12.97 -67.93 25.58
N SER J 255 13.18 -69.09 24.97
CA SER J 255 12.21 -70.15 25.04
C SER J 255 12.77 -71.44 25.63
N ASN J 256 14.01 -71.43 26.12
CA ASN J 256 14.60 -72.65 26.66
C ASN J 256 15.42 -72.38 27.91
N LEU J 257 15.11 -71.33 28.66
CA LEU J 257 15.83 -71.07 29.90
C LEU J 257 14.82 -70.70 31.00
N SER J 258 13.78 -71.52 31.13
CA SER J 258 12.80 -71.31 32.18
C SER J 258 13.43 -71.50 33.55
N ILE J 259 13.12 -70.59 34.48
CA ILE J 259 13.62 -70.64 35.84
C ILE J 259 12.44 -70.39 36.78
N ARG J 260 12.28 -71.26 37.78
CA ARG J 260 11.25 -71.02 38.77
C ARG J 260 11.60 -69.79 39.60
N ILE J 261 10.67 -68.84 39.64
CA ILE J 261 10.88 -67.57 40.33
C ILE J 261 9.74 -67.36 41.31
N ALA J 262 10.10 -66.88 42.50
CA ALA J 262 9.13 -66.63 43.56
C ALA J 262 8.96 -65.12 43.68
N ALA J 263 7.75 -64.65 43.39
CA ALA J 263 7.43 -63.23 43.43
C ALA J 263 6.84 -62.87 44.78
N TYR J 264 7.26 -61.73 45.32
CA TYR J 264 6.79 -61.29 46.62
C TYR J 264 6.57 -59.79 46.58
N LYS J 265 5.56 -59.31 47.31
CA LYS J 265 5.26 -57.89 47.30
C LYS J 265 6.07 -57.15 48.35
N SER J 266 6.56 -55.97 47.99
CA SER J 266 7.39 -55.17 48.89
C SER J 266 6.61 -54.01 49.49
N ILE J 267 6.05 -53.14 48.65
CA ILE J 267 5.33 -51.97 49.10
C ILE J 267 3.93 -52.00 48.49
N LEU J 268 2.92 -51.84 49.33
CA LEU J 268 1.54 -51.80 48.86
C LEU J 268 0.80 -50.74 49.65
N GLN J 269 0.06 -49.90 48.96
CA GLN J 269 -0.80 -48.94 49.65
C GLN J 269 -1.77 -49.73 50.50
N GLU J 270 -1.57 -49.71 51.82
CA GLU J 270 -2.31 -50.56 52.72
C GLU J 270 -3.63 -49.90 53.07
N ARG J 271 -4.72 -50.64 52.94
CA ARG J 271 -6.04 -50.17 53.30
C ARG J 271 -6.57 -51.04 54.44
N VAL J 272 -7.41 -50.44 55.28
CA VAL J 272 -7.92 -51.09 56.47
C VAL J 272 -8.56 -52.42 56.08
N LYS J 273 -8.56 -53.37 57.01
CA LYS J 273 -9.00 -54.72 56.66
C LYS J 273 -10.51 -54.79 56.48
N LYS J 274 -11.26 -54.53 57.54
CA LYS J 274 -12.70 -54.73 57.49
C LYS J 274 -13.45 -53.40 57.45
N THR J 275 -14.38 -53.31 56.51
CA THR J 275 -15.04 -52.07 56.13
C THR J 275 -15.98 -51.59 57.22
N TRP J 276 -16.42 -50.35 57.06
CA TRP J 276 -17.37 -49.72 57.97
C TRP J 276 -18.77 -50.24 57.65
N THR J 277 -19.22 -51.25 58.40
CA THR J 277 -20.53 -51.82 58.16
C THR J 277 -21.62 -50.79 58.40
N VAL J 278 -22.58 -50.70 57.49
CA VAL J 278 -23.64 -49.70 57.58
C VAL J 278 -24.77 -50.28 58.43
N VAL J 279 -25.12 -49.57 59.49
CA VAL J 279 -26.10 -50.09 60.44
C VAL J 279 -27.14 -49.00 60.72
N ASP J 280 -28.39 -49.44 60.90
CA ASP J 280 -29.49 -48.52 61.13
C ASP J 280 -29.44 -47.98 62.55
N ALA J 281 -29.83 -46.72 62.69
CA ALA J 281 -29.86 -46.09 63.99
C ALA J 281 -30.94 -46.72 64.87
N LYS J 282 -30.78 -46.58 66.18
CA LYS J 282 -31.74 -46.90 67.22
C LYS J 282 -32.16 -48.37 67.23
N THR J 283 -31.61 -49.20 66.35
CA THR J 283 -31.88 -50.62 66.36
C THR J 283 -30.55 -51.37 66.38
N LEU J 284 -29.57 -50.85 65.65
CA LEU J 284 -28.21 -51.33 65.66
C LEU J 284 -28.10 -52.79 65.22
N LYS J 285 -28.88 -53.22 64.23
CA LYS J 285 -28.72 -54.52 63.59
C LYS J 285 -28.30 -54.30 62.16
N LYS J 286 -27.35 -55.13 61.68
CA LYS J 286 -26.92 -55.02 60.29
C LYS J 286 -27.97 -55.53 59.33
N GLU J 287 -28.72 -56.56 59.72
CA GLU J 287 -29.59 -57.25 58.77
C GLU J 287 -30.84 -56.44 58.44
N ASP J 288 -31.06 -55.35 59.17
CA ASP J 288 -32.28 -54.56 59.00
C ASP J 288 -32.18 -53.54 57.88
N ILE J 289 -31.12 -53.60 57.07
CA ILE J 289 -30.92 -52.64 55.99
C ILE J 289 -30.60 -53.41 54.72
N GLN J 290 -31.24 -53.03 53.62
CA GLN J 290 -30.96 -53.60 52.32
C GLN J 290 -30.56 -52.51 51.33
N LYS J 291 -29.36 -52.63 50.80
CA LYS J 291 -28.87 -51.69 49.80
C LYS J 291 -29.23 -52.20 48.41
N GLU J 292 -30.51 -52.49 48.24
CA GLU J 292 -30.96 -53.04 46.97
C GLU J 292 -30.93 -51.96 45.91
N THR J 293 -30.55 -52.36 44.70
CA THR J 293 -30.50 -51.46 43.56
C THR J 293 -31.63 -51.81 42.61
N VAL J 294 -32.29 -50.78 42.07
CA VAL J 294 -33.38 -50.97 41.13
C VAL J 294 -33.06 -50.15 39.89
N TYR J 295 -33.35 -50.74 38.73
CA TYR J 295 -33.07 -50.10 37.45
C TYR J 295 -34.39 -49.74 36.79
N CYS J 296 -34.54 -48.47 36.44
CA CYS J 296 -35.79 -47.96 35.89
C CYS J 296 -35.57 -47.51 34.45
N LEU J 297 -36.64 -47.03 33.82
CA LEU J 297 -36.53 -46.43 32.51
C LEU J 297 -36.95 -44.97 32.64
N ASN J 298 -36.39 -44.13 31.75
CA ASN J 298 -36.70 -42.71 31.86
C ASN J 298 -38.16 -42.40 31.58
N ASP J 299 -38.89 -43.26 30.87
CA ASP J 299 -40.28 -42.97 30.50
C ASP J 299 -41.25 -43.43 31.59
N ASP J 300 -42.00 -42.46 32.13
CA ASP J 300 -43.07 -42.72 33.10
C ASP J 300 -42.57 -43.49 34.32
N ASP J 301 -41.25 -43.49 34.53
CA ASP J 301 -40.61 -44.19 35.65
C ASP J 301 -41.01 -45.67 35.62
N GLU J 302 -40.86 -46.32 34.47
CA GLU J 302 -41.05 -47.75 34.39
C GLU J 302 -39.84 -48.48 34.95
N THR J 303 -40.11 -49.50 35.75
CA THR J 303 -39.06 -50.24 36.45
C THR J 303 -38.63 -51.45 35.63
N GLU J 304 -37.33 -51.56 35.38
CA GLU J 304 -36.79 -52.66 34.61
C GLU J 304 -36.40 -53.82 35.53
N VAL J 305 -36.49 -55.03 35.03
CA VAL J 305 -36.24 -56.21 35.85
C VAL J 305 -34.73 -56.30 36.10
N LEU J 306 -34.38 -56.58 37.36
CA LEU J 306 -33.11 -56.13 37.93
C LEU J 306 -31.88 -56.68 37.22
N LYS J 307 -31.78 -57.99 37.03
CA LYS J 307 -30.50 -58.59 36.62
C LYS J 307 -30.62 -59.42 35.35
N GLU J 308 -31.58 -59.17 34.48
CA GLU J 308 -31.53 -59.82 33.17
C GLU J 308 -31.94 -58.95 32.00
N ASP J 309 -32.54 -57.78 32.19
CA ASP J 309 -33.00 -57.02 31.04
C ASP J 309 -31.96 -55.97 30.64
N ILE J 310 -30.91 -55.80 31.43
CA ILE J 310 -29.89 -54.79 31.16
C ILE J 310 -28.70 -55.44 30.48
N ILE J 311 -28.24 -54.81 29.40
CA ILE J 311 -27.04 -55.25 28.69
C ILE J 311 -26.11 -54.06 28.59
N GLN J 312 -24.83 -54.27 28.92
CA GLN J 312 -23.87 -53.18 29.08
C GLN J 312 -23.44 -52.69 27.70
N GLY J 313 -23.47 -51.37 27.51
CA GLY J 313 -23.00 -50.74 26.30
C GLY J 313 -21.73 -49.94 26.51
N PHE J 314 -21.26 -49.33 25.42
CA PHE J 314 -20.06 -48.51 25.46
C PHE J 314 -20.28 -47.30 24.57
N ARG J 315 -19.55 -46.24 24.85
CA ARG J 315 -19.64 -45.00 24.09
C ARG J 315 -18.59 -44.98 23.00
N TYR J 316 -19.04 -44.88 21.77
CA TYR J 316 -18.19 -44.73 20.59
C TYR J 316 -18.69 -43.47 19.91
N GLY J 317 -18.15 -42.34 20.30
CA GLY J 317 -18.63 -41.08 19.77
C GLY J 317 -20.06 -40.85 20.20
N SER J 318 -20.91 -40.50 19.23
CA SER J 318 -22.25 -40.05 19.56
C SER J 318 -23.09 -41.16 20.14
N ASP J 319 -23.02 -42.34 19.58
CA ASP J 319 -23.98 -43.40 19.86
C ASP J 319 -23.40 -44.40 20.85
N ILE J 320 -24.21 -45.39 21.19
CA ILE J 320 -23.86 -46.42 22.14
C ILE J 320 -23.97 -47.76 21.43
N VAL J 321 -22.95 -48.60 21.55
CA VAL J 321 -22.90 -49.89 20.87
C VAL J 321 -23.40 -50.96 21.83
N PRO J 322 -24.42 -51.68 21.48
CA PRO J 322 -24.82 -52.81 22.33
C PRO J 322 -23.76 -53.90 22.39
N PHE J 323 -22.72 -53.68 23.17
CA PHE J 323 -21.82 -54.76 23.54
C PHE J 323 -22.57 -55.64 24.54
N SER J 324 -21.93 -56.66 25.09
CA SER J 324 -22.61 -57.44 26.13
C SER J 324 -21.57 -58.06 27.03
N LYS J 325 -21.99 -59.01 27.85
CA LYS J 325 -21.08 -59.75 28.71
C LYS J 325 -20.59 -61.03 28.06
N VAL J 326 -21.50 -61.77 27.40
CA VAL J 326 -21.09 -62.99 26.72
C VAL J 326 -20.12 -62.66 25.59
N ASP J 327 -20.44 -61.65 24.78
CA ASP J 327 -19.51 -61.25 23.73
C ASP J 327 -18.24 -60.70 24.34
N GLU J 328 -18.34 -60.14 25.55
CA GLU J 328 -17.13 -59.71 26.24
C GLU J 328 -16.21 -60.88 26.51
N GLU J 329 -16.74 -61.94 27.12
CA GLU J 329 -15.90 -63.09 27.43
C GLU J 329 -15.47 -63.82 26.17
N GLN J 330 -16.15 -63.63 25.05
CA GLN J 330 -15.77 -64.34 23.84
C GLN J 330 -14.70 -63.57 23.06
N MET J 331 -14.85 -62.25 22.98
CA MET J 331 -13.90 -61.41 22.25
C MET J 331 -12.82 -60.80 23.13
N LYS J 332 -12.83 -61.05 24.42
CA LYS J 332 -11.80 -60.52 25.30
C LYS J 332 -10.43 -61.07 24.90
N TYR J 333 -9.41 -60.26 25.16
CA TYR J 333 -8.04 -60.73 24.98
C TYR J 333 -7.72 -61.85 25.95
N LYS J 334 -7.00 -62.85 25.43
CA LYS J 334 -6.62 -64.01 26.23
C LYS J 334 -5.12 -64.00 26.45
N SER J 335 -4.66 -64.87 27.33
CA SER J 335 -3.25 -64.99 27.62
C SER J 335 -2.95 -66.42 28.04
N GLU J 336 -1.68 -66.79 27.94
CA GLU J 336 -1.29 -68.15 28.30
C GLU J 336 -1.38 -68.38 29.81
N GLY J 337 -1.04 -67.38 30.61
CA GLY J 337 -1.07 -67.57 32.04
C GLY J 337 -0.05 -66.65 32.70
N LYS J 338 0.83 -67.27 33.50
CA LYS J 338 1.78 -66.51 34.30
C LYS J 338 2.60 -65.57 33.43
N CYS J 339 3.25 -66.12 32.40
CA CYS J 339 3.90 -65.36 31.33
C CYS J 339 4.81 -64.25 31.87
N PHE J 340 5.56 -64.54 32.93
CA PHE J 340 6.62 -63.63 33.32
C PHE J 340 7.82 -63.87 32.44
N SER J 341 7.81 -63.28 31.24
CA SER J 341 8.84 -63.55 30.24
C SER J 341 9.61 -62.28 29.96
N VAL J 342 10.94 -62.39 29.91
CA VAL J 342 11.79 -61.22 29.75
C VAL J 342 11.74 -60.76 28.30
N LEU J 343 11.32 -59.52 28.10
CA LEU J 343 11.32 -58.95 26.77
C LEU J 343 12.70 -58.49 26.34
N GLY J 344 13.53 -58.07 27.27
CA GLY J 344 14.86 -57.62 26.89
C GLY J 344 15.54 -56.90 28.04
N PHE J 345 16.70 -56.34 27.72
CA PHE J 345 17.59 -55.72 28.70
C PHE J 345 17.93 -54.32 28.21
N CYS J 346 18.18 -53.42 29.15
CA CYS J 346 18.38 -52.02 28.80
C CYS J 346 19.20 -51.32 29.86
N LYS J 347 19.70 -50.14 29.49
CA LYS J 347 20.52 -49.35 30.39
C LYS J 347 19.70 -48.86 31.58
N SER J 348 20.39 -48.55 32.68
CA SER J 348 19.70 -47.98 33.83
C SER J 348 19.04 -46.66 33.50
N SER J 349 19.79 -45.73 32.88
CA SER J 349 19.22 -44.45 32.52
C SER J 349 18.19 -44.56 31.41
N GLN J 350 18.11 -45.70 30.74
CA GLN J 350 17.13 -45.88 29.70
C GLN J 350 15.70 -45.83 30.26
N VAL J 351 15.52 -46.14 31.53
CA VAL J 351 14.27 -45.90 32.23
C VAL J 351 14.56 -44.90 33.35
N GLN J 352 13.50 -44.28 33.86
CA GLN J 352 13.69 -43.25 34.88
C GLN J 352 12.70 -43.45 36.02
N ARG J 353 13.05 -42.84 37.15
CA ARG J 353 12.19 -42.85 38.33
C ARG J 353 10.78 -42.40 38.01
N ARG J 354 10.65 -41.26 37.32
CA ARG J 354 9.33 -40.66 37.08
C ARG J 354 8.36 -41.65 36.47
N PHE J 355 8.80 -42.46 35.52
CA PHE J 355 7.90 -43.21 34.67
C PHE J 355 7.37 -44.45 35.35
N PHE J 356 7.83 -44.76 36.56
CA PHE J 356 7.44 -45.99 37.23
C PHE J 356 5.94 -45.89 37.50
N MET J 357 5.18 -46.80 36.87
CA MET J 357 3.73 -46.68 36.81
C MET J 357 3.02 -47.77 37.61
N GLY J 358 3.64 -48.29 38.66
CA GLY J 358 3.07 -49.41 39.36
C GLY J 358 2.03 -49.09 40.42
N ASN J 359 1.10 -50.03 40.63
CA ASN J 359 0.31 -50.03 41.85
C ASN J 359 1.12 -50.54 43.03
N GLN J 360 1.95 -51.56 42.81
CA GLN J 360 2.71 -52.20 43.87
C GLN J 360 4.04 -52.65 43.32
N VAL J 361 5.00 -52.84 44.22
CA VAL J 361 6.37 -53.15 43.86
C VAL J 361 6.67 -54.57 44.32
N LEU J 362 6.91 -55.47 43.37
CA LEU J 362 7.19 -56.84 43.69
C LEU J 362 8.64 -57.01 44.09
N LYS J 363 8.93 -58.11 44.78
CA LYS J 363 10.28 -58.57 45.03
C LYS J 363 10.43 -59.94 44.40
N VAL J 364 11.50 -60.12 43.64
CA VAL J 364 11.65 -61.24 42.72
C VAL J 364 12.76 -62.13 43.23
N PHE J 365 12.39 -63.20 43.93
CA PHE J 365 13.34 -64.12 44.54
C PHE J 365 13.15 -65.54 44.01
N ALA J 366 14.17 -66.35 44.22
CA ALA J 366 14.12 -67.74 43.76
C ALA J 366 13.17 -68.55 44.61
N ALA J 367 12.45 -69.46 43.97
CA ALA J 367 11.68 -70.46 44.71
C ALA J 367 12.63 -71.32 45.52
N ARG J 368 12.34 -71.47 46.82
CA ARG J 368 13.29 -72.11 47.70
C ARG J 368 13.44 -73.59 47.37
N ASP J 369 14.51 -74.18 47.89
CA ASP J 369 14.87 -75.60 47.82
C ASP J 369 15.45 -76.00 46.47
N ASP J 370 15.55 -75.09 45.50
CA ASP J 370 16.18 -75.36 44.22
C ASP J 370 17.38 -74.42 44.13
N GLU J 371 18.51 -74.87 44.67
CA GLU J 371 19.67 -73.98 44.78
C GLU J 371 20.21 -73.55 43.43
N ALA J 372 20.29 -74.47 42.47
CA ALA J 372 20.82 -74.12 41.15
C ALA J 372 20.07 -72.95 40.55
N ALA J 373 18.75 -72.92 40.72
CA ALA J 373 17.98 -71.78 40.28
C ALA J 373 18.45 -70.52 40.99
N ALA J 374 18.70 -70.62 42.29
CA ALA J 374 19.13 -69.44 43.04
C ALA J 374 20.46 -68.91 42.53
N VAL J 375 21.41 -69.80 42.25
CA VAL J 375 22.70 -69.33 41.79
C VAL J 375 22.58 -68.74 40.39
N ALA J 376 21.74 -69.32 39.54
CA ALA J 376 21.54 -68.74 38.22
C ALA J 376 20.96 -67.34 38.32
N LEU J 377 19.99 -67.18 39.21
CA LEU J 377 19.41 -65.85 39.40
C LEU J 377 20.44 -64.89 39.96
N SER J 378 21.31 -65.36 40.84
CA SER J 378 22.36 -64.51 41.38
C SER J 378 23.31 -64.04 40.28
N SER J 379 23.66 -64.95 39.37
CA SER J 379 24.46 -64.55 38.22
C SER J 379 23.75 -63.45 37.45
N LEU J 380 22.45 -63.66 37.16
CA LEU J 380 21.66 -62.64 36.49
C LEU J 380 21.78 -61.30 37.19
N ILE J 381 21.52 -61.30 38.49
CA ILE J 381 21.39 -60.05 39.23
C ILE J 381 22.72 -59.33 39.25
N HIS J 382 23.81 -60.04 39.59
CA HIS J 382 25.09 -59.38 39.69
C HIS J 382 25.56 -58.85 38.34
N ALA J 383 25.32 -59.61 37.27
CA ALA J 383 25.70 -59.11 35.96
C ALA J 383 24.98 -57.82 35.64
N LEU J 384 23.65 -57.81 35.85
CA LEU J 384 22.89 -56.58 35.63
C LEU J 384 23.43 -55.45 36.49
N ASP J 385 23.85 -55.77 37.70
CA ASP J 385 24.32 -54.73 38.62
C ASP J 385 25.62 -54.10 38.13
N ASP J 386 26.64 -54.93 37.87
CA ASP J 386 27.94 -54.36 37.53
C ASP J 386 27.88 -53.66 36.18
N LEU J 387 27.11 -54.21 35.24
CA LEU J 387 26.93 -53.54 33.96
C LEU J 387 25.75 -52.58 33.96
N ASP J 388 25.27 -52.20 35.14
CA ASP J 388 24.13 -51.28 35.37
C ASP J 388 23.02 -51.50 34.33
N MET J 389 22.80 -52.76 33.96
CA MET J 389 21.75 -53.10 33.03
C MET J 389 20.47 -53.41 33.80
N VAL J 390 19.34 -53.16 33.15
CA VAL J 390 18.02 -53.37 33.75
C VAL J 390 17.18 -54.19 32.79
N ALA J 391 16.33 -55.06 33.35
CA ALA J 391 15.51 -55.93 32.54
C ALA J 391 14.09 -55.41 32.43
N ILE J 392 13.43 -55.75 31.32
CA ILE J 392 12.06 -55.40 31.05
C ILE J 392 11.31 -56.68 30.76
N VAL J 393 10.31 -57.00 31.57
CA VAL J 393 9.69 -58.31 31.57
C VAL J 393 8.18 -58.15 31.44
N ARG J 394 7.57 -58.94 30.56
CA ARG J 394 6.12 -59.06 30.55
C ARG J 394 5.67 -59.72 31.84
N TYR J 395 4.63 -59.16 32.45
CA TYR J 395 4.19 -59.63 33.76
C TYR J 395 2.69 -59.89 33.70
N ALA J 396 2.26 -60.86 34.49
CA ALA J 396 0.85 -61.13 34.68
C ALA J 396 0.69 -61.98 35.93
N TYR J 397 -0.20 -61.54 36.83
CA TYR J 397 -0.41 -62.30 38.05
C TYR J 397 -1.05 -63.64 37.76
N ASP J 398 -1.92 -63.70 36.75
CA ASP J 398 -2.62 -64.91 36.38
C ASP J 398 -3.50 -64.64 35.16
N LYS J 399 -4.18 -65.69 34.72
CA LYS J 399 -5.18 -65.58 33.67
C LYS J 399 -6.22 -64.53 34.02
N ARG J 400 -7.09 -64.21 33.06
CA ARG J 400 -8.21 -63.27 33.21
C ARG J 400 -7.79 -61.96 33.85
N ALA J 401 -6.50 -61.67 33.93
CA ALA J 401 -5.98 -60.43 34.49
C ALA J 401 -5.18 -59.70 33.43
N ASN J 402 -5.23 -58.39 33.45
CA ASN J 402 -4.57 -57.60 32.42
C ASN J 402 -3.07 -57.85 32.47
N PRO J 403 -2.41 -57.99 31.33
CA PRO J 403 -0.96 -58.19 31.33
C PRO J 403 -0.24 -56.92 31.74
N GLN J 404 1.08 -56.94 31.68
CA GLN J 404 1.82 -55.90 32.38
C GLN J 404 3.27 -55.94 31.95
N VAL J 405 3.81 -54.77 31.64
CA VAL J 405 5.19 -54.64 31.20
C VAL J 405 5.87 -53.56 32.03
N GLY J 406 7.07 -53.86 32.53
CA GLY J 406 7.75 -52.89 33.35
C GLY J 406 9.15 -53.32 33.72
N VAL J 407 9.80 -52.47 34.50
CA VAL J 407 11.21 -52.64 34.87
C VAL J 407 11.36 -53.80 35.82
N ALA J 408 12.44 -54.56 35.65
CA ALA J 408 12.87 -55.58 36.60
C ALA J 408 14.19 -55.11 37.20
N PHE J 409 14.14 -54.46 38.33
CA PHE J 409 15.35 -53.85 38.83
C PHE J 409 16.06 -54.77 39.80
N PRO J 410 17.38 -54.93 39.70
CA PRO J 410 18.11 -55.81 40.61
C PRO J 410 18.67 -55.04 41.79
N HIS J 411 18.69 -55.72 42.94
CA HIS J 411 19.06 -55.10 44.21
C HIS J 411 20.04 -56.00 44.94
N ILE J 412 20.94 -55.38 45.71
CA ILE J 412 22.00 -56.09 46.41
C ILE J 412 21.90 -55.78 47.89
N LYS J 413 21.88 -56.83 48.71
CA LYS J 413 21.97 -56.64 50.15
C LYS J 413 22.88 -57.72 50.71
N HIS J 414 23.66 -57.35 51.73
CA HIS J 414 24.69 -58.24 52.23
C HIS J 414 24.10 -59.56 52.71
N ASN J 415 22.86 -59.53 53.18
CA ASN J 415 22.18 -60.77 53.50
C ASN J 415 21.74 -61.51 52.24
N TYR J 416 21.39 -60.78 51.18
CA TYR J 416 20.84 -61.40 49.98
C TYR J 416 20.75 -60.41 48.82
N GLU J 417 21.02 -60.90 47.61
CA GLU J 417 20.73 -60.12 46.42
C GLU J 417 19.23 -60.12 46.16
N CYS J 418 18.75 -59.09 45.46
CA CYS J 418 17.34 -58.92 45.26
C CYS J 418 17.06 -58.44 43.85
N LEU J 419 15.85 -58.74 43.37
CA LEU J 419 15.37 -58.21 42.11
C LEU J 419 13.92 -57.78 42.32
N VAL J 420 13.56 -56.61 41.79
CA VAL J 420 12.24 -56.03 42.02
C VAL J 420 11.62 -55.67 40.67
N TYR J 421 10.30 -55.81 40.60
CA TYR J 421 9.53 -55.55 39.40
C TYR J 421 8.53 -54.44 39.64
N VAL J 422 8.42 -53.54 38.68
CA VAL J 422 7.50 -52.42 38.78
C VAL J 422 6.85 -52.22 37.42
N GLN J 423 5.53 -52.00 37.42
CA GLN J 423 4.82 -51.58 36.22
C GLN J 423 5.40 -50.30 35.64
N LEU J 424 5.65 -50.33 34.33
CA LEU J 424 6.05 -49.17 33.55
C LEU J 424 5.02 -48.93 32.46
N PRO J 425 4.82 -47.69 32.04
CA PRO J 425 3.61 -47.35 31.28
C PRO J 425 3.56 -47.99 29.92
N PHE J 426 2.35 -48.27 29.49
CA PHE J 426 2.04 -48.46 28.08
C PHE J 426 1.85 -47.09 27.44
N MET J 427 1.88 -47.03 26.11
CA MET J 427 1.95 -45.73 25.46
C MET J 427 0.70 -44.92 25.73
N GLU J 428 -0.46 -45.56 25.72
CA GLU J 428 -1.70 -44.82 25.96
C GLU J 428 -1.69 -44.22 27.35
N ASP J 429 -0.97 -44.84 28.27
CA ASP J 429 -0.91 -44.37 29.65
C ASP J 429 0.00 -43.16 29.80
N LEU J 430 0.98 -42.99 28.92
CA LEU J 430 1.86 -41.85 29.01
C LEU J 430 1.15 -40.60 28.50
N ARG J 431 1.43 -39.48 29.14
CA ARG J 431 0.85 -38.21 28.78
C ARG J 431 1.96 -37.22 28.44
N GLN J 432 1.62 -36.23 27.65
CA GLN J 432 2.58 -35.25 27.19
C GLN J 432 2.03 -33.86 27.42
N TYR J 433 2.89 -32.94 27.83
CA TYR J 433 2.49 -31.57 28.11
C TYR J 433 3.62 -30.63 27.73
N MET J 434 3.26 -29.38 27.42
CA MET J 434 4.27 -28.42 27.02
C MET J 434 5.04 -27.89 28.22
N PHE J 435 4.33 -27.27 29.18
CA PHE J 435 4.94 -26.75 30.40
C PHE J 435 6.06 -25.76 30.07
N SER J 436 5.65 -24.61 29.55
CA SER J 436 6.58 -23.56 29.15
C SER J 436 7.70 -23.41 30.16
N SER J 437 8.93 -23.44 29.65
CA SER J 437 10.11 -23.64 30.48
C SER J 437 10.35 -22.46 31.41
N LEU J 438 11.41 -22.58 32.22
CA LEU J 438 11.71 -21.62 33.26
C LEU J 438 12.98 -20.81 33.00
N LYS J 439 13.98 -21.38 32.32
CA LYS J 439 15.21 -20.66 32.05
C LYS J 439 15.00 -19.44 31.16
N ASN J 440 13.77 -19.22 30.69
CA ASN J 440 13.36 -17.99 30.06
C ASN J 440 12.92 -16.95 31.08
N SER J 441 13.44 -17.03 32.30
CA SER J 441 12.97 -16.22 33.40
C SER J 441 13.42 -14.78 33.26
N LYS J 442 13.04 -14.14 32.15
CA LYS J 442 13.20 -12.70 32.04
C LYS J 442 12.08 -11.96 32.74
N LYS J 443 11.02 -12.67 33.11
CA LYS J 443 9.93 -12.09 33.88
C LYS J 443 9.97 -12.51 35.35
N TYR J 444 10.87 -13.41 35.73
CA TYR J 444 10.94 -13.86 37.11
C TYR J 444 12.26 -13.50 37.79
N ALA J 445 13.39 -13.64 37.08
CA ALA J 445 14.67 -13.05 37.48
C ALA J 445 15.11 -13.40 38.90
N PRO J 446 15.58 -14.62 39.12
CA PRO J 446 16.08 -14.99 40.46
C PRO J 446 17.42 -14.33 40.80
N THR J 447 17.37 -13.14 41.37
CA THR J 447 18.58 -12.36 41.65
C THR J 447 19.50 -13.09 42.60
N GLU J 448 20.79 -12.76 42.53
CA GLU J 448 21.83 -13.44 43.29
C GLU J 448 21.57 -13.41 44.79
N ALA J 449 20.99 -12.32 45.30
CA ALA J 449 20.63 -12.28 46.72
C ALA J 449 19.65 -13.40 47.05
N GLN J 450 18.64 -13.58 46.20
CA GLN J 450 17.71 -14.68 46.42
C GLN J 450 18.42 -16.02 46.27
N LEU J 451 19.35 -16.15 45.33
CA LEU J 451 20.02 -17.42 45.12
C LEU J 451 20.84 -17.83 46.34
N ASN J 452 21.70 -16.94 46.83
CA ASN J 452 22.50 -17.33 47.99
C ASN J 452 21.63 -17.44 49.23
N ALA J 453 20.50 -16.72 49.28
CA ALA J 453 19.54 -16.96 50.35
C ALA J 453 19.06 -18.41 50.31
N VAL J 454 18.59 -18.86 49.15
CA VAL J 454 18.09 -20.23 49.04
C VAL J 454 19.19 -21.24 49.34
N ASP J 455 20.43 -20.90 48.98
CA ASP J 455 21.55 -21.75 49.38
C ASP J 455 21.64 -21.85 50.90
N ALA J 456 21.53 -20.72 51.59
CA ALA J 456 21.56 -20.74 53.05
C ALA J 456 20.43 -21.59 53.59
N LEU J 457 19.25 -21.49 52.98
CA LEU J 457 18.14 -22.34 53.36
C LEU J 457 18.48 -23.81 53.21
N ILE J 458 18.71 -24.25 51.97
CA ILE J 458 18.77 -25.68 51.69
C ILE J 458 19.97 -26.31 52.40
N ASP J 459 20.98 -25.51 52.72
CA ASP J 459 22.03 -26.01 53.60
C ASP J 459 21.59 -26.03 55.06
N SER J 460 20.80 -25.05 55.49
CA SER J 460 20.47 -24.92 56.91
C SER J 460 19.31 -25.80 57.33
N MET J 461 18.29 -25.93 56.51
CA MET J 461 17.24 -26.86 56.89
C MET J 461 17.57 -28.25 56.54
N SER J 462 18.85 -28.60 56.37
CA SER J 462 19.19 -29.89 55.83
C SER J 462 18.81 -30.97 56.83
N LEU J 463 17.66 -31.61 56.60
CA LEU J 463 17.15 -32.64 57.49
C LEU J 463 18.17 -33.74 57.69
N ALA J 464 18.91 -34.05 56.65
CA ALA J 464 19.92 -35.09 56.71
C ALA J 464 21.30 -34.44 56.70
N LYS J 465 22.12 -34.76 57.71
CA LYS J 465 23.50 -34.33 57.76
C LYS J 465 24.39 -35.48 58.22
N LYS J 466 25.57 -35.57 57.61
CA LYS J 466 26.47 -36.71 57.78
C LYS J 466 26.80 -36.96 59.24
N ASP J 467 26.78 -38.23 59.62
CA ASP J 467 27.05 -38.68 60.98
C ASP J 467 28.00 -39.87 60.96
N GLU J 468 28.72 -40.06 62.07
CA GLU J 468 29.57 -41.21 62.34
C GLU J 468 30.68 -41.38 61.31
N LYS J 469 30.95 -40.38 60.47
CA LYS J 469 31.97 -40.42 59.42
C LYS J 469 31.64 -41.49 58.38
N THR J 470 30.48 -42.14 58.51
CA THR J 470 30.04 -43.16 57.58
C THR J 470 29.09 -42.63 56.52
N ASP J 471 28.85 -41.32 56.50
CA ASP J 471 27.94 -40.69 55.53
C ASP J 471 26.52 -41.21 55.69
N THR J 472 26.19 -41.73 56.86
CA THR J 472 24.80 -42.04 57.20
C THR J 472 24.21 -40.76 57.79
N LEU J 473 23.56 -39.98 56.94
CA LEU J 473 23.19 -38.62 57.30
C LEU J 473 22.14 -38.63 58.41
N GLU J 474 21.79 -37.43 58.88
CA GLU J 474 20.91 -37.31 60.04
C GLU J 474 19.49 -37.68 59.65
N ASP J 475 19.28 -38.94 59.28
CA ASP J 475 17.98 -39.39 58.84
C ASP J 475 17.10 -39.71 60.05
N LEU J 476 17.02 -38.77 61.00
CA LEU J 476 16.07 -38.96 62.08
C LEU J 476 14.72 -38.45 61.60
N PHE J 477 14.36 -38.82 60.39
CA PHE J 477 13.03 -38.73 59.81
C PHE J 477 12.97 -39.74 58.67
N PRO J 478 13.18 -41.02 58.97
CA PRO J 478 13.28 -42.00 57.88
C PRO J 478 12.02 -42.09 57.05
N THR J 479 10.86 -41.91 57.67
CA THR J 479 9.55 -42.03 57.06
C THR J 479 9.29 -43.46 56.63
N THR J 480 10.29 -44.33 56.74
CA THR J 480 10.13 -45.73 56.43
C THR J 480 9.78 -46.55 57.67
N LYS J 481 10.12 -46.05 58.85
CA LYS J 481 9.76 -46.68 60.09
C LYS J 481 8.57 -46.03 60.77
N ILE J 482 7.96 -45.02 60.15
CA ILE J 482 7.02 -44.17 60.86
C ILE J 482 5.63 -44.72 60.58
N PRO J 483 4.80 -44.96 61.60
CA PRO J 483 3.49 -45.55 61.34
C PRO J 483 2.59 -44.60 60.58
N ASN J 484 1.73 -45.18 59.75
CA ASN J 484 0.82 -44.37 58.96
C ASN J 484 -0.18 -43.69 59.88
N PRO J 485 -0.22 -42.36 59.92
CA PRO J 485 -1.08 -41.68 60.89
C PRO J 485 -2.56 -41.95 60.67
N ARG J 486 -2.95 -42.35 59.46
CA ARG J 486 -4.35 -42.69 59.23
C ARG J 486 -4.78 -43.81 60.14
N PHE J 487 -4.03 -44.92 60.15
CA PHE J 487 -4.42 -46.04 61.00
C PHE J 487 -4.30 -45.66 62.46
N GLN J 488 -3.29 -44.87 62.82
CA GLN J 488 -3.17 -44.40 64.19
C GLN J 488 -4.44 -43.71 64.64
N ARG J 489 -4.93 -42.78 63.84
CA ARG J 489 -6.12 -42.03 64.20
C ARG J 489 -7.33 -42.94 64.23
N LEU J 490 -7.39 -43.90 63.31
CA LEU J 490 -8.54 -44.79 63.25
C LEU J 490 -8.65 -45.64 64.51
N PHE J 491 -7.54 -46.26 64.91
CA PHE J 491 -7.58 -47.04 66.14
C PHE J 491 -7.82 -46.15 67.35
N GLN J 492 -7.24 -44.95 67.38
CA GLN J 492 -7.48 -44.06 68.51
C GLN J 492 -8.94 -43.70 68.62
N CYS J 493 -9.58 -43.44 67.48
CA CYS J 493 -11.01 -43.13 67.48
C CYS J 493 -11.81 -44.32 67.98
N LEU J 494 -11.51 -45.51 67.48
CA LEU J 494 -12.27 -46.69 67.91
C LEU J 494 -12.12 -46.90 69.41
N LEU J 495 -10.92 -46.68 69.94
CA LEU J 495 -10.73 -46.72 71.38
C LEU J 495 -11.61 -45.69 72.06
N HIS J 496 -11.35 -44.42 71.80
CA HIS J 496 -11.96 -43.34 72.56
C HIS J 496 -13.47 -43.39 72.53
N ARG J 497 -14.07 -43.97 71.49
CA ARG J 497 -15.51 -44.13 71.50
C ARG J 497 -15.93 -45.55 71.87
N ALA J 498 -14.98 -46.42 72.15
CA ALA J 498 -15.30 -47.71 72.75
C ALA J 498 -15.23 -47.64 74.28
N LEU J 499 -14.13 -47.11 74.81
CA LEU J 499 -13.96 -46.95 76.25
C LEU J 499 -15.02 -46.08 76.87
N HIS J 500 -15.67 -45.22 76.09
CA HIS J 500 -16.73 -44.36 76.54
C HIS J 500 -18.02 -44.70 75.82
N PRO J 501 -19.16 -44.40 76.40
CA PRO J 501 -20.39 -44.32 75.62
C PRO J 501 -20.35 -43.05 74.79
N ARG J 502 -21.48 -42.67 74.19
CA ARG J 502 -21.50 -41.52 73.30
C ARG J 502 -20.89 -40.29 73.96
N GLU J 503 -19.73 -39.87 73.44
CA GLU J 503 -19.01 -38.67 73.84
C GLU J 503 -18.40 -38.07 72.60
N PRO J 504 -18.17 -36.76 72.58
CA PRO J 504 -17.54 -36.13 71.42
C PRO J 504 -16.10 -36.64 71.24
N LEU J 505 -15.65 -36.63 69.99
CA LEU J 505 -14.35 -37.14 69.60
C LEU J 505 -13.23 -36.28 70.13
N PRO J 506 -12.05 -36.83 70.37
CA PRO J 506 -10.93 -36.02 70.86
C PRO J 506 -10.12 -35.48 69.70
N PRO J 507 -9.21 -34.55 69.96
CA PRO J 507 -8.32 -34.07 68.91
C PRO J 507 -7.21 -35.07 68.65
N ILE J 508 -6.28 -34.72 67.75
CA ILE J 508 -5.14 -35.59 67.49
C ILE J 508 -4.25 -35.63 68.71
N GLN J 509 -3.89 -36.83 69.17
CA GLN J 509 -2.98 -36.95 70.29
C GLN J 509 -1.64 -36.31 69.95
N GLN J 510 -1.11 -35.52 70.89
CA GLN J 510 0.04 -34.68 70.59
C GLN J 510 1.25 -35.51 70.20
N HIS J 511 1.31 -36.77 70.64
CA HIS J 511 2.44 -37.59 70.24
C HIS J 511 2.36 -37.93 68.76
N ILE J 512 1.15 -38.07 68.22
CA ILE J 512 1.00 -38.26 66.78
C ILE J 512 1.54 -37.05 66.02
N TRP J 513 1.22 -35.85 66.49
CA TRP J 513 1.69 -34.64 65.80
C TRP J 513 3.20 -34.51 65.90
N ASN J 514 3.76 -34.69 67.09
CA ASN J 514 5.20 -34.69 67.23
C ASN J 514 5.82 -35.77 66.35
N MET J 515 5.11 -36.88 66.16
CA MET J 515 5.56 -37.94 65.28
C MET J 515 5.60 -37.46 63.84
N LEU J 516 4.56 -36.77 63.40
CA LEU J 516 4.44 -36.34 62.02
C LEU J 516 5.35 -35.16 61.71
N ASN J 517 5.46 -34.23 62.65
CA ASN J 517 6.29 -33.06 62.46
C ASN J 517 7.77 -33.46 62.42
N PRO J 518 8.62 -32.64 61.82
CA PRO J 518 10.03 -32.98 61.78
C PRO J 518 10.64 -32.89 63.17
N PRO J 519 11.73 -33.59 63.42
CA PRO J 519 12.40 -33.47 64.73
C PRO J 519 12.79 -32.02 64.99
N ALA J 520 12.61 -31.60 66.25
CA ALA J 520 12.60 -30.19 66.59
C ALA J 520 13.81 -29.41 66.11
N GLU J 521 15.01 -29.99 66.21
CA GLU J 521 16.23 -29.24 65.93
C GLU J 521 16.21 -28.65 64.53
N VAL J 522 15.63 -29.37 63.56
CA VAL J 522 15.52 -28.84 62.22
C VAL J 522 14.65 -27.58 62.23
N THR J 523 13.53 -27.61 62.94
CA THR J 523 12.69 -26.42 63.04
C THR J 523 13.43 -25.28 63.72
N THR J 524 14.22 -25.60 64.74
CA THR J 524 14.99 -24.57 65.42
C THR J 524 15.98 -23.90 64.47
N LYS J 525 16.67 -24.69 63.65
CA LYS J 525 17.68 -24.11 62.76
C LYS J 525 17.05 -23.24 61.70
N SER J 526 15.73 -23.30 61.54
CA SER J 526 15.08 -22.73 60.37
C SER J 526 14.61 -21.30 60.54
N GLN J 527 14.59 -20.75 61.77
CA GLN J 527 14.00 -19.42 61.95
C GLN J 527 14.76 -18.36 61.15
N ILE J 528 16.07 -18.32 61.32
CA ILE J 528 16.87 -17.27 60.67
C ILE J 528 16.79 -17.35 59.15
N PRO J 529 16.95 -18.51 58.51
CA PRO J 529 16.91 -18.51 57.03
C PRO J 529 15.54 -18.14 56.47
N LEU J 530 14.47 -18.63 57.07
CA LEU J 530 13.13 -18.21 56.65
C LEU J 530 12.93 -16.73 56.88
N SER J 531 13.50 -16.21 57.97
CA SER J 531 13.42 -14.77 58.23
C SER J 531 14.09 -14.00 57.11
N LYS J 532 15.25 -14.45 56.66
CA LYS J 532 15.91 -13.75 55.57
C LYS J 532 15.18 -13.97 54.24
N ILE J 533 14.40 -15.06 54.14
CA ILE J 533 13.50 -15.19 52.99
C ILE J 533 12.49 -14.06 52.99
N LYS J 534 11.82 -13.84 54.13
CA LYS J 534 10.62 -13.00 54.10
C LYS J 534 10.89 -11.58 53.65
N THR J 535 12.15 -11.17 53.56
CA THR J 535 12.48 -9.84 53.08
C THR J 535 12.99 -9.83 51.64
N LEU J 536 12.87 -10.94 50.92
CA LEU J 536 13.50 -11.02 49.61
C LEU J 536 12.58 -11.50 48.49
N PHE J 537 11.27 -11.56 48.71
CA PHE J 537 10.37 -12.06 47.67
C PHE J 537 9.02 -11.38 47.82
N PRO J 538 8.21 -11.35 46.77
CA PRO J 538 6.82 -10.89 46.89
C PRO J 538 5.87 -12.03 47.22
N LEU J 539 4.88 -11.71 48.06
CA LEU J 539 3.96 -12.70 48.60
C LEU J 539 2.52 -12.18 48.52
N ILE J 540 2.12 -11.72 47.34
CA ILE J 540 0.76 -11.20 47.17
C ILE J 540 -0.29 -12.26 47.56
N GLU J 541 -1.49 -11.79 47.88
CA GLU J 541 -2.48 -12.50 48.67
C GLU J 541 -3.01 -13.77 48.00
N MET M 1 -3.24 -66.33 -69.07
CA MET M 1 -2.04 -66.52 -69.86
C MET M 1 -1.05 -67.31 -69.01
N GLU M 2 -0.98 -68.62 -69.24
CA GLU M 2 -0.25 -69.51 -68.35
C GLU M 2 0.94 -70.11 -69.09
N ARG M 3 1.81 -70.76 -68.32
CA ARG M 3 3.14 -71.11 -68.79
C ARG M 3 3.74 -72.15 -67.84
N LYS M 4 4.57 -73.03 -68.40
CA LYS M 4 5.29 -74.01 -67.60
C LYS M 4 6.63 -74.30 -68.28
N ILE M 5 7.61 -74.70 -67.47
CA ILE M 5 8.98 -74.95 -67.91
C ILE M 5 9.44 -76.28 -67.32
N SER M 6 10.12 -77.09 -68.12
CA SER M 6 10.54 -78.42 -67.68
C SER M 6 11.89 -78.78 -68.28
N ARG M 7 12.73 -79.43 -67.48
CA ARG M 7 14.01 -79.92 -67.98
C ARG M 7 13.77 -81.15 -68.85
N ILE M 8 14.46 -81.22 -69.99
CA ILE M 8 14.32 -82.34 -70.92
C ILE M 8 15.68 -82.66 -71.53
N HIS M 9 15.70 -83.73 -72.30
CA HIS M 9 16.82 -84.16 -73.10
C HIS M 9 16.35 -84.44 -74.52
N LEU M 10 17.29 -84.79 -75.39
CA LEU M 10 16.96 -85.30 -76.71
C LEU M 10 17.89 -86.46 -77.02
N VAL M 11 17.34 -87.52 -77.63
CA VAL M 11 18.17 -88.65 -78.01
C VAL M 11 19.16 -88.23 -79.09
N SER M 12 18.82 -87.22 -79.88
CA SER M 12 19.77 -86.69 -80.86
C SER M 12 21.05 -86.20 -80.20
N GLU M 13 20.96 -85.67 -78.98
CA GLU M 13 22.13 -85.35 -78.16
C GLU M 13 21.86 -85.83 -76.74
N PRO M 14 22.04 -87.13 -76.50
CA PRO M 14 21.61 -87.70 -75.21
C PRO M 14 22.38 -87.19 -74.01
N SER M 15 23.56 -86.60 -74.22
CA SER M 15 24.45 -86.26 -73.12
C SER M 15 24.18 -84.89 -72.50
N ILE M 16 23.27 -84.10 -73.08
CA ILE M 16 23.05 -82.75 -72.55
C ILE M 16 21.57 -82.56 -72.26
N THR M 17 21.29 -81.69 -71.31
CA THR M 17 19.93 -81.40 -70.92
C THR M 17 19.34 -80.31 -71.79
N HIS M 18 18.01 -80.26 -71.84
CA HIS M 18 17.30 -79.24 -72.57
C HIS M 18 16.14 -78.79 -71.72
N PHE M 19 15.54 -77.67 -72.10
CA PHE M 19 14.53 -77.00 -71.29
C PHE M 19 13.39 -76.60 -72.21
N LEU M 20 12.21 -77.20 -72.00
CA LEU M 20 11.04 -76.89 -72.81
C LEU M 20 10.16 -75.88 -72.12
N GLN M 21 9.88 -74.78 -72.82
CA GLN M 21 9.00 -73.74 -72.31
C GLN M 21 7.67 -73.80 -73.05
N VAL M 22 6.60 -73.94 -72.29
CA VAL M 22 5.25 -73.86 -72.82
C VAL M 22 4.60 -72.65 -72.20
N SER M 23 3.82 -71.93 -73.00
CA SER M 23 3.04 -70.81 -72.51
C SER M 23 1.71 -70.79 -73.25
N TRP M 24 0.63 -70.91 -72.50
CA TRP M 24 -0.70 -71.06 -73.10
C TRP M 24 -1.64 -70.02 -72.54
N GLU M 25 -2.77 -69.87 -73.22
CA GLU M 25 -3.78 -68.90 -72.85
C GLU M 25 -4.95 -69.62 -72.17
N LYS M 26 -4.91 -69.66 -70.83
CA LYS M 26 -6.02 -70.06 -69.96
C LYS M 26 -6.29 -71.57 -69.99
N THR M 27 -5.69 -72.29 -70.94
CA THR M 27 -5.80 -73.73 -71.10
C THR M 27 -4.78 -74.22 -72.12
N LEU M 28 -4.25 -75.42 -71.87
CA LEU M 28 -3.45 -76.09 -72.89
C LEU M 28 -4.30 -76.43 -74.11
N GLU M 29 -5.58 -76.71 -73.90
CA GLU M 29 -6.51 -77.01 -74.98
C GLU M 29 -6.71 -75.83 -75.92
N SER M 30 -6.51 -74.60 -75.45
CA SER M 30 -6.71 -73.41 -76.28
C SER M 30 -5.49 -73.06 -77.12
N GLY M 31 -4.57 -73.98 -77.31
CA GLY M 31 -3.32 -73.65 -77.96
C GLY M 31 -2.37 -72.95 -77.01
N PHE M 32 -1.13 -72.82 -77.47
CA PHE M 32 -0.05 -72.39 -76.60
C PHE M 32 1.14 -71.94 -77.42
N VAL M 33 2.09 -71.30 -76.75
CA VAL M 33 3.38 -70.95 -77.32
C VAL M 33 4.44 -71.82 -76.67
N ILE M 34 5.02 -72.71 -77.45
CA ILE M 34 6.03 -73.63 -76.96
C ILE M 34 7.38 -73.00 -77.27
N THR M 35 8.35 -73.28 -76.41
CA THR M 35 9.69 -72.75 -76.59
C THR M 35 10.69 -73.79 -76.11
N LEU M 36 11.67 -74.10 -76.94
CA LEU M 36 12.73 -75.03 -76.61
C LEU M 36 14.08 -74.32 -76.69
N THR M 37 14.99 -74.69 -75.78
CA THR M 37 16.32 -74.11 -75.78
C THR M 37 17.31 -75.07 -75.13
N ASP M 38 18.51 -75.12 -75.70
CA ASP M 38 19.63 -75.77 -75.04
C ASP M 38 20.34 -74.83 -74.08
N GLY M 39 20.04 -73.54 -74.17
CA GLY M 39 20.75 -72.50 -73.46
C GLY M 39 21.55 -71.55 -74.33
N HIS M 40 21.59 -71.76 -75.65
CA HIS M 40 22.41 -70.96 -76.54
C HIS M 40 21.66 -70.43 -77.75
N SER M 41 20.67 -71.16 -78.27
CA SER M 41 19.90 -70.73 -79.42
C SER M 41 18.44 -70.76 -79.03
N ALA M 42 17.63 -69.97 -79.73
CA ALA M 42 16.22 -69.82 -79.42
C ALA M 42 15.40 -70.66 -80.39
N TRP M 43 14.42 -71.38 -79.86
CA TRP M 43 13.56 -72.28 -80.64
C TRP M 43 12.16 -72.27 -80.05
N THR M 44 11.16 -72.10 -80.92
CA THR M 44 9.80 -71.78 -80.48
C THR M 44 8.80 -72.36 -81.47
N GLY M 45 7.57 -72.56 -81.00
CA GLY M 45 6.49 -72.95 -81.88
C GLY M 45 5.16 -72.50 -81.33
N THR M 46 4.20 -72.32 -82.23
CA THR M 46 2.85 -71.92 -81.87
C THR M 46 1.86 -72.88 -82.52
N VAL M 47 1.08 -73.56 -81.70
CA VAL M 47 0.04 -74.48 -82.16
C VAL M 47 -1.23 -74.16 -81.39
N SER M 48 -2.29 -73.80 -82.11
CA SER M 48 -3.49 -73.25 -81.48
C SER M 48 -4.59 -74.29 -81.48
N GLU M 49 -5.77 -73.84 -81.04
CA GLU M 49 -6.96 -74.66 -80.80
C GLU M 49 -7.25 -75.65 -81.92
N SER M 50 -7.40 -75.15 -83.15
CA SER M 50 -7.89 -75.99 -84.23
C SER M 50 -6.98 -77.19 -84.46
N GLU M 51 -5.68 -76.95 -84.58
CA GLU M 51 -4.73 -78.03 -84.84
C GLU M 51 -4.41 -78.88 -83.62
N ILE M 52 -4.43 -78.32 -82.41
CA ILE M 52 -4.21 -79.17 -81.24
C ILE M 52 -5.38 -80.12 -81.04
N SER M 53 -6.59 -79.68 -81.37
CA SER M 53 -7.75 -80.55 -81.35
C SER M 53 -7.79 -81.51 -82.54
N GLN M 54 -7.28 -81.09 -83.69
CA GLN M 54 -7.10 -81.97 -84.84
C GLN M 54 -6.05 -83.04 -84.58
N GLU M 55 -5.15 -82.80 -83.63
CA GLU M 55 -4.22 -83.84 -83.21
C GLU M 55 -4.97 -85.11 -82.83
N ALA M 56 -5.78 -85.04 -81.78
CA ALA M 56 -6.54 -86.22 -81.39
C ALA M 56 -7.77 -86.35 -82.26
N ASP M 57 -7.55 -86.19 -83.58
CA ASP M 57 -8.45 -86.62 -84.64
C ASP M 57 -7.58 -87.36 -85.64
N ASP M 58 -6.30 -86.96 -85.70
CA ASP M 58 -5.35 -87.61 -86.59
C ASP M 58 -5.03 -89.03 -86.13
N MET M 59 -4.89 -89.25 -84.83
CA MET M 59 -4.78 -90.60 -84.30
C MET M 59 -6.07 -91.06 -83.62
N ALA M 60 -7.19 -90.42 -83.95
CA ALA M 60 -8.53 -91.02 -83.86
C ALA M 60 -9.04 -91.15 -82.44
N MET M 61 -8.20 -90.88 -81.45
CA MET M 61 -8.50 -91.21 -80.07
C MET M 61 -8.84 -89.96 -79.25
N GLU M 62 -9.30 -90.19 -78.01
CA GLU M 62 -9.86 -89.13 -77.17
C GLU M 62 -8.83 -88.04 -76.90
N LYS M 63 -9.28 -86.78 -76.97
CA LYS M 63 -8.44 -85.68 -76.53
C LYS M 63 -8.14 -85.76 -75.03
N GLY M 64 -8.98 -86.44 -74.26
CA GLY M 64 -8.74 -86.56 -72.83
C GLY M 64 -7.40 -87.16 -72.49
N LYS M 65 -7.23 -88.46 -72.74
CA LYS M 65 -5.95 -89.07 -72.43
C LYS M 65 -4.86 -88.65 -73.42
N TYR M 66 -5.22 -88.10 -74.58
CA TYR M 66 -4.21 -87.53 -75.45
C TYR M 66 -3.51 -86.35 -74.79
N VAL M 67 -4.29 -85.37 -74.33
CA VAL M 67 -3.70 -84.22 -73.65
C VAL M 67 -3.12 -84.64 -72.31
N GLY M 68 -3.68 -85.68 -71.69
CA GLY M 68 -3.07 -86.21 -70.47
C GLY M 68 -1.68 -86.76 -70.71
N GLU M 69 -1.51 -87.52 -71.79
CA GLU M 69 -0.19 -88.05 -72.12
C GLU M 69 0.76 -86.95 -72.57
N LEU M 70 0.22 -85.90 -73.20
CA LEU M 70 1.04 -84.73 -73.49
C LEU M 70 1.56 -84.10 -72.21
N ARG M 71 0.66 -83.81 -71.26
CA ARG M 71 1.08 -83.12 -70.04
C ARG M 71 1.91 -84.02 -69.13
N LYS M 72 1.80 -85.35 -69.29
CA LYS M 72 2.73 -86.24 -68.61
C LYS M 72 4.08 -86.24 -69.33
N ALA M 73 4.06 -86.04 -70.65
CA ALA M 73 5.30 -85.97 -71.41
C ALA M 73 5.87 -84.57 -71.41
N LEU M 74 5.08 -83.60 -71.87
CA LEU M 74 5.56 -82.23 -72.01
C LEU M 74 5.69 -81.55 -70.65
N LEU M 75 4.64 -81.61 -69.83
CA LEU M 75 4.64 -80.96 -68.53
C LEU M 75 5.22 -81.85 -67.43
N SER M 76 6.41 -82.40 -67.64
CA SER M 76 7.05 -83.32 -66.71
C SER M 76 6.12 -84.47 -66.32
N VAL M 83 6.78 -94.18 -70.57
CA VAL M 83 8.05 -93.52 -70.83
C VAL M 83 7.98 -92.74 -72.13
N TYR M 84 8.43 -91.49 -72.10
CA TYR M 84 8.40 -90.59 -73.24
C TYR M 84 9.82 -90.29 -73.73
N THR M 85 9.94 -90.15 -75.05
CA THR M 85 11.23 -89.90 -75.68
C THR M 85 11.09 -88.72 -76.63
N PHE M 86 11.99 -87.76 -76.52
CA PHE M 86 11.94 -86.52 -77.29
C PHE M 86 13.12 -86.44 -78.24
N ASN M 87 12.85 -85.97 -79.46
CA ASN M 87 13.89 -85.81 -80.47
C ASN M 87 13.62 -84.53 -81.26
N PHE M 88 14.68 -83.81 -81.61
CA PHE M 88 14.55 -82.57 -82.37
C PHE M 88 15.76 -82.41 -83.28
N SER M 89 15.50 -81.92 -84.49
CA SER M 89 16.54 -81.58 -85.45
C SER M 89 16.52 -80.08 -85.67
N LYS M 90 17.69 -79.46 -85.57
CA LYS M 90 17.75 -78.00 -85.62
C LYS M 90 17.48 -77.46 -87.02
N GLU M 91 18.11 -78.03 -88.04
CA GLU M 91 17.98 -77.50 -89.39
C GLU M 91 16.55 -77.66 -89.92
N SER M 92 15.99 -78.86 -89.80
CA SER M 92 14.60 -79.07 -90.23
C SER M 92 13.63 -78.48 -89.22
N CYS M 93 14.11 -78.15 -88.02
CA CYS M 93 13.31 -77.67 -86.90
C CYS M 93 12.14 -78.60 -86.61
N TYR M 94 12.31 -79.89 -86.88
CA TYR M 94 11.26 -80.86 -86.62
C TYR M 94 11.44 -81.49 -85.25
N PHE M 95 10.42 -81.36 -84.41
CA PHE M 95 10.42 -81.95 -83.08
C PHE M 95 9.31 -82.99 -82.99
N PHE M 96 9.61 -84.12 -82.36
CA PHE M 96 8.61 -85.17 -82.17
C PHE M 96 8.91 -85.93 -80.90
N PHE M 97 7.85 -86.54 -80.36
CA PHE M 97 7.95 -87.36 -79.16
C PHE M 97 6.98 -88.52 -79.28
N GLU M 98 7.30 -89.61 -78.58
CA GLU M 98 6.57 -90.86 -78.73
C GLU M 98 6.45 -91.56 -77.38
N LYS M 99 5.29 -92.16 -77.14
CA LYS M 99 5.06 -92.90 -75.91
C LYS M 99 5.63 -94.31 -76.07
N ASN M 100 6.60 -94.65 -75.23
CA ASN M 100 7.24 -95.96 -75.27
C ASN M 100 6.64 -96.86 -74.22
N LEU M 101 6.24 -98.07 -74.64
CA LEU M 101 5.71 -99.08 -73.74
C LEU M 101 6.65 -100.29 -73.74
N LYS M 102 6.22 -101.36 -73.07
CA LYS M 102 7.03 -102.57 -72.95
C LYS M 102 7.04 -103.29 -74.29
N ASP M 103 8.14 -103.16 -75.02
CA ASP M 103 8.41 -103.81 -76.30
C ASP M 103 7.46 -103.35 -77.42
N VAL M 104 6.66 -102.31 -77.18
CA VAL M 104 5.85 -101.68 -78.21
C VAL M 104 5.95 -100.17 -78.08
N SER M 105 5.77 -99.48 -79.19
CA SER M 105 5.87 -98.02 -79.21
C SER M 105 4.90 -97.47 -80.24
N PHE M 106 4.26 -96.36 -79.90
CA PHE M 106 3.29 -95.72 -80.78
C PHE M 106 3.43 -94.20 -80.65
N ARG M 107 3.35 -93.52 -81.80
CA ARG M 107 3.61 -92.10 -81.85
C ARG M 107 2.59 -91.32 -81.03
N LEU M 108 3.04 -90.24 -80.39
CA LEU M 108 2.19 -89.42 -79.54
C LEU M 108 1.99 -88.03 -80.14
N GLY M 109 3.07 -87.35 -80.53
CA GLY M 109 2.96 -86.01 -81.09
C GLY M 109 4.22 -85.57 -81.79
N SER M 110 4.09 -84.50 -82.57
CA SER M 110 5.21 -83.95 -83.32
C SER M 110 4.91 -82.51 -83.70
N PHE M 111 5.92 -81.66 -83.57
CA PHE M 111 5.81 -80.24 -83.89
C PHE M 111 6.89 -79.86 -84.91
N ASN M 112 6.51 -79.09 -85.90
CA ASN M 112 7.48 -78.43 -86.76
C ASN M 112 7.60 -76.99 -86.28
N LEU M 113 8.54 -76.77 -85.38
CA LEU M 113 8.70 -75.45 -84.79
C LEU M 113 9.36 -74.50 -85.77
N GLU M 114 9.65 -73.29 -85.28
CA GLU M 114 10.40 -72.29 -86.04
C GLU M 114 11.25 -71.51 -85.04
N LYS M 115 12.56 -71.41 -85.30
CA LYS M 115 13.42 -70.82 -84.28
C LYS M 115 13.25 -69.30 -84.24
N VAL M 116 13.77 -68.71 -83.17
CA VAL M 116 13.75 -67.27 -82.96
C VAL M 116 15.20 -66.81 -82.75
N GLU M 117 15.41 -65.51 -82.89
CA GLU M 117 16.71 -64.88 -82.98
C GLU M 117 17.45 -64.78 -81.65
N ASN M 118 16.77 -64.87 -80.50
CA ASN M 118 17.16 -64.10 -79.33
C ASN M 118 17.23 -64.97 -78.08
N PRO M 119 18.30 -65.74 -77.91
CA PRO M 119 18.38 -66.63 -76.73
C PRO M 119 18.41 -65.92 -75.39
N ALA M 120 19.13 -64.81 -75.30
CA ALA M 120 19.36 -64.22 -73.99
C ALA M 120 18.06 -63.91 -73.30
N GLU M 121 17.21 -63.20 -74.00
CA GLU M 121 15.98 -62.66 -73.43
C GLU M 121 15.07 -63.78 -72.98
N VAL M 122 14.93 -64.83 -73.79
CA VAL M 122 14.04 -65.91 -73.40
C VAL M 122 14.56 -66.54 -72.11
N ILE M 123 15.86 -66.74 -72.04
CA ILE M 123 16.46 -67.21 -70.80
C ILE M 123 16.10 -66.27 -69.67
N ARG M 124 16.27 -64.98 -69.94
CA ARG M 124 16.24 -63.99 -68.89
C ARG M 124 14.86 -63.95 -68.30
N GLU M 125 13.86 -63.83 -69.17
CA GLU M 125 12.47 -63.86 -68.73
C GLU M 125 12.14 -65.15 -68.02
N LEU M 126 12.59 -66.27 -68.57
CA LEU M 126 12.28 -67.53 -67.93
C LEU M 126 12.60 -67.46 -66.45
N ILE M 127 13.85 -67.14 -66.15
CA ILE M 127 14.24 -67.14 -64.75
C ILE M 127 13.64 -65.96 -64.02
N CYS M 128 13.41 -64.85 -64.73
CA CYS M 128 12.58 -63.81 -64.15
C CYS M 128 11.36 -64.43 -63.52
N TYR M 129 10.57 -65.07 -64.35
CA TYR M 129 9.38 -65.78 -63.91
C TYR M 129 9.68 -66.67 -62.74
N CYS M 130 10.73 -67.47 -62.84
CA CYS M 130 10.94 -68.50 -61.84
C CYS M 130 11.14 -67.90 -60.47
N LEU M 131 12.06 -66.96 -60.37
CA LEU M 131 12.35 -66.40 -59.07
C LEU M 131 11.19 -65.56 -58.59
N ASP M 132 10.42 -65.05 -59.53
CA ASP M 132 9.18 -64.45 -59.13
C ASP M 132 8.35 -65.50 -58.41
N THR M 133 8.22 -66.63 -59.07
CA THR M 133 7.26 -67.65 -58.68
C THR M 133 7.53 -68.13 -57.28
N ILE M 134 8.81 -68.36 -56.99
CA ILE M 134 9.23 -68.78 -55.66
C ILE M 134 8.75 -67.78 -54.65
N ALA M 135 9.02 -66.54 -54.91
CA ALA M 135 8.66 -65.49 -53.99
C ALA M 135 7.17 -65.52 -53.72
N GLU M 136 6.42 -65.68 -54.78
CA GLU M 136 4.98 -65.85 -54.62
C GLU M 136 4.71 -66.99 -53.66
N ASN M 137 5.33 -68.14 -53.92
CA ASN M 137 5.06 -69.33 -53.16
C ASN M 137 5.26 -69.07 -51.70
N GLN M 138 6.42 -68.57 -51.34
CA GLN M 138 6.76 -68.39 -49.94
C GLN M 138 5.82 -67.40 -49.28
N ALA M 139 5.45 -66.35 -50.01
CA ALA M 139 4.52 -65.41 -49.42
C ALA M 139 3.23 -66.12 -49.06
N LYS M 140 2.70 -66.89 -50.00
CA LYS M 140 1.46 -67.62 -49.73
C LYS M 140 1.65 -68.54 -48.55
N ASN M 141 2.81 -69.16 -48.49
CA ASN M 141 3.08 -70.09 -47.42
C ASN M 141 3.01 -69.39 -46.07
N GLU M 142 3.69 -68.26 -45.97
CA GLU M 142 3.63 -67.48 -44.76
C GLU M 142 2.19 -67.19 -44.39
N HIS M 143 1.42 -66.77 -45.37
CA HIS M 143 0.04 -66.42 -45.12
C HIS M 143 -0.69 -67.60 -44.52
N LEU M 144 -0.74 -68.68 -45.27
CA LEU M 144 -1.53 -69.83 -44.85
C LEU M 144 -1.06 -70.33 -43.50
N GLN M 145 0.24 -70.25 -43.24
CA GLN M 145 0.75 -70.60 -41.93
C GLN M 145 0.08 -69.79 -40.85
N LYS M 146 0.05 -68.48 -41.03
CA LYS M 146 -0.59 -67.65 -40.03
C LYS M 146 -2.04 -68.07 -39.87
N GLU M 147 -2.70 -68.28 -41.00
CA GLU M 147 -4.14 -68.56 -40.97
C GLU M 147 -4.42 -69.81 -40.13
N ASN M 148 -3.75 -70.91 -40.45
CA ASN M 148 -4.10 -72.13 -39.78
C ASN M 148 -3.59 -72.18 -38.35
N GLU M 149 -2.51 -71.49 -38.00
CA GLU M 149 -2.18 -71.44 -36.59
C GLU M 149 -3.28 -70.72 -35.82
N ARG M 150 -3.84 -69.68 -36.42
CA ARG M 150 -5.00 -69.06 -35.78
C ARG M 150 -6.14 -70.03 -35.61
N LEU M 151 -6.40 -70.80 -36.65
CA LEU M 151 -7.44 -71.81 -36.58
C LEU M 151 -7.19 -72.71 -35.39
N LEU M 152 -5.94 -73.09 -35.20
CA LEU M 152 -5.62 -74.04 -34.16
C LEU M 152 -5.86 -73.46 -32.78
N ARG M 153 -5.41 -72.23 -32.53
CA ARG M 153 -5.58 -71.79 -31.15
C ARG M 153 -7.03 -71.45 -30.81
N ASP M 154 -7.81 -70.97 -31.77
CA ASP M 154 -9.25 -71.02 -31.49
C ASP M 154 -9.69 -72.44 -31.20
N TRP M 155 -9.26 -73.40 -32.00
CA TRP M 155 -9.69 -74.75 -31.78
C TRP M 155 -9.47 -75.16 -30.33
N ASN M 156 -8.24 -74.97 -29.85
CA ASN M 156 -7.89 -75.40 -28.52
C ASN M 156 -8.65 -74.62 -27.45
N ASP M 157 -8.80 -73.30 -27.63
CA ASP M 157 -9.50 -72.54 -26.61
C ASP M 157 -10.95 -72.99 -26.53
N VAL M 158 -11.53 -73.34 -27.68
CA VAL M 158 -12.87 -73.87 -27.65
C VAL M 158 -12.90 -75.17 -26.87
N GLN M 159 -11.87 -75.99 -27.03
CA GLN M 159 -11.82 -77.22 -26.22
C GLN M 159 -11.87 -76.87 -24.74
N GLY M 160 -11.09 -75.87 -24.35
CA GLY M 160 -11.01 -75.53 -22.93
C GLY M 160 -12.35 -75.06 -22.38
N ARG M 161 -13.01 -74.15 -23.09
CA ARG M 161 -14.30 -73.69 -22.60
C ARG M 161 -15.33 -74.82 -22.66
N PHE M 162 -15.20 -75.71 -23.64
CA PHE M 162 -15.99 -76.93 -23.60
C PHE M 162 -15.84 -77.61 -22.26
N GLU M 163 -14.60 -77.81 -21.83
CA GLU M 163 -14.41 -78.60 -20.63
C GLU M 163 -14.92 -77.88 -19.40
N LYS M 164 -14.75 -76.56 -19.35
CA LYS M 164 -15.27 -75.85 -18.19
C LYS M 164 -16.79 -75.95 -18.14
N CYS M 165 -17.44 -75.85 -19.31
CA CYS M 165 -18.88 -76.04 -19.35
C CYS M 165 -19.25 -77.42 -18.88
N VAL M 166 -18.50 -78.42 -19.32
CA VAL M 166 -18.76 -79.79 -18.93
C VAL M 166 -18.64 -79.95 -17.44
N SER M 167 -17.63 -79.33 -16.86
CA SER M 167 -17.40 -79.46 -15.42
C SER M 167 -18.55 -78.82 -14.65
N ALA M 168 -19.02 -77.65 -15.10
CA ALA M 168 -20.21 -77.07 -14.50
C ALA M 168 -21.38 -78.04 -14.60
N LYS M 169 -21.51 -78.70 -15.75
CA LYS M 169 -22.54 -79.69 -15.94
C LYS M 169 -22.44 -80.82 -14.92
N GLU M 170 -21.23 -81.31 -14.71
CA GLU M 170 -21.02 -82.42 -13.79
C GLU M 170 -21.39 -82.02 -12.37
N ALA M 171 -20.95 -80.82 -11.97
CA ALA M 171 -21.31 -80.31 -10.65
C ALA M 171 -22.81 -80.27 -10.48
N LEU M 172 -23.52 -79.68 -11.45
CA LEU M 172 -24.97 -79.61 -11.34
C LEU M 172 -25.58 -81.00 -11.23
N GLU M 173 -25.07 -81.95 -12.00
CA GLU M 173 -25.52 -83.33 -11.89
C GLU M 173 -25.44 -83.81 -10.45
N THR M 174 -24.25 -83.78 -9.89
CA THR M 174 -24.06 -84.35 -8.55
C THR M 174 -24.93 -83.62 -7.54
N ASP M 175 -25.10 -82.31 -7.73
CA ASP M 175 -25.69 -81.46 -6.71
C ASP M 175 -27.09 -81.93 -6.34
N LEU M 176 -27.70 -82.68 -7.22
CA LEU M 176 -29.10 -82.95 -7.04
C LEU M 176 -29.42 -84.42 -6.91
N TYR M 177 -28.49 -85.31 -7.23
CA TYR M 177 -28.88 -86.70 -7.27
C TYR M 177 -28.34 -87.55 -6.15
N LYS M 178 -27.02 -87.72 -6.19
CA LYS M 178 -26.41 -88.95 -5.73
C LYS M 178 -26.67 -89.17 -4.25
N ARG M 179 -26.62 -88.10 -3.47
CA ARG M 179 -27.17 -88.08 -2.13
C ARG M 179 -28.03 -86.86 -1.85
N PHE M 180 -28.32 -86.02 -2.86
CA PHE M 180 -29.25 -84.92 -2.67
C PHE M 180 -30.68 -85.42 -2.61
N ILE M 181 -30.94 -86.60 -3.18
CA ILE M 181 -32.26 -87.22 -3.18
C ILE M 181 -32.49 -87.84 -1.81
N LEU M 182 -31.54 -87.72 -0.86
CA LEU M 182 -31.75 -88.02 0.55
C LEU M 182 -32.96 -87.25 1.06
N VAL M 183 -33.37 -86.18 0.39
CA VAL M 183 -34.61 -85.50 0.77
C VAL M 183 -35.80 -86.44 0.56
N LEU M 184 -35.76 -87.25 -0.49
CA LEU M 184 -36.54 -88.48 -0.63
C LEU M 184 -36.08 -89.63 0.29
N ASN M 185 -34.81 -90.06 0.39
CA ASN M 185 -34.48 -91.25 1.19
C ASN M 185 -34.78 -91.05 2.67
N GLU M 186 -34.84 -89.83 3.13
CA GLU M 186 -35.27 -89.55 4.47
C GLU M 186 -36.77 -89.36 4.52
N LYS M 187 -37.45 -88.88 3.47
CA LYS M 187 -38.88 -89.26 3.35
C LYS M 187 -39.07 -90.79 3.45
N LYS M 188 -38.17 -91.62 2.91
CA LYS M 188 -38.19 -93.09 3.11
C LYS M 188 -37.93 -93.46 4.56
N THR M 189 -37.03 -92.82 5.28
CA THR M 189 -36.89 -93.07 6.72
C THR M 189 -38.10 -92.63 7.54
N LYS M 190 -38.76 -91.54 7.17
CA LYS M 190 -40.06 -91.14 7.74
C LYS M 190 -41.12 -92.23 7.51
N ILE M 191 -41.22 -92.76 6.30
CA ILE M 191 -42.11 -93.89 5.96
C ILE M 191 -41.81 -95.07 6.91
N ARG M 192 -40.53 -95.43 7.13
CA ARG M 192 -40.15 -96.46 8.13
C ARG M 192 -40.53 -96.08 9.56
N SER M 193 -40.33 -94.85 10.03
CA SER M 193 -40.70 -94.45 11.40
C SER M 193 -42.20 -94.49 11.66
N LEU M 194 -43.01 -93.99 10.72
CA LEU M 194 -44.48 -94.09 10.73
C LEU M 194 -44.91 -95.56 10.73
N HIS M 195 -44.32 -96.39 9.87
CA HIS M 195 -44.59 -97.84 9.82
C HIS M 195 -44.20 -98.56 11.12
N ASN M 196 -43.07 -98.20 11.75
CA ASN M 196 -42.67 -98.71 13.07
C ASN M 196 -43.68 -98.31 14.14
N LYS M 197 -44.14 -97.05 14.16
CA LYS M 197 -45.20 -96.63 15.10
C LYS M 197 -46.58 -97.23 14.77
N LEU M 198 -46.92 -97.45 13.50
CA LEU M 198 -48.10 -98.23 13.09
C LEU M 198 -48.07 -99.65 13.65
N LEU M 199 -46.92 -100.33 13.53
CA LEU M 199 -46.72 -101.68 14.03
C LEU M 199 -46.73 -101.74 15.57
N ASN M 200 -46.11 -100.77 16.24
CA ASN M 200 -46.12 -100.67 17.70
C ASN M 200 -47.47 -100.20 18.28
N ALA M 201 -48.33 -99.54 17.51
CA ALA M 201 -49.69 -99.14 17.89
C ALA M 201 -50.67 -99.31 16.73
N MET N 1 27.02 -75.29 -47.60
CA MET N 1 27.23 -74.68 -48.91
C MET N 1 26.03 -73.86 -49.32
N GLU N 2 26.26 -72.58 -49.56
CA GLU N 2 25.19 -71.66 -49.90
C GLU N 2 25.36 -71.15 -51.32
N ARG N 3 24.25 -71.14 -52.04
CA ARG N 3 24.21 -70.47 -53.32
C ARG N 3 23.19 -69.36 -53.25
N LYS N 4 23.44 -68.33 -54.03
CA LYS N 4 22.54 -67.19 -54.05
C LYS N 4 22.73 -66.51 -55.39
N ILE N 5 21.67 -66.38 -56.12
CA ILE N 5 21.68 -65.80 -57.45
C ILE N 5 20.85 -64.53 -57.39
N SER N 6 21.23 -63.51 -58.16
CA SER N 6 20.55 -62.23 -58.06
C SER N 6 20.42 -61.56 -59.42
N ARG N 7 19.19 -61.18 -59.76
CA ARG N 7 18.87 -60.45 -60.98
C ARG N 7 19.38 -59.03 -60.86
N ILE N 8 20.25 -58.62 -61.78
CA ILE N 8 20.85 -57.29 -61.68
C ILE N 8 20.80 -56.63 -63.04
N HIS N 9 21.09 -55.34 -63.03
CA HIS N 9 21.25 -54.56 -64.24
C HIS N 9 22.55 -53.80 -64.12
N LEU N 10 23.45 -54.05 -65.06
CA LEU N 10 24.62 -53.20 -65.18
C LEU N 10 24.19 -51.85 -65.71
N VAL N 11 24.91 -50.80 -65.27
CA VAL N 11 24.62 -49.46 -65.78
C VAL N 11 24.90 -49.39 -67.27
N SER N 12 25.92 -50.12 -67.74
CA SER N 12 26.22 -50.15 -69.16
C SER N 12 25.07 -50.74 -69.96
N GLU N 13 24.25 -51.58 -69.34
CA GLU N 13 23.14 -52.25 -70.02
C GLU N 13 21.86 -52.04 -69.22
N PRO N 14 21.21 -50.89 -69.39
CA PRO N 14 19.94 -50.65 -68.68
C PRO N 14 18.84 -51.65 -69.02
N SER N 15 18.73 -52.04 -70.30
CA SER N 15 17.66 -52.92 -70.74
C SER N 15 17.97 -54.40 -70.56
N ILE N 16 19.23 -54.75 -70.30
CA ILE N 16 19.61 -56.14 -70.09
C ILE N 16 19.61 -56.43 -68.60
N THR N 17 18.83 -57.41 -68.19
CA THR N 17 18.96 -57.94 -66.85
C THR N 17 20.16 -58.87 -66.79
N HIS N 18 21.08 -58.55 -65.90
CA HIS N 18 22.20 -59.42 -65.64
C HIS N 18 21.93 -60.15 -64.34
N PHE N 19 22.57 -61.29 -64.18
CA PHE N 19 22.25 -62.19 -63.10
C PHE N 19 23.51 -62.50 -62.32
N LEU N 20 23.51 -62.17 -61.04
CA LEU N 20 24.67 -62.35 -60.19
C LEU N 20 24.47 -63.59 -59.33
N GLN N 21 25.28 -64.61 -59.55
CA GLN N 21 25.21 -65.86 -58.83
C GLN N 21 26.33 -65.92 -57.81
N VAL N 22 25.99 -66.31 -56.59
CA VAL N 22 26.99 -66.41 -55.53
C VAL N 22 26.93 -67.79 -54.92
N SER N 23 28.10 -68.39 -54.76
CA SER N 23 28.26 -69.68 -54.09
C SER N 23 29.34 -69.54 -53.04
N TRP N 24 29.06 -70.05 -51.85
CA TRP N 24 29.96 -69.88 -50.71
C TRP N 24 29.47 -70.80 -49.60
N GLU N 25 30.35 -71.07 -48.64
CA GLU N 25 30.15 -72.07 -47.60
C GLU N 25 29.69 -71.36 -46.34
N LYS N 26 28.41 -70.98 -46.30
CA LYS N 26 27.76 -70.47 -45.10
C LYS N 26 28.27 -69.08 -44.74
N THR N 27 29.35 -68.65 -45.41
CA THR N 27 30.12 -67.49 -44.97
C THR N 27 30.73 -66.83 -46.19
N LEU N 28 30.26 -65.62 -46.50
CA LEU N 28 30.81 -64.88 -47.63
C LEU N 28 32.23 -64.41 -47.33
N GLU N 29 32.59 -64.29 -46.05
CA GLU N 29 33.91 -63.82 -45.67
C GLU N 29 35.01 -64.80 -46.09
N SER N 30 34.72 -66.10 -46.02
CA SER N 30 35.72 -67.12 -46.30
C SER N 30 36.18 -67.12 -47.75
N GLY N 31 35.44 -66.49 -48.65
CA GLY N 31 35.71 -66.57 -50.07
C GLY N 31 34.56 -67.17 -50.84
N PHE N 32 34.49 -66.83 -52.13
CA PHE N 32 33.35 -67.22 -52.94
C PHE N 32 33.75 -67.20 -54.41
N VAL N 33 32.94 -67.88 -55.22
CA VAL N 33 33.04 -67.81 -56.67
C VAL N 33 31.82 -67.09 -57.22
N ILE N 34 32.03 -66.24 -58.21
CA ILE N 34 30.97 -65.37 -58.72
C ILE N 34 30.82 -65.63 -60.22
N THR N 35 29.58 -65.58 -60.69
CA THR N 35 29.28 -65.76 -62.11
C THR N 35 28.24 -64.75 -62.55
N LEU N 36 28.51 -64.07 -63.66
CA LEU N 36 27.60 -63.11 -64.24
C LEU N 36 27.23 -63.57 -65.64
N THR N 37 26.02 -63.23 -66.07
CA THR N 37 25.54 -63.60 -67.39
C THR N 37 24.47 -62.61 -67.83
N ASP N 38 24.12 -62.71 -69.12
CA ASP N 38 23.04 -61.91 -69.69
C ASP N 38 22.21 -62.70 -70.70
N GLY N 39 22.18 -64.02 -70.59
CA GLY N 39 21.43 -64.87 -71.50
C GLY N 39 22.11 -65.19 -72.82
N HIS N 40 23.09 -64.42 -73.23
CA HIS N 40 23.86 -64.95 -74.35
C HIS N 40 25.26 -65.40 -73.92
N SER N 41 25.88 -64.71 -72.95
CA SER N 41 27.25 -64.99 -72.53
C SER N 41 27.34 -64.93 -71.00
N ALA N 42 28.39 -65.52 -70.46
CA ALA N 42 28.58 -65.58 -69.01
C ALA N 42 30.04 -65.33 -68.65
N TRP N 43 30.25 -64.93 -67.41
CA TRP N 43 31.59 -64.63 -66.92
C TRP N 43 31.71 -65.14 -65.50
N THR N 44 32.94 -65.40 -65.07
CA THR N 44 33.17 -65.92 -63.73
C THR N 44 34.43 -65.27 -63.16
N GLY N 45 34.43 -65.12 -61.84
CA GLY N 45 35.57 -64.60 -61.13
C GLY N 45 35.65 -65.25 -59.77
N THR N 46 36.64 -64.81 -58.98
CA THR N 46 36.88 -65.39 -57.67
C THR N 46 37.49 -64.36 -56.74
N VAL N 47 37.13 -64.45 -55.46
CA VAL N 47 37.64 -63.58 -54.39
C VAL N 47 37.89 -64.42 -53.16
N SER N 48 38.95 -64.09 -52.40
CA SER N 48 39.38 -64.85 -51.24
C SER N 48 39.09 -64.09 -49.95
N GLU N 49 39.28 -64.79 -48.82
CA GLU N 49 39.06 -64.19 -47.52
C GLU N 49 40.01 -63.01 -47.29
N SER N 50 41.28 -63.20 -47.60
CA SER N 50 42.25 -62.14 -47.40
C SER N 50 41.95 -60.94 -48.28
N GLU N 51 41.40 -61.17 -49.48
CA GLU N 51 40.95 -60.04 -50.28
C GLU N 51 39.89 -59.25 -49.55
N ILE N 52 38.97 -59.94 -48.87
CA ILE N 52 37.93 -59.26 -48.12
C ILE N 52 38.51 -58.57 -46.91
N SER N 53 39.50 -59.19 -46.26
CA SER N 53 40.17 -58.53 -45.15
C SER N 53 40.79 -57.24 -45.61
N GLN N 54 41.53 -57.29 -46.70
CA GLN N 54 42.17 -56.12 -47.26
C GLN N 54 41.14 -55.06 -47.65
N GLU N 55 40.08 -55.42 -48.37
CA GLU N 55 38.97 -54.51 -48.69
C GLU N 55 38.41 -53.88 -47.40
N ALA N 56 38.08 -54.68 -46.39
CA ALA N 56 37.42 -54.18 -45.18
C ALA N 56 38.35 -53.32 -44.36
N ASP N 57 39.66 -53.52 -44.50
CA ASP N 57 40.59 -52.76 -43.68
C ASP N 57 41.11 -51.54 -44.40
N ASP N 58 40.94 -51.49 -45.71
CA ASP N 58 40.81 -50.26 -46.47
C ASP N 58 39.39 -49.56 -46.47
N MET N 59 38.28 -50.22 -46.02
CA MET N 59 36.98 -49.58 -45.71
C MET N 59 37.01 -48.76 -44.41
N ALA N 60 38.13 -48.74 -43.68
CA ALA N 60 38.26 -48.33 -42.29
C ALA N 60 37.37 -49.13 -41.34
N MET N 61 36.92 -50.32 -41.75
CA MET N 61 35.82 -51.00 -41.12
C MET N 61 36.27 -52.27 -40.41
N GLU N 62 35.51 -52.64 -39.39
CA GLU N 62 35.47 -54.00 -38.89
C GLU N 62 35.03 -54.94 -39.99
N LYS N 63 35.83 -55.95 -40.25
CA LYS N 63 35.39 -57.06 -41.08
C LYS N 63 34.22 -57.76 -40.40
N GLY N 64 33.29 -58.27 -41.19
CA GLY N 64 32.02 -58.74 -40.67
C GLY N 64 30.89 -57.74 -40.83
N LYS N 65 31.09 -56.50 -40.37
CA LYS N 65 30.15 -55.44 -40.71
C LYS N 65 30.13 -55.21 -42.20
N TYR N 66 31.31 -55.07 -42.81
CA TYR N 66 31.41 -55.02 -44.26
C TYR N 66 30.89 -56.32 -44.88
N VAL N 67 30.98 -57.43 -44.14
CA VAL N 67 30.41 -58.68 -44.62
C VAL N 67 28.88 -58.61 -44.63
N GLY N 68 28.29 -58.02 -43.60
CA GLY N 68 26.84 -57.84 -43.59
C GLY N 68 26.42 -56.98 -44.76
N GLU N 69 27.15 -55.88 -44.96
CA GLU N 69 26.95 -55.05 -46.14
C GLU N 69 27.00 -55.87 -47.42
N LEU N 70 27.99 -56.75 -47.53
CA LEU N 70 28.11 -57.59 -48.71
C LEU N 70 26.92 -58.52 -48.83
N ARG N 71 26.41 -59.01 -47.69
CA ARG N 71 25.21 -59.81 -47.70
C ARG N 71 24.06 -59.01 -48.26
N LYS N 72 24.02 -57.74 -47.91
CA LYS N 72 22.98 -56.86 -48.42
C LYS N 72 23.14 -56.61 -49.91
N ALA N 73 24.38 -56.50 -50.37
CA ALA N 73 24.63 -56.04 -51.73
C ALA N 73 24.55 -57.18 -52.74
N LEU N 74 25.30 -58.25 -52.49
CA LEU N 74 25.42 -59.35 -53.44
C LEU N 74 24.40 -60.46 -53.20
N LEU N 75 23.97 -60.68 -51.97
CA LEU N 75 22.96 -61.70 -51.69
C LEU N 75 21.58 -61.09 -51.52
N SER N 76 21.38 -59.91 -52.10
CA SER N 76 20.10 -59.22 -52.11
C SER N 76 19.59 -58.94 -50.70
N GLY N 77 20.48 -58.79 -49.74
CA GLY N 77 20.03 -58.38 -48.43
C GLY N 77 19.83 -56.89 -48.29
N ALA N 78 19.86 -56.16 -49.41
CA ALA N 78 19.66 -54.72 -49.38
C ALA N 78 18.25 -54.37 -48.97
N GLY N 79 18.09 -53.28 -48.23
CA GLY N 79 16.80 -52.78 -47.84
C GLY N 79 16.29 -51.70 -48.75
N PRO N 80 15.10 -51.17 -48.43
CA PRO N 80 14.54 -50.08 -49.24
C PRO N 80 15.41 -48.84 -49.27
N ALA N 81 16.09 -48.52 -48.16
CA ALA N 81 17.00 -47.38 -48.17
C ALA N 81 18.32 -47.73 -48.85
N ASP N 82 18.56 -49.01 -49.12
CA ASP N 82 19.80 -49.44 -49.74
C ASP N 82 19.73 -49.34 -51.25
N VAL N 83 20.67 -48.61 -51.84
CA VAL N 83 20.79 -48.46 -53.29
C VAL N 83 22.24 -48.77 -53.66
N TYR N 84 22.49 -50.02 -54.02
CA TYR N 84 23.77 -50.45 -54.55
C TYR N 84 23.75 -50.27 -56.06
N THR N 85 24.93 -50.21 -56.66
CA THR N 85 24.97 -50.14 -58.12
C THR N 85 26.20 -50.87 -58.63
N PHE N 86 26.04 -51.48 -59.79
CA PHE N 86 26.94 -52.50 -60.29
C PHE N 86 27.51 -52.03 -61.62
N ASN N 87 28.81 -52.21 -61.81
CA ASN N 87 29.43 -51.83 -63.06
C ASN N 87 30.41 -52.90 -63.49
N PHE N 88 30.37 -53.22 -64.78
CA PHE N 88 31.23 -54.26 -65.33
C PHE N 88 31.50 -53.94 -66.79
N SER N 89 32.75 -54.12 -67.21
CA SER N 89 33.13 -54.00 -68.61
C SER N 89 33.47 -55.39 -69.14
N LYS N 90 32.69 -55.84 -70.13
CA LYS N 90 32.93 -57.17 -70.69
C LYS N 90 34.26 -57.23 -71.43
N GLU N 91 34.71 -56.11 -71.99
CA GLU N 91 35.99 -56.09 -72.70
C GLU N 91 37.16 -56.32 -71.73
N SER N 92 37.13 -55.66 -70.58
CA SER N 92 38.23 -55.75 -69.62
C SER N 92 38.02 -56.84 -68.57
N CYS N 93 36.84 -57.44 -68.49
CA CYS N 93 36.54 -58.45 -67.49
C CYS N 93 36.86 -57.95 -66.09
N TYR N 94 36.48 -56.71 -65.81
CA TYR N 94 36.71 -56.10 -64.51
C TYR N 94 35.38 -55.64 -63.92
N PHE N 95 35.03 -56.19 -62.77
CA PHE N 95 33.81 -55.79 -62.12
C PHE N 95 34.09 -54.90 -60.93
N PHE N 96 33.12 -54.05 -60.63
CA PHE N 96 33.05 -53.37 -59.34
C PHE N 96 31.62 -52.97 -59.09
N PHE N 97 31.36 -52.66 -57.83
CA PHE N 97 30.01 -52.46 -57.33
C PHE N 97 30.04 -51.45 -56.22
N GLU N 98 29.00 -50.64 -56.14
CA GLU N 98 29.12 -49.46 -55.31
C GLU N 98 27.83 -49.23 -54.52
N LYS N 99 27.86 -48.16 -53.72
CA LYS N 99 26.77 -47.81 -52.82
C LYS N 99 26.40 -46.35 -52.96
N ASN N 100 25.10 -46.09 -53.09
CA ASN N 100 24.60 -44.76 -53.42
C ASN N 100 24.03 -44.08 -52.19
N LEU N 101 24.81 -43.20 -51.58
CA LEU N 101 24.26 -42.28 -50.58
C LEU N 101 24.83 -40.89 -50.83
N LYS N 102 24.17 -39.90 -50.22
CA LYS N 102 24.52 -38.50 -50.38
C LYS N 102 24.51 -38.08 -51.85
N ASP N 103 23.56 -38.60 -52.63
CA ASP N 103 23.45 -38.31 -54.06
C ASP N 103 24.72 -38.67 -54.81
N VAL N 104 25.52 -39.59 -54.27
CA VAL N 104 26.89 -39.95 -54.68
C VAL N 104 27.09 -41.48 -54.58
N SER N 105 28.07 -42.02 -55.29
CA SER N 105 28.42 -43.43 -55.33
C SER N 105 29.68 -43.75 -54.52
N PHE N 106 29.77 -44.94 -53.94
CA PHE N 106 30.90 -45.37 -53.12
C PHE N 106 31.31 -46.78 -53.49
N ARG N 107 32.39 -46.95 -54.24
CA ARG N 107 32.81 -48.29 -54.69
C ARG N 107 33.13 -49.15 -53.48
N LEU N 108 32.34 -50.21 -53.33
CA LEU N 108 32.44 -51.17 -52.26
C LEU N 108 33.50 -52.21 -52.57
N GLY N 109 33.50 -52.81 -53.76
CA GLY N 109 34.57 -53.73 -54.11
C GLY N 109 34.60 -53.89 -55.60
N SER N 110 35.54 -54.72 -56.04
CA SER N 110 35.82 -54.79 -57.45
C SER N 110 36.59 -56.05 -57.73
N PHE N 111 36.19 -56.75 -58.78
CA PHE N 111 36.67 -58.09 -58.99
C PHE N 111 37.25 -58.22 -60.38
N ASN N 112 38.32 -59.01 -60.47
CA ASN N 112 38.87 -59.46 -61.73
C ASN N 112 37.98 -60.57 -62.25
N LEU N 113 37.50 -60.42 -63.48
CA LEU N 113 36.62 -61.42 -64.03
C LEU N 113 37.26 -62.11 -65.22
N GLU N 114 36.59 -63.13 -65.72
CA GLU N 114 36.96 -63.78 -66.96
C GLU N 114 35.71 -64.36 -67.61
N LYS N 115 35.65 -64.23 -68.94
CA LYS N 115 34.57 -64.83 -69.69
C LYS N 115 34.69 -66.35 -69.67
N VAL N 116 33.56 -67.02 -69.46
CA VAL N 116 33.56 -68.48 -69.43
C VAL N 116 33.50 -68.99 -70.86
N GLU N 117 34.16 -70.12 -71.10
CA GLU N 117 34.15 -70.71 -72.43
C GLU N 117 32.88 -71.51 -72.69
N ASN N 118 32.13 -71.84 -71.62
CA ASN N 118 30.93 -72.65 -71.72
C ASN N 118 29.79 -71.94 -70.99
N PRO N 119 29.27 -70.86 -71.55
CA PRO N 119 28.15 -70.17 -70.91
C PRO N 119 26.92 -71.06 -70.74
N ALA N 120 26.59 -71.81 -71.80
CA ALA N 120 25.36 -72.59 -71.78
C ALA N 120 25.36 -73.65 -70.67
N GLU N 121 26.52 -74.20 -70.34
CA GLU N 121 26.59 -75.21 -69.29
C GLU N 121 26.33 -74.64 -67.90
N VAL N 122 26.99 -73.54 -67.57
CA VAL N 122 26.67 -72.95 -66.27
C VAL N 122 25.20 -72.55 -66.27
N ILE N 123 24.67 -72.13 -67.42
CA ILE N 123 23.28 -71.72 -67.48
C ILE N 123 22.34 -72.90 -67.17
N ARG N 124 22.55 -74.03 -67.84
CA ARG N 124 21.73 -75.19 -67.53
C ARG N 124 21.79 -75.48 -66.05
N GLU N 125 22.98 -75.42 -65.46
CA GLU N 125 23.10 -75.83 -64.08
C GLU N 125 22.28 -74.92 -63.19
N LEU N 126 22.52 -73.62 -63.32
CA LEU N 126 21.77 -72.63 -62.55
C LEU N 126 20.28 -72.88 -62.66
N ILE N 127 19.79 -73.02 -63.89
CA ILE N 127 18.35 -73.01 -64.04
C ILE N 127 17.72 -74.34 -63.65
N CYS N 128 18.43 -75.45 -63.80
CA CYS N 128 17.94 -76.70 -63.22
C CYS N 128 17.75 -76.53 -61.73
N TYR N 129 18.77 -75.98 -61.08
CA TYR N 129 18.68 -75.70 -59.67
C TYR N 129 17.43 -74.88 -59.37
N CYS N 130 17.24 -73.80 -60.11
CA CYS N 130 16.13 -72.90 -59.85
C CYS N 130 14.80 -73.60 -60.01
N LEU N 131 14.68 -74.42 -61.04
CA LEU N 131 13.46 -75.19 -61.25
C LEU N 131 13.15 -76.00 -60.02
N ASP N 132 14.18 -76.69 -59.52
CA ASP N 132 14.00 -77.51 -58.34
C ASP N 132 13.47 -76.66 -57.20
N THR N 133 14.11 -75.50 -57.01
CA THR N 133 13.75 -74.63 -55.91
C THR N 133 12.29 -74.27 -55.95
N ILE N 134 11.78 -73.88 -57.14
CA ILE N 134 10.39 -73.47 -57.44
C ILE N 134 9.50 -74.54 -56.90
N ALA N 135 9.81 -75.66 -57.50
CA ALA N 135 8.93 -76.81 -57.33
C ALA N 135 8.74 -77.15 -55.86
N GLU N 136 9.82 -77.03 -55.09
CA GLU N 136 9.73 -77.34 -53.67
C GLU N 136 8.68 -76.49 -53.00
N ASN N 137 8.80 -75.17 -53.17
CA ASN N 137 7.85 -74.25 -52.56
C ASN N 137 6.44 -74.56 -53.01
N GLN N 138 6.31 -74.96 -54.27
CA GLN N 138 5.00 -75.34 -54.76
C GLN N 138 4.40 -76.45 -53.91
N ALA N 139 5.16 -77.53 -53.75
CA ALA N 139 4.63 -78.66 -53.00
C ALA N 139 4.28 -78.24 -51.57
N LYS N 140 5.17 -77.46 -50.97
CA LYS N 140 4.94 -77.01 -49.60
C LYS N 140 3.64 -76.25 -49.48
N ASN N 141 3.42 -75.33 -50.40
CA ASN N 141 2.20 -74.53 -50.36
C ASN N 141 0.98 -75.44 -50.47
N GLU N 142 1.06 -76.46 -51.32
CA GLU N 142 -0.05 -77.40 -51.45
C GLU N 142 -0.42 -78.00 -50.11
N HIS N 143 0.58 -78.58 -49.44
CA HIS N 143 0.31 -79.23 -48.17
C HIS N 143 -0.32 -78.25 -47.20
N LEU N 144 0.30 -77.07 -47.10
CA LEU N 144 -0.17 -76.05 -46.19
C LEU N 144 -1.65 -75.76 -46.41
N GLN N 145 -2.04 -75.62 -47.66
CA GLN N 145 -3.45 -75.46 -47.98
C GLN N 145 -4.28 -76.59 -47.39
N LYS N 146 -3.83 -77.82 -47.56
CA LYS N 146 -4.64 -78.93 -47.08
C LYS N 146 -4.94 -78.82 -45.60
N GLU N 147 -3.91 -78.52 -44.80
CA GLU N 147 -4.21 -78.48 -43.37
C GLU N 147 -4.99 -77.22 -43.00
N ASN N 148 -4.80 -76.12 -43.73
CA ASN N 148 -5.66 -74.97 -43.54
C ASN N 148 -7.12 -75.39 -43.67
N GLU N 149 -7.42 -76.17 -44.71
CA GLU N 149 -8.76 -76.72 -44.88
C GLU N 149 -9.21 -77.49 -43.65
N ARG N 150 -8.39 -78.42 -43.20
CA ARG N 150 -8.82 -79.29 -42.12
C ARG N 150 -9.18 -78.47 -40.87
N LEU N 151 -8.31 -77.53 -40.52
CA LEU N 151 -8.55 -76.72 -39.33
C LEU N 151 -9.80 -75.87 -39.46
N LEU N 152 -10.02 -75.28 -40.64
CA LEU N 152 -11.20 -74.43 -40.79
C LEU N 152 -12.47 -75.24 -40.60
N ARG N 153 -12.46 -76.49 -41.05
CA ARG N 153 -13.61 -77.35 -40.74
C ARG N 153 -13.79 -77.53 -39.24
N ASP N 154 -12.71 -77.95 -38.59
CA ASP N 154 -12.81 -78.33 -37.19
C ASP N 154 -13.31 -77.18 -36.33
N TRP N 155 -12.87 -75.97 -36.62
CA TRP N 155 -13.22 -74.81 -35.81
C TRP N 155 -14.73 -74.57 -35.80
N ASN N 156 -15.35 -74.57 -36.99
CA ASN N 156 -16.80 -74.40 -37.08
C ASN N 156 -17.52 -75.50 -36.32
N ASP N 157 -17.07 -76.73 -36.51
CA ASP N 157 -17.75 -77.87 -35.89
C ASP N 157 -17.80 -77.68 -34.38
N VAL N 158 -16.62 -77.46 -33.77
CA VAL N 158 -16.54 -77.41 -32.32
C VAL N 158 -17.27 -76.18 -31.78
N GLN N 159 -17.23 -75.05 -32.49
CA GLN N 159 -17.96 -73.87 -32.01
C GLN N 159 -19.45 -74.14 -31.92
N GLY N 160 -20.04 -74.66 -33.00
CA GLY N 160 -21.46 -74.95 -32.98
C GLY N 160 -21.83 -75.91 -31.86
N ARG N 161 -21.04 -76.97 -31.71
CA ARG N 161 -21.35 -77.97 -30.69
C ARG N 161 -21.25 -77.39 -29.29
N PHE N 162 -20.24 -76.57 -29.02
CA PHE N 162 -20.10 -75.97 -27.68
C PHE N 162 -21.30 -75.09 -27.37
N GLU N 163 -21.77 -74.34 -28.36
CA GLU N 163 -22.98 -73.56 -28.13
C GLU N 163 -24.17 -74.46 -27.77
N LYS N 164 -24.34 -75.54 -28.53
CA LYS N 164 -25.49 -76.41 -28.29
C LYS N 164 -25.42 -77.02 -26.91
N CYS N 165 -24.20 -77.38 -26.48
CA CYS N 165 -23.99 -77.95 -25.16
C CYS N 165 -24.34 -76.94 -24.07
N VAL N 166 -23.95 -75.68 -24.24
CA VAL N 166 -24.32 -74.66 -23.26
C VAL N 166 -25.84 -74.56 -23.18
N SER N 167 -26.50 -74.63 -24.33
CA SER N 167 -27.96 -74.60 -24.36
C SER N 167 -28.56 -75.72 -23.54
N ALA N 168 -28.10 -76.95 -23.77
CA ALA N 168 -28.64 -78.10 -23.04
C ALA N 168 -28.36 -77.99 -21.55
N LYS N 169 -27.16 -77.50 -21.19
CA LYS N 169 -26.79 -77.34 -19.79
C LYS N 169 -27.75 -76.38 -19.10
N GLU N 170 -28.15 -75.31 -19.78
CA GLU N 170 -29.16 -74.44 -19.21
C GLU N 170 -30.55 -75.09 -19.20
N ALA N 171 -30.79 -76.05 -20.09
CA ALA N 171 -32.11 -76.70 -20.17
C ALA N 171 -32.34 -77.74 -19.08
N LEU N 172 -31.26 -78.35 -18.58
CA LEU N 172 -31.37 -79.59 -17.81
C LEU N 172 -32.18 -79.43 -16.52
N GLU N 173 -31.93 -78.37 -15.76
CA GLU N 173 -32.30 -78.34 -14.35
C GLU N 173 -33.81 -78.35 -14.15
N THR N 174 -34.54 -77.65 -15.01
CA THR N 174 -35.99 -77.65 -14.89
C THR N 174 -36.56 -79.03 -15.17
N ASP N 175 -35.99 -79.74 -16.13
CA ASP N 175 -36.36 -81.13 -16.34
C ASP N 175 -36.24 -81.90 -15.06
N LEU N 176 -35.09 -81.74 -14.42
CA LEU N 176 -34.80 -82.47 -13.20
C LEU N 176 -35.83 -82.14 -12.13
N TYR N 177 -36.13 -80.85 -11.97
CA TYR N 177 -36.94 -80.43 -10.84
C TYR N 177 -38.41 -80.77 -11.05
N LYS N 178 -38.89 -80.74 -12.29
CA LYS N 178 -40.24 -81.24 -12.51
C LYS N 178 -40.28 -82.73 -12.17
N ARG N 179 -39.27 -83.45 -12.65
CA ARG N 179 -39.19 -84.88 -12.40
C ARG N 179 -39.26 -85.17 -10.91
N PHE N 180 -38.56 -84.37 -10.11
CA PHE N 180 -38.58 -84.58 -8.66
C PHE N 180 -39.95 -84.23 -8.08
N ILE N 181 -40.37 -82.99 -8.26
CA ILE N 181 -41.36 -82.37 -7.40
C ILE N 181 -42.64 -83.18 -7.38
N LEU N 182 -42.98 -83.82 -8.49
CA LEU N 182 -44.06 -84.78 -8.56
C LEU N 182 -43.82 -86.00 -7.65
N VAL N 183 -42.67 -86.68 -7.78
CA VAL N 183 -42.27 -87.79 -6.90
C VAL N 183 -42.30 -87.36 -5.45
N LEU N 184 -41.90 -86.12 -5.17
CA LEU N 184 -41.89 -85.56 -3.82
C LEU N 184 -43.32 -85.42 -3.29
N ASN N 185 -44.24 -84.91 -4.10
CA ASN N 185 -45.66 -84.98 -3.79
C ASN N 185 -46.13 -86.42 -3.57
N GLU N 186 -45.65 -87.37 -4.36
CA GLU N 186 -46.16 -88.73 -4.28
C GLU N 186 -45.74 -89.35 -2.97
N LYS N 187 -44.51 -89.09 -2.56
CA LYS N 187 -44.05 -89.59 -1.29
C LYS N 187 -44.74 -88.85 -0.17
N LYS N 188 -45.03 -87.56 -0.32
CA LYS N 188 -45.92 -86.83 0.60
C LYS N 188 -47.31 -87.44 0.69
N THR N 189 -47.81 -88.01 -0.40
CA THR N 189 -49.04 -88.80 -0.41
C THR N 189 -48.88 -90.04 0.47
N LYS N 190 -47.87 -90.86 0.23
CA LYS N 190 -47.60 -92.05 1.05
C LYS N 190 -47.39 -91.71 2.53
N ILE N 191 -46.71 -90.60 2.80
CA ILE N 191 -46.51 -90.05 4.15
C ILE N 191 -47.86 -89.77 4.79
N ARG N 192 -48.69 -88.93 4.17
CA ARG N 192 -50.00 -88.57 4.73
C ARG N 192 -50.88 -89.80 4.95
N SER N 193 -50.81 -90.78 4.03
CA SER N 193 -51.50 -92.07 4.16
C SER N 193 -51.12 -92.77 5.47
N LEU N 194 -49.83 -93.12 5.63
CA LEU N 194 -49.39 -93.80 6.86
C LEU N 194 -49.63 -92.96 8.10
N HIS N 195 -49.52 -91.63 8.03
CA HIS N 195 -49.75 -90.74 9.16
C HIS N 195 -51.22 -90.75 9.60
N ASN N 196 -52.17 -90.65 8.67
CA ASN N 196 -53.59 -90.79 9.01
C ASN N 196 -53.87 -92.20 9.55
N LYS N 197 -53.28 -93.25 8.99
CA LYS N 197 -53.41 -94.61 9.55
C LYS N 197 -52.89 -94.65 10.98
N LEU N 198 -51.75 -94.02 11.28
CA LEU N 198 -51.19 -93.96 12.63
C LEU N 198 -52.14 -93.24 13.58
N LEU N 199 -52.73 -92.11 13.17
CA LEU N 199 -53.70 -91.39 14.01
C LEU N 199 -55.00 -92.18 14.21
N ASN N 200 -55.45 -92.95 13.22
CA ASN N 200 -56.59 -93.86 13.37
C ASN N 200 -56.28 -95.11 14.22
N ALA N 201 -55.03 -95.58 14.20
CA ALA N 201 -54.58 -96.79 14.90
C ALA N 201 -53.08 -96.71 15.23
N SER P 656 -6.17 72.77 27.94
CA SER P 656 -5.97 74.11 27.42
C SER P 656 -7.24 74.72 26.86
N ASN P 657 -7.72 75.78 27.50
CA ASN P 657 -8.87 76.53 27.05
C ASN P 657 -8.49 77.59 26.03
N ILE P 658 -7.20 77.68 25.70
CA ILE P 658 -6.71 78.68 24.76
C ILE P 658 -7.09 78.35 23.33
N PHE P 659 -6.78 77.14 22.89
CA PHE P 659 -6.83 76.80 21.48
C PHE P 659 -8.24 76.50 21.00
N GLU P 660 -9.22 76.60 21.89
CA GLU P 660 -10.62 76.69 21.51
C GLU P 660 -10.86 77.95 20.71
N ASP P 661 -11.94 77.96 19.92
CA ASP P 661 -12.35 79.10 19.09
C ASP P 661 -11.38 79.34 17.94
N VAL P 662 -10.37 78.49 17.78
CA VAL P 662 -9.45 78.66 16.68
C VAL P 662 -9.50 77.42 15.80
N GLU P 663 -9.65 77.64 14.49
CA GLU P 663 -9.95 76.57 13.56
C GLU P 663 -8.69 76.08 12.87
N PHE P 664 -8.54 74.75 12.86
CA PHE P 664 -7.31 74.12 12.46
C PHE P 664 -7.58 73.16 11.31
N CYS P 665 -6.50 72.81 10.60
CA CYS P 665 -6.56 71.80 9.56
C CYS P 665 -5.26 71.02 9.59
N VAL P 666 -5.25 69.90 10.31
CA VAL P 666 -4.03 69.08 10.46
C VAL P 666 -4.18 67.92 9.50
N MET P 667 -3.38 67.95 8.44
CA MET P 667 -3.72 67.15 7.27
C MET P 667 -2.49 66.56 6.59
N SER P 668 -1.32 66.72 7.21
CA SER P 668 -0.22 65.76 7.08
C SER P 668 0.62 65.84 8.35
N GLY P 669 1.50 64.87 8.52
CA GLY P 669 2.17 64.73 9.80
C GLY P 669 2.46 63.29 10.20
N THR P 670 2.13 62.35 9.32
CA THR P 670 2.44 60.94 9.55
C THR P 670 3.92 60.73 9.80
N GLN P 673 5.36 60.99 13.38
CA GLN P 673 4.43 61.68 14.28
C GLN P 673 3.03 61.08 14.15
N PRO P 674 2.37 60.85 15.28
CA PRO P 674 1.05 60.21 15.23
C PRO P 674 0.00 61.14 14.65
N LYS P 675 -0.04 61.17 13.31
CA LYS P 675 -1.02 61.91 12.53
C LYS P 675 -2.40 61.98 13.18
N PRO P 676 -3.11 60.87 13.39
CA PRO P 676 -4.45 61.00 13.99
C PRO P 676 -4.39 61.59 15.38
N ASP P 677 -3.35 61.26 16.15
CA ASP P 677 -3.22 61.79 17.49
C ASP P 677 -2.94 63.29 17.50
N LEU P 678 -2.48 63.84 16.38
CA LEU P 678 -2.20 65.26 16.33
C LEU P 678 -3.47 66.07 16.60
N GLU P 679 -4.57 65.71 15.94
CA GLU P 679 -5.84 66.37 16.26
C GLU P 679 -6.30 66.02 17.67
N ASN P 680 -6.08 64.77 18.10
CA ASN P 680 -6.42 64.41 19.47
C ASN P 680 -5.64 65.26 20.45
N ARG P 681 -4.36 65.48 20.17
CA ARG P 681 -3.56 66.42 20.94
C ARG P 681 -4.17 67.82 20.88
N ILE P 682 -4.74 68.17 19.73
CA ILE P 682 -5.40 69.46 19.60
C ILE P 682 -6.76 69.47 20.26
N ALA P 683 -7.49 68.36 20.13
CA ALA P 683 -8.83 68.29 20.71
C ALA P 683 -8.79 68.61 22.19
N GLU P 684 -7.83 68.05 22.92
CA GLU P 684 -7.70 68.37 24.33
C GLU P 684 -7.28 69.80 24.56
N PHE P 685 -6.72 70.45 23.55
CA PHE P 685 -6.53 71.88 23.59
C PHE P 685 -7.73 72.61 23.01
N GLY P 686 -8.75 71.87 22.59
CA GLY P 686 -9.96 72.46 22.10
C GLY P 686 -9.84 73.13 20.76
N GLY P 687 -8.74 72.88 20.06
CA GLY P 687 -8.60 73.46 18.74
C GLY P 687 -9.71 73.05 17.80
N TYR P 688 -10.31 74.04 17.13
CA TYR P 688 -11.42 73.76 16.24
C TYR P 688 -10.93 73.10 14.97
N ILE P 689 -10.85 71.77 14.96
CA ILE P 689 -10.39 71.08 13.76
C ILE P 689 -11.36 71.35 12.62
N VAL P 690 -10.83 71.90 11.53
CA VAL P 690 -11.53 71.95 10.26
C VAL P 690 -10.94 70.83 9.40
N GLN P 691 -11.53 69.64 9.51
CA GLN P 691 -10.85 68.44 9.04
C GLN P 691 -10.65 68.50 7.53
N ASN P 692 -11.35 69.42 6.87
CA ASN P 692 -11.01 69.79 5.51
C ASN P 692 -11.15 71.30 5.40
N PRO P 693 -10.12 71.98 4.91
CA PRO P 693 -10.11 73.44 4.98
C PRO P 693 -11.11 74.12 4.05
N GLY P 694 -11.98 74.94 4.64
CA GLY P 694 -12.90 75.83 3.94
C GLY P 694 -12.40 77.27 3.91
N PRO P 695 -13.16 78.22 3.38
CA PRO P 695 -12.88 79.66 3.53
C PRO P 695 -12.94 80.14 4.97
N ASP P 696 -13.66 79.44 5.84
CA ASP P 696 -13.73 79.86 7.24
C ASP P 696 -12.40 79.65 7.95
N THR P 697 -11.76 78.49 7.75
CA THR P 697 -10.44 78.26 8.30
C THR P 697 -9.39 78.88 7.39
N TYR P 698 -8.28 79.26 7.98
CA TYR P 698 -7.25 79.92 7.19
C TYR P 698 -5.92 79.20 7.30
N CYS P 699 -5.61 78.63 8.46
CA CYS P 699 -4.35 77.97 8.70
C CYS P 699 -4.51 76.48 8.52
N VAL P 700 -3.62 75.89 7.73
CA VAL P 700 -3.61 74.45 7.47
C VAL P 700 -2.20 73.93 7.74
N ILE P 701 -2.11 72.89 8.55
CA ILE P 701 -0.83 72.38 9.03
C ILE P 701 -0.49 71.14 8.24
N ALA P 702 0.74 71.10 7.72
CA ALA P 702 1.18 69.95 6.96
C ALA P 702 2.47 69.43 7.57
N GLY P 703 2.44 68.17 8.00
CA GLY P 703 3.65 67.45 8.34
C GLY P 703 4.49 67.18 7.11
N SER P 704 3.83 66.93 5.99
CA SER P 704 4.50 66.69 4.73
C SER P 704 3.62 67.18 3.59
N GLU P 705 4.26 67.46 2.45
CA GLU P 705 3.54 67.99 1.30
C GLU P 705 2.75 66.90 0.61
N ASN P 706 1.74 67.31 -0.13
CA ASN P 706 1.22 66.57 -1.26
C ASN P 706 0.88 67.57 -2.35
N ILE P 707 0.42 67.06 -3.49
CA ILE P 707 0.01 67.99 -4.54
C ILE P 707 -1.20 68.79 -4.10
N ARG P 708 -2.02 68.25 -3.20
CA ARG P 708 -3.05 69.08 -2.59
C ARG P 708 -2.44 70.22 -1.80
N VAL P 709 -1.41 69.94 -1.01
CA VAL P 709 -0.58 71.02 -0.52
C VAL P 709 -0.31 71.98 -1.66
N LYS P 710 0.24 71.45 -2.74
CA LYS P 710 0.43 72.26 -3.93
C LYS P 710 -0.87 72.89 -4.37
N ASN P 711 -1.97 72.13 -4.36
CA ASN P 711 -3.24 72.71 -4.74
C ASN P 711 -3.56 73.92 -3.87
N ILE P 712 -3.52 73.72 -2.56
CA ILE P 712 -3.75 74.85 -1.68
C ILE P 712 -2.55 75.75 -1.66
N ILE P 713 -1.40 75.24 -2.06
CA ILE P 713 -0.34 76.16 -2.44
C ILE P 713 -0.76 76.90 -3.71
N LEU P 714 -1.22 76.14 -4.71
CA LEU P 714 -1.74 76.77 -5.92
C LEU P 714 -2.99 77.56 -5.62
N SER P 715 -3.67 77.27 -4.51
CA SER P 715 -4.80 78.05 -4.05
C SER P 715 -4.35 78.79 -2.80
N ASN P 716 -3.67 79.91 -3.01
CA ASN P 716 -3.11 80.72 -1.93
C ASN P 716 -4.18 81.30 -1.04
N LYS P 717 -5.45 81.04 -1.29
CA LYS P 717 -6.52 81.49 -0.40
C LYS P 717 -6.35 80.89 0.98
N HIS P 718 -5.33 80.06 1.16
CA HIS P 718 -5.04 79.47 2.44
C HIS P 718 -3.55 79.63 2.75
N ASP P 719 -3.24 79.62 4.06
CA ASP P 719 -1.90 79.82 4.63
C ASP P 719 -1.37 78.51 5.21
N VAL P 720 -0.25 78.03 4.69
CA VAL P 720 0.13 76.63 4.84
C VAL P 720 1.39 76.51 5.69
N VAL P 721 1.20 75.75 6.76
CA VAL P 721 1.92 75.86 8.01
C VAL P 721 2.77 74.63 8.25
N LYS P 722 3.98 74.82 8.72
CA LYS P 722 4.84 73.72 9.14
C LYS P 722 4.49 73.26 10.58
N PRO P 723 4.67 71.97 10.89
CA PRO P 723 4.08 71.27 12.03
C PRO P 723 4.72 71.66 13.35
N ALA P 724 6.04 71.88 13.38
CA ALA P 724 6.74 72.01 14.64
C ALA P 724 6.27 73.22 15.44
N TRP P 725 5.86 74.27 14.75
CA TRP P 725 5.50 75.49 15.46
C TRP P 725 4.31 75.28 16.38
N LEU P 726 3.31 74.52 15.95
CA LEU P 726 2.21 74.26 16.87
C LEU P 726 2.67 73.42 18.04
N LEU P 727 3.49 72.40 17.77
CA LEU P 727 4.17 71.71 18.84
C LEU P 727 4.88 72.71 19.73
N GLU P 728 5.59 73.64 19.11
CA GLU P 728 6.13 74.78 19.83
C GLU P 728 5.05 75.49 20.62
N CYS P 729 3.96 75.87 19.96
CA CYS P 729 2.87 76.51 20.68
C CYS P 729 2.34 75.59 21.77
N PHE P 730 2.18 74.31 21.46
CA PHE P 730 1.77 73.36 22.48
C PHE P 730 2.79 73.24 23.59
N LYS P 731 4.07 73.17 23.25
CA LYS P 731 5.10 73.18 24.27
C LYS P 731 5.23 74.53 24.96
N THR P 732 4.78 75.60 24.31
CA THR P 732 4.65 76.87 25.03
C THR P 732 3.39 76.93 25.86
N LYS P 733 2.52 75.92 25.75
CA LYS P 733 1.19 75.96 26.37
C LYS P 733 0.42 77.19 25.90
N SER P 734 0.90 77.82 24.84
CA SER P 734 0.37 79.10 24.42
C SER P 734 0.57 79.24 22.92
N PHE P 735 -0.41 79.83 22.27
CA PHE P 735 -0.31 80.13 20.85
C PHE P 735 0.87 81.05 20.60
N VAL P 736 1.94 80.57 19.96
CA VAL P 736 3.03 81.43 19.51
C VAL P 736 2.56 82.05 18.21
N PRO P 737 2.49 83.35 18.04
CA PRO P 737 2.04 84.01 16.80
C PRO P 737 2.95 83.64 15.65
N TRP P 738 2.41 83.28 14.47
CA TRP P 738 3.22 82.53 13.51
C TRP P 738 4.26 83.43 12.82
N GLN P 739 5.51 82.99 12.78
CA GLN P 739 6.62 83.71 12.15
C GLN P 739 7.13 82.87 11.00
N PRO P 740 7.29 83.37 9.75
CA PRO P 740 7.31 82.52 8.54
C PRO P 740 8.38 81.41 8.45
N ARG P 741 9.37 81.44 9.34
CA ARG P 741 10.22 80.30 9.72
C ARG P 741 9.44 79.03 10.04
N PHE P 742 8.19 79.20 10.42
CA PHE P 742 7.21 78.18 10.80
C PHE P 742 6.29 77.76 9.66
N MET P 743 6.40 78.39 8.50
CA MET P 743 5.45 78.22 7.39
C MET P 743 6.13 77.57 6.21
N ILE P 744 5.37 77.29 5.15
CA ILE P 744 5.96 77.27 3.84
C ILE P 744 5.46 78.45 3.02
N HIS P 745 4.16 78.72 2.92
CA HIS P 745 3.64 79.79 2.06
C HIS P 745 2.30 80.33 2.52
N MET P 746 1.99 81.56 2.13
CA MET P 746 0.91 82.35 2.72
C MET P 746 0.27 83.34 1.76
N CYS P 747 -0.98 83.69 2.00
CA CYS P 747 -1.61 84.81 1.34
C CYS P 747 -0.89 86.10 1.72
N PRO P 748 -0.88 87.13 0.88
CA PRO P 748 -0.08 88.32 1.12
C PRO P 748 -0.42 89.04 2.42
N SER P 749 -1.61 88.83 2.99
CA SER P 749 -2.02 89.61 4.16
C SER P 749 -1.06 89.36 5.33
N THR P 750 -0.56 88.14 5.41
CA THR P 750 0.53 87.81 6.33
C THR P 750 1.77 88.67 6.08
N LYS P 751 2.08 88.89 4.82
CA LYS P 751 3.24 89.62 4.33
C LYS P 751 3.09 91.10 4.63
N GLU P 752 1.91 91.69 4.45
CA GLU P 752 1.74 93.05 4.95
C GLU P 752 1.95 93.09 6.46
N HIS P 753 1.56 92.07 7.22
CA HIS P 753 1.98 91.83 8.61
C HIS P 753 3.49 91.78 8.87
N PHE P 754 4.36 91.70 7.85
CA PHE P 754 5.77 91.32 7.93
C PHE P 754 6.51 92.07 9.01
N ALA P 755 6.22 93.36 9.18
CA ALA P 755 6.88 94.19 10.21
C ALA P 755 6.68 93.67 11.63
N ARG P 756 5.75 92.74 11.74
CA ARG P 756 4.84 92.33 12.82
C ARG P 756 3.61 93.25 12.78
N GLU P 757 3.55 94.05 11.71
CA GLU P 757 2.68 95.15 11.32
C GLU P 757 2.88 95.40 9.81
N TYR P 758 2.05 96.31 9.28
CA TYR P 758 1.76 96.66 7.89
C TYR P 758 2.86 97.37 7.07
N ASP P 759 4.07 96.84 6.86
CA ASP P 759 4.98 97.44 5.83
C ASP P 759 6.13 96.59 5.19
N CYS P 760 5.86 95.43 4.55
CA CYS P 760 6.76 94.83 3.53
C CYS P 760 6.04 93.77 2.64
N TYR P 761 6.83 92.94 1.95
CA TYR P 761 6.44 91.77 1.15
C TYR P 761 7.51 90.64 1.10
N GLY P 762 8.74 90.84 1.55
CA GLY P 762 9.90 89.94 1.33
C GLY P 762 10.58 89.36 2.59
N ASP P 763 11.82 88.87 2.46
CA ASP P 763 12.69 88.43 3.58
C ASP P 763 14.20 88.67 3.27
N SER P 764 15.13 87.90 3.85
CA SER P 764 16.53 88.29 4.18
C SER P 764 16.57 89.34 5.30
N TYR P 765 15.49 89.38 6.08
CA TYR P 765 15.10 90.47 6.97
C TYR P 765 14.58 89.97 8.34
N PHE P 766 13.88 88.85 8.39
CA PHE P 766 12.96 88.50 9.47
C PHE P 766 13.62 87.55 10.48
N ILE P 767 14.42 88.14 11.38
CA ILE P 767 15.35 87.43 12.27
C ILE P 767 15.51 88.15 13.63
N ASP P 768 15.72 87.39 14.69
CA ASP P 768 15.62 87.83 16.09
C ASP P 768 16.80 87.39 16.97
N THR P 769 18.00 87.94 16.72
CA THR P 769 19.18 87.92 17.63
C THR P 769 19.92 86.57 17.76
N ASP P 770 19.73 85.62 16.85
CA ASP P 770 19.93 84.22 17.16
C ASP P 770 20.88 83.57 16.16
N LEU P 771 21.19 82.31 16.43
CA LEU P 771 22.31 81.64 15.78
C LEU P 771 21.85 80.43 14.99
N ASN P 772 21.04 79.57 15.63
CA ASN P 772 20.73 78.26 15.06
C ASN P 772 19.98 78.39 13.75
N GLN P 773 19.18 79.45 13.62
CA GLN P 773 18.25 79.53 12.51
C GLN P 773 18.94 79.88 11.20
N LEU P 774 20.06 80.61 11.27
CA LEU P 774 20.73 81.02 10.05
C LEU P 774 21.46 79.87 9.39
N LYS P 775 21.50 78.71 10.05
CA LYS P 775 22.21 77.57 9.48
C LYS P 775 21.60 77.15 8.15
N GLU P 776 20.39 76.61 8.20
CA GLU P 776 19.74 76.11 6.99
C GLU P 776 19.17 77.26 6.17
N VAL P 777 18.91 78.41 6.82
CA VAL P 777 18.44 79.58 6.09
C VAL P 777 19.45 80.03 5.07
N PHE P 778 20.74 80.02 5.42
CA PHE P 778 21.74 80.38 4.41
C PHE P 778 21.69 79.41 3.24
N SER P 779 21.61 78.10 3.53
CA SER P 779 21.64 77.10 2.47
C SER P 779 20.39 77.17 1.60
N GLY P 780 19.29 77.68 2.14
CA GLY P 780 18.09 77.82 1.35
C GLY P 780 18.07 79.07 0.49
N ILE P 781 19.12 79.89 0.59
CA ILE P 781 19.21 81.10 -0.21
C ILE P 781 19.28 80.74 -1.68
N LYS P 782 18.50 81.44 -2.50
CA LYS P 782 18.48 81.23 -3.94
C LYS P 782 19.77 81.72 -4.57
N ASN P 783 20.73 80.82 -4.79
CA ASN P 783 21.96 81.14 -5.48
C ASN P 783 22.74 82.25 -4.78
N SER P 784 23.31 81.97 -3.61
CA SER P 784 23.96 83.00 -2.82
C SER P 784 25.27 83.45 -3.47
N ASN P 785 25.15 83.95 -4.70
CA ASN P 785 26.21 84.64 -5.42
C ASN P 785 25.59 85.88 -6.07
N GLU P 786 24.86 86.63 -5.23
CA GLU P 786 23.73 87.42 -5.71
C GLU P 786 24.17 88.62 -6.54
N GLN P 787 24.88 89.57 -5.93
CA GLN P 787 25.09 90.87 -6.55
C GLN P 787 26.54 91.29 -6.45
N THR P 788 27.02 91.97 -7.50
CA THR P 788 28.38 92.45 -7.65
C THR P 788 29.41 91.39 -7.24
N PRO P 789 29.36 90.20 -7.85
CA PRO P 789 30.16 89.09 -7.32
C PRO P 789 31.49 88.84 -8.02
N GLU P 790 31.92 89.72 -8.93
CA GLU P 790 33.08 89.42 -9.77
C GLU P 790 34.30 90.26 -9.43
N GLU P 791 34.21 91.58 -9.51
CA GLU P 791 35.37 92.42 -9.21
C GLU P 791 35.50 92.55 -7.71
N MET P 792 36.53 91.94 -7.14
CA MET P 792 36.50 91.57 -5.74
C MET P 792 37.78 91.92 -4.99
N ALA P 793 38.85 92.23 -5.73
CA ALA P 793 40.15 92.45 -5.09
C ALA P 793 40.10 93.61 -4.11
N SER P 794 39.61 94.77 -4.54
CA SER P 794 39.50 95.91 -3.64
C SER P 794 38.31 95.76 -2.70
N LEU P 795 37.32 94.96 -3.08
CA LEU P 795 36.10 94.80 -2.32
C LEU P 795 36.15 93.67 -1.31
N ILE P 796 37.36 93.22 -0.95
CA ILE P 796 37.56 92.33 0.18
C ILE P 796 38.26 93.06 1.33
N ALA P 797 39.35 93.76 1.01
CA ALA P 797 40.06 94.53 2.03
C ALA P 797 39.16 95.56 2.66
N ASP P 798 38.36 96.24 1.85
CA ASP P 798 37.35 97.15 2.39
C ASP P 798 36.42 96.42 3.34
N LEU P 799 35.97 95.23 2.95
CA LEU P 799 35.16 94.41 3.85
C LEU P 799 35.93 94.09 5.13
N GLU P 800 37.21 93.73 4.99
CA GLU P 800 38.04 93.54 6.17
C GLU P 800 38.23 94.85 6.90
N TYR P 801 38.51 95.92 6.17
CA TYR P 801 38.74 97.22 6.79
C TYR P 801 37.48 97.76 7.44
N ARG P 802 36.36 97.75 6.72
CA ARG P 802 35.13 98.34 7.25
C ARG P 802 34.60 97.56 8.45
N TYR P 803 34.56 96.23 8.35
CA TYR P 803 33.93 95.40 9.35
C TYR P 803 34.95 94.71 10.25
N SER P 804 36.20 95.17 10.23
CA SER P 804 37.23 94.65 11.11
C SER P 804 37.30 93.12 11.03
N TRP P 805 37.39 92.60 9.81
CA TRP P 805 37.78 91.21 9.67
C TRP P 805 39.19 91.00 10.24
N ASP P 806 39.96 92.07 10.34
CA ASP P 806 41.36 92.03 10.73
C ASP P 806 41.57 91.88 12.23
N CYS P 807 40.53 91.99 13.04
CA CYS P 807 40.69 91.81 14.49
C CYS P 807 40.38 90.38 14.92
N SER P 808 41.15 89.42 14.39
CA SER P 808 40.94 88.01 14.68
C SER P 808 42.26 87.26 14.48
N PRO P 809 42.48 86.17 15.25
CA PRO P 809 43.76 85.44 15.11
C PRO P 809 44.02 84.86 13.74
N LEU P 810 42.98 84.45 13.01
CA LEU P 810 43.13 83.86 11.69
C LEU P 810 43.45 84.90 10.61
N SER P 811 43.70 86.15 11.02
CA SER P 811 44.10 87.20 10.10
C SER P 811 45.24 88.03 10.67
N MET P 812 45.98 87.49 11.64
CA MET P 812 47.05 88.24 12.27
C MET P 812 48.23 88.47 11.33
N PHE P 813 48.26 87.78 10.20
CA PHE P 813 49.23 88.04 9.16
C PHE P 813 48.64 88.80 7.97
N ARG P 814 47.51 89.47 8.17
CA ARG P 814 46.85 90.15 7.06
C ARG P 814 47.75 91.18 6.41
N ARG P 815 48.45 92.00 7.19
CA ARG P 815 49.26 93.09 6.67
C ARG P 815 50.75 92.74 6.64
N HIS P 816 51.08 91.49 6.34
CA HIS P 816 52.47 91.06 6.20
C HIS P 816 52.70 90.54 4.79
N THR P 817 53.79 90.96 4.18
CA THR P 817 54.28 90.35 2.95
C THR P 817 55.28 89.26 3.31
N VAL P 818 55.10 88.08 2.74
CA VAL P 818 56.00 86.96 3.00
C VAL P 818 56.46 86.39 1.68
N TYR P 819 57.78 86.35 1.47
CA TYR P 819 58.38 85.54 0.42
C TYR P 819 58.98 84.30 1.06
N LEU P 820 58.73 83.15 0.43
CA LEU P 820 59.11 81.86 0.99
C LEU P 820 60.29 81.30 0.24
N ASP P 821 61.26 80.75 0.97
CA ASP P 821 62.46 80.14 0.39
C ASP P 821 62.21 78.72 -0.09
N SER P 822 61.20 78.51 -0.94
CA SER P 822 60.92 77.21 -1.51
C SER P 822 61.49 77.05 -2.91
N TYR P 823 62.33 77.97 -3.35
CA TYR P 823 62.92 77.94 -4.68
C TYR P 823 64.42 77.82 -4.54
N ALA P 824 65.01 76.87 -5.28
CA ALA P 824 66.47 76.71 -5.24
C ALA P 824 67.17 77.95 -5.76
N VAL P 825 66.53 78.69 -6.66
CA VAL P 825 67.05 79.95 -7.17
C VAL P 825 66.02 81.03 -6.85
N ILE P 826 66.50 82.14 -6.27
CA ILE P 826 65.60 83.22 -5.87
C ILE P 826 64.92 83.79 -7.12
N ASN P 827 63.60 83.94 -7.04
CA ASN P 827 62.74 84.47 -8.10
C ASN P 827 62.71 83.60 -9.34
N ASP P 828 63.15 82.35 -9.25
CA ASP P 828 62.97 81.39 -10.33
C ASP P 828 61.83 80.47 -9.92
N LEU P 829 60.68 80.66 -10.55
CA LEU P 829 59.42 80.06 -10.09
C LEU P 829 59.40 78.55 -10.19
N SER P 830 60.30 77.94 -10.96
CA SER P 830 60.29 76.51 -11.17
C SER P 830 61.56 75.86 -10.63
N THR P 831 62.26 76.57 -9.75
CA THR P 831 63.31 75.94 -8.96
C THR P 831 62.69 75.48 -7.65
N LYS P 832 61.41 75.15 -7.70
CA LYS P 832 60.63 74.82 -6.52
C LYS P 832 61.24 73.62 -5.78
N ASN P 833 61.26 73.71 -4.47
CA ASN P 833 61.74 72.65 -3.59
C ASN P 833 60.57 71.96 -2.88
N GLU P 834 59.48 71.74 -3.61
CA GLU P 834 58.25 71.20 -3.06
C GLU P 834 58.50 69.87 -2.34
N GLY P 835 57.57 69.51 -1.47
CA GLY P 835 57.72 68.38 -0.58
C GLY P 835 58.34 68.72 0.77
N THR P 836 58.79 69.95 0.96
CA THR P 836 59.29 70.36 2.26
C THR P 836 58.13 70.67 3.20
N ARG P 837 58.45 70.83 4.49
CA ARG P 837 57.46 71.31 5.44
C ARG P 837 57.19 72.81 5.30
N LEU P 838 57.96 73.51 4.45
CA LEU P 838 57.66 74.91 4.15
C LEU P 838 56.31 75.05 3.45
N ALA P 839 55.87 74.02 2.74
CA ALA P 839 54.58 74.09 2.06
C ALA P 839 53.44 74.24 3.05
N ILE P 840 53.53 73.55 4.19
CA ILE P 840 52.52 73.70 5.23
C ILE P 840 52.55 75.10 5.82
N LYS P 841 53.74 75.66 5.97
CA LYS P 841 53.86 77.04 6.43
C LYS P 841 53.17 78.01 5.48
N ALA P 842 53.23 77.74 4.17
CA ALA P 842 52.48 78.56 3.21
C ALA P 842 50.99 78.48 3.48
N LEU P 843 50.47 77.29 3.74
CA LEU P 843 49.07 77.14 4.08
C LEU P 843 48.73 77.95 5.33
N GLU P 844 49.52 77.79 6.39
CA GLU P 844 49.25 78.46 7.65
C GLU P 844 49.23 79.97 7.48
N LEU P 845 50.22 80.53 6.80
CA LEU P 845 50.29 81.97 6.58
C LEU P 845 49.05 82.47 5.85
N ARG P 846 48.73 81.84 4.73
CA ARG P 846 47.54 82.23 3.98
C ARG P 846 46.29 82.09 4.84
N PHE P 847 46.18 80.97 5.56
CA PHE P 847 45.00 80.76 6.37
C PHE P 847 44.94 81.78 7.50
N HIS P 848 46.10 82.22 7.98
CA HIS P 848 46.17 83.29 8.95
C HIS P 848 46.36 84.66 8.30
N GLY P 849 45.96 84.79 7.04
CA GLY P 849 45.84 86.09 6.42
C GLY P 849 47.08 86.62 5.74
N ALA P 850 48.22 85.95 5.86
CA ALA P 850 49.39 86.41 5.14
C ALA P 850 49.16 86.30 3.64
N LYS P 851 49.67 87.29 2.89
CA LYS P 851 49.59 87.22 1.44
C LYS P 851 50.94 86.69 0.96
N VAL P 852 50.92 85.43 0.56
CA VAL P 852 52.13 84.75 0.14
C VAL P 852 52.45 85.14 -1.31
N VAL P 853 53.70 85.54 -1.54
CA VAL P 853 54.12 85.97 -2.86
C VAL P 853 55.21 85.03 -3.37
N SER P 854 55.20 84.79 -4.68
CA SER P 854 56.17 83.92 -5.33
C SER P 854 57.33 84.67 -5.94
N CYS P 855 57.38 86.00 -5.80
CA CYS P 855 58.44 86.81 -6.37
C CYS P 855 58.90 87.82 -5.32
N LEU P 856 60.22 87.90 -5.13
CA LEU P 856 60.82 88.82 -4.15
C LEU P 856 61.00 90.18 -4.83
N ALA P 857 59.88 90.90 -4.95
CA ALA P 857 59.86 92.22 -5.56
C ALA P 857 60.02 93.30 -4.50
N GLU P 858 59.91 94.55 -4.92
CA GLU P 858 60.11 95.67 -4.01
C GLU P 858 59.00 95.76 -2.95
N GLY P 859 57.91 95.03 -3.11
CA GLY P 859 56.83 95.04 -2.14
C GLY P 859 56.91 94.01 -1.05
N VAL P 860 58.07 93.39 -0.82
CA VAL P 860 58.19 92.31 0.14
C VAL P 860 58.67 92.84 1.48
N SER P 861 58.08 92.32 2.56
CA SER P 861 58.39 92.74 3.92
C SER P 861 59.02 91.64 4.77
N HIS P 862 58.75 90.37 4.46
CA HIS P 862 59.34 89.27 5.20
C HIS P 862 59.81 88.18 4.24
N VAL P 863 60.89 87.51 4.61
CA VAL P 863 61.35 86.30 3.95
C VAL P 863 61.62 85.25 5.03
N ILE P 864 61.08 84.06 4.83
CA ILE P 864 61.16 82.98 5.80
C ILE P 864 62.15 81.94 5.29
N ILE P 865 63.05 81.50 6.16
CA ILE P 865 64.10 80.54 5.82
C ILE P 865 63.78 79.21 6.47
N GLY P 866 63.91 78.13 5.71
CA GLY P 866 63.77 76.78 6.24
C GLY P 866 65.07 76.23 6.74
N GLU P 867 65.34 74.95 6.44
CA GLU P 867 66.58 74.33 6.90
C GLU P 867 67.77 74.77 6.06
N ASP P 868 67.57 74.98 4.76
CA ASP P 868 68.65 75.26 3.82
C ASP P 868 68.99 76.75 3.90
N HIS P 869 70.17 77.05 4.46
CA HIS P 869 70.68 78.41 4.54
C HIS P 869 71.59 78.76 3.36
N SER P 870 71.49 78.04 2.25
CA SER P 870 72.37 78.24 1.12
C SER P 870 72.13 79.57 0.40
N ARG P 871 71.01 80.23 0.64
CA ARG P 871 70.69 81.47 -0.04
C ARG P 871 70.59 82.67 0.90
N VAL P 872 70.92 82.50 2.18
CA VAL P 872 70.79 83.61 3.13
C VAL P 872 71.73 84.75 2.77
N ALA P 873 72.93 84.43 2.27
CA ALA P 873 73.85 85.46 1.84
C ALA P 873 73.29 86.24 0.65
N ASP P 874 72.64 85.54 -0.28
CA ASP P 874 72.05 86.22 -1.43
C ASP P 874 70.92 87.15 -1.01
N PHE P 875 70.10 86.72 -0.04
CA PHE P 875 69.01 87.56 0.43
C PHE P 875 69.54 88.85 1.06
N LYS P 876 70.59 88.73 1.88
CA LYS P 876 71.16 89.91 2.52
C LYS P 876 71.74 90.88 1.48
N ALA P 877 72.46 90.34 0.50
CA ALA P 877 73.00 91.19 -0.56
C ALA P 877 71.89 91.82 -1.38
N PHE P 878 70.85 91.05 -1.68
CA PHE P 878 69.71 91.59 -2.43
C PHE P 878 68.92 92.59 -1.60
N ARG P 879 69.01 92.47 -0.27
CA ARG P 879 68.28 93.39 0.60
C ARG P 879 68.83 94.81 0.51
N ARG P 880 70.12 94.96 0.21
CA ARG P 880 70.73 96.28 0.14
C ARG P 880 70.19 97.14 -0.99
N THR P 881 69.51 96.54 -1.97
CA THR P 881 68.98 97.29 -3.10
C THR P 881 67.61 97.89 -2.82
N PHE P 882 66.95 97.49 -1.75
CA PHE P 882 65.55 97.79 -1.53
C PHE P 882 65.37 99.15 -0.86
N LYS P 883 64.37 99.90 -1.34
CA LYS P 883 63.98 101.14 -0.66
C LYS P 883 63.33 100.83 0.68
N ARG P 884 62.40 99.89 0.71
CA ARG P 884 61.83 99.37 1.94
C ARG P 884 62.35 97.94 2.13
N LYS P 885 62.97 97.69 3.27
CA LYS P 885 63.80 96.51 3.49
C LYS P 885 62.99 95.42 4.19
N PHE P 886 63.02 94.21 3.64
CA PHE P 886 62.29 93.10 4.21
C PHE P 886 63.06 92.46 5.36
N LYS P 887 62.34 91.81 6.26
CA LYS P 887 62.96 91.08 7.34
C LYS P 887 63.15 89.61 6.96
N ILE P 888 64.18 89.01 7.55
CA ILE P 888 64.50 87.62 7.30
C ILE P 888 64.26 86.85 8.60
N LEU P 889 63.44 85.82 8.54
CA LEU P 889 62.93 85.18 9.75
C LEU P 889 63.08 83.67 9.66
N LYS P 890 63.12 83.04 10.83
CA LYS P 890 63.06 81.60 10.89
C LYS P 890 61.60 81.13 10.90
N GLU P 891 61.42 79.82 10.73
CA GLU P 891 60.09 79.25 10.59
C GLU P 891 59.25 79.43 11.85
N SER P 892 59.87 79.27 13.02
CA SER P 892 59.11 79.19 14.27
C SER P 892 58.34 80.46 14.58
N TRP P 893 58.68 81.57 13.93
CA TRP P 893 57.98 82.82 14.19
C TRP P 893 56.49 82.67 13.99
N VAL P 894 56.08 82.18 12.82
CA VAL P 894 54.67 81.98 12.53
C VAL P 894 54.08 80.88 13.40
N THR P 895 54.80 79.76 13.55
CA THR P 895 54.26 78.65 14.32
C THR P 895 54.01 79.06 15.76
N ASP P 896 55.00 79.73 16.35
CA ASP P 896 54.78 80.31 17.68
C ASP P 896 53.69 81.36 17.63
N SER P 897 53.67 82.15 16.56
CA SER P 897 52.59 83.12 16.40
C SER P 897 51.25 82.41 16.31
N ILE P 898 51.17 81.35 15.51
CA ILE P 898 49.89 80.66 15.33
C ILE P 898 49.52 79.88 16.57
N ASP P 899 50.48 79.16 17.15
CA ASP P 899 50.13 78.23 18.23
C ASP P 899 49.66 78.96 19.48
N LYS P 900 50.11 80.19 19.69
CA LYS P 900 49.62 81.01 20.79
C LYS P 900 48.51 81.97 20.38
N CYS P 901 48.06 81.90 19.12
CA CYS P 901 46.98 82.75 18.61
C CYS P 901 47.30 84.23 18.76
N GLU P 902 48.59 84.57 18.68
CA GLU P 902 49.01 85.95 18.89
C GLU P 902 50.37 86.14 18.23
N LEU P 903 50.56 87.30 17.61
CA LEU P 903 51.79 87.61 16.88
C LEU P 903 53.00 87.61 17.79
N GLN P 904 53.89 86.64 17.64
CA GLN P 904 55.20 86.76 18.26
C GLN P 904 56.10 87.62 17.37
N GLU P 905 56.96 88.39 18.01
CA GLU P 905 57.69 89.45 17.33
C GLU P 905 58.94 88.87 16.68
N GLU P 906 59.33 89.49 15.57
CA GLU P 906 60.25 88.87 14.62
C GLU P 906 61.70 88.90 15.11
N ASN P 907 62.04 89.85 15.99
CA ASN P 907 63.44 90.10 16.31
C ASN P 907 64.15 88.89 16.91
N GLN P 908 63.42 88.02 17.62
CA GLN P 908 64.02 86.78 18.10
C GLN P 908 64.08 85.73 17.02
N TYR P 909 63.36 85.92 15.91
CA TYR P 909 63.37 85.00 14.79
C TYR P 909 64.22 85.48 13.63
N LEU P 910 64.95 86.59 13.80
CA LEU P 910 65.73 87.14 12.70
C LEU P 910 66.85 86.19 12.33
N ILE P 911 67.04 85.99 11.02
CA ILE P 911 68.09 85.15 10.48
C ILE P 911 67.97 83.74 11.03
N SER Q 7 -3.35 22.31 42.74
CA SER Q 7 -3.84 23.30 41.79
C SER Q 7 -3.92 22.71 40.39
N GLN Q 8 -2.90 21.95 40.01
CA GLN Q 8 -2.82 21.33 38.69
C GLN Q 8 -3.58 20.01 38.69
N THR Q 9 -3.64 19.38 37.53
CA THR Q 9 -4.31 18.09 37.36
C THR Q 9 -3.40 17.13 36.61
N VAL Q 10 -3.61 15.84 36.84
CA VAL Q 10 -2.79 14.82 36.20
C VAL Q 10 -3.07 14.77 34.71
N ALA Q 11 -4.34 14.93 34.33
CA ALA Q 11 -4.72 14.88 32.91
C ALA Q 11 -3.99 15.92 32.10
N SER Q 12 -3.61 17.04 32.73
CA SER Q 12 -2.76 18.02 32.07
C SER Q 12 -1.39 17.46 31.77
N HIS Q 13 -0.97 16.41 32.47
CA HIS Q 13 0.34 15.82 32.27
C HIS Q 13 0.29 14.49 31.56
N VAL Q 14 -0.89 13.96 31.29
CA VAL Q 14 -1.05 12.68 30.62
C VAL Q 14 -1.46 12.96 29.18
N PRO Q 15 -0.58 12.78 28.20
CA PRO Q 15 -0.94 13.03 26.80
C PRO Q 15 -2.06 12.12 26.34
N PHE Q 16 -2.87 12.63 25.42
CA PHE Q 16 -3.99 11.86 24.89
C PHE Q 16 -3.51 10.65 24.09
N ALA Q 17 -2.28 10.70 23.58
CA ALA Q 17 -1.74 9.56 22.84
C ALA Q 17 -1.59 8.32 23.73
N ASP Q 18 -1.28 8.52 25.01
CA ASP Q 18 -1.17 7.39 25.92
C ASP Q 18 -2.52 6.70 26.11
N LEU Q 19 -3.58 7.48 26.29
CA LEU Q 19 -4.92 6.91 26.39
C LEU Q 19 -5.31 6.21 25.10
N CYS Q 20 -4.94 6.80 23.95
CA CYS Q 20 -5.22 6.14 22.67
C CYS Q 20 -4.50 4.80 22.57
N SER Q 21 -3.24 4.75 23.00
CA SER Q 21 -2.49 3.50 22.96
C SER Q 21 -3.14 2.45 23.86
N THR Q 22 -3.55 2.86 25.06
CA THR Q 22 -4.21 1.93 25.98
C THR Q 22 -5.51 1.39 25.37
N LEU Q 23 -6.31 2.27 24.78
CA LEU Q 23 -7.56 1.84 24.17
C LEU Q 23 -7.31 0.91 22.98
N GLU Q 24 -6.27 1.21 22.19
CA GLU Q 24 -5.94 0.35 21.06
C GLU Q 24 -5.50 -1.03 21.53
N ARG Q 25 -4.69 -1.09 22.59
CA ARG Q 25 -4.29 -2.38 23.13
C ARG Q 25 -5.50 -3.15 23.65
N ILE Q 26 -6.41 -2.46 24.34
CA ILE Q 26 -7.62 -3.13 24.83
C ILE Q 26 -8.44 -3.68 23.68
N GLN Q 27 -8.62 -2.88 22.63
CA GLN Q 27 -9.42 -3.32 21.47
C GLN Q 27 -8.78 -4.50 20.77
N LYS Q 28 -7.46 -4.46 20.57
CA LYS Q 28 -6.76 -5.55 19.90
C LYS Q 28 -6.62 -6.79 20.78
N SER Q 29 -6.81 -6.66 22.09
CA SER Q 29 -6.74 -7.81 22.97
C SER Q 29 -7.89 -8.77 22.70
N LYS Q 30 -7.57 -10.06 22.60
CA LYS Q 30 -8.59 -11.08 22.37
C LYS Q 30 -9.32 -11.45 23.65
N GLY Q 31 -8.65 -11.31 24.79
CA GLY Q 31 -9.21 -11.79 26.04
C GLY Q 31 -9.60 -10.73 27.05
N ARG Q 32 -10.62 -11.08 27.86
CA ARG Q 32 -10.99 -10.23 28.98
C ARG Q 32 -9.81 -9.97 29.90
N ALA Q 33 -8.99 -11.00 30.12
CA ALA Q 33 -7.81 -10.84 30.97
C ALA Q 33 -6.85 -9.82 30.39
N GLU Q 34 -6.63 -9.87 29.06
CA GLU Q 34 -5.70 -8.93 28.44
C GLU Q 34 -6.23 -7.50 28.47
N LYS Q 35 -7.51 -7.31 28.18
CA LYS Q 35 -8.11 -5.97 28.29
C LYS Q 35 -8.00 -5.46 29.72
N ILE Q 36 -8.32 -6.32 30.68
CA ILE Q 36 -8.25 -5.97 32.09
C ILE Q 36 -6.83 -5.57 32.46
N ARG Q 37 -5.82 -6.30 31.99
CA ARG Q 37 -4.45 -6.00 32.40
C ARG Q 37 -3.96 -4.71 31.77
N HIS Q 38 -4.34 -4.46 30.51
CA HIS Q 38 -4.04 -3.16 29.92
C HIS Q 38 -4.58 -2.03 30.80
N PHE Q 39 -5.83 -2.16 31.23
CA PHE Q 39 -6.42 -1.07 32.00
C PHE Q 39 -5.83 -1.02 33.41
N ARG Q 40 -5.42 -2.19 33.96
CA ARG Q 40 -4.50 -2.23 35.09
C ARG Q 40 -3.35 -1.26 34.94
N GLU Q 41 -2.50 -1.44 33.91
CA GLU Q 41 -1.31 -0.60 33.85
C GLU Q 41 -1.71 0.86 33.70
N PHE Q 42 -2.71 1.14 32.88
CA PHE Q 42 -3.09 2.54 32.67
C PHE Q 42 -3.51 3.20 33.99
N LEU Q 43 -4.44 2.59 34.72
CA LEU Q 43 -4.97 3.26 35.91
C LEU Q 43 -3.94 3.27 37.05
N ASP Q 44 -3.10 2.23 37.13
CA ASP Q 44 -2.07 2.23 38.16
C ASP Q 44 -1.05 3.33 37.93
N SER Q 45 -0.59 3.49 36.68
CA SER Q 45 0.30 4.60 36.38
C SER Q 45 -0.38 5.93 36.64
N TRP Q 46 -1.66 6.04 36.27
CA TRP Q 46 -2.40 7.26 36.55
C TRP Q 46 -2.39 7.60 38.04
N ARG Q 47 -2.76 6.64 38.88
CA ARG Q 47 -2.89 6.95 40.30
C ARG Q 47 -1.54 7.19 40.95
N LYS Q 48 -0.49 6.51 40.48
CA LYS Q 48 0.85 6.82 40.95
C LYS Q 48 1.22 8.25 40.61
N PHE Q 49 0.95 8.66 39.37
CA PHE Q 49 1.21 10.04 38.98
C PHE Q 49 0.35 11.01 39.78
N HIS Q 50 -0.90 10.62 40.08
CA HIS Q 50 -1.78 11.46 40.88
C HIS Q 50 -1.20 11.70 42.26
N ASP Q 51 -0.78 10.63 42.93
CA ASP Q 51 -0.22 10.75 44.26
C ASP Q 51 1.06 11.58 44.21
N ALA Q 52 1.93 11.34 43.23
CA ALA Q 52 3.16 12.10 43.12
C ALA Q 52 2.87 13.58 42.87
N LEU Q 53 1.91 13.88 42.01
CA LEU Q 53 1.63 15.26 41.64
C LEU Q 53 1.00 16.03 42.80
N HIS Q 54 0.12 15.40 43.56
CA HIS Q 54 -0.57 16.11 44.64
C HIS Q 54 0.15 16.03 45.97
N LYS Q 55 0.34 14.82 46.51
CA LYS Q 55 1.12 14.61 47.73
C LYS Q 55 0.52 15.29 48.95
N ASN Q 56 -0.63 15.95 48.78
CA ASN Q 56 -1.27 16.67 49.87
C ASN Q 56 -2.69 17.06 49.50
N ASP Q 59 -6.53 18.49 50.49
CA ASP Q 59 -7.73 18.62 49.66
C ASP Q 59 -7.41 18.33 48.20
N VAL Q 60 -8.38 17.73 47.50
CA VAL Q 60 -8.20 17.40 46.09
C VAL Q 60 -9.55 17.23 45.42
N THR Q 61 -9.69 17.79 44.23
CA THR Q 61 -10.86 17.57 43.38
C THR Q 61 -10.51 16.75 42.14
N ASP Q 62 -9.25 16.80 41.69
CA ASP Q 62 -8.82 16.01 40.56
C ASP Q 62 -9.06 14.52 40.83
N SER Q 63 -9.54 13.83 39.80
CA SER Q 63 -9.86 12.42 39.90
C SER Q 63 -9.71 11.80 38.52
N PHE Q 64 -10.12 10.54 38.39
CA PHE Q 64 -9.99 9.84 37.11
C PHE Q 64 -11.05 10.26 36.10
N TYR Q 65 -11.92 11.20 36.47
CA TYR Q 65 -13.02 11.62 35.60
C TYR Q 65 -12.59 12.09 34.21
N PRO Q 66 -11.55 12.94 34.05
CA PRO Q 66 -11.21 13.39 32.69
C PRO Q 66 -10.91 12.24 31.73
N ALA Q 67 -10.41 11.11 32.24
CA ALA Q 67 -10.15 9.96 31.39
C ALA Q 67 -11.33 9.00 31.35
N MET Q 68 -12.08 8.85 32.44
CA MET Q 68 -13.15 7.87 32.47
C MET Q 68 -14.36 8.36 31.68
N ARG Q 69 -14.60 9.68 31.66
CA ARG Q 69 -15.66 10.20 30.80
C ARG Q 69 -15.39 9.94 29.34
N LEU Q 70 -14.12 9.75 28.97
CA LEU Q 70 -13.75 9.37 27.61
C LEU Q 70 -13.78 7.86 27.40
N ILE Q 71 -13.40 7.09 28.41
CA ILE Q 71 -13.43 5.63 28.29
C ILE Q 71 -14.87 5.13 28.24
N LEU Q 72 -15.78 5.78 28.97
CA LEU Q 72 -17.20 5.44 28.99
C LEU Q 72 -18.00 6.68 28.65
N PRO Q 73 -18.00 7.11 27.38
CA PRO Q 73 -18.69 8.35 27.02
C PRO Q 73 -20.20 8.25 27.03
N GLN Q 74 -20.76 7.03 26.96
CA GLN Q 74 -22.22 6.89 27.05
C GLN Q 74 -22.75 7.30 28.41
N LEU Q 75 -21.90 7.28 29.44
CA LEU Q 75 -22.30 7.67 30.78
C LEU Q 75 -22.06 9.14 31.06
N GLU Q 76 -21.55 9.90 30.10
CA GLU Q 76 -21.31 11.33 30.29
C GLU Q 76 -22.62 12.06 30.53
N ARG Q 77 -22.65 12.87 31.58
CA ARG Q 77 -23.83 13.67 31.90
C ARG Q 77 -23.52 15.14 32.16
N GLU Q 78 -22.30 15.49 32.59
CA GLU Q 78 -21.95 16.89 32.77
C GLU Q 78 -21.91 17.62 31.43
N ARG Q 79 -21.27 17.03 30.43
CA ARG Q 79 -21.21 17.62 29.10
C ARG Q 79 -22.54 17.49 28.39
N MET Q 80 -22.98 18.58 27.77
CA MET Q 80 -24.20 18.54 26.98
C MET Q 80 -23.98 17.78 25.68
N ALA Q 81 -25.09 17.41 25.06
CA ALA Q 81 -25.04 16.60 23.84
C ALA Q 81 -24.39 17.39 22.71
N TYR Q 82 -23.54 16.70 21.93
CA TYR Q 82 -22.73 17.35 20.91
C TYR Q 82 -23.55 17.82 19.70
N GLY Q 83 -24.66 17.15 19.39
CA GLY Q 83 -25.38 17.45 18.18
C GLY Q 83 -24.79 16.86 16.93
N ILE Q 84 -23.74 16.05 17.06
CA ILE Q 84 -23.00 15.53 15.93
C ILE Q 84 -22.91 14.01 16.06
N LYS Q 85 -23.37 13.30 15.03
CA LYS Q 85 -23.10 11.89 14.86
C LYS Q 85 -22.51 11.69 13.48
N GLU Q 86 -22.46 10.43 13.02
CA GLU Q 86 -21.72 10.06 11.81
C GLU Q 86 -21.92 11.04 10.66
N THR Q 87 -23.13 11.61 10.52
CA THR Q 87 -23.44 12.35 9.30
C THR Q 87 -22.73 13.70 9.28
N MET Q 88 -23.00 14.58 10.25
CA MET Q 88 -22.21 15.81 10.26
C MET Q 88 -20.76 15.54 10.62
N LEU Q 89 -20.45 14.39 11.19
CA LEU Q 89 -19.03 14.05 11.31
C LEU Q 89 -18.39 13.99 9.93
N ALA Q 90 -18.99 13.21 9.02
CA ALA Q 90 -18.47 13.14 7.66
C ALA Q 90 -18.51 14.51 6.98
N LYS Q 91 -19.62 15.24 7.16
CA LYS Q 91 -19.75 16.55 6.50
C LYS Q 91 -18.71 17.54 7.01
N LEU Q 92 -18.47 17.57 8.32
CA LEU Q 92 -17.50 18.48 8.90
C LEU Q 92 -16.08 18.09 8.52
N TYR Q 93 -15.78 16.79 8.48
CA TYR Q 93 -14.45 16.41 8.03
C TYR Q 93 -14.26 16.76 6.55
N ILE Q 94 -15.31 16.64 5.75
CA ILE Q 94 -15.22 17.04 4.35
C ILE Q 94 -14.96 18.54 4.24
N GLU Q 95 -15.72 19.34 5.00
CA GLU Q 95 -15.60 20.80 4.88
C GLU Q 95 -14.29 21.32 5.47
N LEU Q 96 -13.94 20.87 6.67
CA LEU Q 96 -12.74 21.32 7.35
C LEU Q 96 -11.48 20.80 6.65
N LEU Q 97 -11.49 19.54 6.22
CA LEU Q 97 -10.41 18.99 5.41
C LEU Q 97 -10.49 19.44 3.97
N ASN Q 98 -11.57 20.09 3.58
CA ASN Q 98 -11.77 20.63 2.23
C ASN Q 98 -11.59 19.54 1.17
N LEU Q 99 -12.21 18.39 1.44
CA LEU Q 99 -12.18 17.29 0.50
C LEU Q 99 -13.02 17.61 -0.73
N PRO Q 100 -12.69 17.02 -1.89
CA PRO Q 100 -13.57 17.18 -3.05
C PRO Q 100 -14.97 16.69 -2.76
N ARG Q 101 -15.96 17.57 -2.91
CA ARG Q 101 -17.33 17.26 -2.49
C ARG Q 101 -17.91 16.05 -3.23
N ASP Q 102 -17.41 15.75 -4.43
CA ASP Q 102 -17.78 14.54 -5.15
C ASP Q 102 -16.64 13.53 -5.22
N GLY Q 103 -15.61 13.70 -4.39
CA GLY Q 103 -14.46 12.82 -4.41
C GLY Q 103 -14.75 11.49 -3.72
N LYS Q 104 -13.82 10.55 -3.94
CA LYS Q 104 -13.98 9.21 -3.39
C LYS Q 104 -14.00 9.23 -1.87
N ASP Q 105 -13.08 9.98 -1.25
CA ASP Q 105 -13.02 10.03 0.21
C ASP Q 105 -14.29 10.64 0.79
N ALA Q 106 -14.77 11.74 0.20
CA ALA Q 106 -15.98 12.38 0.71
C ALA Q 106 -17.18 11.49 0.54
N LEU Q 107 -17.31 10.82 -0.61
CA LEU Q 107 -18.45 9.93 -0.82
C LEU Q 107 -18.38 8.72 0.10
N LYS Q 108 -17.19 8.20 0.36
CA LYS Q 108 -17.05 7.08 1.30
C LYS Q 108 -17.41 7.51 2.71
N LEU Q 109 -17.01 8.72 3.12
CA LEU Q 109 -17.37 9.21 4.44
C LEU Q 109 -18.87 9.42 4.58
N LEU Q 110 -19.51 9.99 3.55
CA LEU Q 110 -20.95 10.22 3.62
C LEU Q 110 -21.75 8.94 3.43
N ASN Q 111 -21.15 7.89 2.87
CA ASN Q 111 -21.83 6.63 2.64
C ASN Q 111 -21.04 5.49 3.26
N TYR Q 112 -20.63 5.65 4.51
CA TYR Q 112 -19.76 4.70 5.17
C TYR Q 112 -20.37 3.31 5.31
N ARG Q 113 -21.70 3.19 5.25
CA ARG Q 113 -22.33 1.88 5.31
C ARG Q 113 -22.36 1.17 3.96
N THR Q 114 -22.11 1.87 2.87
CA THR Q 114 -22.08 1.25 1.55
C THR Q 114 -20.68 0.70 1.27
N PRO Q 115 -20.52 -0.61 1.11
CA PRO Q 115 -19.18 -1.15 0.86
C PRO Q 115 -18.62 -0.69 -0.48
N THR Q 116 -17.31 -0.41 -0.49
CA THR Q 116 -16.62 -0.01 -1.71
C THR Q 116 -15.39 -0.86 -1.93
N GLY Q 120 -12.56 -4.28 4.02
CA GLY Q 120 -13.57 -4.92 4.84
C GLY Q 120 -13.91 -4.12 6.08
N ASP Q 121 -14.36 -2.89 5.87
CA ASP Q 121 -14.68 -2.01 7.00
C ASP Q 121 -15.95 -1.19 6.76
N ALA Q 122 -16.86 -1.68 5.90
CA ALA Q 122 -18.10 -0.97 5.65
C ALA Q 122 -18.95 -0.92 6.91
N GLY Q 123 -19.54 0.25 7.18
CA GLY Q 123 -20.32 0.47 8.37
C GLY Q 123 -19.52 0.91 9.58
N ASP Q 124 -18.20 0.98 9.46
CA ASP Q 124 -17.33 1.42 10.55
C ASP Q 124 -16.79 2.78 10.16
N PHE Q 125 -17.50 3.84 10.59
CA PHE Q 125 -17.06 5.20 10.32
C PHE Q 125 -15.66 5.44 10.87
N ALA Q 126 -15.32 4.76 11.97
CA ALA Q 126 -13.97 4.85 12.52
C ALA Q 126 -12.92 4.43 11.51
N MET Q 127 -13.01 3.18 11.05
CA MET Q 127 -12.04 2.67 10.09
C MET Q 127 -12.03 3.53 8.83
N ILE Q 128 -13.20 3.93 8.36
CA ILE Q 128 -13.27 4.67 7.10
C ILE Q 128 -12.59 6.03 7.24
N ALA Q 129 -12.92 6.78 8.29
CA ALA Q 129 -12.28 8.07 8.50
C ALA Q 129 -10.79 7.91 8.79
N TYR Q 130 -10.40 6.87 9.52
CA TYR Q 130 -9.00 6.63 9.80
C TYR Q 130 -8.20 6.39 8.51
N PHE Q 131 -8.74 5.56 7.62
CA PHE Q 131 -8.05 5.29 6.37
C PHE Q 131 -8.06 6.50 5.44
N VAL Q 132 -9.12 7.32 5.50
CA VAL Q 132 -9.13 8.55 4.72
C VAL Q 132 -8.08 9.52 5.23
N LEU Q 133 -7.89 9.60 6.54
CA LEU Q 133 -7.05 10.63 7.14
C LEU Q 133 -5.60 10.22 7.26
N LYS Q 134 -5.30 8.92 7.24
CA LYS Q 134 -3.94 8.43 7.46
C LYS Q 134 -2.91 9.06 6.53
N PRO Q 135 -3.11 9.17 5.21
CA PRO Q 135 -2.14 9.89 4.37
C PRO Q 135 -2.30 11.39 4.43
N ARG Q 136 -3.45 11.86 4.92
CA ARG Q 136 -3.90 13.21 4.65
C ARG Q 136 -3.33 14.18 5.66
N CYS Q 137 -3.26 13.74 6.92
CA CYS Q 137 -2.93 14.54 8.09
C CYS Q 137 -2.22 13.68 9.14
N LEU Q 138 -0.91 13.52 8.96
CA LEU Q 138 0.01 12.93 9.93
C LEU Q 138 0.27 13.97 11.02
N GLN Q 139 -0.81 14.36 11.68
CA GLN Q 139 -0.83 15.42 12.65
C GLN Q 139 -0.40 14.92 14.03
N LYS Q 140 -0.05 15.83 14.95
CA LYS Q 140 0.89 15.53 16.03
C LYS Q 140 0.89 16.52 17.20
N GLY Q 141 1.88 16.38 18.09
CA GLY Q 141 2.18 17.29 19.19
C GLY Q 141 1.31 17.08 20.42
N SER Q 142 0.85 15.86 20.69
CA SER Q 142 0.53 15.42 22.06
C SER Q 142 -0.39 16.33 22.91
N LEU Q 143 -1.59 16.58 22.42
CA LEU Q 143 -2.76 17.07 23.18
C LEU Q 143 -2.94 16.19 24.46
N THR Q 144 -3.10 16.67 25.69
CA THR Q 144 -3.31 15.85 26.88
C THR Q 144 -4.81 15.70 27.11
N ILE Q 145 -5.14 14.88 28.10
CA ILE Q 145 -6.53 14.51 28.32
C ILE Q 145 -7.37 15.74 28.59
N GLN Q 146 -6.81 16.75 29.25
CA GLN Q 146 -7.66 17.85 29.67
C GLN Q 146 -7.84 18.90 28.57
N GLN Q 147 -6.87 19.05 27.65
CA GLN Q 147 -7.19 19.80 26.44
C GLN Q 147 -8.23 19.07 25.60
N VAL Q 148 -8.14 17.73 25.54
CA VAL Q 148 -9.17 16.98 24.81
C VAL Q 148 -10.53 17.26 25.41
N ASN Q 149 -10.62 17.20 26.74
CA ASN Q 149 -11.87 17.47 27.46
C ASN Q 149 -12.34 18.89 27.22
N ASP Q 150 -11.43 19.87 27.23
CA ASP Q 150 -11.82 21.25 27.03
C ASP Q 150 -12.36 21.48 25.62
N LEU Q 151 -11.73 20.87 24.61
CA LEU Q 151 -12.23 21.01 23.25
C LEU Q 151 -13.60 20.35 23.09
N LEU Q 152 -13.80 19.19 23.71
CA LEU Q 152 -15.13 18.59 23.69
C LEU Q 152 -16.15 19.48 24.39
N ASP Q 153 -15.76 20.07 25.51
CA ASP Q 153 -16.63 21.02 26.22
C ASP Q 153 -16.98 22.21 25.33
N SER Q 154 -15.99 22.70 24.59
CA SER Q 154 -16.22 23.81 23.68
C SER Q 154 -17.19 23.43 22.57
N ILE Q 155 -17.04 22.22 22.02
CA ILE Q 155 -17.96 21.75 20.98
C ILE Q 155 -19.38 21.68 21.52
N ALA Q 156 -19.54 21.09 22.71
CA ALA Q 156 -20.88 20.99 23.29
C ALA Q 156 -21.47 22.36 23.60
N SER Q 157 -20.65 23.27 24.14
CA SER Q 157 -21.12 24.59 24.51
C SER Q 157 -21.49 25.41 23.27
N ASN Q 158 -20.77 25.20 22.17
CA ASN Q 158 -21.11 25.90 20.93
C ASN Q 158 -22.36 25.31 20.28
N ASN Q 159 -22.55 23.99 20.37
CA ASN Q 159 -23.79 23.40 19.89
C ASN Q 159 -24.97 23.91 20.68
N SER Q 160 -24.84 24.00 22.00
N SER Q 160 -24.84 24.00 22.00
CA SER Q 160 -25.91 24.54 22.82
CA SER Q 160 -25.93 24.55 22.82
C SER Q 160 -26.09 26.04 22.59
C SER Q 160 -26.10 26.04 22.58
N ALA Q 161 -25.01 26.75 22.26
CA ALA Q 161 -25.03 28.18 22.02
C ALA Q 161 -25.29 28.53 20.56
N LYS Q 162 -25.55 27.53 19.72
CA LYS Q 162 -26.05 27.75 18.36
C LYS Q 162 -24.96 28.36 17.47
N ARG Q 163 -23.71 28.03 17.77
CA ARG Q 163 -22.55 28.55 17.01
C ARG Q 163 -21.87 27.40 16.28
N LYS Q 164 -22.39 27.08 15.10
CA LYS Q 164 -21.78 26.06 14.27
C LYS Q 164 -20.39 26.48 13.81
N ASP Q 165 -20.17 27.77 13.61
CA ASP Q 165 -18.83 28.23 13.23
C ASP Q 165 -17.82 27.97 14.34
N LEU Q 166 -18.21 28.20 15.59
CA LEU Q 166 -17.31 27.89 16.70
C LEU Q 166 -17.14 26.40 16.89
N ILE Q 167 -18.20 25.62 16.63
CA ILE Q 167 -18.06 24.16 16.59
C ILE Q 167 -16.98 23.78 15.58
N LYS Q 168 -17.06 24.35 14.38
CA LYS Q 168 -16.07 24.06 13.35
C LYS Q 168 -14.69 24.52 13.78
N LYS Q 169 -14.60 25.66 14.46
CA LYS Q 169 -13.30 26.13 14.95
C LYS Q 169 -12.68 25.10 15.87
N SER Q 170 -13.42 24.70 16.90
CA SER Q 170 -12.90 23.76 17.89
C SER Q 170 -12.51 22.45 17.20
N LEU Q 171 -13.35 21.98 16.27
CA LEU Q 171 -13.02 20.77 15.55
C LEU Q 171 -11.80 20.97 14.67
N LEU Q 172 -11.55 22.19 14.19
CA LEU Q 172 -10.31 22.46 13.48
C LEU Q 172 -9.10 22.25 14.36
N GLN Q 173 -9.11 22.79 15.58
CA GLN Q 173 -7.95 22.51 16.42
C GLN Q 173 -7.81 21.02 16.70
N LEU Q 174 -8.95 20.35 17.00
CA LEU Q 174 -8.90 18.92 17.28
C LEU Q 174 -8.32 18.13 16.11
N ILE Q 175 -8.82 18.37 14.89
CA ILE Q 175 -8.34 17.64 13.71
C ILE Q 175 -6.87 17.93 13.48
N THR Q 176 -6.49 19.21 13.49
CA THR Q 176 -5.14 19.58 13.11
C THR Q 176 -4.10 19.03 14.07
N GLN Q 177 -4.30 19.22 15.38
CA GLN Q 177 -3.22 18.97 16.32
C GLN Q 177 -3.37 17.59 16.96
N SER Q 178 -3.99 16.65 16.26
CA SER Q 178 -4.07 15.25 16.67
C SER Q 178 -3.76 14.35 15.48
N SER Q 179 -3.28 13.14 15.77
CA SER Q 179 -2.89 12.21 14.72
C SER Q 179 -4.11 11.40 14.23
N ALA Q 180 -3.83 10.46 13.32
CA ALA Q 180 -4.92 9.69 12.72
C ALA Q 180 -5.59 8.78 13.73
N LEU Q 181 -4.80 8.03 14.51
CA LEU Q 181 -5.37 7.14 15.52
C LEU Q 181 -6.10 7.95 16.60
N GLU Q 182 -5.50 9.06 17.02
CA GLU Q 182 -6.14 9.93 17.99
C GLU Q 182 -7.47 10.44 17.48
N GLN Q 183 -7.54 10.85 16.22
CA GLN Q 183 -8.80 11.36 15.69
C GLN Q 183 -9.82 10.25 15.50
N LYS Q 184 -9.38 9.05 15.11
CA LYS Q 184 -10.24 7.87 15.19
C LYS Q 184 -10.90 7.76 16.55
N TRP Q 185 -10.10 7.75 17.62
CA TRP Q 185 -10.67 7.55 18.94
C TRP Q 185 -11.52 8.74 19.36
N LEU Q 186 -11.16 9.94 18.91
CA LEU Q 186 -12.00 11.11 19.15
C LEU Q 186 -13.37 10.95 18.51
N ILE Q 187 -13.40 10.43 17.29
CA ILE Q 187 -14.67 10.21 16.61
C ILE Q 187 -15.49 9.17 17.36
N ARG Q 188 -14.83 8.11 17.85
CA ARG Q 188 -15.52 7.14 18.68
C ARG Q 188 -16.10 7.76 19.94
N MET Q 189 -15.34 8.63 20.60
CA MET Q 189 -15.83 9.21 21.84
C MET Q 189 -16.96 10.20 21.59
N ILE Q 190 -16.92 10.91 20.47
CA ILE Q 190 -18.02 11.79 20.08
C ILE Q 190 -19.28 10.98 19.79
N ILE Q 191 -19.14 9.87 19.06
CA ILE Q 191 -20.26 8.98 18.81
C ILE Q 191 -20.72 8.33 20.11
N LYS Q 192 -19.84 8.26 21.12
CA LYS Q 192 -20.08 7.55 22.36
C LYS Q 192 -20.24 6.04 22.10
N ASP Q 193 -19.28 5.47 21.37
CA ASP Q 193 -19.23 4.04 21.12
C ASP Q 193 -17.78 3.69 20.79
N LEU Q 194 -17.11 3.00 21.71
CA LEU Q 194 -15.70 2.68 21.56
C LEU Q 194 -15.44 1.29 21.02
N LYS Q 195 -16.39 0.36 21.17
CA LYS Q 195 -16.23 -1.02 20.73
C LYS Q 195 -14.98 -1.66 21.34
N LEU Q 196 -14.74 -1.38 22.62
CA LEU Q 196 -13.57 -1.91 23.31
C LEU Q 196 -13.66 -3.42 23.53
N GLY Q 197 -14.86 -4.00 23.47
CA GLY Q 197 -15.01 -5.40 23.77
C GLY Q 197 -14.99 -5.73 25.24
N VAL Q 198 -15.04 -4.74 26.11
CA VAL Q 198 -15.03 -4.93 27.56
C VAL Q 198 -16.26 -4.27 28.15
N SER Q 199 -16.87 -4.93 29.14
CA SER Q 199 -18.17 -4.52 29.64
C SER Q 199 -18.03 -3.41 30.70
N GLN Q 200 -19.00 -2.49 30.69
CA GLN Q 200 -18.93 -1.35 31.58
C GLN Q 200 -18.90 -1.78 33.04
N GLN Q 201 -19.68 -2.82 33.40
CA GLN Q 201 -19.59 -3.35 34.76
C GLN Q 201 -18.20 -3.90 35.05
N THR Q 202 -17.53 -4.43 34.02
CA THR Q 202 -16.13 -4.81 34.20
C THR Q 202 -15.30 -3.60 34.57
N ILE Q 203 -15.47 -2.48 33.85
CA ILE Q 203 -14.70 -1.28 34.18
C ILE Q 203 -15.04 -0.76 35.57
N PHE Q 204 -16.29 -0.91 36.01
CA PHE Q 204 -16.62 -0.47 37.37
C PHE Q 204 -15.95 -1.35 38.42
N SER Q 205 -16.04 -2.67 38.28
CA SER Q 205 -15.33 -3.55 39.22
C SER Q 205 -13.83 -3.30 39.16
N VAL Q 206 -13.33 -2.93 37.99
CA VAL Q 206 -11.97 -2.40 37.85
C VAL Q 206 -11.73 -1.22 38.78
N PHE Q 207 -12.48 -0.13 38.57
CA PHE Q 207 -12.17 1.11 39.26
C PHE Q 207 -12.32 0.95 40.77
N HIS Q 208 -13.38 0.28 41.21
CA HIS Q 208 -13.56 0.04 42.62
C HIS Q 208 -14.62 -1.03 42.82
N ASN Q 209 -14.49 -1.77 43.93
CA ASN Q 209 -15.48 -2.79 44.27
C ASN Q 209 -16.87 -2.19 44.47
N ASP Q 210 -16.96 -0.90 44.80
CA ASP Q 210 -18.23 -0.22 44.98
C ASP Q 210 -18.53 0.78 43.87
N ALA Q 211 -17.73 0.79 42.80
CA ALA Q 211 -17.92 1.78 41.74
C ALA Q 211 -19.27 1.61 41.06
N ALA Q 212 -19.61 0.38 40.68
CA ALA Q 212 -20.89 0.13 40.00
C ALA Q 212 -22.06 0.46 40.91
N GLU Q 213 -21.98 0.06 42.18
CA GLU Q 213 -23.08 0.32 43.10
C GLU Q 213 -23.27 1.80 43.35
N LEU Q 214 -22.17 2.56 43.50
CA LEU Q 214 -22.29 4.00 43.66
C LEU Q 214 -22.85 4.66 42.41
N HIS Q 215 -22.43 4.17 41.22
CA HIS Q 215 -22.98 4.69 39.99
C HIS Q 215 -24.48 4.46 39.89
N ASN Q 216 -24.95 3.28 40.29
CA ASN Q 216 -26.36 2.93 40.17
C ASN Q 216 -27.26 3.86 40.99
N VAL Q 217 -26.72 4.58 41.96
CA VAL Q 217 -27.51 5.50 42.77
C VAL Q 217 -27.15 6.96 42.51
N THR Q 218 -26.02 7.24 41.87
CA THR Q 218 -25.62 8.61 41.62
C THR Q 218 -25.77 9.05 40.17
N THR Q 219 -25.45 8.20 39.19
CA THR Q 219 -25.35 8.58 37.79
C THR Q 219 -24.42 9.79 37.63
N ASP Q 220 -23.26 9.70 38.30
CA ASP Q 220 -22.30 10.81 38.33
C ASP Q 220 -20.89 10.22 38.29
N LEU Q 221 -20.28 10.27 37.10
CA LEU Q 221 -18.93 9.73 36.93
C LEU Q 221 -17.91 10.50 37.77
N GLU Q 222 -18.06 11.83 37.83
CA GLU Q 222 -17.17 12.63 38.66
C GLU Q 222 -17.31 12.26 40.13
N LYS Q 223 -18.54 12.04 40.60
CA LYS Q 223 -18.74 11.62 41.98
C LYS Q 223 -18.10 10.27 42.24
N VAL Q 224 -18.27 9.32 41.31
CA VAL Q 224 -17.66 8.01 41.47
C VAL Q 224 -16.15 8.13 41.60
N CYS Q 225 -15.51 8.86 40.69
CA CYS Q 225 -14.06 9.03 40.74
C CYS Q 225 -13.63 9.73 42.02
N ARG Q 226 -14.36 10.78 42.41
CA ARG Q 226 -13.93 11.61 43.53
C ARG Q 226 -14.01 10.85 44.85
N GLN Q 227 -15.16 10.21 45.12
CA GLN Q 227 -15.27 9.48 46.38
C GLN Q 227 -14.54 8.16 46.38
N LEU Q 228 -14.37 7.52 45.21
CA LEU Q 228 -13.78 6.19 45.14
C LEU Q 228 -12.41 6.21 44.48
N HIS Q 229 -11.66 7.30 44.69
CA HIS Q 229 -10.30 7.38 44.14
C HIS Q 229 -9.39 6.31 44.73
N ASP Q 230 -9.48 6.09 46.04
CA ASP Q 230 -8.63 5.11 46.70
C ASP Q 230 -9.24 3.73 46.57
N PRO Q 231 -8.58 2.77 45.93
CA PRO Q 231 -9.17 1.44 45.76
C PRO Q 231 -9.37 0.67 47.06
N SER Q 232 -8.68 1.04 48.13
CA SER Q 232 -8.81 0.33 49.40
C SER Q 232 -9.88 0.92 50.31
N VAL Q 233 -10.21 2.19 50.16
CA VAL Q 233 -11.20 2.83 51.04
C VAL Q 233 -12.57 2.70 50.40
N GLY Q 234 -13.42 1.90 51.03
CA GLY Q 234 -14.75 1.59 50.50
C GLY Q 234 -15.84 2.26 51.34
N LEU Q 235 -16.87 2.74 50.66
CA LEU Q 235 -17.99 3.37 51.34
C LEU Q 235 -18.77 2.34 52.14
N SER Q 236 -19.37 2.81 53.24
CA SER Q 236 -20.09 1.93 54.15
C SER Q 236 -21.52 1.67 53.70
N ASP Q 237 -22.32 2.72 53.57
CA ASP Q 237 -23.75 2.60 53.25
C ASP Q 237 -24.04 3.43 52.00
N ILE Q 238 -23.93 2.78 50.83
CA ILE Q 238 -24.28 3.44 49.58
C ILE Q 238 -25.78 3.34 49.37
N SER Q 239 -26.44 4.48 49.21
CA SER Q 239 -27.89 4.51 49.10
C SER Q 239 -28.30 5.70 48.24
N ILE Q 240 -29.58 5.75 47.92
CA ILE Q 240 -30.12 6.83 47.09
C ILE Q 240 -30.19 8.11 47.92
N THR Q 241 -29.70 9.20 47.34
CA THR Q 241 -29.71 10.50 48.00
C THR Q 241 -30.58 11.48 47.24
N LEU Q 242 -31.01 12.52 47.95
CA LEU Q 242 -31.92 13.51 47.38
C LEU Q 242 -31.27 14.25 46.22
N PHE Q 243 -32.08 14.55 45.20
CA PHE Q 243 -31.67 15.29 44.01
C PHE Q 243 -30.57 14.59 43.24
N SER Q 244 -30.32 13.32 43.54
CA SER Q 244 -29.32 12.52 42.83
C SER Q 244 -30.04 11.49 41.98
N ALA Q 245 -29.76 11.49 40.68
CA ALA Q 245 -30.41 10.56 39.78
C ALA Q 245 -29.92 9.15 40.03
N PHE Q 246 -30.81 8.29 40.49
CA PHE Q 246 -30.53 6.88 40.67
C PHE Q 246 -31.17 6.08 39.53
N LYS Q 247 -30.52 5.00 39.15
CA LYS Q 247 -31.05 4.16 38.09
C LYS Q 247 -32.27 3.41 38.59
N PRO Q 248 -33.44 3.59 37.97
CA PRO Q 248 -34.64 2.89 38.45
C PRO Q 248 -34.53 1.39 38.23
N MET Q 249 -35.17 0.63 39.12
CA MET Q 249 -35.16 -0.82 38.97
C MET Q 249 -36.22 -1.25 37.96
N LEU Q 250 -35.91 -2.33 37.24
CA LEU Q 250 -36.69 -2.78 36.09
C LEU Q 250 -37.43 -4.06 36.45
N ALA Q 251 -38.18 -4.58 35.48
CA ALA Q 251 -38.95 -5.80 35.64
C ALA Q 251 -38.56 -6.78 34.54
N ALA Q 252 -38.30 -8.02 34.93
CA ALA Q 252 -37.96 -9.07 33.98
C ALA Q 252 -39.23 -9.70 33.39
N ILE Q 253 -39.06 -10.41 32.28
CA ILE Q 253 -40.19 -11.07 31.64
C ILE Q 253 -40.60 -12.28 32.48
N ALA Q 254 -41.87 -12.33 32.85
CA ALA Q 254 -42.36 -13.34 33.77
C ALA Q 254 -42.76 -14.61 33.03
N ASP Q 255 -42.64 -15.73 33.73
CA ASP Q 255 -43.13 -17.02 33.25
C ASP Q 255 -44.52 -17.22 33.87
N ILE Q 256 -45.55 -17.20 33.03
CA ILE Q 256 -46.92 -17.29 33.52
C ILE Q 256 -47.18 -18.64 34.16
N GLU Q 257 -46.60 -19.71 33.60
CA GLU Q 257 -46.79 -21.04 34.17
C GLU Q 257 -46.07 -21.20 35.49
N HIS Q 258 -44.99 -20.44 35.73
CA HIS Q 258 -44.22 -20.53 36.97
C HIS Q 258 -44.34 -19.26 37.81
N ILE Q 259 -45.42 -18.50 37.63
CA ILE Q 259 -45.53 -17.17 38.24
C ILE Q 259 -45.61 -17.29 39.77
N GLU Q 260 -46.41 -18.23 40.28
CA GLU Q 260 -46.53 -18.42 41.71
C GLU Q 260 -45.19 -18.82 42.32
N LYS Q 261 -44.46 -19.71 41.66
CA LYS Q 261 -43.14 -20.12 42.14
C LYS Q 261 -42.17 -18.94 42.12
N ASP Q 262 -42.23 -18.13 41.06
CA ASP Q 262 -41.38 -16.94 40.99
C ASP Q 262 -41.69 -15.97 42.12
N MET Q 263 -42.90 -16.06 42.69
CA MET Q 263 -43.27 -15.18 43.79
C MET Q 263 -43.25 -15.88 45.14
N LYS Q 264 -42.38 -16.88 45.32
CA LYS Q 264 -42.13 -17.51 46.60
C LYS Q 264 -43.38 -18.14 47.22
N HIS Q 265 -44.34 -18.51 46.37
CA HIS Q 265 -45.55 -19.23 46.77
C HIS Q 265 -46.37 -18.46 47.80
N GLN Q 266 -46.26 -17.14 47.81
CA GLN Q 266 -46.99 -16.30 48.75
C GLN Q 266 -47.72 -15.19 48.00
N SER Q 267 -48.58 -14.47 48.74
CA SER Q 267 -49.48 -13.51 48.14
C SER Q 267 -48.72 -12.42 47.39
N PHE Q 268 -49.39 -11.81 46.41
CA PHE Q 268 -48.70 -10.85 45.55
C PHE Q 268 -49.68 -9.83 45.02
N TYR Q 269 -49.13 -8.84 44.31
CA TYR Q 269 -49.90 -7.77 43.71
C TYR Q 269 -49.83 -7.84 42.19
N ILE Q 270 -50.95 -7.52 41.55
CA ILE Q 270 -51.06 -7.47 40.10
C ILE Q 270 -51.57 -6.09 39.74
N GLU Q 271 -50.95 -5.46 38.74
CA GLU Q 271 -51.37 -4.13 38.35
C GLU Q 271 -51.01 -3.81 36.90
N THR Q 272 -51.82 -2.94 36.29
CA THR Q 272 -51.66 -2.55 34.91
C THR Q 272 -50.30 -1.92 34.65
N LYS Q 273 -49.74 -2.20 33.47
CA LYS Q 273 -48.56 -1.51 32.96
C LYS Q 273 -48.98 -0.22 32.29
N LEU Q 274 -48.54 0.91 32.84
CA LEU Q 274 -48.87 2.21 32.26
C LEU Q 274 -47.98 2.50 31.06
N ASP Q 275 -48.59 3.03 30.00
CA ASP Q 275 -47.87 3.34 28.76
C ASP Q 275 -47.53 4.84 28.73
N GLY Q 276 -46.38 5.15 29.29
CA GLY Q 276 -45.89 6.52 29.34
C GLY Q 276 -44.36 6.56 29.33
N GLU Q 277 -43.81 7.40 30.20
CA GLU Q 277 -42.37 7.57 30.33
C GLU Q 277 -41.98 7.49 31.79
N ARG Q 278 -40.89 6.78 32.09
CA ARG Q 278 -40.40 6.66 33.46
C ARG Q 278 -39.84 7.99 33.94
N MET Q 279 -40.12 8.33 35.20
CA MET Q 279 -39.67 9.59 35.77
C MET Q 279 -39.64 9.48 37.28
N GLN Q 280 -38.61 10.05 37.89
CA GLN Q 280 -38.47 10.10 39.34
C GLN Q 280 -38.49 11.55 39.81
N MET Q 281 -38.98 11.77 41.02
CA MET Q 281 -39.16 13.10 41.57
C MET Q 281 -38.33 13.23 42.84
N HIS Q 282 -37.72 14.40 43.02
CA HIS Q 282 -37.02 14.74 44.25
C HIS Q 282 -37.57 16.07 44.76
N LYS Q 283 -38.13 16.06 45.97
CA LYS Q 283 -38.75 17.24 46.55
C LYS Q 283 -38.05 17.62 47.84
N ASP Q 284 -37.84 18.92 48.04
CA ASP Q 284 -37.42 19.47 49.33
C ASP Q 284 -38.22 20.75 49.51
N GLY Q 285 -39.39 20.64 50.14
CA GLY Q 285 -40.27 21.79 50.28
C GLY Q 285 -40.78 22.29 48.93
N ASP Q 286 -40.27 23.44 48.50
CA ASP Q 286 -40.68 24.07 47.26
C ASP Q 286 -39.76 23.77 46.09
N VAL Q 287 -38.60 23.17 46.33
CA VAL Q 287 -37.65 22.85 45.28
C VAL Q 287 -37.89 21.40 44.86
N TYR Q 288 -38.02 21.18 43.57
CA TYR Q 288 -38.32 19.88 43.00
C TYR Q 288 -37.33 19.59 41.88
N LYS Q 289 -36.91 18.33 41.79
CA LYS Q 289 -36.04 17.91 40.69
C LYS Q 289 -36.57 16.63 40.09
N TYR Q 290 -36.42 16.51 38.77
CA TYR Q 290 -36.95 15.41 37.99
C TYR Q 290 -35.86 14.81 37.12
N PHE Q 291 -35.79 13.49 37.08
CA PHE Q 291 -34.77 12.78 36.34
C PHE Q 291 -35.41 11.66 35.53
N SER Q 292 -35.04 11.57 34.25
CA SER Q 292 -35.59 10.54 33.37
C SER Q 292 -35.00 9.19 33.74
N ARG Q 293 -35.37 8.15 32.97
CA ARG Q 293 -34.83 6.82 33.23
C ARG Q 293 -33.32 6.78 33.03
N ASN Q 294 -32.81 7.51 32.05
CA ASN Q 294 -31.38 7.57 31.79
C ASN Q 294 -30.69 8.65 32.62
N GLY Q 295 -31.42 9.33 33.50
CA GLY Q 295 -30.84 10.29 34.41
C GLY Q 295 -30.82 11.73 33.92
N TYR Q 296 -31.49 12.03 32.81
CA TYR Q 296 -31.49 13.39 32.30
C TYR Q 296 -32.55 14.23 33.00
N ASN Q 297 -32.22 15.50 33.22
CA ASN Q 297 -33.07 16.38 34.02
C ASN Q 297 -34.10 17.06 33.13
N TYR Q 298 -35.37 17.02 33.56
CA TYR Q 298 -36.47 17.67 32.85
C TYR Q 298 -37.26 18.57 33.80
N THR Q 299 -36.58 19.13 34.80
CA THR Q 299 -37.21 20.05 35.72
C THR Q 299 -37.64 21.33 35.02
N ASP Q 300 -37.00 21.68 33.90
CA ASP Q 300 -37.44 22.84 33.14
C ASP Q 300 -38.88 22.66 32.65
N GLN Q 301 -39.21 21.47 32.17
CA GLN Q 301 -40.59 21.19 31.77
C GLN Q 301 -41.49 21.00 32.97
N PHE Q 302 -41.05 20.24 33.98
CA PHE Q 302 -41.99 19.77 34.98
C PHE Q 302 -42.20 20.75 36.12
N GLY Q 303 -41.20 21.55 36.47
CA GLY Q 303 -41.35 22.54 37.50
C GLY Q 303 -40.42 22.37 38.69
N ALA Q 304 -39.52 23.33 38.88
CA ALA Q 304 -38.66 23.37 40.05
C ALA Q 304 -39.33 24.01 41.25
N SER Q 305 -40.41 24.74 41.03
CA SER Q 305 -41.10 25.46 42.10
C SER Q 305 -42.59 25.26 41.92
N PRO Q 306 -43.37 25.38 43.00
CA PRO Q 306 -44.83 25.28 42.87
C PRO Q 306 -45.45 26.40 42.05
N THR Q 307 -44.65 27.30 41.48
CA THR Q 307 -45.15 28.38 40.64
C THR Q 307 -44.82 28.17 39.17
N GLU Q 308 -43.99 27.18 38.84
CA GLU Q 308 -43.57 26.95 37.47
C GLU Q 308 -43.67 25.47 37.17
N GLY Q 309 -43.91 25.14 35.91
CA GLY Q 309 -43.97 23.77 35.45
C GLY Q 309 -45.40 23.33 35.19
N SER Q 310 -45.50 22.24 34.44
CA SER Q 310 -46.80 21.67 34.09
C SER Q 310 -47.35 20.75 35.17
N LEU Q 311 -46.55 20.41 36.19
CA LEU Q 311 -46.99 19.45 37.19
C LEU Q 311 -46.88 20.03 38.60
N THR Q 312 -45.75 20.67 38.90
CA THR Q 312 -45.44 21.08 40.27
C THR Q 312 -46.48 22.03 40.86
N PRO Q 313 -46.97 23.06 40.15
CA PRO Q 313 -48.06 23.85 40.73
C PRO Q 313 -49.31 23.04 41.01
N PHE Q 314 -49.61 22.02 40.21
CA PHE Q 314 -50.78 21.20 40.42
C PHE Q 314 -50.59 20.14 41.51
N ILE Q 315 -49.35 19.87 41.92
CA ILE Q 315 -49.09 18.80 42.88
C ILE Q 315 -48.59 19.30 44.23
N HIS Q 316 -48.07 20.53 44.31
CA HIS Q 316 -47.38 20.92 45.54
C HIS Q 316 -48.29 20.84 46.77
N ASN Q 317 -49.59 21.04 46.57
CA ASN Q 317 -50.54 20.96 47.69
C ASN Q 317 -51.10 19.56 47.90
N ALA Q 318 -50.75 18.60 47.04
CA ALA Q 318 -51.22 17.23 47.24
C ALA Q 318 -50.52 16.54 48.38
N PHE Q 319 -49.30 16.98 48.73
CA PHE Q 319 -48.55 16.36 49.80
C PHE Q 319 -49.13 16.74 51.16
N LYS Q 320 -48.89 15.89 52.14
CA LYS Q 320 -49.26 16.21 53.52
C LYS Q 320 -48.39 17.34 54.04
N ALA Q 321 -48.89 17.99 55.11
CA ALA Q 321 -48.21 19.16 55.65
C ALA Q 321 -46.82 18.83 56.17
N ASP Q 322 -46.61 17.61 56.66
CA ASP Q 322 -45.34 17.21 57.24
C ASP Q 322 -44.36 16.67 56.20
N ILE Q 323 -44.71 16.70 54.92
CA ILE Q 323 -43.86 16.17 53.87
C ILE Q 323 -42.94 17.30 53.41
N GLN Q 324 -41.69 17.26 53.89
CA GLN Q 324 -40.67 18.23 53.49
C GLN Q 324 -39.77 17.66 52.39
N ILE Q 325 -39.20 16.48 52.63
CA ILE Q 325 -38.32 15.82 51.68
C ILE Q 325 -39.00 14.55 51.19
N CYS Q 326 -39.07 14.41 49.86
CA CYS Q 326 -39.73 13.24 49.27
C CYS Q 326 -39.11 12.93 47.93
N ILE Q 327 -38.76 11.67 47.73
CA ILE Q 327 -38.29 11.15 46.45
C ILE Q 327 -39.31 10.13 45.98
N LEU Q 328 -39.89 10.37 44.80
CA LEU Q 328 -40.92 9.50 44.25
C LEU Q 328 -40.46 8.86 42.95
N ASP Q 329 -40.86 7.61 42.77
CA ASP Q 329 -40.65 6.87 41.53
C ASP Q 329 -42.01 6.52 40.96
N GLY Q 330 -42.25 6.92 39.72
CA GLY Q 330 -43.55 6.68 39.13
C GLY Q 330 -43.49 6.74 37.62
N GLU Q 331 -44.65 6.58 37.00
CA GLU Q 331 -44.80 6.61 35.55
C GLU Q 331 -45.42 7.94 35.16
N MET Q 332 -45.10 8.41 33.96
CA MET Q 332 -45.59 9.70 33.49
C MET Q 332 -46.45 9.53 32.24
N MET Q 333 -47.67 10.06 32.27
CA MET Q 333 -48.59 9.98 31.14
C MET Q 333 -49.34 11.30 31.00
N ALA Q 334 -50.04 11.43 29.86
CA ALA Q 334 -50.87 12.59 29.58
C ALA Q 334 -52.32 12.28 29.92
N TYR Q 335 -52.98 13.22 30.58
CA TYR Q 335 -54.35 13.05 31.04
C TYR Q 335 -55.28 13.88 30.17
N ASN Q 336 -56.39 13.26 29.73
CA ASN Q 336 -57.39 13.96 28.93
C ASN Q 336 -58.49 14.42 29.85
N PRO Q 337 -58.61 15.73 30.12
CA PRO Q 337 -59.66 16.19 31.04
C PRO Q 337 -61.07 15.92 30.54
N ASN Q 338 -61.30 15.96 29.23
CA ASN Q 338 -62.66 15.81 28.70
C ASN Q 338 -63.17 14.39 28.89
N THR Q 339 -62.38 13.39 28.52
CA THR Q 339 -62.79 12.00 28.57
C THR Q 339 -62.36 11.28 29.85
N GLN Q 340 -61.62 11.96 30.73
CA GLN Q 340 -61.19 11.40 32.01
C GLN Q 340 -60.43 10.08 31.82
N THR Q 341 -59.60 10.02 30.78
CA THR Q 341 -58.80 8.84 30.49
C THR Q 341 -57.38 9.25 30.13
N PHE Q 342 -56.51 8.26 30.03
CA PHE Q 342 -55.11 8.49 29.72
C PHE Q 342 -54.86 8.27 28.23
N MET Q 343 -54.15 9.21 27.60
CA MET Q 343 -53.71 9.05 26.23
C MET Q 343 -52.35 8.36 26.24
N GLN Q 344 -52.27 7.21 25.56
CA GLN Q 344 -51.05 6.42 25.59
C GLN Q 344 -49.90 7.16 24.93
N LYS Q 345 -48.70 6.92 25.43
CA LYS Q 345 -47.51 7.62 24.94
C LYS Q 345 -47.28 7.28 23.47
N GLY Q 346 -46.79 8.27 22.72
CA GLY Q 346 -46.60 8.09 21.29
C GLY Q 346 -47.07 9.27 20.47
N THR Q 347 -48.06 9.01 19.61
CA THR Q 347 -48.51 10.01 18.65
C THR Q 347 -49.16 11.21 19.33
N LYS Q 348 -49.03 12.38 18.69
CA LYS Q 348 -49.73 13.63 18.92
C LYS Q 348 -49.21 14.39 20.15
N PHE Q 349 -48.32 13.83 20.95
CA PHE Q 349 -47.84 14.56 22.12
C PHE Q 349 -46.51 13.98 22.60
N ASP Q 350 -45.79 14.79 23.37
CA ASP Q 350 -44.59 14.37 24.08
C ASP Q 350 -44.72 14.89 25.51
N ILE Q 351 -44.76 13.98 26.48
CA ILE Q 351 -45.07 14.38 27.86
C ILE Q 351 -43.95 15.21 28.47
N LYS Q 352 -42.73 15.11 27.96
CA LYS Q 352 -41.64 15.95 28.44
C LYS Q 352 -41.58 17.31 27.75
N ARG Q 353 -42.44 17.54 26.77
CA ARG Q 353 -42.56 18.86 26.14
C ARG Q 353 -43.99 19.09 25.66
N MET Q 354 -44.80 19.76 26.47
N MET Q 354 -44.81 19.75 26.47
CA MET Q 354 -46.17 20.08 26.08
CA MET Q 354 -46.20 19.98 26.14
C MET Q 354 -46.36 21.58 25.95
C MET Q 354 -46.45 21.45 25.82
N ASP Q 359 -54.99 20.29 24.75
CA ASP Q 359 -55.77 20.62 25.94
C ASP Q 359 -55.62 19.56 27.01
N LEU Q 360 -54.66 18.67 26.82
CA LEU Q 360 -54.35 17.66 27.82
C LEU Q 360 -53.69 18.29 29.02
N GLN Q 361 -53.67 17.56 30.15
CA GLN Q 361 -53.04 18.08 31.35
C GLN Q 361 -52.03 17.09 31.87
N THR Q 362 -51.08 17.61 32.63
CA THR Q 362 -49.95 16.81 33.10
C THR Q 362 -50.34 16.02 34.34
N CYS Q 363 -50.08 14.71 34.33
CA CYS Q 363 -50.49 13.80 35.39
C CYS Q 363 -49.37 12.83 35.71
N TYR Q 364 -49.04 12.72 37.01
CA TYR Q 364 -47.97 11.85 37.49
C TYR Q 364 -48.56 10.77 38.38
N CYS Q 365 -48.38 9.51 37.98
CA CYS Q 365 -48.80 8.36 38.76
C CYS Q 365 -47.56 7.75 39.41
N VAL Q 366 -47.59 7.63 40.75
CA VAL Q 366 -46.42 7.21 41.51
C VAL Q 366 -46.66 5.83 42.10
N PHE Q 367 -45.72 4.91 41.85
CA PHE Q 367 -45.85 3.54 42.35
C PHE Q 367 -44.82 3.16 43.40
N ASP Q 368 -43.91 4.05 43.78
CA ASP Q 368 -42.94 3.73 44.82
C ASP Q 368 -42.35 5.02 45.37
N VAL Q 369 -41.80 4.91 46.58
CA VAL Q 369 -41.13 6.03 47.25
C VAL Q 369 -39.78 5.53 47.74
N LEU Q 370 -38.79 6.43 47.78
CA LEU Q 370 -37.44 6.06 48.20
C LEU Q 370 -36.91 6.91 49.37
N MET Q 371 -37.64 7.94 49.79
CA MET Q 371 -37.09 8.90 50.74
C MET Q 371 -38.22 9.70 51.36
N VAL Q 372 -38.30 9.66 52.69
CA VAL Q 372 -39.19 10.51 53.47
C VAL Q 372 -38.30 11.17 54.51
N ASN Q 373 -38.79 12.25 55.12
CA ASN Q 373 -38.00 13.37 55.63
C ASN Q 373 -36.62 12.96 56.16
N ASN Q 374 -36.58 11.97 57.05
CA ASN Q 374 -35.31 11.47 57.58
C ASN Q 374 -35.20 9.95 57.51
N LYS Q 375 -35.99 9.30 56.67
CA LYS Q 375 -36.04 7.85 56.60
C LYS Q 375 -35.81 7.40 55.17
N LYS Q 376 -34.68 6.71 54.93
CA LYS Q 376 -34.41 6.10 53.64
C LYS Q 376 -35.26 4.85 53.48
N LEU Q 377 -35.95 4.73 52.35
CA LEU Q 377 -36.90 3.66 52.13
C LEU Q 377 -36.48 2.66 51.07
N GLY Q 378 -35.22 2.65 50.67
CA GLY Q 378 -34.78 1.68 49.67
C GLY Q 378 -34.83 0.24 50.17
N HIS Q 379 -34.42 0.03 51.42
CA HIS Q 379 -34.25 -1.32 51.97
C HIS Q 379 -35.49 -1.83 52.70
N GLU Q 380 -36.52 -1.01 52.86
CA GLU Q 380 -37.78 -1.48 53.39
C GLU Q 380 -38.56 -2.23 52.32
N THR Q 381 -39.43 -3.14 52.77
CA THR Q 381 -40.20 -3.94 51.84
C THR Q 381 -41.12 -3.05 51.01
N LEU Q 382 -41.43 -3.52 49.80
CA LEU Q 382 -42.31 -2.76 48.94
C LEU Q 382 -43.67 -2.53 49.58
N ARG Q 383 -44.04 -3.38 50.54
CA ARG Q 383 -45.30 -3.16 51.24
C ARG Q 383 -45.21 -1.99 52.20
N LYS Q 384 -44.13 -1.91 52.98
CA LYS Q 384 -43.93 -0.72 53.81
C LYS Q 384 -43.87 0.51 52.94
N ARG Q 385 -43.17 0.41 51.80
CA ARG Q 385 -43.10 1.53 50.86
C ARG Q 385 -44.48 1.94 50.40
N TYR Q 386 -45.32 0.97 50.01
CA TYR Q 386 -46.65 1.29 49.49
C TYR Q 386 -47.54 1.89 50.57
N GLU Q 387 -47.45 1.39 51.80
CA GLU Q 387 -48.18 1.99 52.91
C GLU Q 387 -47.73 3.43 53.12
N ILE Q 388 -46.44 3.70 52.91
CA ILE Q 388 -45.95 5.08 53.04
C ILE Q 388 -46.48 5.93 51.89
N LEU Q 389 -46.56 5.36 50.67
CA LEU Q 389 -47.18 6.09 49.57
C LEU Q 389 -48.62 6.48 49.91
N SER Q 390 -49.39 5.54 50.45
CA SER Q 390 -50.80 5.76 50.71
C SER Q 390 -51.04 6.84 51.76
N SER Q 391 -50.02 7.24 52.51
CA SER Q 391 -50.17 8.23 53.57
C SER Q 391 -49.43 9.53 53.33
N ILE Q 392 -48.40 9.56 52.48
CA ILE Q 392 -47.60 10.77 52.31
C ILE Q 392 -48.32 11.87 51.53
N PHE Q 393 -49.33 11.55 50.72
CA PHE Q 393 -49.99 12.59 49.96
C PHE Q 393 -51.40 12.15 49.59
N THR Q 394 -52.25 13.15 49.29
CA THR Q 394 -53.63 12.91 48.87
C THR Q 394 -53.70 13.01 47.35
N PRO Q 395 -54.14 11.97 46.65
CA PRO Q 395 -54.14 12.01 45.18
C PRO Q 395 -55.05 13.09 44.63
N ILE Q 396 -54.62 13.70 43.53
CA ILE Q 396 -55.43 14.63 42.76
C ILE Q 396 -55.68 14.01 41.39
N PRO Q 397 -56.89 13.55 41.09
CA PRO Q 397 -57.15 12.88 39.81
C PRO Q 397 -56.77 13.75 38.63
N GLY Q 398 -56.04 13.17 37.68
CA GLY Q 398 -55.57 13.89 36.53
C GLY Q 398 -54.35 14.74 36.78
N ARG Q 399 -53.91 14.88 38.03
CA ARG Q 399 -52.69 15.61 38.33
C ARG Q 399 -51.67 14.69 38.99
N ILE Q 400 -52.08 14.00 40.06
CA ILE Q 400 -51.24 12.98 40.68
C ILE Q 400 -52.11 11.89 41.27
N GLU Q 401 -51.74 10.63 41.04
CA GLU Q 401 -52.50 9.48 41.49
C GLU Q 401 -51.55 8.44 42.07
N ILE Q 402 -52.11 7.58 42.93
CA ILE Q 402 -51.39 6.44 43.49
C ILE Q 402 -51.64 5.24 42.59
N VAL Q 403 -50.56 4.61 42.14
CA VAL Q 403 -50.66 3.46 41.24
C VAL Q 403 -51.16 2.27 42.06
N GLN Q 404 -52.41 1.85 41.80
CA GLN Q 404 -53.16 1.04 42.75
C GLN Q 404 -52.90 -0.46 42.56
N LYS Q 405 -52.21 -1.05 43.52
CA LYS Q 405 -51.71 -2.42 43.43
C LYS Q 405 -52.83 -3.34 43.90
N THR Q 406 -53.18 -4.31 43.07
CA THR Q 406 -54.31 -5.20 43.38
C THR Q 406 -53.81 -6.57 43.81
N GLN Q 407 -54.28 -7.05 44.96
CA GLN Q 407 -53.75 -8.25 45.58
C GLN Q 407 -54.26 -9.52 44.88
N ALA Q 408 -53.39 -10.53 44.82
CA ALA Q 408 -53.74 -11.81 44.23
C ALA Q 408 -52.78 -12.88 44.76
N HIS Q 409 -53.19 -14.14 44.61
CA HIS Q 409 -52.38 -15.26 45.08
C HIS Q 409 -52.26 -16.41 44.09
N THR Q 410 -52.96 -16.40 42.97
CA THR Q 410 -53.00 -17.56 42.07
C THR Q 410 -52.61 -17.14 40.65
N LYS Q 411 -52.16 -18.14 39.89
CA LYS Q 411 -51.85 -17.91 38.47
C LYS Q 411 -53.10 -17.60 37.67
N ASN Q 412 -54.26 -18.15 38.08
CA ASN Q 412 -55.51 -17.83 37.40
C ASN Q 412 -55.86 -16.35 37.53
N GLU Q 413 -55.57 -15.75 38.70
CA GLU Q 413 -55.76 -14.31 38.84
C GLU Q 413 -54.86 -13.54 37.89
N VAL Q 414 -53.62 -13.99 37.72
CA VAL Q 414 -52.70 -13.35 36.78
C VAL Q 414 -53.26 -13.42 35.36
N ILE Q 415 -53.76 -14.59 34.97
CA ILE Q 415 -54.31 -14.76 33.63
C ILE Q 415 -55.54 -13.87 33.43
N ASP Q 416 -56.40 -13.81 34.45
CA ASP Q 416 -57.60 -12.97 34.36
C ASP Q 416 -57.23 -11.51 34.24
N ALA Q 417 -56.22 -11.05 34.99
CA ALA Q 417 -55.80 -9.66 34.89
C ALA Q 417 -55.16 -9.37 33.53
N LEU Q 418 -54.39 -10.30 32.99
CA LEU Q 418 -53.83 -10.11 31.65
C LEU Q 418 -54.94 -9.99 30.61
N ASN Q 419 -55.96 -10.85 30.70
CA ASN Q 419 -57.08 -10.77 29.79
C ASN Q 419 -57.85 -9.47 29.95
N GLU Q 420 -58.00 -8.99 31.19
CA GLU Q 420 -58.64 -7.70 31.42
C GLU Q 420 -57.85 -6.56 30.79
N ALA Q 421 -56.52 -6.61 30.91
CA ALA Q 421 -55.69 -5.60 30.26
C ALA Q 421 -55.84 -5.66 28.75
N ILE Q 422 -55.93 -6.88 28.19
CA ILE Q 422 -56.15 -7.02 26.75
C ILE Q 422 -57.48 -6.40 26.35
N ASP Q 423 -58.53 -6.68 27.13
CA ASP Q 423 -59.85 -6.14 26.81
C ASP Q 423 -59.87 -4.63 26.90
N LYS Q 424 -59.21 -4.06 27.92
CA LYS Q 424 -59.11 -2.62 28.08
C LYS Q 424 -58.08 -2.00 27.15
N ARG Q 425 -57.52 -2.78 26.23
CA ARG Q 425 -56.52 -2.30 25.27
C ARG Q 425 -55.31 -1.71 26.00
N GLU Q 426 -54.90 -2.36 27.09
CA GLU Q 426 -53.78 -1.91 27.88
C GLU Q 426 -52.50 -2.64 27.47
N GLU Q 427 -51.36 -2.05 27.85
CA GLU Q 427 -50.07 -2.61 27.44
C GLU Q 427 -49.80 -3.95 28.12
N GLY Q 428 -50.09 -4.06 29.41
CA GLY Q 428 -49.80 -5.27 30.14
C GLY Q 428 -50.02 -5.05 31.62
N ILE Q 429 -49.49 -5.98 32.42
CA ILE Q 429 -49.66 -5.96 33.86
C ILE Q 429 -48.31 -6.09 34.55
N MET Q 430 -48.18 -5.40 35.68
CA MET Q 430 -47.03 -5.50 36.57
C MET Q 430 -47.40 -6.37 37.77
N VAL Q 431 -46.54 -7.35 38.06
CA VAL Q 431 -46.73 -8.24 39.19
C VAL Q 431 -45.44 -8.24 40.00
N LYS Q 432 -45.54 -7.88 41.28
CA LYS Q 432 -44.38 -7.53 42.09
C LYS Q 432 -44.39 -8.29 43.40
N GLN Q 433 -43.19 -8.53 43.94
CA GLN Q 433 -43.05 -9.23 45.21
C GLN Q 433 -43.32 -8.29 46.37
N PRO Q 434 -44.21 -8.63 47.30
CA PRO Q 434 -44.43 -7.77 48.48
C PRO Q 434 -43.21 -7.57 49.34
N LEU Q 435 -42.36 -8.57 49.50
CA LEU Q 435 -41.21 -8.50 50.40
C LEU Q 435 -39.93 -8.06 49.69
N SER Q 436 -40.03 -7.54 48.48
CA SER Q 436 -38.85 -7.14 47.72
C SER Q 436 -38.46 -5.71 48.04
N ILE Q 437 -37.15 -5.50 48.19
CA ILE Q 437 -36.58 -4.18 48.43
C ILE Q 437 -36.33 -3.51 47.09
N TYR Q 438 -36.08 -2.20 47.11
CA TYR Q 438 -35.71 -1.46 45.89
C TYR Q 438 -34.26 -1.80 45.55
N LYS Q 439 -34.05 -2.38 44.37
CA LYS Q 439 -32.71 -2.72 43.90
C LYS Q 439 -32.42 -1.94 42.62
N PRO Q 440 -31.76 -0.79 42.71
CA PRO Q 440 -31.60 0.06 41.52
C PRO Q 440 -30.86 -0.65 40.39
N ASP Q 441 -31.32 -0.39 39.17
CA ASP Q 441 -30.76 -0.94 37.92
C ASP Q 441 -30.80 -2.46 37.87
N LYS Q 442 -31.72 -3.09 38.59
CA LYS Q 442 -31.83 -4.55 38.60
C LYS Q 442 -33.06 -4.98 37.81
N ARG Q 443 -32.85 -5.87 36.85
CA ARG Q 443 -33.95 -6.43 36.05
C ARG Q 443 -34.50 -7.65 36.78
N GLY Q 444 -35.74 -7.57 37.22
CA GLY Q 444 -36.34 -8.63 38.00
C GLY Q 444 -36.11 -8.39 39.49
N GLU Q 445 -35.65 -9.43 40.19
CA GLU Q 445 -35.35 -9.34 41.62
C GLU Q 445 -36.56 -8.87 42.41
N GLY Q 446 -37.75 -9.31 42.02
CA GLY Q 446 -38.99 -8.93 42.67
C GLY Q 446 -40.04 -8.36 41.73
N TRP Q 447 -39.63 -7.69 40.66
CA TRP Q 447 -40.54 -7.08 39.70
C TRP Q 447 -40.56 -7.91 38.43
N LEU Q 448 -41.77 -8.22 37.95
CA LEU Q 448 -41.96 -8.97 36.72
C LEU Q 448 -42.96 -8.25 35.83
N LYS Q 449 -42.77 -8.39 34.51
CA LYS Q 449 -43.63 -7.74 33.54
C LYS Q 449 -44.26 -8.78 32.62
N ILE Q 450 -45.54 -8.60 32.32
CA ILE Q 450 -46.28 -9.52 31.47
C ILE Q 450 -47.00 -8.72 30.40
N LYS Q 451 -46.87 -9.15 29.15
CA LYS Q 451 -47.53 -8.54 28.00
C LYS Q 451 -48.19 -9.61 27.14
N PRO Q 452 -49.22 -9.25 26.37
CA PRO Q 452 -49.82 -10.23 25.44
C PRO Q 452 -48.82 -10.78 24.42
N GLU Q 453 -47.85 -9.97 23.99
CA GLU Q 453 -46.86 -10.41 23.03
C GLU Q 453 -45.89 -11.44 23.61
N TYR Q 454 -45.85 -11.60 24.93
CA TYR Q 454 -45.00 -12.61 25.55
C TYR Q 454 -45.60 -14.01 25.46
N VAL Q 455 -46.87 -14.13 25.09
CA VAL Q 455 -47.56 -15.41 25.03
C VAL Q 455 -47.71 -15.82 23.57
N SER Q 456 -47.34 -17.06 23.26
CA SER Q 456 -47.43 -17.56 21.90
C SER Q 456 -48.88 -17.87 21.54
N GLY Q 457 -49.32 -17.36 20.39
CA GLY Q 457 -50.65 -17.62 19.88
C GLY Q 457 -51.66 -16.54 20.16
N LEU Q 458 -51.43 -15.72 21.18
CA LEU Q 458 -52.35 -14.62 21.47
C LEU Q 458 -52.19 -13.47 20.48
N MET Q 459 -51.20 -13.57 19.59
CA MET Q 459 -50.80 -12.46 18.75
C MET Q 459 -51.31 -12.59 17.32
N ASP Q 460 -51.83 -11.49 16.80
CA ASP Q 460 -52.18 -11.39 15.38
C ASP Q 460 -50.97 -10.85 14.63
N GLU Q 461 -50.24 -11.74 13.97
CA GLU Q 461 -49.00 -11.39 13.29
C GLU Q 461 -49.27 -11.04 11.83
N LEU Q 462 -48.25 -10.48 11.18
CA LEU Q 462 -48.38 -9.95 9.82
C LEU Q 462 -47.39 -10.63 8.90
N ASP Q 463 -47.90 -11.21 7.80
CA ASP Q 463 -47.08 -11.75 6.73
C ASP Q 463 -47.03 -10.70 5.62
N ILE Q 464 -45.96 -9.91 5.58
CA ILE Q 464 -45.83 -8.85 4.60
C ILE Q 464 -44.60 -9.10 3.72
N LEU Q 465 -44.41 -8.26 2.70
CA LEU Q 465 -43.40 -8.46 1.68
C LEU Q 465 -42.30 -7.42 1.82
N ILE Q 466 -41.05 -7.86 1.68
CA ILE Q 466 -39.92 -6.95 1.68
C ILE Q 466 -39.85 -6.23 0.33
N VAL Q 467 -39.79 -4.90 0.37
CA VAL Q 467 -39.71 -4.11 -0.86
C VAL Q 467 -38.49 -3.19 -0.89
N GLY Q 468 -37.85 -2.90 0.25
CA GLY Q 468 -36.70 -2.03 0.26
C GLY Q 468 -35.55 -2.69 1.00
N GLY Q 469 -34.38 -2.07 0.88
CA GLY Q 469 -33.19 -2.54 1.57
C GLY Q 469 -32.29 -1.40 1.97
N TYR Q 470 -31.60 -1.59 3.08
CA TYR Q 470 -30.67 -0.61 3.62
C TYR Q 470 -29.39 -1.32 4.06
N TRP Q 471 -28.28 -0.60 3.97
CA TRP Q 471 -27.01 -1.16 4.43
C TRP Q 471 -26.89 -1.05 5.95
N GLY Q 472 -26.27 -2.06 6.56
CA GLY Q 472 -26.09 -2.09 7.99
C GLY Q 472 -24.84 -1.36 8.45
N LYS Q 473 -24.63 -1.39 9.77
CA LYS Q 473 -23.49 -0.72 10.38
C LYS Q 473 -23.06 -1.50 11.62
N GLY Q 474 -21.84 -1.24 12.06
CA GLY Q 474 -21.33 -1.91 13.25
C GLY Q 474 -21.08 -3.38 12.99
N SER Q 475 -21.57 -4.24 13.89
CA SER Q 475 -21.39 -5.67 13.73
C SER Q 475 -22.13 -6.21 12.51
N ARG Q 476 -23.15 -5.49 12.02
CA ARG Q 476 -23.91 -5.89 10.85
C ARG Q 476 -23.55 -5.07 9.62
N GLY Q 477 -22.37 -4.44 9.63
CA GLY Q 477 -21.93 -3.70 8.46
C GLY Q 477 -21.50 -4.62 7.33
N GLY Q 478 -21.51 -4.08 6.11
CA GLY Q 478 -21.17 -4.85 4.94
C GLY Q 478 -22.29 -5.69 4.40
N MET Q 479 -23.45 -5.71 5.05
CA MET Q 479 -24.60 -6.46 4.59
C MET Q 479 -25.87 -5.70 4.93
N MET Q 480 -26.95 -6.05 4.23
CA MET Q 480 -28.23 -5.37 4.35
C MET Q 480 -28.96 -5.88 5.58
N SER Q 481 -28.84 -5.14 6.67
CA SER Q 481 -29.36 -5.59 7.96
C SER Q 481 -30.85 -5.33 8.15
N HIS Q 482 -31.45 -4.47 7.34
CA HIS Q 482 -32.87 -4.17 7.49
C HIS Q 482 -33.47 -3.75 6.16
N PHE Q 483 -34.81 -3.80 6.13
CA PHE Q 483 -35.56 -3.75 4.88
C PHE Q 483 -36.80 -2.88 5.05
N LEU Q 484 -37.33 -2.42 3.93
CA LEU Q 484 -38.63 -1.75 3.89
C LEU Q 484 -39.68 -2.74 3.45
N CYS Q 485 -40.81 -2.75 4.15
CA CYS Q 485 -41.88 -3.72 3.92
C CYS Q 485 -43.13 -3.02 3.42
N ALA Q 486 -43.93 -3.75 2.64
CA ALA Q 486 -45.12 -3.20 2.01
C ALA Q 486 -46.25 -4.21 2.03
N VAL Q 487 -47.47 -3.70 1.84
CA VAL Q 487 -48.65 -4.52 1.68
C VAL Q 487 -49.19 -4.30 0.27
N ALA Q 488 -49.90 -5.31 -0.24
CA ALA Q 488 -50.34 -5.36 -1.62
C ALA Q 488 -51.73 -4.76 -1.79
N GLU Q 489 -52.06 -4.44 -3.03
CA GLU Q 489 -53.42 -4.11 -3.42
C GLU Q 489 -54.14 -5.37 -3.85
N LYS Q 490 -55.43 -5.44 -3.53
CA LYS Q 490 -56.20 -6.63 -3.84
C LYS Q 490 -56.33 -6.80 -5.34
N PRO Q 491 -55.87 -7.91 -5.93
CA PRO Q 491 -55.97 -8.10 -7.36
C PRO Q 491 -57.26 -8.82 -7.73
N PRO Q 492 -57.66 -8.78 -9.00
CA PRO Q 492 -58.83 -9.54 -9.43
C PRO Q 492 -58.58 -11.04 -9.27
N PRO Q 493 -59.64 -11.85 -9.23
CA PRO Q 493 -59.46 -13.29 -9.04
C PRO Q 493 -58.55 -13.89 -10.12
N GLY Q 494 -57.66 -14.79 -9.68
CA GLY Q 494 -56.70 -15.41 -10.56
C GLY Q 494 -55.46 -14.57 -10.84
N GLU Q 495 -55.51 -13.27 -10.61
CA GLU Q 495 -54.39 -12.39 -10.87
C GLU Q 495 -53.57 -12.15 -9.60
N LYS Q 496 -52.32 -11.73 -9.80
CA LYS Q 496 -51.39 -11.43 -8.73
C LYS Q 496 -51.28 -9.92 -8.54
N PRO Q 497 -51.01 -9.47 -7.31
CA PRO Q 497 -50.92 -8.03 -7.07
C PRO Q 497 -49.74 -7.40 -7.81
N SER Q 498 -49.91 -6.14 -8.20
CA SER Q 498 -48.89 -5.40 -8.94
C SER Q 498 -48.46 -4.11 -8.26
N VAL Q 499 -49.23 -3.56 -7.33
CA VAL Q 499 -48.90 -2.32 -6.65
C VAL Q 499 -48.88 -2.59 -5.14
N PHE Q 500 -47.80 -2.15 -4.48
CA PHE Q 500 -47.59 -2.41 -3.07
C PHE Q 500 -47.44 -1.10 -2.32
N HIS Q 501 -47.98 -1.06 -1.10
CA HIS Q 501 -47.95 0.13 -0.26
C HIS Q 501 -47.10 -0.16 0.98
N THR Q 502 -46.05 0.63 1.17
CA THR Q 502 -45.12 0.41 2.27
C THR Q 502 -45.81 0.62 3.61
N LEU Q 503 -45.46 -0.22 4.59
CA LEU Q 503 -46.08 -0.20 5.91
C LEU Q 503 -45.09 0.16 7.01
N SER Q 504 -43.96 -0.54 7.10
CA SER Q 504 -43.01 -0.29 8.18
C SER Q 504 -41.65 -0.86 7.81
N ARG Q 505 -40.63 -0.41 8.54
CA ARG Q 505 -39.29 -0.96 8.43
C ARG Q 505 -39.06 -1.98 9.54
N VAL Q 506 -38.42 -3.08 9.19
CA VAL Q 506 -38.10 -4.12 10.18
C VAL Q 506 -36.66 -4.57 9.95
N GLY Q 507 -35.92 -4.72 11.04
CA GLY Q 507 -34.54 -5.16 10.97
C GLY Q 507 -34.10 -6.03 12.12
N SER Q 508 -35.06 -6.61 12.84
CA SER Q 508 -34.74 -7.45 13.99
C SER Q 508 -35.61 -8.70 13.94
N GLY Q 509 -35.13 -9.75 14.60
CA GLY Q 509 -35.84 -11.00 14.70
C GLY Q 509 -35.17 -12.16 14.00
N CYS Q 510 -34.22 -11.89 13.12
CA CYS Q 510 -33.50 -12.93 12.41
C CYS Q 510 -32.10 -13.09 12.96
N THR Q 511 -31.66 -14.34 13.13
CA THR Q 511 -30.25 -14.59 13.41
C THR Q 511 -29.40 -14.14 12.23
N MET Q 512 -28.17 -13.72 12.52
CA MET Q 512 -27.29 -13.22 11.46
C MET Q 512 -27.04 -14.23 10.37
N LYS Q 513 -27.03 -15.53 10.69
CA LYS Q 513 -26.92 -16.54 9.64
C LYS Q 513 -28.11 -16.48 8.70
N GLU Q 514 -29.32 -16.33 9.25
CA GLU Q 514 -30.51 -16.16 8.41
C GLU Q 514 -30.42 -14.88 7.59
N LEU Q 515 -29.94 -13.80 8.20
CA LEU Q 515 -29.81 -12.54 7.47
C LEU Q 515 -28.81 -12.65 6.32
N TYR Q 516 -27.69 -13.34 6.56
CA TYR Q 516 -26.70 -13.59 5.52
C TYR Q 516 -27.28 -14.46 4.42
N ASP Q 517 -28.05 -15.49 4.78
CA ASP Q 517 -28.69 -16.33 3.78
C ASP Q 517 -29.66 -15.53 2.93
N LEU Q 518 -30.49 -14.69 3.56
CA LEU Q 518 -31.43 -13.86 2.81
C LEU Q 518 -30.72 -12.86 1.92
N GLY Q 519 -29.64 -12.26 2.42
CA GLY Q 519 -28.87 -11.34 1.60
C GLY Q 519 -28.26 -12.02 0.38
N LEU Q 520 -27.71 -13.21 0.57
CA LEU Q 520 -27.17 -13.95 -0.58
C LEU Q 520 -28.28 -14.32 -1.57
N LYS Q 521 -29.45 -14.69 -1.05
CA LYS Q 521 -30.57 -15.04 -1.93
C LYS Q 521 -31.01 -13.84 -2.76
N LEU Q 522 -31.11 -12.66 -2.14
CA LEU Q 522 -31.69 -11.49 -2.78
C LEU Q 522 -30.67 -10.59 -3.46
N ALA Q 523 -29.37 -10.88 -3.35
CA ALA Q 523 -28.34 -9.94 -3.80
C ALA Q 523 -28.49 -9.59 -5.27
N LYS Q 524 -28.80 -10.57 -6.11
CA LYS Q 524 -28.84 -10.32 -7.56
C LYS Q 524 -30.10 -9.62 -8.02
N TYR Q 525 -31.01 -9.25 -7.10
CA TYR Q 525 -32.27 -8.61 -7.47
C TYR Q 525 -32.39 -7.17 -7.01
N TRP Q 526 -31.51 -6.71 -6.13
CA TRP Q 526 -31.60 -5.36 -5.61
C TRP Q 526 -31.22 -4.34 -6.67
N LYS Q 527 -31.99 -3.25 -6.74
CA LYS Q 527 -31.78 -2.18 -7.69
C LYS Q 527 -31.65 -0.86 -6.93
N PRO Q 528 -30.72 0.01 -7.32
CA PRO Q 528 -30.61 1.31 -6.65
C PRO Q 528 -31.90 2.11 -6.76
N PHE Q 529 -32.30 2.73 -5.65
CA PHE Q 529 -33.54 3.48 -5.60
C PHE Q 529 -33.28 4.93 -5.98
N HIS Q 530 -34.11 5.44 -6.89
CA HIS Q 530 -34.03 6.83 -7.35
C HIS Q 530 -35.31 7.54 -6.91
N ARG Q 531 -35.15 8.59 -6.11
CA ARG Q 531 -36.31 9.35 -5.65
C ARG Q 531 -37.00 10.07 -6.81
N LYS Q 532 -36.23 10.49 -7.82
CA LYS Q 532 -36.78 11.15 -8.99
C LYS Q 532 -37.30 10.17 -10.03
N ALA Q 533 -37.09 8.88 -9.82
CA ALA Q 533 -37.59 7.85 -10.73
C ALA Q 533 -37.94 6.58 -9.96
N PRO Q 534 -38.96 6.62 -9.11
CA PRO Q 534 -39.28 5.44 -8.31
C PRO Q 534 -39.95 4.36 -9.14
N PRO Q 535 -39.86 3.10 -8.71
CA PRO Q 535 -40.58 2.04 -9.43
C PRO Q 535 -42.08 2.19 -9.30
N SER Q 536 -42.79 1.73 -10.33
CA SER Q 536 -44.25 1.79 -10.33
C SER Q 536 -44.87 0.75 -9.41
N SER Q 537 -44.29 -0.45 -9.32
CA SER Q 537 -44.82 -1.49 -8.46
C SER Q 537 -44.70 -1.17 -6.98
N ILE Q 538 -43.72 -0.35 -6.59
CA ILE Q 538 -43.53 0.04 -5.20
C ILE Q 538 -43.63 1.55 -5.09
N LEU Q 539 -44.77 2.02 -4.60
CA LEU Q 539 -44.94 3.43 -4.25
C LEU Q 539 -44.30 3.64 -2.89
N CYS Q 540 -43.91 4.86 -2.58
CA CYS Q 540 -43.25 5.17 -1.34
C CYS Q 540 -43.84 6.42 -0.69
N GLY Q 541 -43.87 6.41 0.64
CA GLY Q 541 -44.30 7.58 1.39
C GLY Q 541 -43.17 8.56 1.60
N THR Q 542 -43.05 9.10 2.81
CA THR Q 542 -41.92 9.96 3.11
C THR Q 542 -40.63 9.17 3.27
N GLU Q 543 -40.74 7.93 3.77
CA GLU Q 543 -39.57 7.08 3.96
C GLU Q 543 -39.21 6.39 2.65
N LYS Q 544 -37.97 6.58 2.19
CA LYS Q 544 -37.48 5.95 0.98
C LYS Q 544 -36.39 4.93 1.30
N PRO Q 545 -36.34 3.81 0.60
CA PRO Q 545 -35.26 2.83 0.82
C PRO Q 545 -34.02 3.20 0.02
N GLU Q 546 -32.90 2.65 0.45
CA GLU Q 546 -31.65 2.80 -0.27
C GLU Q 546 -31.61 1.96 -1.55
N VAL Q 547 -32.16 0.74 -1.50
CA VAL Q 547 -32.29 -0.12 -2.66
C VAL Q 547 -33.67 -0.77 -2.62
N TYR Q 548 -34.23 -1.01 -3.79
CA TYR Q 548 -35.54 -1.64 -3.92
C TYR Q 548 -35.42 -2.94 -4.72
N ILE Q 549 -36.39 -3.82 -4.50
CA ILE Q 549 -36.45 -5.10 -5.19
C ILE Q 549 -37.86 -5.29 -5.73
N GLU Q 550 -37.95 -5.78 -6.96
CA GLU Q 550 -39.26 -6.04 -7.56
C GLU Q 550 -39.99 -7.11 -6.74
N PRO Q 551 -41.31 -6.95 -6.56
CA PRO Q 551 -42.03 -7.87 -5.65
C PRO Q 551 -41.92 -9.34 -6.02
N CYS Q 552 -41.87 -9.66 -7.31
CA CYS Q 552 -41.83 -11.07 -7.74
C CYS Q 552 -40.55 -11.77 -7.29
N ASN Q 553 -39.49 -11.03 -6.97
CA ASN Q 553 -38.23 -11.60 -6.54
C ASN Q 553 -37.99 -11.49 -5.04
N SER Q 554 -38.98 -11.02 -4.28
CA SER Q 554 -38.80 -10.73 -2.87
C SER Q 554 -39.26 -11.93 -2.02
N VAL Q 555 -39.25 -11.76 -0.70
CA VAL Q 555 -39.56 -12.83 0.24
C VAL Q 555 -40.55 -12.31 1.28
N ILE Q 556 -41.53 -13.14 1.63
CA ILE Q 556 -42.51 -12.82 2.65
C ILE Q 556 -41.90 -13.04 4.04
N VAL Q 557 -42.12 -12.09 4.93
CA VAL Q 557 -41.65 -12.16 6.31
C VAL Q 557 -42.83 -12.03 7.25
N GLN Q 558 -42.85 -12.86 8.29
CA GLN Q 558 -43.89 -12.83 9.30
C GLN Q 558 -43.50 -11.86 10.40
N ILE Q 559 -44.33 -10.84 10.63
CA ILE Q 559 -44.00 -9.72 11.49
C ILE Q 559 -44.94 -9.70 12.69
N LYS Q 560 -44.37 -9.60 13.88
CA LYS Q 560 -45.11 -9.44 15.13
C LYS Q 560 -44.77 -8.08 15.74
N ALA Q 561 -45.78 -7.23 15.91
CA ALA Q 561 -45.57 -5.88 16.40
C ALA Q 561 -46.66 -5.52 17.39
N ALA Q 562 -46.32 -4.62 18.32
CA ALA Q 562 -47.21 -4.34 19.45
C ALA Q 562 -48.59 -3.87 19.01
N GLU Q 563 -48.65 -2.94 18.07
CA GLU Q 563 -49.92 -2.40 17.61
C GLU Q 563 -49.70 -1.64 16.31
N ILE Q 564 -50.79 -1.20 15.71
CA ILE Q 564 -50.76 -0.37 14.51
C ILE Q 564 -51.06 1.07 14.94
N VAL Q 565 -50.13 1.96 14.66
CA VAL Q 565 -50.22 3.35 15.09
C VAL Q 565 -50.16 4.24 13.86
N PRO Q 566 -50.77 5.43 13.92
CA PRO Q 566 -50.73 6.33 12.77
C PRO Q 566 -49.30 6.76 12.44
N SER Q 567 -49.05 6.97 11.15
CA SER Q 567 -47.73 7.34 10.69
C SER Q 567 -47.84 8.25 9.48
N ASP Q 568 -47.00 9.28 9.43
CA ASP Q 568 -46.87 10.15 8.27
C ASP Q 568 -45.68 9.78 7.39
N MET Q 569 -45.04 8.65 7.69
CA MET Q 569 -43.87 8.20 6.94
C MET Q 569 -44.17 7.06 5.97
N TYR Q 570 -45.33 6.43 6.08
CA TYR Q 570 -45.71 5.31 5.22
C TYR Q 570 -47.08 5.57 4.62
N LYS Q 571 -47.24 5.18 3.35
CA LYS Q 571 -48.45 5.51 2.61
C LYS Q 571 -49.70 4.88 3.22
N THR Q 572 -49.57 3.76 3.91
CA THR Q 572 -50.72 3.11 4.52
C THR Q 572 -51.38 3.97 5.59
N GLY Q 573 -50.84 5.16 5.88
CA GLY Q 573 -51.35 5.99 6.95
C GLY Q 573 -51.03 5.48 8.33
N CYS Q 574 -50.26 4.41 8.44
CA CYS Q 574 -49.97 3.77 9.71
C CYS Q 574 -48.70 2.95 9.60
N THR Q 575 -48.14 2.62 10.76
CA THR Q 575 -46.94 1.79 10.83
C THR Q 575 -47.11 0.80 11.98
N LEU Q 576 -46.06 0.04 12.27
CA LEU Q 576 -46.08 -0.97 13.32
C LEU Q 576 -45.20 -0.53 14.48
N ARG Q 577 -45.71 -0.72 15.70
CA ARG Q 577 -44.98 -0.40 16.92
C ARG Q 577 -44.27 -1.64 17.44
N PHE Q 578 -42.98 -1.49 17.71
CA PHE Q 578 -42.11 -2.59 18.15
C PHE Q 578 -42.17 -3.76 17.18
N PRO Q 579 -41.74 -3.58 15.92
CA PRO Q 579 -41.80 -4.68 14.95
C PRO Q 579 -40.52 -5.49 14.91
N ARG Q 580 -40.69 -6.79 14.68
CA ARG Q 580 -39.57 -7.70 14.51
C ARG Q 580 -40.03 -8.92 13.72
N ILE Q 581 -39.08 -9.56 13.04
CA ILE Q 581 -39.37 -10.69 12.17
C ILE Q 581 -39.47 -11.94 13.02
N GLU Q 582 -40.62 -12.62 12.95
CA GLU Q 582 -40.75 -13.90 13.65
C GLU Q 582 -40.24 -15.06 12.79
N LYS Q 583 -40.68 -15.13 11.55
CA LYS Q 583 -40.22 -16.16 10.62
C LYS Q 583 -40.01 -15.55 9.25
N ILE Q 584 -39.07 -16.12 8.50
CA ILE Q 584 -38.90 -15.81 7.09
C ILE Q 584 -39.74 -16.81 6.31
N ARG Q 585 -40.90 -16.36 5.81
CA ARG Q 585 -41.90 -17.25 5.24
C ARG Q 585 -41.44 -17.71 3.85
N ASP Q 586 -40.54 -18.69 3.85
CA ASP Q 586 -40.13 -19.32 2.60
C ASP Q 586 -41.21 -20.22 2.03
N ASP Q 587 -42.15 -20.67 2.86
CA ASP Q 587 -43.26 -21.50 2.40
C ASP Q 587 -44.33 -20.71 1.67
N LYS Q 588 -44.28 -19.38 1.73
CA LYS Q 588 -45.25 -18.52 1.08
C LYS Q 588 -44.63 -17.85 -0.14
N GLU Q 589 -45.47 -17.61 -1.15
CA GLU Q 589 -45.05 -16.90 -2.34
C GLU Q 589 -45.21 -15.39 -2.15
N TRP Q 590 -44.57 -14.64 -3.04
CA TRP Q 590 -44.59 -13.17 -2.92
C TRP Q 590 -46.01 -12.63 -3.08
N HIS Q 591 -46.81 -13.22 -3.98
CA HIS Q 591 -48.17 -12.76 -4.18
C HIS Q 591 -49.11 -13.13 -3.04
N GLU Q 592 -48.66 -13.95 -2.09
CA GLU Q 592 -49.45 -14.29 -0.93
C GLU Q 592 -49.39 -13.25 0.18
N CYS Q 593 -48.76 -12.09 -0.08
CA CYS Q 593 -48.76 -11.01 0.89
C CYS Q 593 -50.18 -10.50 1.10
N MET Q 594 -50.45 -10.01 2.31
CA MET Q 594 -51.78 -9.52 2.63
C MET Q 594 -52.10 -8.27 1.83
N THR Q 595 -53.35 -7.84 1.92
CA THR Q 595 -53.84 -6.67 1.22
C THR Q 595 -54.19 -5.55 2.19
N LEU Q 596 -54.43 -4.37 1.61
CA LEU Q 596 -54.85 -3.23 2.43
C LEU Q 596 -56.16 -3.49 3.14
N ASP Q 597 -57.02 -4.34 2.56
CA ASP Q 597 -58.23 -4.74 3.26
C ASP Q 597 -57.92 -5.51 4.54
N ASP Q 598 -56.97 -6.45 4.46
CA ASP Q 598 -56.57 -7.18 5.66
C ASP Q 598 -55.92 -6.24 6.67
N LEU Q 599 -55.09 -5.31 6.21
CA LEU Q 599 -54.46 -4.35 7.11
C LEU Q 599 -55.51 -3.50 7.82
N GLU Q 600 -56.52 -3.03 7.08
CA GLU Q 600 -57.58 -2.23 7.68
C GLU Q 600 -58.40 -3.04 8.66
N GLN Q 601 -58.68 -4.30 8.33
CA GLN Q 601 -59.42 -5.17 9.24
C GLN Q 601 -58.65 -5.34 10.55
N LEU Q 602 -57.35 -5.60 10.46
CA LEU Q 602 -56.54 -5.75 11.67
C LEU Q 602 -56.50 -4.45 12.46
N ARG Q 603 -56.38 -3.32 11.77
CA ARG Q 603 -56.32 -2.03 12.46
C ARG Q 603 -57.63 -1.74 13.20
N GLY Q 604 -58.76 -2.02 12.56
CA GLY Q 604 -60.06 -1.75 13.16
C GLY Q 604 -60.60 -2.81 14.09
N LYS Q 605 -59.96 -3.99 14.16
CA LYS Q 605 -60.46 -5.03 15.04
C LYS Q 605 -60.42 -4.60 16.50
N ALA Q 606 -59.29 -4.05 16.96
CA ALA Q 606 -59.16 -3.68 18.36
C ALA Q 606 -58.54 -2.29 18.53
N SER Q 607 -59.05 -1.32 17.78
CA SER Q 607 -58.60 0.08 17.88
C SER Q 607 -57.11 0.22 17.63
N GLY Q 608 -56.57 -0.56 16.69
CA GLY Q 608 -55.17 -0.53 16.35
C GLY Q 608 -54.34 -1.55 17.10
N LYS Q 609 -54.79 -1.97 18.28
CA LYS Q 609 -54.10 -3.02 19.00
C LYS Q 609 -54.25 -4.35 18.27
N LEU Q 610 -53.13 -5.04 18.07
CA LEU Q 610 -53.12 -6.32 17.37
C LEU Q 610 -53.26 -7.51 18.32
N ALA Q 611 -53.43 -7.26 19.61
CA ALA Q 611 -53.63 -8.30 20.61
C ALA Q 611 -55.06 -8.18 21.15
N SER Q 612 -55.94 -9.08 20.70
CA SER Q 612 -57.33 -9.05 21.13
C SER Q 612 -57.88 -10.43 21.43
N LYS Q 613 -57.01 -11.38 21.80
CA LYS Q 613 -57.41 -12.75 22.09
C LYS Q 613 -56.96 -13.12 23.49
N HIS Q 614 -57.85 -13.73 24.25
CA HIS Q 614 -57.57 -14.10 25.63
C HIS Q 614 -56.62 -15.28 25.70
N LEU Q 615 -55.95 -15.42 26.84
CA LEU Q 615 -55.06 -16.54 27.10
C LEU Q 615 -55.81 -17.58 27.92
N TYR Q 616 -55.77 -18.84 27.47
CA TYR Q 616 -56.45 -19.92 28.16
C TYR Q 616 -55.47 -21.03 28.52
N SER Q 656 -55.74 -54.77 6.87
CA SER Q 656 -55.85 -56.19 7.23
C SER Q 656 -56.15 -56.39 8.70
N ASN Q 657 -57.33 -56.95 8.97
CA ASN Q 657 -57.76 -57.29 10.32
C ASN Q 657 -57.25 -58.67 10.72
N ILE Q 658 -56.52 -59.34 9.85
CA ILE Q 658 -56.03 -60.68 10.10
C ILE Q 658 -54.87 -60.67 11.09
N PHE Q 659 -53.85 -59.86 10.82
CA PHE Q 659 -52.59 -59.96 11.51
C PHE Q 659 -52.62 -59.30 12.88
N GLU Q 660 -53.76 -58.74 13.26
CA GLU Q 660 -54.04 -58.40 14.65
C GLU Q 660 -54.05 -59.65 15.51
N ASP Q 661 -53.84 -59.47 16.82
CA ASP Q 661 -53.84 -60.54 17.80
C ASP Q 661 -52.64 -61.48 17.64
N VAL Q 662 -51.74 -61.16 16.71
CA VAL Q 662 -50.56 -62.00 16.53
C VAL Q 662 -49.32 -61.16 16.77
N GLU Q 663 -48.43 -61.67 17.62
CA GLU Q 663 -47.32 -60.91 18.14
C GLU Q 663 -46.05 -61.17 17.34
N PHE Q 664 -45.40 -60.07 16.97
CA PHE Q 664 -44.30 -60.11 16.01
C PHE Q 664 -43.06 -59.52 16.63
N CYS Q 665 -41.91 -59.84 16.04
CA CYS Q 665 -40.64 -59.24 16.41
C CYS Q 665 -39.82 -59.05 15.15
N VAL Q 666 -39.89 -57.86 14.56
CA VAL Q 666 -39.18 -57.58 13.31
C VAL Q 666 -37.93 -56.79 13.70
N MET Q 667 -36.78 -57.44 13.57
CA MET Q 667 -35.62 -56.96 14.30
C MET Q 667 -34.33 -57.13 13.50
N SER Q 668 -34.44 -57.53 12.24
CA SER Q 668 -33.49 -57.16 11.21
C SER Q 668 -34.21 -57.17 9.87
N GLY Q 669 -33.57 -56.63 8.84
CA GLY Q 669 -34.28 -56.38 7.60
C GLY Q 669 -33.85 -55.12 6.88
N THR Q 670 -32.85 -54.42 7.41
CA THR Q 670 -32.29 -53.24 6.76
C THR Q 670 -31.83 -53.56 5.35
N GLN Q 673 -34.26 -53.28 2.38
CA GLN Q 673 -35.65 -53.26 2.82
C GLN Q 673 -35.83 -52.23 3.94
N PRO Q 674 -36.90 -51.44 3.87
CA PRO Q 674 -37.09 -50.39 4.87
C PRO Q 674 -37.43 -50.97 6.23
N LYS Q 675 -36.39 -51.36 6.96
CA LYS Q 675 -36.47 -51.87 8.33
C LYS Q 675 -37.56 -51.21 9.16
N PRO Q 676 -37.52 -49.90 9.42
CA PRO Q 676 -38.57 -49.32 10.26
C PRO Q 676 -39.93 -49.44 9.61
N ASP Q 677 -40.01 -49.32 8.29
CA ASP Q 677 -41.27 -49.44 7.59
C ASP Q 677 -41.84 -50.85 7.66
N LEU Q 678 -40.99 -51.85 7.95
CA LEU Q 678 -41.49 -53.21 8.02
C LEU Q 678 -42.56 -53.34 9.09
N GLU Q 679 -42.30 -52.80 10.30
CA GLU Q 679 -43.33 -52.79 11.31
C GLU Q 679 -44.50 -51.89 10.91
N ASN Q 680 -44.21 -50.76 10.27
CA ASN Q 680 -45.28 -49.90 9.77
C ASN Q 680 -46.14 -50.66 8.78
N ARG Q 681 -45.52 -51.43 7.90
CA ARG Q 681 -46.25 -52.33 7.03
C ARG Q 681 -47.07 -53.33 7.83
N ILE Q 682 -46.52 -53.76 8.97
CA ILE Q 682 -47.25 -54.68 9.85
C ILE Q 682 -48.31 -53.94 10.63
N ALA Q 683 -47.99 -52.73 11.10
CA ALA Q 683 -48.95 -51.99 11.91
C ALA Q 683 -50.27 -51.85 11.19
N GLU Q 684 -50.23 -51.52 9.89
CA GLU Q 684 -51.47 -51.41 9.13
C GLU Q 684 -52.12 -52.76 8.93
N PHE Q 685 -51.38 -53.85 9.11
CA PHE Q 685 -51.99 -55.16 9.22
C PHE Q 685 -52.30 -55.50 10.66
N GLY Q 686 -52.03 -54.59 11.58
CA GLY Q 686 -52.38 -54.78 12.97
C GLY Q 686 -51.54 -55.80 13.68
N GLY Q 687 -50.43 -56.23 13.07
CA GLY Q 687 -49.57 -57.18 13.73
C GLY Q 687 -49.08 -56.68 15.08
N TYR Q 688 -49.21 -57.51 16.11
CA TYR Q 688 -48.79 -57.08 17.45
C TYR Q 688 -47.28 -57.08 17.55
N ILE Q 689 -46.66 -55.96 17.23
CA ILE Q 689 -45.20 -55.88 17.33
C ILE Q 689 -44.77 -56.09 18.78
N VAL Q 690 -43.94 -57.09 19.00
CA VAL Q 690 -43.21 -57.24 20.24
C VAL Q 690 -41.79 -56.76 19.97
N GLN Q 691 -41.57 -55.46 20.17
CA GLN Q 691 -40.39 -54.81 19.62
C GLN Q 691 -39.12 -55.39 20.23
N ASN Q 692 -39.27 -56.10 21.36
CA ASN Q 692 -38.31 -56.84 22.17
C ASN Q 692 -38.82 -58.29 22.44
N PRO Q 693 -38.36 -59.40 21.81
CA PRO Q 693 -39.07 -60.66 22.05
C PRO Q 693 -39.01 -61.14 23.49
N GLY Q 694 -40.18 -61.46 24.04
CA GLY Q 694 -40.25 -62.10 25.33
C GLY Q 694 -40.85 -63.48 25.22
N PRO Q 695 -41.09 -64.14 26.37
CA PRO Q 695 -41.74 -65.45 26.33
C PRO Q 695 -43.15 -65.42 25.74
N ASP Q 696 -43.83 -64.27 25.76
CA ASP Q 696 -45.16 -64.19 25.17
C ASP Q 696 -45.12 -64.32 23.65
N THR Q 697 -44.20 -63.61 23.00
CA THR Q 697 -44.03 -63.76 21.58
C THR Q 697 -43.16 -64.97 21.28
N TYR Q 698 -43.37 -65.55 20.13
CA TYR Q 698 -42.63 -66.76 19.80
C TYR Q 698 -41.88 -66.62 18.49
N CYS Q 699 -42.45 -65.90 17.53
CA CYS Q 699 -41.85 -65.74 16.21
C CYS Q 699 -41.09 -64.42 16.16
N VAL Q 700 -39.85 -64.49 15.69
CA VAL Q 700 -39.01 -63.32 15.55
C VAL Q 700 -38.43 -63.32 14.13
N ILE Q 701 -38.59 -62.21 13.42
CA ILE Q 701 -38.26 -62.12 12.01
C ILE Q 701 -36.93 -61.40 11.88
N ALA Q 702 -36.01 -62.00 11.12
CA ALA Q 702 -34.71 -61.39 10.91
C ALA Q 702 -34.46 -61.25 9.42
N GLY Q 703 -34.26 -60.02 8.97
CA GLY Q 703 -33.75 -59.75 7.65
C GLY Q 703 -32.32 -60.21 7.53
N SER Q 704 -31.55 -60.06 8.60
CA SER Q 704 -30.16 -60.49 8.63
C SER Q 704 -29.81 -60.92 10.06
N GLU Q 705 -28.77 -61.75 10.16
CA GLU Q 705 -28.36 -62.27 11.45
C GLU Q 705 -27.63 -61.22 12.25
N ASN Q 706 -27.61 -61.40 13.55
CA ASN Q 706 -26.57 -60.90 14.42
C ASN Q 706 -26.26 -61.96 15.45
N ILE Q 707 -25.29 -61.69 16.33
CA ILE Q 707 -25.03 -62.64 17.40
C ILE Q 707 -26.22 -62.74 18.34
N ARG Q 708 -27.02 -61.69 18.45
CA ARG Q 708 -28.27 -61.84 19.17
C ARG Q 708 -29.19 -62.83 18.48
N VAL Q 709 -29.29 -62.75 17.15
CA VAL Q 709 -29.85 -63.87 16.43
C VAL Q 709 -29.25 -65.15 16.98
N LYS Q 710 -27.92 -65.22 16.95
CA LYS Q 710 -27.27 -66.36 17.56
C LYS Q 710 -27.70 -66.53 19.01
N ASN Q 711 -27.78 -65.45 19.77
CA ASN Q 711 -28.24 -65.58 21.15
C ASN Q 711 -29.60 -66.23 21.20
N ILE Q 712 -30.56 -65.69 20.46
CA ILE Q 712 -31.86 -66.32 20.42
C ILE Q 712 -31.81 -67.58 19.58
N ILE Q 713 -30.81 -67.70 18.72
CA ILE Q 713 -30.50 -69.02 18.22
C ILE Q 713 -29.97 -69.87 19.36
N LEU Q 714 -29.00 -69.34 20.11
CA LEU Q 714 -28.51 -70.04 21.28
C LEU Q 714 -29.60 -70.17 22.34
N SER Q 715 -30.62 -69.32 22.28
CA SER Q 715 -31.78 -69.43 23.15
C SER Q 715 -32.94 -69.88 22.27
N ASN Q 716 -33.01 -71.17 22.03
CA ASN Q 716 -34.02 -71.77 21.16
C ASN Q 716 -35.42 -71.62 21.71
N LYS Q 717 -35.59 -70.96 22.86
CA LYS Q 717 -36.93 -70.68 23.39
C LYS Q 717 -37.70 -69.80 22.42
N HIS Q 718 -37.09 -69.42 21.31
CA HIS Q 718 -37.75 -68.63 20.29
C HIS Q 718 -37.49 -69.26 18.92
N ASP Q 719 -38.41 -68.99 17.99
CA ASP Q 719 -38.44 -69.51 16.61
C ASP Q 719 -38.12 -68.39 15.63
N VAL Q 720 -37.04 -68.56 14.86
CA VAL Q 720 -36.40 -67.45 14.18
C VAL Q 720 -36.53 -67.57 12.67
N VAL Q 721 -37.13 -66.52 12.14
CA VAL Q 721 -37.92 -66.52 10.92
C VAL Q 721 -37.23 -65.71 9.84
N LYS Q 722 -37.22 -66.20 8.62
CA LYS Q 722 -36.74 -65.44 7.47
C LYS Q 722 -37.82 -64.48 6.93
N PRO Q 723 -37.42 -63.34 6.38
CA PRO Q 723 -38.27 -62.16 6.15
C PRO Q 723 -39.26 -62.36 5.01
N ALA Q 724 -38.86 -63.05 3.95
CA ALA Q 724 -39.66 -63.06 2.73
C ALA Q 724 -41.02 -63.70 2.95
N TRP Q 725 -41.10 -64.66 3.85
CA TRP Q 725 -42.36 -65.37 4.03
C TRP Q 725 -43.47 -64.46 4.51
N LEU Q 726 -43.17 -63.54 5.43
CA LEU Q 726 -44.22 -62.61 5.83
C LEU Q 726 -44.61 -61.71 4.67
N LEU Q 727 -43.63 -61.22 3.93
CA LEU Q 727 -43.92 -60.55 2.67
C LEU Q 727 -44.79 -61.43 1.81
N GLU Q 728 -44.44 -62.72 1.72
CA GLU Q 728 -45.32 -63.70 1.13
C GLU Q 728 -46.69 -63.67 1.76
N CYS Q 729 -46.74 -63.78 3.09
CA CYS Q 729 -48.04 -63.69 3.75
C CYS Q 729 -48.71 -62.38 3.46
N PHE Q 730 -47.95 -61.28 3.50
CA PHE Q 730 -48.51 -59.99 3.13
C PHE Q 730 -48.95 -59.95 1.69
N LYS Q 731 -48.15 -60.48 0.78
CA LYS Q 731 -48.58 -60.59 -0.60
C LYS Q 731 -49.69 -61.61 -0.79
N THR Q 732 -49.81 -62.57 0.12
CA THR Q 732 -51.01 -63.41 0.11
C THR Q 732 -52.20 -62.72 0.75
N LYS Q 733 -52.00 -61.54 1.34
CA LYS Q 733 -53.03 -60.87 2.14
C LYS Q 733 -53.51 -61.79 3.26
N SER Q 734 -52.74 -62.85 3.53
CA SER Q 734 -53.19 -63.88 4.45
C SER Q 734 -51.97 -64.52 5.07
N PHE Q 735 -52.08 -64.86 6.34
CA PHE Q 735 -51.04 -65.58 7.04
C PHE Q 735 -50.78 -66.91 6.37
N VAL Q 736 -49.63 -67.10 5.71
CA VAL Q 736 -49.22 -68.40 5.20
C VAL Q 736 -48.64 -69.16 6.37
N PRO Q 737 -49.12 -70.31 6.77
CA PRO Q 737 -48.58 -71.07 7.90
C PRO Q 737 -47.13 -71.46 7.68
N TRP Q 738 -46.30 -71.37 8.71
CA TRP Q 738 -44.85 -71.45 8.52
C TRP Q 738 -44.31 -72.88 8.54
N GLN Q 739 -43.31 -73.11 7.69
CA GLN Q 739 -42.53 -74.34 7.59
C GLN Q 739 -41.10 -73.99 7.13
N PRO Q 740 -40.15 -74.95 7.14
CA PRO Q 740 -38.73 -74.67 6.91
C PRO Q 740 -38.37 -73.91 5.63
N ARG Q 741 -39.30 -73.81 4.67
CA ARG Q 741 -39.27 -72.81 3.58
C ARG Q 741 -38.86 -71.40 4.04
N PHE Q 742 -39.26 -71.05 5.25
CA PHE Q 742 -39.35 -69.68 5.71
C PHE Q 742 -38.46 -69.37 6.89
N MET Q 743 -37.69 -70.32 7.41
CA MET Q 743 -37.09 -70.14 8.74
C MET Q 743 -35.58 -70.19 8.65
N ILE Q 744 -34.91 -69.96 9.77
CA ILE Q 744 -33.61 -70.56 9.95
C ILE Q 744 -33.67 -71.65 11.02
N HIS Q 745 -34.21 -71.39 12.21
CA HIS Q 745 -34.20 -72.40 13.30
C HIS Q 745 -35.33 -72.20 14.29
N MET Q 746 -35.70 -73.27 14.99
CA MET Q 746 -36.94 -73.37 15.74
C MET Q 746 -36.85 -74.27 16.96
N CYS Q 747 -37.69 -74.03 17.95
CA CYS Q 747 -37.90 -74.96 19.04
C CYS Q 747 -38.50 -76.25 18.49
N PRO Q 748 -38.29 -77.40 19.12
CA PRO Q 748 -38.70 -78.68 18.56
C PRO Q 748 -40.20 -78.79 18.33
N SER Q 749 -41.02 -77.97 18.98
CA SER Q 749 -42.47 -78.16 18.87
C SER Q 749 -42.94 -77.95 17.43
N THR Q 750 -42.25 -77.07 16.73
CA THR Q 750 -42.42 -76.92 15.29
C THR Q 750 -42.13 -78.23 14.54
N LYS Q 751 -41.09 -78.92 14.97
CA LYS Q 751 -40.58 -80.14 14.39
C LYS Q 751 -41.53 -81.29 14.67
N GLU Q 752 -42.11 -81.40 15.85
CA GLU Q 752 -43.19 -82.38 16.01
C GLU Q 752 -44.33 -82.04 15.06
N HIS Q 753 -44.65 -80.76 14.80
CA HIS Q 753 -45.50 -80.32 13.69
C HIS Q 753 -45.10 -80.78 12.29
N PHE Q 754 -43.90 -81.30 12.03
CA PHE Q 754 -43.31 -81.31 10.68
C PHE Q 754 -44.10 -82.21 9.70
N ALA Q 755 -44.99 -83.13 10.15
CA ALA Q 755 -45.93 -83.80 9.24
C ALA Q 755 -46.93 -82.84 8.57
N ARG Q 756 -46.91 -81.57 9.02
CA ARG Q 756 -48.02 -80.60 9.08
C ARG Q 756 -48.98 -81.10 10.20
N GLU Q 757 -48.42 -81.89 11.13
CA GLU Q 757 -48.95 -82.71 12.23
C GLU Q 757 -47.77 -83.37 13.03
N TYR Q 758 -48.01 -84.06 14.16
CA TYR Q 758 -47.16 -84.66 15.19
C TYR Q 758 -46.39 -85.95 14.84
N ASP Q 759 -45.49 -86.07 13.83
CA ASP Q 759 -44.54 -87.23 13.81
C ASP Q 759 -43.21 -87.15 13.00
N CYS Q 760 -42.33 -86.17 13.23
CA CYS Q 760 -40.88 -86.29 12.88
C CYS Q 760 -39.98 -85.35 13.73
N TYR Q 761 -38.71 -85.12 13.34
CA TYR Q 761 -37.69 -84.47 14.17
C TYR Q 761 -36.58 -83.64 13.47
N GLY Q 762 -36.08 -83.99 12.29
CA GLY Q 762 -34.87 -83.44 11.67
C GLY Q 762 -35.08 -82.63 10.37
N ASP Q 763 -34.13 -82.67 9.44
CA ASP Q 763 -34.36 -82.35 8.03
C ASP Q 763 -33.67 -83.35 7.09
N SER Q 764 -33.40 -82.99 5.82
CA SER Q 764 -33.32 -83.81 4.60
C SER Q 764 -34.72 -84.28 4.20
N TYR Q 765 -35.63 -83.31 4.10
CA TYR Q 765 -37.05 -83.44 3.89
C TYR Q 765 -37.70 -82.22 3.20
N PHE Q 766 -37.73 -81.01 3.80
CA PHE Q 766 -38.82 -80.05 3.49
C PHE Q 766 -38.77 -79.39 2.10
N ILE Q 767 -39.83 -79.59 1.30
CA ILE Q 767 -40.15 -78.88 0.04
C ILE Q 767 -41.58 -79.24 -0.43
N ASP Q 768 -42.35 -78.24 -0.89
CA ASP Q 768 -43.69 -78.39 -1.48
C ASP Q 768 -43.66 -78.25 -3.03
N THR Q 769 -42.99 -79.23 -3.65
CA THR Q 769 -43.01 -79.53 -5.07
C THR Q 769 -42.79 -78.29 -5.97
N ASP Q 770 -41.85 -77.43 -5.58
CA ASP Q 770 -41.42 -76.23 -6.27
C ASP Q 770 -39.96 -76.33 -6.68
N LEU Q 771 -39.51 -75.32 -7.41
CA LEU Q 771 -38.26 -75.40 -8.14
C LEU Q 771 -37.28 -74.32 -7.67
N ASN Q 772 -37.74 -73.08 -7.60
CA ASN Q 772 -36.84 -71.95 -7.39
C ASN Q 772 -36.13 -72.05 -6.04
N GLN Q 773 -36.80 -72.63 -5.06
CA GLN Q 773 -36.30 -72.55 -3.69
C GLN Q 773 -35.11 -73.48 -3.47
N LEU Q 774 -35.04 -74.59 -4.21
CA LEU Q 774 -33.96 -75.54 -3.98
C LEU Q 774 -32.64 -75.02 -4.54
N LYS Q 775 -32.66 -73.89 -5.22
CA LYS Q 775 -31.43 -73.34 -5.80
C LYS Q 775 -30.42 -73.04 -4.70
N GLU Q 776 -30.70 -72.02 -3.89
CA GLU Q 776 -29.76 -71.59 -2.87
C GLU Q 776 -29.82 -72.52 -1.67
N VAL Q 777 -30.93 -73.24 -1.52
CA VAL Q 777 -31.03 -74.21 -0.43
C VAL Q 777 -30.00 -75.31 -0.58
N PHE Q 778 -29.76 -75.79 -1.80
CA PHE Q 778 -28.71 -76.78 -1.97
C PHE Q 778 -27.35 -76.20 -1.57
N SER Q 779 -27.06 -74.98 -2.01
CA SER Q 779 -25.76 -74.38 -1.73
C SER Q 779 -25.57 -74.09 -0.25
N GLY Q 780 -26.67 -73.91 0.49
CA GLY Q 780 -26.56 -73.69 1.92
C GLY Q 780 -26.41 -74.97 2.71
N ILE Q 781 -26.42 -76.12 2.03
CA ILE Q 781 -26.26 -77.39 2.71
C ILE Q 781 -24.89 -77.47 3.34
N LYS Q 782 -24.84 -77.93 4.59
CA LYS Q 782 -23.57 -78.08 5.31
C LYS Q 782 -22.76 -79.23 4.74
N ASN Q 783 -21.82 -78.92 3.84
CA ASN Q 783 -20.91 -79.93 3.29
C ASN Q 783 -21.65 -81.05 2.60
N SER Q 784 -22.25 -80.78 1.44
CA SER Q 784 -23.09 -81.77 0.78
C SER Q 784 -22.24 -82.90 0.20
N ASN Q 785 -21.50 -83.57 1.07
CA ASN Q 785 -20.78 -84.81 0.78
C ASN Q 785 -21.04 -85.76 1.96
N GLU Q 786 -22.33 -85.88 2.30
CA GLU Q 786 -22.72 -86.18 3.67
C GLU Q 786 -22.40 -87.62 4.08
N GLN Q 787 -23.02 -88.60 3.43
CA GLN Q 787 -22.99 -89.96 3.94
C GLN Q 787 -22.67 -90.94 2.83
N THR Q 788 -21.92 -91.99 3.18
CA THR Q 788 -21.47 -93.05 2.28
C THR Q 788 -20.93 -92.50 0.98
N PRO Q 789 -19.94 -91.59 1.01
CA PRO Q 789 -19.58 -90.86 -0.21
C PRO Q 789 -18.39 -91.40 -0.96
N GLU Q 790 -17.86 -92.57 -0.59
CA GLU Q 790 -16.59 -93.02 -1.16
C GLU Q 790 -16.74 -94.22 -2.10
N GLU Q 791 -17.28 -95.34 -1.63
CA GLU Q 791 -17.42 -96.51 -2.50
C GLU Q 791 -18.65 -96.31 -3.38
N MET Q 792 -18.44 -96.10 -4.67
CA MET Q 792 -19.44 -95.43 -5.48
C MET Q 792 -19.69 -96.13 -6.82
N ALA Q 793 -18.81 -97.05 -7.21
CA ALA Q 793 -18.89 -97.66 -8.53
C ALA Q 793 -20.22 -98.40 -8.71
N SER Q 794 -20.55 -99.30 -7.78
CA SER Q 794 -21.82 -100.01 -7.86
C SER Q 794 -22.99 -99.13 -7.45
N LEU Q 795 -22.72 -98.08 -6.66
CA LEU Q 795 -23.76 -97.23 -6.12
C LEU Q 795 -24.07 -96.03 -7.01
N ILE Q 796 -23.70 -96.09 -8.29
CA ILE Q 796 -24.16 -95.13 -9.29
C ILE Q 796 -25.12 -95.80 -10.27
N ALA Q 797 -24.74 -96.96 -10.79
CA ALA Q 797 -25.60 -97.70 -11.70
C ALA Q 797 -26.93 -98.03 -11.03
N ASP Q 798 -26.87 -98.47 -9.77
CA ASP Q 798 -28.09 -98.68 -9.02
C ASP Q 798 -28.93 -97.41 -8.96
N LEU Q 799 -28.27 -96.27 -8.71
CA LEU Q 799 -28.97 -94.99 -8.75
C LEU Q 799 -29.56 -94.76 -10.13
N GLU Q 800 -28.80 -95.03 -11.17
CA GLU Q 800 -29.34 -94.96 -12.53
C GLU Q 800 -30.42 -96.00 -12.73
N TYR Q 801 -30.18 -97.22 -12.27
CA TYR Q 801 -31.15 -98.29 -12.45
C TYR Q 801 -32.41 -98.04 -11.64
N ARG Q 802 -32.26 -97.71 -10.36
CA ARG Q 802 -33.42 -97.55 -9.49
C ARG Q 802 -34.28 -96.36 -9.91
N TYR Q 803 -33.64 -95.21 -10.18
CA TYR Q 803 -34.36 -93.98 -10.43
C TYR Q 803 -34.38 -93.62 -11.91
N SER Q 804 -34.07 -94.57 -12.78
CA SER Q 804 -34.15 -94.37 -14.22
C SER Q 804 -33.41 -93.10 -14.63
N TRP Q 805 -32.16 -92.98 -14.19
CA TRP Q 805 -31.29 -91.98 -14.81
C TRP Q 805 -31.11 -92.29 -16.28
N ASP Q 806 -31.34 -93.55 -16.68
CA ASP Q 806 -31.09 -94.03 -18.03
C ASP Q 806 -32.16 -93.64 -19.04
N CYS Q 807 -33.28 -93.07 -18.60
CA CYS Q 807 -34.31 -92.65 -19.55
C CYS Q 807 -34.16 -91.16 -19.91
N SER Q 808 -33.02 -90.80 -20.49
CA SER Q 808 -32.74 -89.42 -20.86
C SER Q 808 -31.73 -89.40 -22.01
N PRO Q 809 -31.79 -88.39 -22.88
CA PRO Q 809 -30.87 -88.35 -24.03
C PRO Q 809 -29.40 -88.29 -23.66
N LEU Q 810 -29.05 -87.65 -22.55
CA LEU Q 810 -27.66 -87.54 -22.12
C LEU Q 810 -27.11 -88.83 -21.53
N SER Q 811 -27.87 -89.92 -21.62
CA SER Q 811 -27.42 -91.23 -21.17
C SER Q 811 -27.79 -92.32 -22.17
N MET Q 812 -28.04 -91.94 -23.43
CA MET Q 812 -28.47 -92.91 -24.44
C MET Q 812 -27.33 -93.85 -24.81
N PHE Q 813 -26.11 -93.54 -24.42
CA PHE Q 813 -24.99 -94.46 -24.58
C PHE Q 813 -24.59 -95.13 -23.28
N ARG Q 814 -25.48 -95.16 -22.30
CA ARG Q 814 -25.14 -95.72 -20.99
C ARG Q 814 -24.69 -97.17 -21.09
N ARG Q 815 -25.41 -97.99 -21.85
CA ARG Q 815 -25.12 -99.43 -21.94
C ARG Q 815 -24.36 -99.79 -23.21
N HIS Q 816 -23.44 -98.93 -23.66
CA HIS Q 816 -22.60 -99.21 -24.81
C HIS Q 816 -21.15 -99.20 -24.39
N THR Q 817 -20.39 -100.20 -24.82
CA THR Q 817 -18.94 -100.17 -24.73
C THR Q 817 -18.37 -99.60 -26.01
N VAL Q 818 -17.47 -98.64 -25.88
CA VAL Q 818 -16.85 -98.00 -27.04
C VAL Q 818 -15.34 -98.04 -26.86
N TYR Q 819 -14.65 -98.63 -27.82
CA TYR Q 819 -13.21 -98.45 -27.96
C TYR Q 819 -12.95 -97.49 -29.11
N LEU Q 820 -12.05 -96.54 -28.89
CA LEU Q 820 -11.80 -95.46 -29.83
C LEU Q 820 -10.47 -95.67 -30.53
N ASP Q 821 -10.46 -95.48 -31.84
CA ASP Q 821 -9.25 -95.61 -32.65
C ASP Q 821 -8.35 -94.38 -32.58
N SER Q 822 -7.97 -93.96 -31.38
CA SER Q 822 -7.06 -92.85 -31.18
C SER Q 822 -5.63 -93.30 -30.94
N TYR Q 823 -5.34 -94.58 -31.14
CA TYR Q 823 -4.00 -95.14 -30.91
C TYR Q 823 -3.47 -95.66 -32.24
N ALA Q 824 -2.23 -95.29 -32.57
CA ALA Q 824 -1.62 -95.78 -33.80
C ALA Q 824 -1.45 -97.29 -33.76
N VAL Q 825 -1.30 -97.86 -32.57
CA VAL Q 825 -1.22 -99.31 -32.38
C VAL Q 825 -2.35 -99.71 -31.45
N ILE Q 826 -3.11 -100.73 -31.84
CA ILE Q 826 -4.24 -101.17 -31.04
C ILE Q 826 -3.74 -101.66 -29.68
N ASN Q 827 -4.40 -101.19 -28.62
CA ASN Q 827 -4.11 -101.53 -27.23
C ASN Q 827 -2.74 -101.04 -26.76
N ASP Q 828 -2.09 -100.14 -27.50
CA ASP Q 828 -0.87 -99.49 -27.04
C ASP Q 828 -1.27 -98.10 -26.58
N LEU Q 829 -1.30 -97.90 -25.26
CA LEU Q 829 -1.91 -96.72 -24.67
C LEU Q 829 -1.18 -95.42 -25.00
N SER Q 830 0.06 -95.49 -25.47
CA SER Q 830 0.84 -94.28 -25.73
C SER Q 830 1.19 -94.17 -27.21
N THR Q 831 0.44 -94.88 -28.05
CA THR Q 831 0.48 -94.62 -29.49
C THR Q 831 -0.63 -93.62 -29.81
N LYS Q 832 -0.95 -92.79 -28.83
CA LYS Q 832 -2.08 -91.87 -28.94
C LYS Q 832 -1.91 -90.93 -30.12
N ASN Q 833 -3.02 -90.70 -30.82
CA ASN Q 833 -3.09 -89.78 -31.95
C ASN Q 833 -3.82 -88.50 -31.57
N GLU Q 834 -3.56 -88.00 -30.36
CA GLU Q 834 -4.27 -86.85 -29.81
C GLU Q 834 -4.18 -85.65 -30.75
N GLY Q 835 -5.11 -84.71 -30.56
CA GLY Q 835 -5.28 -83.60 -31.45
C GLY Q 835 -6.28 -83.83 -32.57
N THR Q 836 -6.79 -85.05 -32.71
CA THR Q 836 -7.83 -85.31 -33.69
C THR Q 836 -9.17 -84.84 -33.18
N ARG Q 837 -10.16 -84.80 -34.07
CA ARG Q 837 -11.53 -84.55 -33.65
C ARG Q 837 -12.16 -85.77 -32.98
N LEU Q 838 -11.48 -86.91 -32.95
CA LEU Q 838 -11.95 -88.06 -32.18
C LEU Q 838 -11.98 -87.76 -30.69
N ALA Q 839 -11.13 -86.84 -30.22
CA ALA Q 839 -11.12 -86.49 -28.81
C ALA Q 839 -12.44 -85.87 -28.38
N ILE Q 840 -13.04 -85.05 -29.24
CA ILE Q 840 -14.34 -84.47 -28.94
C ILE Q 840 -15.41 -85.56 -28.90
N LYS Q 841 -15.30 -86.54 -29.80
CA LYS Q 841 -16.22 -87.68 -29.78
C LYS Q 841 -16.14 -88.43 -28.45
N ALA Q 842 -14.94 -88.54 -27.88
CA ALA Q 842 -14.81 -89.14 -26.56
C ALA Q 842 -15.57 -88.36 -25.51
N LEU Q 843 -15.49 -87.03 -25.56
CA LEU Q 843 -16.25 -86.19 -24.65
C LEU Q 843 -17.74 -86.44 -24.82
N GLU Q 844 -18.22 -86.40 -26.06
CA GLU Q 844 -19.65 -86.55 -26.34
C GLU Q 844 -20.18 -87.89 -25.83
N LEU Q 845 -19.46 -88.97 -26.12
CA LEU Q 845 -19.87 -90.30 -25.67
C LEU Q 845 -19.98 -90.36 -24.16
N ARG Q 846 -18.94 -89.95 -23.46
CA ARG Q 846 -18.96 -89.92 -22.01
C ARG Q 846 -20.09 -89.05 -21.50
N PHE Q 847 -20.24 -87.85 -22.08
CA PHE Q 847 -21.27 -86.95 -21.64
C PHE Q 847 -22.65 -87.54 -21.92
N HIS Q 848 -22.77 -88.32 -22.98
CA HIS Q 848 -23.98 -89.05 -23.27
C HIS Q 848 -23.97 -90.46 -22.72
N GLY Q 849 -23.16 -90.71 -21.69
CA GLY Q 849 -23.26 -91.92 -20.91
C GLY Q 849 -22.45 -93.09 -21.41
N ALA Q 850 -21.81 -92.98 -22.57
CA ALA Q 850 -20.96 -94.08 -23.01
C ALA Q 850 -19.79 -94.25 -22.05
N LYS Q 851 -19.41 -95.50 -21.80
CA LYS Q 851 -18.23 -95.76 -20.98
C LYS Q 851 -17.08 -96.02 -21.95
N VAL Q 852 -16.21 -95.01 -22.06
CA VAL Q 852 -15.10 -95.07 -23.00
C VAL Q 852 -13.98 -95.89 -22.38
N VAL Q 853 -13.46 -96.85 -23.14
CA VAL Q 853 -12.40 -97.73 -22.67
C VAL Q 853 -11.17 -97.52 -23.52
N SER Q 854 -9.99 -97.63 -22.89
CA SER Q 854 -8.72 -97.45 -23.56
C SER Q 854 -8.08 -98.78 -23.97
N CYS Q 855 -8.75 -99.90 -23.72
CA CYS Q 855 -8.22 -101.22 -24.06
C CYS Q 855 -9.32 -102.03 -24.73
N LEU Q 856 -8.98 -102.64 -25.87
CA LEU Q 856 -9.93 -103.47 -26.62
C LEU Q 856 -9.89 -104.88 -26.04
N ALA Q 857 -10.55 -105.04 -24.89
CA ALA Q 857 -10.63 -106.31 -24.20
C ALA Q 857 -11.89 -107.06 -24.61
N GLU Q 858 -12.13 -108.20 -23.96
CA GLU Q 858 -13.27 -109.03 -24.31
C GLU Q 858 -14.61 -108.37 -23.97
N GLY Q 859 -14.60 -107.28 -23.19
CA GLY Q 859 -15.81 -106.59 -22.83
C GLY Q 859 -16.22 -105.47 -23.75
N VAL Q 860 -15.69 -105.40 -24.97
CA VAL Q 860 -15.96 -104.28 -25.86
C VAL Q 860 -17.09 -104.63 -26.82
N SER Q 861 -17.97 -103.66 -27.06
CA SER Q 861 -19.13 -103.83 -27.92
C SER Q 861 -19.09 -102.96 -29.17
N HIS Q 862 -18.41 -101.83 -29.13
CA HIS Q 862 -18.31 -100.95 -30.29
C HIS Q 862 -16.88 -100.44 -30.44
N VAL Q 863 -16.46 -100.27 -31.69
CA VAL Q 863 -15.22 -99.57 -32.02
C VAL Q 863 -15.54 -98.54 -33.08
N ILE Q 864 -15.08 -97.31 -32.86
CA ILE Q 864 -15.38 -96.18 -33.74
C ILE Q 864 -14.13 -95.85 -34.53
N ILE Q 865 -14.28 -95.65 -35.84
CA ILE Q 865 -13.18 -95.38 -36.75
C ILE Q 865 -13.27 -93.92 -37.20
N GLY Q 866 -12.13 -93.23 -37.18
CA GLY Q 866 -12.05 -91.89 -37.70
C GLY Q 866 -11.69 -91.87 -39.18
N GLU Q 867 -10.80 -90.96 -39.57
CA GLU Q 867 -10.42 -90.86 -40.97
C GLU Q 867 -9.45 -91.96 -41.37
N ASP Q 868 -8.56 -92.36 -40.45
CA ASP Q 868 -7.50 -93.32 -40.77
C ASP Q 868 -8.06 -94.74 -40.67
N HIS Q 869 -8.18 -95.38 -41.84
CA HIS Q 869 -8.63 -96.77 -41.93
C HIS Q 869 -7.47 -97.76 -41.94
N SER Q 870 -6.29 -97.35 -41.47
CA SER Q 870 -5.10 -98.20 -41.52
C SER Q 870 -5.19 -99.41 -40.61
N ARG Q 871 -6.11 -99.41 -39.64
CA ARG Q 871 -6.23 -100.51 -38.70
C ARG Q 871 -7.54 -101.27 -38.79
N VAL Q 872 -8.38 -100.97 -39.80
CA VAL Q 872 -9.68 -101.65 -39.89
C VAL Q 872 -9.50 -103.14 -40.16
N ALA Q 873 -8.47 -103.50 -40.93
CA ALA Q 873 -8.22 -104.92 -41.18
C ALA Q 873 -7.81 -105.62 -39.89
N ASP Q 874 -7.01 -104.95 -39.06
CA ASP Q 874 -6.59 -105.55 -37.79
C ASP Q 874 -7.78 -105.75 -36.86
N PHE Q 875 -8.70 -104.79 -36.82
CA PHE Q 875 -9.88 -104.92 -35.97
C PHE Q 875 -10.74 -106.11 -36.40
N LYS Q 876 -10.94 -106.28 -37.71
CA LYS Q 876 -11.74 -107.40 -38.20
C LYS Q 876 -11.09 -108.74 -37.86
N ALA Q 877 -9.77 -108.83 -38.06
CA ALA Q 877 -9.06 -110.05 -37.70
C ALA Q 877 -9.10 -110.30 -36.20
N PHE Q 878 -8.94 -109.24 -35.41
CA PHE Q 878 -9.01 -109.40 -33.96
C PHE Q 878 -10.43 -109.70 -33.49
N ARG Q 879 -11.43 -109.33 -34.30
CA ARG Q 879 -12.81 -109.58 -33.94
C ARG Q 879 -13.13 -111.07 -33.95
N ARG Q 880 -12.44 -111.85 -34.79
CA ARG Q 880 -12.70 -113.27 -34.90
C ARG Q 880 -12.37 -114.04 -33.63
N THR Q 881 -11.59 -113.46 -32.72
CA THR Q 881 -11.21 -114.15 -31.50
C THR Q 881 -12.23 -114.00 -30.38
N PHE Q 882 -13.19 -113.09 -30.54
CA PHE Q 882 -14.06 -112.68 -29.44
C PHE Q 882 -15.25 -113.61 -29.28
N LYS Q 883 -15.58 -113.93 -28.03
CA LYS Q 883 -16.81 -114.66 -27.75
C LYS Q 883 -18.02 -113.80 -28.02
N ARG Q 884 -18.01 -112.55 -27.53
CA ARG Q 884 -19.01 -111.55 -27.87
C ARG Q 884 -18.35 -110.52 -28.77
N LYS Q 885 -18.92 -110.30 -29.95
CA LYS Q 885 -18.26 -109.58 -31.04
C LYS Q 885 -18.68 -108.13 -31.05
N PHE Q 886 -17.70 -107.23 -31.10
CA PHE Q 886 -17.98 -105.80 -31.12
C PHE Q 886 -18.34 -105.33 -32.51
N LYS Q 887 -19.07 -104.22 -32.58
CA LYS Q 887 -19.40 -103.60 -33.86
C LYS Q 887 -18.38 -102.52 -34.19
N ILE Q 888 -18.19 -102.31 -35.48
CA ILE Q 888 -17.26 -101.30 -36.00
C ILE Q 888 -18.10 -100.23 -36.70
N LEU Q 889 -17.92 -98.98 -36.28
CA LEU Q 889 -18.82 -97.91 -36.67
C LEU Q 889 -18.04 -96.70 -37.15
N LYS Q 890 -18.71 -95.89 -37.96
CA LYS Q 890 -18.17 -94.61 -38.33
C LYS Q 890 -18.55 -93.56 -37.30
N GLU Q 891 -17.92 -92.39 -37.40
CA GLU Q 891 -18.09 -91.34 -36.41
C GLU Q 891 -19.52 -90.81 -36.36
N SER Q 892 -20.16 -90.68 -37.52
CA SER Q 892 -21.43 -89.97 -37.60
C SER Q 892 -22.54 -90.65 -36.81
N TRP Q 893 -22.35 -91.92 -36.43
CA TRP Q 893 -23.38 -92.62 -35.68
C TRP Q 893 -23.74 -91.87 -34.40
N VAL Q 894 -22.73 -91.56 -33.60
CA VAL Q 894 -22.98 -90.82 -32.36
C VAL Q 894 -23.45 -89.41 -32.65
N THR Q 895 -22.81 -88.72 -33.59
CA THR Q 895 -23.16 -87.33 -33.87
C THR Q 895 -24.60 -87.23 -34.32
N ASP Q 896 -24.99 -88.10 -35.25
CA ASP Q 896 -26.39 -88.19 -35.63
C ASP Q 896 -27.24 -88.62 -34.45
N SER Q 897 -26.73 -89.57 -33.65
CA SER Q 897 -27.44 -89.95 -32.44
C SER Q 897 -27.59 -88.77 -31.50
N ILE Q 898 -26.51 -88.00 -31.29
CA ILE Q 898 -26.57 -86.89 -30.34
C ILE Q 898 -27.39 -85.74 -30.91
N ASP Q 899 -27.17 -85.41 -32.19
CA ASP Q 899 -27.79 -84.20 -32.74
C ASP Q 899 -29.31 -84.32 -32.82
N LYS Q 900 -29.83 -85.53 -32.97
CA LYS Q 900 -31.26 -85.76 -32.94
C LYS Q 900 -31.77 -86.20 -31.58
N CYS Q 901 -30.90 -86.24 -30.56
CA CYS Q 901 -31.28 -86.61 -29.20
C CYS Q 901 -31.92 -88.00 -29.15
N GLU Q 902 -31.50 -88.89 -30.05
CA GLU Q 902 -32.08 -90.21 -30.13
C GLU Q 902 -31.09 -91.14 -30.82
N LEU Q 903 -31.02 -92.38 -30.34
CA LEU Q 903 -30.06 -93.35 -30.86
C LEU Q 903 -30.33 -93.69 -32.32
N GLN Q 904 -29.43 -93.27 -33.21
CA GLN Q 904 -29.47 -93.81 -34.56
C GLN Q 904 -28.77 -95.16 -34.58
N GLU Q 905 -29.28 -96.06 -35.42
CA GLU Q 905 -28.89 -97.46 -35.35
C GLU Q 905 -27.62 -97.67 -36.16
N GLU Q 906 -26.82 -98.64 -35.72
CA GLU Q 906 -25.43 -98.74 -36.13
C GLU Q 906 -25.27 -99.30 -37.54
N ASN Q 907 -26.25 -100.05 -38.03
CA ASN Q 907 -26.08 -100.81 -39.27
C ASN Q 907 -25.76 -99.93 -40.48
N GLN Q 908 -26.25 -98.69 -40.49
CA GLN Q 908 -25.87 -97.77 -41.57
C GLN Q 908 -24.51 -97.15 -41.32
N TYR Q 909 -23.98 -97.27 -40.10
CA TYR Q 909 -22.67 -96.74 -39.75
C TYR Q 909 -21.60 -97.82 -39.70
N LEU Q 910 -21.92 -99.06 -40.07
CA LEU Q 910 -20.97 -100.15 -39.98
C LEU Q 910 -19.80 -99.91 -40.93
N ILE Q 911 -18.59 -100.14 -40.44
CA ILE Q 911 -17.37 -100.01 -41.22
C ILE Q 911 -17.25 -98.60 -41.78
#